data_7W6M
#
_entry.id   7W6M
#
_cell.length_a   1.00
_cell.length_b   1.00
_cell.length_c   1.00
_cell.angle_alpha   90.00
_cell.angle_beta   90.00
_cell.angle_gamma   90.00
#
_symmetry.space_group_name_H-M   'P 1'
#
loop_
_entity.id
_entity.type
_entity.pdbx_description
1 polymer 'Spike glycoprotein'
2 branched beta-D-mannopyranose-(1-4)-2-acetamido-2-deoxy-beta-D-glucopyranose-(1-4)-[alpha-L-fucopyranose-(1-6)]2-acetamido-2-deoxy-beta-D-glucopyranose
3 branched alpha-D-mannopyranose-(1-3)-[alpha-D-mannopyranose-(1-6)]beta-D-mannopyranose-(1-4)-2-acetamido-2-deoxy-beta-D-glucopyranose-(1-4)-2-acetamido-2-deoxy-beta-D-glucopyranose
4 branched beta-D-mannopyranose-(1-4)-2-acetamido-2-deoxy-beta-D-glucopyranose-(1-4)-2-acetamido-2-deoxy-beta-D-glucopyranose
5 branched 2-acetamido-2-deoxy-beta-D-glucopyranose-(1-4)-2-acetamido-2-deoxy-beta-D-glucopyranose
6 branched alpha-D-mannopyranose-(1-3)-beta-D-mannopyranose-(1-4)-2-acetamido-2-deoxy-beta-D-glucopyranose-(1-4)-[alpha-L-fucopyranose-(1-6)]2-acetamido-2-deoxy-beta-D-glucopyranose
7 branched 2-acetamido-2-deoxy-beta-D-glucopyranose-(1-4)-[alpha-L-fucopyranose-(1-6)]2-acetamido-2-deoxy-beta-D-glucopyranose
8 non-polymer 2-acetamido-2-deoxy-beta-D-glucopyranose
#
_entity_poly.entity_id   1
_entity_poly.type   'polypeptide(L)'
_entity_poly.pdbx_seq_one_letter_code
;MKSLTYFWLFLPVLSTLSLPQDVTRCSAKTNFRRFFSKFNVQAPAVVVLGGYLPIGENQGVNSTWYCAGQHPTASGVHGI
FVSHIRGGHGFEIGISQEPFDPSGYQLYLHKATNGNTNATARLRICQFPSIKTLGPTANNDVTIGRNCLFNKAIPAHMSE
HSVVGITWDNDRVTVFSDKIYYFYFKNDWSRVATKCYNSGGCAMQYVYEPTYYMLNVTSAGEDGISYQPCTANCIGYAAN
VFATEPNGHIPEGFSFNNWFLLSNDSTLVHGKVVSNQPLLVNCLLAIPKIYGLGQFFSFNQTIDGVCNGAAVQRAPEALR
FNINDTSVILAEGSIVLHTALGTNFSFVCSNSSNPHLATFAIPLGATQVPYYCFFKVDTYNSTVYKFLAVLPPTVREIVI
TKYGDVYVNGFGYLHLGLLDAVTINFTGHGTDDDVSGFWTIASTNFVDALIEVQGTAIQRILYCDDPVSQLKCSQVAFDL
DDGFYPFSSRNLLSHEQPISFVTLPSFNAHSFVNITVSASFGGHSGANLIASDTTINGFSSFCVDTRQFTISLSYNVTNS
YGYVSNSQDSNCPFTLQSVNDYLSFSKFCVSTSLLASACTIDLFGYPEFGSGVKFTSLYFQFTKGELITGTPKPLEGVTD
VSFMTLDVCTKYTIYGFKGEGIITLTNSSFLAGVYYTSDSGQLLAFKNVTSGAVYSVTPCSFSEQAAYVDDDIVGVISSL
SSSTFNSTRELPGFFYHSNDGSNCTEPVLVYSNIGVCKSGSIGYVPSQSGQVKIAPTVTGNISIPTNFSMSIRTEYLQLY
NTPVSVDCATYVCNGNSRCKQLLTQYTAACKTIESALQLSARLESVEVNSMLTISEEALQLATISSFNGDGYNFTNVLGV
SVYDPARGRVVQKRSFIEDLLFNKVVTNGLGTVDEDYKRCSNGRSVADLVCAQYYSGVMVLPGVVDAEKLHMYSASLIGG
MVLGGFTAAAALPFSYAVQARLNYLALQTDVLQRNQQLLAESFNSAIGNITSAFESVKEASSQTSRGLNTVAHALTKVQE
VVNSQGAALTQLTVQLQHNFQAISSSIDDIYSRLDILSADVQVDRLITGRLSALNAFVAQTLTKYTEVQASRKLAQQKVN
ECVKSQSQRYGFCGGDGEHIFSLVQAAPQGLLFLHTVLVPSDFVDVIAIAGLCVNDEIALTLREPGLVLFTHELQNHTAT
EYFVSSRRMFEPRKPTVSDFVQIESCVVTYVNLTRDQLPDVIPDYIDVNKTRDEILASLPNRTGPSLPLDVFNATYLNLT
GEIADLEQRSESLRNTTEELQSLIYNINNTLVDLEWLNRVETYIKWPWWVWLIIFIVLIFVVSLLVFCCISTGFCGCFGC
CCACFSGCCRGPRLQPYEVFEKVHVQ
;
_entity_poly.pdbx_strand_id   A,B,C
#
# COMPACT_ATOMS: atom_id res chain seq x y z
N ASN A 31 53.42 -45.50 -6.65
CA ASN A 31 53.54 -44.29 -7.45
C ASN A 31 52.23 -43.97 -8.15
N PHE A 32 52.08 -44.50 -9.38
CA PHE A 32 50.86 -44.28 -10.14
C PHE A 32 49.66 -44.95 -9.49
N ARG A 33 49.88 -46.07 -8.80
CA ARG A 33 48.79 -46.75 -8.11
C ARG A 33 48.16 -45.86 -7.04
N ARG A 34 48.99 -45.20 -6.23
CA ARG A 34 48.46 -44.31 -5.21
C ARG A 34 47.72 -43.12 -5.85
N PHE A 35 48.29 -42.57 -6.93
CA PHE A 35 47.68 -41.43 -7.60
C PHE A 35 46.31 -41.79 -8.17
N PHE A 36 46.19 -43.00 -8.73
CA PHE A 36 44.89 -43.45 -9.22
C PHE A 36 43.94 -43.79 -8.08
N SER A 37 44.46 -44.31 -6.97
CA SER A 37 43.62 -44.67 -5.85
C SER A 37 43.17 -43.47 -5.02
N LYS A 38 43.70 -42.27 -5.30
CA LYS A 38 43.18 -41.09 -4.62
C LYS A 38 41.68 -40.91 -4.87
N PHE A 39 41.23 -41.15 -6.10
CA PHE A 39 39.82 -41.07 -6.44
C PHE A 39 39.22 -42.47 -6.52
N ASN A 40 38.03 -42.63 -5.95
CA ASN A 40 37.38 -43.93 -5.87
C ASN A 40 36.56 -44.22 -7.12
N VAL A 41 36.62 -45.47 -7.58
CA VAL A 41 35.85 -45.93 -8.73
C VAL A 41 35.34 -47.33 -8.44
N GLN A 42 34.11 -47.62 -8.88
CA GLN A 42 33.52 -48.93 -8.65
C GLN A 42 34.27 -50.01 -9.41
N ALA A 43 34.26 -51.23 -8.85
CA ALA A 43 35.00 -52.33 -9.47
C ALA A 43 34.49 -52.69 -10.86
N PRO A 44 33.16 -52.88 -11.12
CA PRO A 44 32.68 -53.20 -12.47
C PRO A 44 32.58 -51.99 -13.40
N ALA A 45 33.68 -51.24 -13.51
CA ALA A 45 33.71 -50.03 -14.32
C ALA A 45 35.07 -49.86 -14.96
N VAL A 46 35.06 -49.34 -16.19
CA VAL A 46 36.26 -48.97 -16.92
C VAL A 46 36.08 -47.54 -17.41
N VAL A 47 37.08 -46.70 -17.16
CA VAL A 47 36.95 -45.28 -17.49
C VAL A 47 38.27 -44.78 -18.07
N VAL A 48 38.18 -43.94 -19.09
CA VAL A 48 39.37 -43.34 -19.70
C VAL A 48 39.51 -41.92 -19.16
N LEU A 49 40.68 -41.61 -18.62
CA LEU A 49 40.99 -40.32 -18.04
C LEU A 49 41.90 -39.55 -18.99
N GLY A 50 41.55 -38.29 -19.24
CA GLY A 50 42.36 -37.43 -20.08
C GLY A 50 42.73 -36.14 -19.39
N GLY A 51 44.03 -35.87 -19.30
CA GLY A 51 44.46 -34.65 -18.65
C GLY A 51 45.97 -34.59 -18.54
N TYR A 52 46.45 -33.55 -17.85
CA TYR A 52 47.89 -33.29 -17.73
C TYR A 52 48.48 -34.14 -16.61
N LEU A 53 48.40 -35.45 -16.82
CA LEU A 53 48.83 -36.40 -15.81
C LEU A 53 50.36 -36.41 -15.70
N PRO A 54 50.89 -36.71 -14.51
CA PRO A 54 52.35 -36.77 -14.36
C PRO A 54 52.95 -37.86 -15.24
N ILE A 55 54.06 -37.54 -15.88
CA ILE A 55 54.75 -38.50 -16.74
C ILE A 55 56.21 -38.66 -16.31
N GLY A 56 56.89 -37.55 -16.07
CA GLY A 56 58.30 -37.60 -15.72
C GLY A 56 58.67 -36.51 -14.74
N GLU A 57 59.79 -36.73 -14.05
CA GLU A 57 60.26 -35.75 -13.07
C GLU A 57 60.67 -34.44 -13.74
N ASN A 58 61.38 -34.52 -14.87
CA ASN A 58 61.86 -33.33 -15.57
C ASN A 58 61.33 -33.23 -16.99
N GLN A 59 60.20 -33.88 -17.28
CA GLN A 59 59.60 -33.79 -18.60
C GLN A 59 59.06 -32.38 -18.80
N GLY A 60 59.76 -31.58 -19.61
CA GLY A 60 59.41 -30.18 -19.80
C GLY A 60 59.42 -29.79 -21.26
N VAL A 61 59.02 -28.54 -21.50
CA VAL A 61 58.94 -28.03 -22.86
C VAL A 61 60.34 -27.85 -23.44
N ASN A 62 60.43 -27.90 -24.76
CA ASN A 62 61.66 -27.63 -25.48
C ASN A 62 61.74 -26.20 -26.00
N SER A 63 60.75 -25.36 -25.66
CA SER A 63 60.73 -23.97 -26.09
C SER A 63 60.51 -23.05 -24.91
N THR A 64 60.27 -21.76 -25.17
CA THR A 64 60.06 -20.78 -24.12
C THR A 64 58.65 -20.20 -24.12
N TRP A 65 57.77 -20.67 -24.99
CA TRP A 65 56.41 -20.13 -25.04
C TRP A 65 55.63 -20.53 -23.80
N TYR A 66 54.82 -19.60 -23.30
CA TYR A 66 54.01 -19.83 -22.11
C TYR A 66 52.53 -19.56 -22.32
N CYS A 67 52.14 -18.88 -23.40
CA CYS A 67 50.74 -18.59 -23.66
C CYS A 67 50.10 -19.74 -24.43
N ALA A 68 48.86 -19.56 -24.86
CA ALA A 68 48.12 -20.58 -25.59
C ALA A 68 47.51 -19.98 -26.85
N GLY A 69 47.44 -20.79 -27.89
CA GLY A 69 46.87 -20.38 -29.17
C GLY A 69 46.33 -21.55 -29.93
N GLN A 70 46.59 -21.58 -31.23
CA GLN A 70 46.16 -22.69 -32.07
C GLN A 70 47.05 -23.90 -31.81
N HIS A 71 46.42 -25.05 -31.52
CA HIS A 71 47.12 -26.27 -31.17
C HIS A 71 48.13 -26.04 -30.04
N PRO A 72 47.65 -25.68 -28.84
CA PRO A 72 48.59 -25.30 -27.77
C PRO A 72 49.10 -26.48 -26.97
N THR A 73 50.43 -26.63 -26.92
CA THR A 73 51.08 -27.62 -26.07
C THR A 73 51.99 -26.98 -25.04
N ALA A 74 52.87 -26.07 -25.47
CA ALA A 74 53.76 -25.36 -24.55
C ALA A 74 53.06 -24.11 -24.03
N SER A 75 52.04 -24.34 -23.21
CA SER A 75 51.25 -23.27 -22.61
C SER A 75 51.61 -23.07 -21.14
N GLY A 76 52.89 -23.19 -20.81
CA GLY A 76 53.32 -23.09 -19.43
C GLY A 76 53.01 -24.35 -18.65
N VAL A 77 53.05 -24.22 -17.32
CA VAL A 77 52.78 -25.34 -16.43
C VAL A 77 51.28 -25.53 -16.32
N HIS A 78 50.72 -26.44 -17.12
CA HIS A 78 49.29 -26.73 -17.02
C HIS A 78 48.96 -27.42 -15.70
N GLY A 79 49.84 -28.31 -15.24
CA GLY A 79 49.63 -28.97 -13.96
C GLY A 79 50.94 -29.16 -13.22
N ILE A 80 50.97 -28.84 -11.93
CA ILE A 80 52.20 -28.93 -11.16
C ILE A 80 52.01 -29.90 -10.01
N PHE A 81 53.05 -30.68 -9.73
CA PHE A 81 53.04 -31.69 -8.68
C PHE A 81 54.30 -31.59 -7.85
N VAL A 82 54.13 -31.78 -6.55
CA VAL A 82 55.20 -31.68 -5.56
C VAL A 82 55.36 -33.04 -4.89
N SER A 83 56.62 -33.50 -4.80
CA SER A 83 56.93 -34.83 -4.29
C SER A 83 58.02 -34.81 -3.22
N HIS A 84 58.94 -33.84 -3.29
CA HIS A 84 60.07 -33.82 -2.37
C HIS A 84 60.47 -32.39 -2.05
N ILE A 85 61.23 -32.25 -0.97
CA ILE A 85 61.75 -30.96 -0.51
C ILE A 85 63.21 -31.11 -0.13
N ARG A 86 63.95 -30.00 -0.20
CA ARG A 86 65.32 -29.93 0.28
C ARG A 86 65.46 -29.19 1.60
N GLY A 87 64.65 -28.15 1.82
CA GLY A 87 64.71 -27.39 3.05
C GLY A 87 63.87 -27.99 4.16
N GLY A 88 62.63 -28.35 3.85
CA GLY A 88 61.74 -28.95 4.81
C GLY A 88 60.95 -27.99 5.66
N HIS A 89 61.13 -26.68 5.48
CA HIS A 89 60.37 -25.71 6.27
C HIS A 89 58.89 -25.77 5.95
N GLY A 90 58.56 -25.96 4.68
CA GLY A 90 57.16 -26.04 4.29
C GLY A 90 57.02 -26.00 2.78
N PHE A 91 55.77 -26.13 2.35
CA PHE A 91 55.40 -26.12 0.94
C PHE A 91 54.45 -24.96 0.68
N GLU A 92 54.76 -24.17 -0.35
CA GLU A 92 53.92 -23.05 -0.75
C GLU A 92 53.83 -23.01 -2.27
N ILE A 93 52.65 -22.72 -2.79
CA ILE A 93 52.41 -22.60 -4.21
C ILE A 93 51.55 -21.38 -4.48
N GLY A 94 51.78 -20.75 -5.64
CA GLY A 94 50.96 -19.63 -6.07
C GLY A 94 50.92 -19.57 -7.58
N ILE A 95 49.90 -18.90 -8.10
CA ILE A 95 49.67 -18.87 -9.54
C ILE A 95 49.64 -17.42 -10.01
N SER A 96 49.94 -17.24 -11.30
CA SER A 96 49.97 -15.93 -11.95
C SER A 96 49.85 -16.14 -13.45
N GLN A 97 49.86 -15.04 -14.19
CA GLN A 97 49.76 -15.12 -15.64
C GLN A 97 50.53 -13.96 -16.29
N GLU A 98 51.18 -14.26 -17.41
CA GLU A 98 51.83 -13.20 -18.20
C GLU A 98 50.86 -12.12 -18.67
N PRO A 99 49.65 -12.42 -19.15
CA PRO A 99 48.72 -11.32 -19.50
C PRO A 99 48.44 -10.38 -18.34
N PHE A 100 48.50 -10.87 -17.10
CA PHE A 100 48.42 -10.06 -15.89
C PHE A 100 47.09 -9.29 -15.84
N ASP A 101 46.02 -10.07 -15.76
CA ASP A 101 44.69 -9.50 -15.58
C ASP A 101 44.35 -9.52 -14.09
N PRO A 102 44.30 -8.36 -13.41
CA PRO A 102 44.01 -8.36 -11.97
C PRO A 102 42.55 -8.51 -11.62
N SER A 103 41.66 -8.62 -12.61
CA SER A 103 40.24 -8.74 -12.32
C SER A 103 39.87 -10.13 -11.79
N GLY A 104 40.62 -11.16 -12.19
CA GLY A 104 40.32 -12.51 -11.79
C GLY A 104 40.93 -12.88 -10.45
N TYR A 105 40.67 -14.12 -10.04
CA TYR A 105 41.18 -14.64 -8.78
C TYR A 105 42.62 -15.11 -8.92
N GLN A 106 43.21 -15.47 -7.78
CA GLN A 106 44.54 -16.06 -7.76
C GLN A 106 44.57 -17.18 -6.73
N LEU A 107 45.41 -18.18 -7.00
CA LEU A 107 45.51 -19.37 -6.17
C LEU A 107 46.80 -19.34 -5.37
N TYR A 108 46.67 -19.57 -4.06
CA TYR A 108 47.80 -19.65 -3.15
C TYR A 108 47.50 -20.72 -2.11
N LEU A 109 48.45 -21.61 -1.90
CA LEU A 109 48.29 -22.70 -0.95
C LEU A 109 49.58 -22.85 -0.15
N HIS A 110 49.43 -23.17 1.14
CA HIS A 110 50.58 -23.42 1.99
C HIS A 110 50.27 -24.53 2.97
N LYS A 111 51.25 -25.42 3.18
CA LYS A 111 51.10 -26.48 4.18
C LYS A 111 52.47 -26.89 4.69
N ALA A 112 52.46 -27.53 5.87
CA ALA A 112 53.68 -27.95 6.54
C ALA A 112 53.92 -29.44 6.30
N THR A 113 55.17 -29.78 5.96
CA THR A 113 55.56 -31.16 5.76
C THR A 113 56.01 -31.77 7.08
N ASN A 114 56.62 -32.95 7.01
CA ASN A 114 57.07 -33.70 8.19
C ASN A 114 55.92 -33.98 9.15
N GLY A 115 54.94 -34.72 8.64
CA GLY A 115 53.79 -35.11 9.45
C GLY A 115 52.49 -35.10 8.67
N ASN A 116 51.74 -36.20 8.77
CA ASN A 116 50.47 -36.29 8.06
C ASN A 116 49.42 -35.37 8.69
N THR A 117 49.36 -35.34 10.03
CA THR A 117 48.40 -34.47 10.71
C THR A 117 48.75 -33.00 10.47
N ASN A 118 50.03 -32.66 10.47
CA ASN A 118 50.47 -31.28 10.25
C ASN A 118 50.40 -30.87 8.80
N ALA A 119 50.07 -31.77 7.88
CA ALA A 119 50.00 -31.49 6.46
C ALA A 119 48.64 -30.92 6.05
N THR A 120 47.90 -30.32 6.97
CA THR A 120 46.60 -29.72 6.65
C THR A 120 46.85 -28.49 5.79
N ALA A 121 46.60 -28.64 4.49
CA ALA A 121 46.91 -27.58 3.55
C ALA A 121 45.88 -26.45 3.61
N ARG A 122 46.36 -25.22 3.72
CA ARG A 122 45.51 -24.04 3.68
C ARG A 122 45.46 -23.57 2.23
N LEU A 123 44.27 -23.62 1.64
CA LEU A 123 44.03 -23.40 0.22
C LEU A 123 43.18 -22.15 0.05
N ARG A 124 43.59 -21.28 -0.89
CA ARG A 124 42.99 -19.97 -1.04
C ARG A 124 42.88 -19.63 -2.52
N ILE A 125 41.65 -19.60 -3.04
CA ILE A 125 41.37 -18.91 -4.31
C ILE A 125 40.80 -17.55 -3.92
N CYS A 126 41.69 -16.56 -3.87
CA CYS A 126 41.39 -15.20 -3.45
C CYS A 126 42.19 -14.24 -4.33
N GLN A 127 41.78 -12.99 -4.32
CA GLN A 127 42.60 -11.93 -4.93
C GLN A 127 43.67 -11.49 -3.94
N PHE A 128 44.85 -12.06 -4.07
CA PHE A 128 46.01 -11.64 -3.28
C PHE A 128 46.70 -10.47 -3.96
N PRO A 129 46.90 -9.35 -3.25
CA PRO A 129 47.58 -8.20 -3.90
C PRO A 129 48.95 -8.55 -4.45
N SER A 130 49.72 -9.37 -3.72
CA SER A 130 51.04 -9.83 -4.15
C SER A 130 51.90 -8.69 -4.67
N ILE A 131 52.67 -8.96 -5.73
CA ILE A 131 53.51 -7.97 -6.38
C ILE A 131 53.31 -8.10 -7.88
N LYS A 132 53.29 -6.96 -8.58
CA LYS A 132 53.17 -7.00 -10.04
C LYS A 132 54.31 -7.79 -10.68
N THR A 133 55.46 -7.85 -10.02
CA THR A 133 56.60 -8.64 -10.43
C THR A 133 56.82 -9.77 -9.43
N LEU A 134 57.91 -10.50 -9.60
CA LEU A 134 58.26 -11.60 -8.71
C LEU A 134 59.14 -11.06 -7.58
N GLY A 135 58.67 -11.22 -6.34
CA GLY A 135 59.40 -10.75 -5.19
C GLY A 135 58.95 -9.35 -4.77
N PRO A 136 59.22 -8.99 -3.52
CA PRO A 136 58.77 -7.67 -3.03
C PRO A 136 59.57 -6.53 -3.65
N THR A 137 59.28 -6.21 -4.92
CA THR A 137 60.00 -5.16 -5.63
C THR A 137 59.09 -4.15 -6.30
N ALA A 138 57.79 -4.42 -6.45
CA ALA A 138 56.89 -3.52 -7.15
C ALA A 138 55.61 -3.29 -6.36
N ASN A 139 54.63 -2.65 -6.98
CA ASN A 139 53.37 -2.31 -6.33
C ASN A 139 52.49 -3.55 -6.21
N ASN A 140 51.25 -3.38 -5.78
CA ASN A 140 50.28 -4.45 -5.64
C ASN A 140 49.10 -4.22 -6.57
N ASP A 141 48.11 -5.11 -6.49
CA ASP A 141 46.93 -5.03 -7.33
C ASP A 141 45.95 -4.02 -6.74
N VAL A 142 45.53 -3.04 -7.55
CA VAL A 142 44.63 -1.99 -7.10
C VAL A 142 43.19 -2.26 -7.48
N THR A 143 42.90 -3.42 -8.07
CA THR A 143 41.56 -3.80 -8.48
C THR A 143 40.90 -4.78 -7.52
N ILE A 144 41.46 -4.94 -6.32
CA ILE A 144 40.95 -5.93 -5.35
C ILE A 144 39.98 -5.18 -4.43
N GLY A 145 38.71 -5.20 -4.81
CA GLY A 145 37.67 -4.64 -3.95
C GLY A 145 37.05 -5.68 -3.05
N ARG A 146 36.57 -6.78 -3.65
CA ARG A 146 36.03 -7.87 -2.88
C ARG A 146 37.13 -8.72 -2.27
N ASN A 147 36.78 -9.49 -1.24
CA ASN A 147 37.78 -10.15 -0.42
C ASN A 147 38.29 -11.44 -1.06
N CYS A 148 37.42 -12.42 -1.23
CA CYS A 148 37.83 -13.76 -1.65
C CYS A 148 36.58 -14.60 -1.95
N LEU A 149 36.82 -15.76 -2.56
CA LEU A 149 35.76 -16.75 -2.75
C LEU A 149 36.07 -18.06 -2.05
N PHE A 150 37.23 -18.66 -2.29
CA PHE A 150 37.54 -19.98 -1.73
C PHE A 150 38.60 -19.83 -0.64
N ASN A 151 38.25 -20.22 0.58
CA ASN A 151 39.15 -20.15 1.74
C ASN A 151 38.89 -21.40 2.58
N LYS A 152 39.67 -22.44 2.35
CA LYS A 152 39.40 -23.72 3.00
C LYS A 152 40.70 -24.38 3.45
N ALA A 153 40.54 -25.37 4.32
CA ALA A 153 41.63 -26.25 4.74
C ALA A 153 41.32 -27.67 4.29
N ILE A 154 42.26 -28.28 3.57
CA ILE A 154 42.11 -29.63 3.05
C ILE A 154 43.27 -30.47 3.58
N PRO A 155 43.02 -31.59 4.25
CA PRO A 155 44.12 -32.40 4.78
C PRO A 155 44.92 -33.04 3.65
N ALA A 156 46.17 -33.36 3.97
CA ALA A 156 47.07 -33.99 3.01
C ALA A 156 47.97 -34.96 3.75
N HIS A 157 48.59 -35.87 2.99
CA HIS A 157 49.50 -36.86 3.53
C HIS A 157 50.78 -36.88 2.72
N MET A 158 51.89 -37.18 3.40
CA MET A 158 53.21 -37.16 2.80
C MET A 158 53.75 -38.59 2.69
N SER A 159 54.20 -38.96 1.49
CA SER A 159 54.78 -40.27 1.26
C SER A 159 55.72 -40.19 0.06
N GLU A 160 56.57 -41.21 -0.05
CA GLU A 160 57.52 -41.24 -1.16
C GLU A 160 56.82 -41.33 -2.50
N HIS A 161 55.80 -42.17 -2.61
CA HIS A 161 55.05 -42.36 -3.84
C HIS A 161 53.77 -41.53 -3.91
N SER A 162 53.53 -40.69 -2.90
CA SER A 162 52.36 -39.81 -2.88
C SER A 162 52.82 -38.38 -3.14
N VAL A 163 52.15 -37.71 -4.08
CA VAL A 163 52.50 -36.35 -4.48
C VAL A 163 51.24 -35.51 -4.39
N VAL A 164 51.43 -34.19 -4.31
CA VAL A 164 50.33 -33.25 -4.22
C VAL A 164 50.34 -32.36 -5.45
N GLY A 165 49.19 -32.20 -6.09
CA GLY A 165 49.17 -31.51 -7.37
C GLY A 165 47.98 -30.60 -7.58
N ILE A 166 48.14 -29.67 -8.50
CA ILE A 166 47.06 -28.80 -8.95
C ILE A 166 47.07 -28.75 -10.47
N THR A 167 45.88 -28.72 -11.07
CA THR A 167 45.75 -28.63 -12.51
C THR A 167 44.66 -27.62 -12.86
N TRP A 168 44.90 -26.85 -13.92
CA TRP A 168 43.96 -25.86 -14.42
C TRP A 168 43.70 -26.09 -15.90
N ASP A 169 42.43 -25.99 -16.31
CA ASP A 169 42.07 -26.11 -17.71
C ASP A 169 40.75 -25.38 -17.95
N ASN A 170 40.83 -24.22 -18.59
CA ASN A 170 39.68 -23.40 -18.97
C ASN A 170 38.90 -23.05 -17.71
N ASP A 171 37.60 -23.37 -17.62
CA ASP A 171 36.84 -23.06 -16.43
C ASP A 171 37.15 -24.00 -15.28
N ARG A 172 37.60 -25.22 -15.58
CA ARG A 172 37.80 -26.22 -14.56
C ARG A 172 39.15 -26.05 -13.88
N VAL A 173 39.16 -26.22 -12.56
CA VAL A 173 40.40 -26.39 -11.83
C VAL A 173 40.23 -27.57 -10.88
N THR A 174 41.22 -28.46 -10.88
CA THR A 174 41.13 -29.73 -10.16
C THR A 174 42.31 -29.87 -9.20
N VAL A 175 42.00 -30.34 -8.00
CA VAL A 175 42.96 -30.48 -6.91
C VAL A 175 43.29 -31.95 -6.72
N PHE A 176 44.55 -32.33 -6.96
CA PHE A 176 45.02 -33.69 -6.74
C PHE A 176 45.68 -33.81 -5.36
N SER A 177 44.84 -33.77 -4.32
CA SER A 177 45.26 -33.96 -2.94
C SER A 177 44.11 -34.57 -2.17
N ASP A 178 44.35 -35.77 -1.60
CA ASP A 178 43.30 -36.53 -0.91
C ASP A 178 42.09 -36.75 -1.81
N LYS A 179 40.94 -36.21 -1.41
CA LYS A 179 39.76 -36.29 -2.24
C LYS A 179 39.86 -35.29 -3.39
N ILE A 180 39.17 -35.62 -4.49
CA ILE A 180 39.21 -34.75 -5.66
C ILE A 180 38.42 -33.48 -5.39
N TYR A 181 38.86 -32.38 -6.00
CA TYR A 181 38.14 -31.11 -5.93
C TYR A 181 38.02 -30.53 -7.32
N TYR A 182 36.79 -30.16 -7.68
CA TYR A 182 36.44 -29.57 -8.97
C TYR A 182 35.89 -28.18 -8.70
N PHE A 183 36.45 -27.17 -9.37
CA PHE A 183 35.91 -25.82 -9.23
C PHE A 183 35.73 -25.19 -10.60
N TYR A 184 34.67 -24.37 -10.69
CA TYR A 184 34.19 -23.76 -11.93
C TYR A 184 34.41 -22.26 -11.85
N PHE A 185 35.31 -21.73 -12.68
CA PHE A 185 35.47 -20.29 -12.79
C PHE A 185 36.31 -19.99 -14.03
N LYS A 186 35.88 -19.02 -14.84
CA LYS A 186 36.59 -18.67 -16.07
C LYS A 186 37.69 -17.67 -15.74
N ASN A 187 38.94 -18.10 -15.91
CA ASN A 187 40.09 -17.24 -15.63
C ASN A 187 41.26 -17.76 -16.45
N ASP A 188 42.36 -17.02 -16.43
CA ASP A 188 43.56 -17.34 -17.20
C ASP A 188 44.77 -17.34 -16.30
N TRP A 189 45.67 -18.31 -16.52
CA TRP A 189 46.90 -18.41 -15.77
C TRP A 189 47.96 -19.06 -16.66
N SER A 190 49.18 -18.51 -16.61
CA SER A 190 50.27 -19.04 -17.43
C SER A 190 51.60 -19.16 -16.70
N ARG A 191 51.74 -18.68 -15.46
CA ARG A 191 52.99 -18.74 -14.73
C ARG A 191 52.73 -19.30 -13.34
N VAL A 192 53.69 -20.06 -12.83
CA VAL A 192 53.59 -20.70 -11.52
C VAL A 192 54.76 -20.24 -10.67
N ALA A 193 54.49 -19.90 -9.40
CA ALA A 193 55.51 -19.43 -8.48
C ALA A 193 55.51 -20.31 -7.24
N THR A 194 56.71 -20.62 -6.75
CA THR A 194 56.89 -21.35 -5.50
C THR A 194 57.70 -20.50 -4.55
N LYS A 195 57.18 -20.27 -3.34
CA LYS A 195 57.92 -19.50 -2.35
C LYS A 195 59.18 -20.23 -1.93
N CYS A 196 59.10 -21.55 -1.75
CA CYS A 196 60.25 -22.35 -1.33
C CYS A 196 61.13 -22.61 -2.54
N TYR A 197 62.23 -21.84 -2.64
CA TYR A 197 63.18 -22.03 -3.73
C TYR A 197 64.08 -23.23 -3.53
N ASN A 198 64.20 -23.73 -2.30
CA ASN A 198 65.08 -24.85 -1.98
C ASN A 198 64.40 -26.15 -2.41
N SER A 199 64.43 -26.38 -3.72
CA SER A 199 63.84 -27.59 -4.30
C SER A 199 64.63 -27.98 -5.54
N GLY A 200 64.79 -29.29 -5.73
CA GLY A 200 65.49 -29.79 -6.90
C GLY A 200 64.61 -29.82 -8.13
N GLY A 201 65.24 -30.07 -9.27
CA GLY A 201 64.51 -30.15 -10.52
C GLY A 201 63.54 -31.33 -10.56
N CYS A 202 64.00 -32.49 -10.09
CA CYS A 202 63.17 -33.69 -10.11
C CYS A 202 62.10 -33.69 -9.02
N ALA A 203 62.27 -32.88 -7.96
CA ALA A 203 61.28 -32.84 -6.90
C ALA A 203 59.95 -32.28 -7.41
N MET A 204 60.00 -31.29 -8.29
CA MET A 204 58.81 -30.70 -8.88
C MET A 204 58.58 -31.28 -10.27
N GLN A 205 57.32 -31.51 -10.61
CA GLN A 205 56.96 -32.12 -11.89
C GLN A 205 55.85 -31.30 -12.54
N TYR A 206 56.13 -30.75 -13.71
CA TYR A 206 55.19 -29.90 -14.42
C TYR A 206 54.81 -30.53 -15.75
N VAL A 207 53.50 -30.59 -16.02
CA VAL A 207 52.95 -31.21 -17.20
C VAL A 207 52.21 -30.14 -18.01
N TYR A 208 52.35 -30.20 -19.33
CA TYR A 208 51.79 -29.21 -20.23
C TYR A 208 51.01 -29.81 -21.40
N GLU A 209 51.03 -31.12 -21.56
CA GLU A 209 50.34 -31.79 -22.66
C GLU A 209 49.37 -32.83 -22.11
N PRO A 210 48.10 -32.80 -22.52
CA PRO A 210 47.15 -33.80 -22.04
C PRO A 210 47.49 -35.19 -22.57
N THR A 211 47.15 -36.19 -21.77
CA THR A 211 47.35 -37.58 -22.13
C THR A 211 46.10 -38.36 -21.79
N TYR A 212 45.90 -39.48 -22.50
CA TYR A 212 44.74 -40.33 -22.38
C TYR A 212 45.17 -41.69 -21.85
N TYR A 213 44.50 -42.16 -20.80
CA TYR A 213 44.81 -43.47 -20.23
C TYR A 213 43.53 -44.20 -19.88
N MET A 214 43.46 -45.48 -20.27
CA MET A 214 42.33 -46.32 -19.90
C MET A 214 42.60 -46.94 -18.53
N LEU A 215 41.66 -46.75 -17.60
CA LEU A 215 41.76 -47.22 -16.24
C LEU A 215 40.74 -48.32 -16.01
N ASN A 216 41.20 -49.43 -15.42
CA ASN A 216 40.43 -50.65 -15.23
C ASN A 216 40.80 -51.18 -13.84
N VAL A 217 39.88 -51.05 -12.89
CA VAL A 217 40.14 -51.43 -11.50
C VAL A 217 39.02 -52.40 -11.10
N THR A 218 39.27 -53.70 -11.29
CA THR A 218 38.33 -54.73 -10.90
C THR A 218 38.68 -55.29 -9.52
N SER A 219 38.80 -54.39 -8.54
CA SER A 219 39.11 -54.83 -7.18
C SER A 219 38.32 -54.07 -6.11
N ALA A 220 37.52 -53.08 -6.48
CA ALA A 220 36.78 -52.26 -5.53
C ALA A 220 37.71 -51.67 -4.48
N GLY A 221 38.91 -51.28 -4.91
CA GLY A 221 39.90 -50.78 -3.98
C GLY A 221 41.06 -50.13 -4.71
N GLU A 222 42.13 -49.91 -3.96
CA GLU A 222 43.30 -49.23 -4.50
C GLU A 222 44.03 -50.05 -5.55
N ASP A 223 43.79 -51.35 -5.62
CA ASP A 223 44.52 -52.24 -6.53
C ASP A 223 43.93 -52.09 -7.93
N GLY A 224 44.60 -51.33 -8.79
CA GLY A 224 44.17 -51.17 -10.17
C GLY A 224 44.81 -52.23 -11.06
N ILE A 225 43.99 -52.80 -11.95
CA ILE A 225 44.46 -53.89 -12.80
C ILE A 225 45.48 -53.37 -13.81
N SER A 226 45.18 -52.28 -14.50
CA SER A 226 46.06 -51.78 -15.54
C SER A 226 45.74 -50.31 -15.81
N TYR A 227 46.68 -49.65 -16.48
CA TYR A 227 46.53 -48.27 -16.93
C TYR A 227 46.98 -48.14 -18.38
N GLN A 228 46.56 -49.07 -19.22
CA GLN A 228 46.97 -49.07 -20.62
C GLN A 228 46.44 -47.82 -21.32
N PRO A 229 47.27 -47.13 -22.10
CA PRO A 229 46.78 -45.94 -22.82
C PRO A 229 45.71 -46.31 -23.83
N CYS A 230 44.76 -45.40 -24.01
CA CYS A 230 43.69 -45.60 -24.98
C CYS A 230 44.21 -45.42 -26.40
N THR A 231 43.54 -46.06 -27.35
CA THR A 231 43.96 -46.06 -28.74
C THR A 231 43.00 -45.30 -29.64
N ALA A 232 41.71 -45.65 -29.63
CA ALA A 232 40.74 -45.03 -30.51
C ALA A 232 39.47 -44.72 -29.74
N ASN A 233 38.73 -43.72 -30.22
CA ASN A 233 37.48 -43.27 -29.60
C ASN A 233 37.70 -42.88 -28.14
N CYS A 234 38.86 -42.28 -27.85
CA CYS A 234 39.19 -41.93 -26.48
C CYS A 234 38.35 -40.76 -25.98
N ILE A 235 38.22 -39.71 -26.80
CA ILE A 235 37.48 -38.52 -26.39
C ILE A 235 36.01 -38.87 -26.18
N GLY A 236 35.42 -39.62 -27.11
CA GLY A 236 34.03 -40.02 -26.95
C GLY A 236 33.81 -40.89 -25.73
N TYR A 237 34.73 -41.83 -25.48
CA TYR A 237 34.62 -42.69 -24.31
C TYR A 237 34.70 -41.89 -23.02
N ALA A 238 35.60 -40.90 -22.98
CA ALA A 238 35.77 -40.10 -21.77
C ALA A 238 34.51 -39.31 -21.44
N ALA A 239 33.84 -38.76 -22.46
CA ALA A 239 32.69 -37.89 -22.26
C ALA A 239 31.36 -38.64 -22.34
N ASN A 240 31.38 -39.97 -22.24
CA ASN A 240 30.15 -40.75 -22.28
C ASN A 240 30.04 -41.81 -21.20
N VAL A 241 31.14 -42.20 -20.55
CA VAL A 241 31.14 -43.30 -19.59
C VAL A 241 30.99 -42.72 -18.19
N PHE A 242 30.08 -43.31 -17.41
CA PHE A 242 29.79 -42.88 -16.05
C PHE A 242 30.38 -43.85 -15.05
N ALA A 243 30.10 -43.60 -13.77
CA ALA A 243 30.47 -44.49 -12.68
C ALA A 243 29.30 -44.58 -11.73
N THR A 244 28.59 -45.71 -11.76
CA THR A 244 27.36 -45.87 -10.99
C THR A 244 27.70 -45.92 -9.50
N GLU A 245 27.38 -44.83 -8.79
CA GLU A 245 27.63 -44.78 -7.36
C GLU A 245 26.70 -45.74 -6.62
N PRO A 246 27.09 -46.22 -5.44
CA PRO A 246 26.22 -47.14 -4.70
C PRO A 246 24.86 -46.57 -4.38
N ASN A 247 24.76 -45.26 -4.14
CA ASN A 247 23.47 -44.62 -3.90
C ASN A 247 22.73 -44.24 -5.18
N GLY A 248 23.34 -44.47 -6.34
CA GLY A 248 22.73 -44.14 -7.60
C GLY A 248 22.97 -42.73 -8.09
N HIS A 249 23.61 -41.88 -7.28
CA HIS A 249 23.88 -40.52 -7.71
C HIS A 249 24.94 -40.50 -8.81
N ILE A 250 24.87 -39.48 -9.65
CA ILE A 250 25.81 -39.34 -10.76
C ILE A 250 27.14 -38.81 -10.20
N PRO A 251 28.27 -39.35 -10.64
CA PRO A 251 29.55 -38.84 -10.16
C PRO A 251 29.87 -37.46 -10.73
N GLU A 252 30.65 -36.70 -9.98
CA GLU A 252 31.07 -35.38 -10.43
C GLU A 252 32.20 -35.51 -11.45
N GLY A 253 32.38 -34.45 -12.24
CA GLY A 253 33.41 -34.42 -13.25
C GLY A 253 32.95 -34.91 -14.60
N PHE A 254 31.82 -34.38 -15.08
CA PHE A 254 31.27 -34.75 -16.37
C PHE A 254 30.89 -33.50 -17.16
N SER A 255 31.21 -33.50 -18.44
CA SER A 255 30.89 -32.36 -19.29
C SER A 255 29.43 -32.34 -19.71
N PHE A 256 28.78 -33.51 -19.75
CA PHE A 256 27.37 -33.63 -20.14
C PHE A 256 27.13 -33.05 -21.54
N ASN A 257 28.05 -33.33 -22.46
CA ASN A 257 27.94 -32.80 -23.81
C ASN A 257 26.71 -33.34 -24.53
N ASN A 258 26.38 -34.61 -24.31
CA ASN A 258 25.26 -35.26 -24.98
C ASN A 258 24.02 -35.30 -24.12
N TRP A 259 23.80 -34.27 -23.30
CA TRP A 259 22.66 -34.21 -22.40
C TRP A 259 21.95 -32.88 -22.55
N PHE A 260 20.62 -32.90 -22.41
CA PHE A 260 19.82 -31.70 -22.53
C PHE A 260 18.68 -31.74 -21.51
N LEU A 261 18.19 -30.56 -21.16
CA LEU A 261 17.09 -30.47 -20.20
C LEU A 261 15.78 -30.89 -20.85
N LEU A 262 14.93 -31.55 -20.07
CA LEU A 262 13.66 -32.05 -20.58
C LEU A 262 12.63 -30.92 -20.53
N SER A 263 12.22 -30.44 -21.70
CA SER A 263 11.32 -29.30 -21.79
C SER A 263 10.16 -29.60 -22.73
N ASN A 264 8.94 -29.29 -22.30
CA ASN A 264 7.79 -29.40 -23.19
C ASN A 264 7.77 -28.28 -24.22
N ASP A 265 8.08 -27.06 -23.79
CA ASP A 265 8.03 -25.89 -24.65
C ASP A 265 9.09 -24.90 -24.21
N SER A 266 9.76 -24.29 -25.19
CA SER A 266 10.79 -23.29 -24.97
C SER A 266 11.98 -23.85 -24.18
N THR A 267 12.98 -23.02 -23.93
CA THR A 267 14.16 -23.42 -23.18
C THR A 267 14.76 -22.18 -22.53
N LEU A 268 15.28 -22.36 -21.31
CA LEU A 268 15.92 -21.27 -20.59
C LEU A 268 17.31 -21.05 -21.19
N VAL A 269 17.55 -19.83 -21.70
CA VAL A 269 18.84 -19.51 -22.29
C VAL A 269 19.94 -19.59 -21.24
N HIS A 270 19.69 -19.01 -20.06
CA HIS A 270 20.67 -19.01 -18.99
C HIS A 270 19.96 -18.71 -17.68
N GLY A 271 20.32 -19.44 -16.63
CA GLY A 271 19.71 -19.24 -15.33
C GLY A 271 19.74 -20.52 -14.52
N LYS A 272 18.87 -20.57 -13.51
CA LYS A 272 18.78 -21.72 -12.62
C LYS A 272 17.31 -22.06 -12.38
N VAL A 273 17.04 -23.35 -12.15
CA VAL A 273 15.69 -23.81 -11.88
C VAL A 273 15.75 -25.17 -11.19
N VAL A 274 14.69 -25.50 -10.44
CA VAL A 274 14.58 -26.77 -9.75
C VAL A 274 13.33 -27.47 -10.26
N SER A 275 13.48 -28.75 -10.62
CA SER A 275 12.35 -29.52 -11.15
C SER A 275 12.62 -30.99 -10.97
N ASN A 276 11.57 -31.79 -11.20
CA ASN A 276 11.72 -33.24 -11.27
C ASN A 276 12.13 -33.62 -12.69
N GLN A 277 13.20 -34.38 -12.80
CA GLN A 277 13.82 -34.73 -14.07
C GLN A 277 14.29 -36.17 -14.00
N PRO A 278 14.44 -36.84 -15.15
CA PRO A 278 14.96 -38.22 -15.17
C PRO A 278 16.47 -38.29 -15.07
N LEU A 279 16.96 -38.29 -13.82
CA LEU A 279 18.39 -38.31 -13.55
C LEU A 279 18.87 -39.52 -12.76
N LEU A 280 18.02 -40.11 -11.92
CA LEU A 280 18.46 -41.25 -11.13
C LEU A 280 18.59 -42.48 -12.04
N VAL A 281 19.73 -43.15 -11.95
CA VAL A 281 20.06 -44.26 -12.84
C VAL A 281 20.12 -45.55 -12.05
N ASN A 282 19.56 -46.62 -12.62
CA ASN A 282 19.63 -47.94 -12.03
C ASN A 282 20.80 -48.75 -12.57
N CYS A 283 21.04 -48.68 -13.89
CA CYS A 283 22.14 -49.39 -14.53
C CYS A 283 22.46 -48.68 -15.83
N LEU A 284 23.71 -48.86 -16.27
CA LEU A 284 24.20 -48.21 -17.49
C LEU A 284 24.94 -49.22 -18.35
N LEU A 285 24.67 -49.19 -19.64
CA LEU A 285 25.31 -50.08 -20.60
C LEU A 285 25.95 -49.25 -21.70
N ALA A 286 27.23 -49.51 -21.96
CA ALA A 286 28.03 -48.77 -22.94
C ALA A 286 28.87 -49.74 -23.76
N ILE A 287 29.29 -49.29 -24.93
CA ILE A 287 30.02 -50.11 -25.90
C ILE A 287 29.25 -51.41 -26.13
N PRO A 288 28.05 -51.34 -26.71
CA PRO A 288 27.14 -52.49 -26.67
C PRO A 288 27.24 -53.41 -27.88
N LYS A 289 26.82 -54.65 -27.67
CA LYS A 289 26.80 -55.63 -28.75
C LYS A 289 25.49 -56.41 -28.83
N ILE A 290 24.80 -56.55 -27.69
CA ILE A 290 23.72 -57.54 -27.63
C ILE A 290 22.44 -57.09 -28.30
N TYR A 291 22.19 -55.79 -28.46
CA TYR A 291 20.93 -55.37 -29.06
C TYR A 291 20.84 -55.70 -30.54
N GLY A 292 21.94 -56.15 -31.15
CA GLY A 292 21.83 -56.66 -32.49
C GLY A 292 21.15 -58.00 -32.60
N LEU A 293 20.76 -58.60 -31.47
CA LEU A 293 20.04 -59.86 -31.45
C LEU A 293 18.58 -59.67 -31.02
N GLY A 294 18.00 -58.53 -31.35
CA GLY A 294 16.62 -58.24 -31.00
C GLY A 294 16.38 -58.12 -29.51
N GLN A 295 17.18 -57.28 -28.83
CA GLN A 295 17.07 -57.15 -27.39
C GLN A 295 15.69 -56.64 -26.98
N PHE A 296 15.19 -57.20 -25.88
CA PHE A 296 13.86 -56.89 -25.37
C PHE A 296 13.98 -56.18 -24.03
N PHE A 297 13.27 -55.07 -23.88
CA PHE A 297 13.17 -54.35 -22.61
C PHE A 297 11.72 -54.30 -22.17
N SER A 298 11.49 -54.48 -20.88
CA SER A 298 10.19 -54.31 -20.26
C SER A 298 10.26 -53.19 -19.24
N PHE A 299 9.23 -52.33 -19.23
CA PHE A 299 9.17 -51.24 -18.27
C PHE A 299 9.01 -51.72 -16.84
N ASN A 300 8.71 -53.01 -16.64
CA ASN A 300 8.43 -53.58 -15.34
C ASN A 300 9.66 -54.19 -14.68
N GLN A 301 10.38 -55.04 -15.40
CA GLN A 301 11.51 -55.75 -14.83
C GLN A 301 12.81 -54.98 -15.04
N THR A 302 13.74 -55.15 -14.11
CA THR A 302 15.03 -54.48 -14.20
C THR A 302 15.80 -54.95 -15.43
N ILE A 303 16.52 -54.02 -16.05
CA ILE A 303 17.29 -54.36 -17.24
C ILE A 303 18.40 -55.34 -16.89
N ASP A 304 18.78 -56.15 -17.87
CA ASP A 304 19.80 -57.18 -17.69
C ASP A 304 21.02 -56.83 -18.52
N GLY A 305 22.18 -56.80 -17.88
CA GLY A 305 23.41 -56.46 -18.56
C GLY A 305 24.52 -56.17 -17.57
N VAL A 306 25.72 -55.98 -18.12
CA VAL A 306 26.91 -55.69 -17.32
C VAL A 306 26.86 -54.21 -16.94
N CYS A 307 26.41 -53.92 -15.72
CA CYS A 307 26.32 -52.55 -15.27
C CYS A 307 27.69 -51.92 -15.11
N ASN A 308 27.74 -50.59 -15.25
CA ASN A 308 28.98 -49.84 -15.12
C ASN A 308 29.28 -49.55 -13.65
N GLY A 309 29.45 -50.64 -12.89
CA GLY A 309 29.70 -50.54 -11.47
C GLY A 309 28.58 -51.09 -10.61
N ALA A 310 28.08 -50.27 -9.69
CA ALA A 310 27.01 -50.69 -8.82
C ALA A 310 25.68 -50.79 -9.58
N ALA A 311 24.77 -51.60 -9.03
CA ALA A 311 23.46 -51.81 -9.62
C ALA A 311 22.38 -51.71 -8.55
N VAL A 312 21.21 -51.22 -8.94
CA VAL A 312 20.07 -51.08 -8.06
C VAL A 312 18.89 -51.81 -8.69
N GLN A 313 18.24 -52.67 -7.90
CA GLN A 313 17.11 -53.47 -8.38
C GLN A 313 15.85 -52.63 -8.25
N ARG A 314 15.55 -51.87 -9.31
CA ARG A 314 14.37 -51.03 -9.34
C ARG A 314 13.70 -51.11 -10.70
N ALA A 315 12.41 -50.87 -10.73
CA ALA A 315 11.67 -50.86 -11.98
C ALA A 315 12.01 -49.59 -12.76
N PRO A 316 12.33 -49.69 -14.05
CA PRO A 316 12.67 -48.49 -14.82
C PRO A 316 11.47 -47.55 -14.98
N GLU A 317 11.77 -46.26 -15.03
CA GLU A 317 10.78 -45.23 -15.32
C GLU A 317 10.91 -44.65 -16.72
N ALA A 318 12.13 -44.40 -17.19
CA ALA A 318 12.31 -43.90 -18.55
C ALA A 318 13.66 -44.39 -19.08
N LEU A 319 13.79 -44.35 -20.40
CA LEU A 319 14.98 -44.80 -21.09
C LEU A 319 15.63 -43.64 -21.82
N ARG A 320 16.94 -43.47 -21.62
CA ARG A 320 17.72 -42.45 -22.29
C ARG A 320 18.71 -43.12 -23.24
N PHE A 321 18.80 -42.59 -24.46
CA PHE A 321 19.63 -43.14 -25.51
C PHE A 321 20.66 -42.10 -25.92
N ASN A 322 21.94 -42.47 -25.85
CA ASN A 322 23.03 -41.64 -26.35
C ASN A 322 23.37 -42.11 -27.76
N ILE A 323 23.00 -41.32 -28.76
CA ILE A 323 23.13 -41.71 -30.16
C ILE A 323 24.50 -41.26 -30.67
N ASN A 324 25.28 -42.22 -31.16
CA ASN A 324 26.56 -41.91 -31.79
C ASN A 324 26.38 -41.66 -33.29
N ASP A 325 25.87 -42.65 -34.01
CA ASP A 325 25.66 -42.56 -35.45
C ASP A 325 24.19 -42.75 -35.77
N THR A 326 23.63 -41.82 -36.54
CA THR A 326 22.26 -41.98 -37.01
C THR A 326 22.15 -42.97 -38.16
N SER A 327 23.19 -43.05 -38.99
CA SER A 327 23.14 -43.90 -40.18
C SER A 327 22.99 -45.37 -39.81
N VAL A 328 23.51 -45.78 -38.65
CA VAL A 328 23.36 -47.17 -38.23
C VAL A 328 21.89 -47.50 -38.02
N ILE A 329 21.16 -46.61 -37.34
CA ILE A 329 19.73 -46.82 -37.13
C ILE A 329 18.97 -46.70 -38.45
N LEU A 330 19.37 -45.76 -39.30
CA LEU A 330 18.67 -45.55 -40.57
C LEU A 330 18.79 -46.76 -41.49
N ALA A 331 19.98 -47.37 -41.55
CA ALA A 331 20.21 -48.43 -42.52
C ALA A 331 19.56 -49.73 -42.11
N GLU A 332 19.96 -50.29 -40.96
CA GLU A 332 19.44 -51.56 -40.50
C GLU A 332 18.82 -51.51 -39.12
N GLY A 333 18.88 -50.38 -38.43
CA GLY A 333 18.23 -50.25 -37.14
C GLY A 333 16.72 -50.36 -37.24
N SER A 334 16.15 -51.34 -36.54
CA SER A 334 14.71 -51.58 -36.54
C SER A 334 14.22 -51.62 -35.10
N ILE A 335 13.37 -50.66 -34.73
CA ILE A 335 12.83 -50.58 -33.38
C ILE A 335 11.31 -50.52 -33.48
N VAL A 336 10.65 -51.24 -32.58
CA VAL A 336 9.19 -51.28 -32.49
C VAL A 336 8.78 -50.97 -31.06
N LEU A 337 7.78 -50.10 -30.93
CA LEU A 337 7.23 -49.69 -29.65
C LEU A 337 6.00 -50.54 -29.35
N HIS A 338 6.01 -51.22 -28.21
CA HIS A 338 4.89 -52.04 -27.78
C HIS A 338 4.16 -51.31 -26.66
N THR A 339 2.91 -50.94 -26.92
CA THR A 339 2.12 -50.21 -25.95
C THR A 339 1.53 -51.17 -24.92
N ALA A 340 0.99 -50.58 -23.84
CA ALA A 340 0.31 -51.38 -22.83
C ALA A 340 -0.94 -52.06 -23.41
N LEU A 341 -1.66 -51.35 -24.27
CA LEU A 341 -2.79 -51.95 -24.97
C LEU A 341 -2.34 -53.09 -25.86
N GLY A 342 -1.19 -52.93 -26.52
CA GLY A 342 -0.68 -53.96 -27.40
C GLY A 342 -0.36 -53.45 -28.78
N THR A 343 -0.58 -52.15 -28.99
CA THR A 343 -0.34 -51.54 -30.28
C THR A 343 1.15 -51.54 -30.61
N ASN A 344 1.45 -51.71 -31.90
CA ASN A 344 2.82 -51.79 -32.39
C ASN A 344 3.13 -50.53 -33.20
N PHE A 345 4.24 -49.88 -32.89
CA PHE A 345 4.66 -48.66 -33.57
C PHE A 345 6.07 -48.85 -34.10
N SER A 346 6.21 -49.10 -35.39
CA SER A 346 7.50 -49.41 -36.00
C SER A 346 8.15 -48.14 -36.53
N PHE A 347 9.41 -47.94 -36.20
CA PHE A 347 10.17 -46.79 -36.69
C PHE A 347 10.89 -47.19 -37.97
N VAL A 348 10.36 -46.78 -39.12
CA VAL A 348 10.95 -47.15 -40.41
C VAL A 348 11.33 -45.86 -41.14
N CYS A 349 12.62 -45.68 -41.38
CA CYS A 349 13.11 -44.49 -42.06
C CYS A 349 13.88 -44.90 -43.31
N SER A 350 13.66 -44.17 -44.40
CA SER A 350 14.29 -44.48 -45.67
C SER A 350 14.74 -43.21 -46.36
N ASN A 351 15.83 -43.31 -47.11
CA ASN A 351 16.39 -42.18 -47.85
C ASN A 351 15.92 -42.22 -49.30
N SER A 352 14.67 -41.80 -49.49
CA SER A 352 14.01 -41.75 -50.80
C SER A 352 13.93 -43.14 -51.44
N SER A 353 13.92 -44.18 -50.62
CA SER A 353 13.80 -45.57 -51.07
C SER A 353 12.56 -46.14 -50.40
N ASN A 354 11.40 -45.95 -51.03
CA ASN A 354 10.11 -46.30 -50.44
C ASN A 354 9.33 -47.15 -51.44
N PRO A 355 9.58 -48.47 -51.46
CA PRO A 355 8.77 -49.34 -52.32
C PRO A 355 7.29 -49.31 -51.99
N HIS A 356 6.93 -49.13 -50.73
CA HIS A 356 5.54 -49.05 -50.31
C HIS A 356 5.16 -47.73 -49.69
N LEU A 357 6.08 -47.04 -49.01
CA LEU A 357 5.78 -45.75 -48.41
C LEU A 357 5.54 -44.66 -49.44
N ALA A 358 6.05 -44.83 -50.67
CA ALA A 358 5.74 -43.88 -51.73
C ALA A 358 4.25 -43.88 -52.05
N THR A 359 3.60 -45.05 -51.95
CA THR A 359 2.16 -45.10 -52.10
C THR A 359 1.47 -44.31 -50.99
N PHE A 360 1.98 -44.44 -49.76
CA PHE A 360 1.41 -43.69 -48.64
C PHE A 360 1.59 -42.19 -48.83
N ALA A 361 2.76 -41.77 -49.32
CA ALA A 361 3.08 -40.36 -49.53
C ALA A 361 3.65 -40.22 -50.94
N ILE A 362 2.78 -39.97 -51.91
CA ILE A 362 3.24 -39.79 -53.29
C ILE A 362 4.15 -38.58 -53.44
N PRO A 363 3.77 -37.37 -52.95
CA PRO A 363 4.71 -36.23 -53.10
C PRO A 363 5.71 -36.12 -51.95
N LEU A 364 6.72 -36.98 -51.98
CA LEU A 364 7.73 -37.00 -50.92
C LEU A 364 8.51 -35.70 -50.89
N GLY A 365 8.88 -35.18 -52.06
CA GLY A 365 9.58 -33.91 -52.12
C GLY A 365 11.03 -34.00 -51.68
N ALA A 366 11.64 -32.82 -51.54
CA ALA A 366 13.04 -32.67 -51.13
C ALA A 366 13.93 -33.46 -52.09
N THR A 367 15.01 -34.04 -51.58
CA THR A 367 15.92 -34.83 -52.40
C THR A 367 16.27 -36.10 -51.63
N GLN A 368 17.19 -36.89 -52.20
CA GLN A 368 17.51 -38.20 -51.64
C GLN A 368 18.39 -38.11 -50.39
N VAL A 369 19.19 -37.05 -50.26
CA VAL A 369 20.13 -36.96 -49.14
C VAL A 369 19.42 -36.97 -47.79
N PRO A 370 18.40 -36.16 -47.54
CA PRO A 370 17.69 -36.26 -46.25
C PRO A 370 16.94 -37.58 -46.15
N TYR A 371 16.80 -38.06 -44.92
CA TYR A 371 16.10 -39.29 -44.63
C TYR A 371 14.66 -38.97 -44.23
N TYR A 372 13.72 -39.69 -44.81
CA TYR A 372 12.30 -39.52 -44.53
C TYR A 372 11.87 -40.67 -43.63
N CYS A 373 11.53 -40.37 -42.38
CA CYS A 373 11.13 -41.36 -41.40
C CYS A 373 9.62 -41.47 -41.33
N PHE A 374 9.14 -42.66 -40.96
CA PHE A 374 7.73 -42.96 -40.87
C PHE A 374 7.47 -43.82 -39.63
N PHE A 375 6.26 -43.70 -39.12
CA PHE A 375 5.79 -44.56 -38.03
C PHE A 375 4.74 -45.50 -38.59
N LYS A 376 5.01 -46.79 -38.53
CA LYS A 376 4.04 -47.79 -38.92
C LYS A 376 3.16 -48.12 -37.74
N VAL A 377 1.88 -47.82 -37.86
CA VAL A 377 0.88 -48.24 -36.89
C VAL A 377 0.48 -49.66 -37.26
N ASP A 378 1.18 -50.63 -36.68
CA ASP A 378 0.89 -52.04 -36.84
C ASP A 378 0.04 -52.50 -35.68
N THR A 379 -1.03 -53.22 -35.98
CA THR A 379 -1.88 -53.80 -34.96
C THR A 379 -2.49 -55.08 -35.51
N TYR A 380 -3.46 -55.62 -34.79
CA TYR A 380 -4.13 -56.85 -35.19
C TYR A 380 -5.27 -56.60 -36.15
N ASN A 381 -5.52 -55.34 -36.51
CA ASN A 381 -6.58 -54.99 -37.46
C ASN A 381 -6.07 -54.28 -38.70
N SER A 382 -5.01 -53.49 -38.60
CA SER A 382 -4.47 -52.77 -39.75
C SER A 382 -2.97 -52.58 -39.56
N THR A 383 -2.29 -52.32 -40.68
CA THR A 383 -0.84 -52.14 -40.71
C THR A 383 -0.50 -50.84 -41.43
N VAL A 384 -1.11 -49.74 -40.99
CA VAL A 384 -1.02 -48.50 -41.76
C VAL A 384 0.35 -47.86 -41.53
N TYR A 385 0.74 -46.98 -42.45
CA TYR A 385 2.00 -46.24 -42.34
C TYR A 385 1.71 -44.74 -42.33
N LYS A 386 2.24 -44.04 -41.33
CA LYS A 386 2.03 -42.61 -41.17
C LYS A 386 3.36 -41.87 -41.32
N PHE A 387 3.29 -40.68 -41.90
CA PHE A 387 4.43 -39.78 -41.99
C PHE A 387 4.25 -38.63 -41.01
N LEU A 388 5.31 -38.31 -40.28
CA LEU A 388 5.28 -37.19 -39.35
C LEU A 388 6.26 -36.09 -39.71
N ALA A 389 7.54 -36.42 -39.90
CA ALA A 389 8.55 -35.40 -40.14
C ALA A 389 9.75 -36.02 -40.86
N VAL A 390 10.64 -35.16 -41.32
CA VAL A 390 11.87 -35.56 -41.99
C VAL A 390 12.97 -35.63 -40.94
N LEU A 391 13.95 -36.51 -41.17
CA LEU A 391 15.04 -36.68 -40.23
C LEU A 391 15.82 -35.37 -40.07
N PRO A 392 16.01 -34.87 -38.85
CA PRO A 392 16.91 -33.74 -38.66
C PRO A 392 18.33 -34.14 -38.96
N PRO A 393 19.17 -33.18 -39.39
CA PRO A 393 20.56 -33.53 -39.75
C PRO A 393 21.35 -34.16 -38.61
N THR A 394 21.10 -33.74 -37.37
CA THR A 394 21.86 -34.24 -36.22
C THR A 394 20.92 -34.65 -35.10
N VAL A 395 21.11 -35.86 -34.58
CA VAL A 395 20.37 -36.36 -33.43
C VAL A 395 21.39 -36.89 -32.43
N ARG A 396 21.28 -36.46 -31.17
CA ARG A 396 22.23 -36.82 -30.14
C ARG A 396 21.62 -37.63 -29.01
N GLU A 397 20.53 -37.16 -28.41
CA GLU A 397 19.93 -37.81 -27.25
C GLU A 397 18.45 -38.06 -27.53
N ILE A 398 18.00 -39.27 -27.22
CA ILE A 398 16.59 -39.63 -27.41
C ILE A 398 16.05 -40.23 -26.12
N VAL A 399 14.96 -39.68 -25.61
CA VAL A 399 14.40 -40.10 -24.33
C VAL A 399 12.98 -40.60 -24.54
N ILE A 400 12.64 -41.73 -23.92
CA ILE A 400 11.29 -42.27 -23.96
C ILE A 400 10.81 -42.51 -22.54
N THR A 401 9.60 -42.07 -22.24
CA THR A 401 9.01 -42.20 -20.92
C THR A 401 8.06 -43.39 -20.88
N LYS A 402 7.69 -43.78 -19.65
CA LYS A 402 6.75 -44.88 -19.47
C LYS A 402 5.33 -44.47 -19.82
N TYR A 403 5.03 -43.18 -19.89
CA TYR A 403 3.69 -42.69 -20.15
C TYR A 403 3.44 -42.39 -21.63
N GLY A 404 4.39 -42.72 -22.50
CA GLY A 404 4.21 -42.52 -23.93
C GLY A 404 4.79 -41.25 -24.49
N ASP A 405 5.58 -40.51 -23.71
CA ASP A 405 6.17 -39.26 -24.17
C ASP A 405 7.56 -39.53 -24.73
N VAL A 406 7.81 -39.05 -25.95
CA VAL A 406 9.11 -39.18 -26.60
C VAL A 406 9.72 -37.78 -26.73
N TYR A 407 10.99 -37.66 -26.38
CA TYR A 407 11.70 -36.40 -26.37
C TYR A 407 12.94 -36.51 -27.25
N VAL A 408 13.09 -35.58 -28.18
CA VAL A 408 14.24 -35.52 -29.08
C VAL A 408 14.86 -34.14 -28.95
N ASN A 409 16.13 -34.10 -28.56
CA ASN A 409 16.87 -32.85 -28.38
C ASN A 409 16.15 -31.92 -27.41
N GLY A 410 15.55 -32.51 -26.37
CA GLY A 410 14.87 -31.74 -25.34
C GLY A 410 13.66 -30.97 -25.86
N PHE A 411 12.82 -31.62 -26.64
CA PHE A 411 11.63 -30.98 -27.19
C PHE A 411 10.32 -31.65 -26.81
N GLY A 412 10.30 -32.98 -26.71
CA GLY A 412 9.04 -33.68 -26.51
C GLY A 412 8.18 -33.60 -27.76
N TYR A 413 8.66 -34.22 -28.84
CA TYR A 413 8.01 -34.08 -30.14
C TYR A 413 6.61 -34.69 -30.13
N LEU A 414 6.46 -35.88 -29.54
CA LEU A 414 5.19 -36.60 -29.61
C LEU A 414 4.88 -37.22 -28.26
N HIS A 415 3.59 -37.44 -28.01
CA HIS A 415 3.11 -38.07 -26.79
C HIS A 415 2.13 -39.18 -27.14
N LEU A 416 2.21 -40.29 -26.42
CA LEU A 416 1.34 -41.43 -26.67
C LEU A 416 0.72 -41.93 -25.38
N GLY A 417 0.05 -43.09 -25.44
CA GLY A 417 -0.60 -43.67 -24.28
C GLY A 417 0.34 -44.46 -23.40
N LEU A 418 -0.22 -45.45 -22.71
CA LEU A 418 0.57 -46.25 -21.79
C LEU A 418 1.48 -47.21 -22.55
N LEU A 419 2.70 -47.38 -22.04
CA LEU A 419 3.71 -48.24 -22.64
C LEU A 419 4.12 -49.31 -21.64
N ASP A 420 4.47 -50.48 -22.15
CA ASP A 420 4.90 -51.56 -21.27
C ASP A 420 6.24 -52.17 -21.66
N ALA A 421 6.55 -52.26 -22.95
CA ALA A 421 7.75 -52.94 -23.39
C ALA A 421 8.22 -52.37 -24.72
N VAL A 422 9.40 -52.80 -25.14
CA VAL A 422 10.02 -52.31 -26.38
C VAL A 422 11.04 -53.34 -26.84
N THR A 423 11.30 -53.35 -28.14
CA THR A 423 12.29 -54.22 -28.75
C THR A 423 13.22 -53.40 -29.62
N ILE A 424 14.52 -53.69 -29.55
CA ILE A 424 15.55 -52.95 -30.26
C ILE A 424 16.37 -53.92 -31.09
N ASN A 425 16.62 -53.55 -32.35
CA ASN A 425 17.42 -54.36 -33.25
C ASN A 425 18.18 -53.46 -34.21
N PHE A 426 19.45 -53.79 -34.43
CA PHE A 426 20.28 -53.21 -35.48
C PHE A 426 21.37 -54.23 -35.80
N THR A 427 22.39 -53.80 -36.54
CA THR A 427 23.51 -54.70 -36.88
C THR A 427 24.53 -54.68 -35.74
N GLY A 428 24.14 -55.29 -34.63
CA GLY A 428 25.03 -55.49 -33.52
C GLY A 428 25.67 -56.86 -33.54
N HIS A 429 26.46 -57.14 -34.57
CA HIS A 429 27.03 -58.47 -34.77
C HIS A 429 28.38 -58.62 -34.09
N GLY A 430 28.44 -58.28 -32.80
CA GLY A 430 29.65 -58.45 -32.02
C GLY A 430 30.76 -57.50 -32.35
N THR A 431 31.20 -57.51 -33.61
CA THR A 431 32.33 -56.70 -34.06
C THR A 431 31.92 -55.30 -34.50
N ASP A 432 30.64 -54.96 -34.44
CA ASP A 432 30.17 -53.64 -34.86
C ASP A 432 30.15 -52.63 -33.73
N ASP A 433 30.45 -53.06 -32.50
CA ASP A 433 30.43 -52.16 -31.36
C ASP A 433 31.44 -51.03 -31.49
N ASP A 434 32.46 -51.21 -32.33
CA ASP A 434 33.41 -50.12 -32.57
C ASP A 434 32.75 -48.94 -33.26
N VAL A 435 31.78 -49.19 -34.13
CA VAL A 435 31.11 -48.12 -34.86
C VAL A 435 29.64 -48.19 -34.44
N SER A 436 29.40 -48.61 -33.21
CA SER A 436 28.04 -48.70 -32.69
C SER A 436 27.42 -47.31 -32.58
N GLY A 437 26.17 -47.19 -33.00
CA GLY A 437 25.46 -45.93 -32.93
C GLY A 437 24.95 -45.55 -31.57
N PHE A 438 25.05 -46.45 -30.59
CA PHE A 438 24.60 -46.20 -29.23
C PHE A 438 25.81 -46.10 -28.32
N TRP A 439 25.98 -44.93 -27.68
CA TRP A 439 27.04 -44.77 -26.71
C TRP A 439 26.65 -45.36 -25.36
N THR A 440 25.56 -44.86 -24.78
CA THR A 440 25.12 -45.31 -23.46
C THR A 440 23.60 -45.42 -23.42
N ILE A 441 23.14 -46.42 -22.67
CA ILE A 441 21.72 -46.62 -22.38
C ILE A 441 21.57 -46.81 -20.88
N ALA A 442 20.68 -46.03 -20.27
CA ALA A 442 20.50 -46.02 -18.83
C ALA A 442 19.02 -46.11 -18.48
N SER A 443 18.76 -46.55 -17.25
CA SER A 443 17.40 -46.63 -16.70
C SER A 443 17.17 -45.39 -15.85
N THR A 444 16.70 -44.32 -16.50
CA THR A 444 16.52 -43.05 -15.81
C THR A 444 15.27 -43.06 -14.94
N ASN A 445 15.36 -42.33 -13.82
CA ASN A 445 14.28 -42.22 -12.85
C ASN A 445 14.06 -40.76 -12.50
N PHE A 446 12.79 -40.39 -12.26
CA PHE A 446 12.45 -39.02 -11.92
C PHE A 446 12.85 -38.72 -10.48
N VAL A 447 13.70 -37.71 -10.30
CA VAL A 447 14.03 -37.16 -8.99
C VAL A 447 14.04 -35.64 -9.11
N ASP A 448 13.95 -34.97 -7.96
CA ASP A 448 13.89 -33.51 -7.91
C ASP A 448 15.29 -32.97 -7.66
N ALA A 449 15.71 -32.02 -8.49
CA ALA A 449 17.09 -31.55 -8.42
C ALA A 449 17.19 -30.12 -8.92
N LEU A 450 18.30 -29.47 -8.55
CA LEU A 450 18.61 -28.11 -8.96
C LEU A 450 19.53 -28.14 -10.17
N ILE A 451 19.11 -27.49 -11.26
CA ILE A 451 19.86 -27.47 -12.50
C ILE A 451 20.19 -26.02 -12.83
N GLU A 452 21.45 -25.77 -13.15
CA GLU A 452 21.93 -24.47 -13.59
C GLU A 452 22.35 -24.58 -15.05
N VAL A 453 21.78 -23.73 -15.89
CA VAL A 453 22.00 -23.76 -17.34
C VAL A 453 22.74 -22.50 -17.75
N GLN A 454 23.76 -22.69 -18.59
CA GLN A 454 24.56 -21.60 -19.16
C GLN A 454 24.86 -21.96 -20.60
N GLY A 455 24.17 -21.31 -21.53
CA GLY A 455 24.33 -21.66 -22.93
C GLY A 455 23.83 -23.05 -23.26
N THR A 456 22.69 -23.45 -22.70
CA THR A 456 22.10 -24.77 -22.93
C THR A 456 23.08 -25.89 -22.62
N ALA A 457 23.84 -25.73 -21.53
CA ALA A 457 24.79 -26.74 -21.08
C ALA A 457 24.42 -27.18 -19.68
N ILE A 458 24.32 -28.49 -19.47
CA ILE A 458 23.98 -29.05 -18.17
C ILE A 458 25.25 -29.20 -17.36
N GLN A 459 25.27 -28.59 -16.17
CA GLN A 459 26.43 -28.67 -15.29
C GLN A 459 25.99 -28.37 -13.88
N ARG A 460 26.81 -28.79 -12.92
CA ARG A 460 26.61 -28.52 -11.49
C ARG A 460 25.28 -29.09 -11.01
N ILE A 461 25.15 -30.41 -11.12
CA ILE A 461 23.97 -31.09 -10.62
C ILE A 461 24.00 -31.10 -9.09
N LEU A 462 22.82 -31.14 -8.48
CA LEU A 462 22.73 -31.10 -7.02
C LEU A 462 21.41 -31.74 -6.61
N TYR A 463 21.49 -32.89 -5.92
CA TYR A 463 20.30 -33.58 -5.47
C TYR A 463 19.71 -32.89 -4.23
N CYS A 464 18.48 -33.28 -3.90
CA CYS A 464 17.79 -32.72 -2.73
C CYS A 464 17.25 -33.83 -1.82
N ASP A 465 17.94 -34.97 -1.77
CA ASP A 465 17.56 -36.06 -0.88
C ASP A 465 18.31 -36.00 0.44
N ASP A 466 18.28 -34.82 1.08
CA ASP A 466 18.97 -34.59 2.34
C ASP A 466 18.52 -33.26 2.92
N PRO A 467 18.34 -33.16 4.24
CA PRO A 467 17.95 -31.86 4.83
C PRO A 467 18.92 -30.74 4.50
N VAL A 468 20.22 -31.02 4.53
CA VAL A 468 21.20 -30.03 4.11
C VAL A 468 21.03 -29.72 2.63
N SER A 469 20.87 -30.77 1.82
CA SER A 469 20.63 -30.56 0.40
C SER A 469 19.29 -29.87 0.15
N GLN A 470 18.27 -30.20 0.94
CA GLN A 470 16.98 -29.55 0.81
C GLN A 470 17.09 -28.06 1.09
N LEU A 471 17.83 -27.68 2.14
CA LEU A 471 18.05 -26.27 2.42
C LEU A 471 18.86 -25.61 1.31
N LYS A 472 19.87 -26.32 0.79
CA LYS A 472 20.71 -25.75 -0.27
C LYS A 472 19.90 -25.46 -1.52
N CYS A 473 19.03 -26.39 -1.93
CA CYS A 473 18.25 -26.21 -3.15
C CYS A 473 16.91 -25.51 -2.89
N SER A 474 16.63 -25.13 -1.65
CA SER A 474 15.46 -24.30 -1.37
C SER A 474 15.73 -22.82 -1.58
N GLN A 475 17.01 -22.40 -1.58
CA GLN A 475 17.39 -21.03 -1.90
C GLN A 475 18.18 -20.96 -3.21
N VAL A 476 18.05 -21.99 -4.05
CA VAL A 476 18.69 -22.12 -5.37
C VAL A 476 20.10 -21.56 -5.41
N ALA A 477 20.84 -21.71 -4.30
CA ALA A 477 22.21 -21.23 -4.20
C ALA A 477 23.14 -22.39 -3.87
N PHE A 478 24.21 -22.53 -4.65
CA PHE A 478 25.21 -23.54 -4.34
C PHE A 478 25.88 -23.26 -3.00
N ASP A 479 26.19 -22.00 -2.72
CA ASP A 479 26.79 -21.58 -1.46
C ASP A 479 25.80 -20.69 -0.71
N LEU A 480 25.65 -20.96 0.59
CA LEU A 480 24.73 -20.23 1.45
C LEU A 480 25.50 -19.57 2.58
N ASP A 481 25.16 -18.31 2.87
CA ASP A 481 25.81 -17.59 3.95
C ASP A 481 25.34 -18.13 5.30
N ASP A 482 26.21 -17.95 6.30
CA ASP A 482 25.90 -18.39 7.66
C ASP A 482 24.74 -17.60 8.23
N GLY A 483 23.83 -18.29 8.91
CA GLY A 483 22.69 -17.60 9.49
C GLY A 483 21.62 -18.58 9.94
N PHE A 484 20.43 -18.03 10.17
CA PHE A 484 19.30 -18.79 10.70
C PHE A 484 18.29 -19.05 9.60
N TYR A 485 17.84 -20.30 9.51
CA TYR A 485 16.88 -20.67 8.48
C TYR A 485 15.86 -21.66 9.03
N PRO A 486 14.64 -21.67 8.48
CA PRO A 486 13.60 -22.57 8.97
C PRO A 486 13.64 -23.94 8.30
N PHE A 487 13.23 -24.94 9.06
CA PHE A 487 13.19 -26.32 8.60
C PHE A 487 11.90 -26.97 9.11
N SER A 488 11.40 -27.93 8.32
CA SER A 488 10.17 -28.64 8.63
C SER A 488 10.49 -30.06 9.07
N SER A 489 9.81 -30.51 10.12
CA SER A 489 10.08 -31.84 10.67
C SER A 489 9.73 -32.92 9.64
N ARG A 490 10.58 -33.94 9.59
CA ARG A 490 10.37 -35.05 8.65
C ARG A 490 9.12 -35.84 9.04
N ASN A 491 8.32 -36.19 8.03
CA ASN A 491 7.15 -37.04 8.24
C ASN A 491 6.97 -38.08 7.15
N LEU A 492 7.97 -38.31 6.30
CA LEU A 492 7.88 -39.25 5.20
C LEU A 492 8.36 -40.65 5.56
N LEU A 493 8.87 -40.84 6.78
CA LEU A 493 9.41 -42.14 7.17
C LEU A 493 8.32 -43.22 7.19
N SER A 494 7.16 -42.89 7.71
CA SER A 494 6.06 -43.84 7.87
C SER A 494 4.94 -43.51 6.92
N HIS A 495 4.51 -44.52 6.15
CA HIS A 495 3.36 -44.38 5.26
C HIS A 495 2.20 -45.29 5.61
N GLU A 496 2.43 -46.32 6.44
CA GLU A 496 1.37 -47.22 6.88
C GLU A 496 0.53 -46.51 7.95
N GLN A 497 -0.16 -45.46 7.50
CA GLN A 497 -0.89 -44.60 8.42
C GLN A 497 -2.13 -45.30 8.93
N PRO A 498 -2.30 -45.46 10.24
CA PRO A 498 -3.56 -46.00 10.76
C PRO A 498 -4.71 -45.06 10.45
N ILE A 499 -5.89 -45.64 10.27
CA ILE A 499 -7.08 -44.92 9.84
C ILE A 499 -8.08 -44.89 11.01
N SER A 500 -8.53 -43.69 11.36
CA SER A 500 -9.50 -43.50 12.43
C SER A 500 -10.80 -42.96 11.84
N PHE A 501 -11.92 -43.57 12.23
CA PHE A 501 -13.23 -43.20 11.73
C PHE A 501 -14.21 -43.11 12.90
N VAL A 502 -14.69 -41.90 13.19
CA VAL A 502 -15.62 -41.67 14.29
C VAL A 502 -16.76 -40.82 13.78
N THR A 503 -18.00 -41.25 14.05
CA THR A 503 -19.19 -40.50 13.71
C THR A 503 -20.18 -40.62 14.88
N LEU A 504 -21.42 -40.24 14.64
CA LEU A 504 -22.44 -40.33 15.67
C LEU A 504 -22.71 -41.80 16.01
N PRO A 505 -22.87 -42.14 17.28
CA PRO A 505 -23.05 -43.54 17.67
C PRO A 505 -24.35 -44.13 17.12
N SER A 506 -24.23 -45.22 16.38
CA SER A 506 -25.38 -45.93 15.83
C SER A 506 -24.97 -47.38 15.60
N PHE A 507 -25.98 -48.23 15.43
CA PHE A 507 -25.73 -49.66 15.23
C PHE A 507 -25.44 -49.94 13.76
N ASN A 508 -25.40 -51.22 13.40
CA ASN A 508 -25.07 -51.64 12.05
C ASN A 508 -26.34 -51.70 11.22
N ALA A 509 -26.58 -50.65 10.44
CA ALA A 509 -27.71 -50.58 9.51
C ALA A 509 -27.13 -50.40 8.11
N HIS A 510 -26.84 -51.52 7.45
CA HIS A 510 -26.14 -51.51 6.16
C HIS A 510 -27.09 -51.89 5.03
N SER A 511 -26.91 -51.24 3.89
CA SER A 511 -27.68 -51.53 2.69
C SER A 511 -26.75 -51.50 1.48
N PHE A 512 -27.15 -52.21 0.44
CA PHE A 512 -26.40 -52.31 -0.80
C PHE A 512 -27.20 -51.67 -1.93
N VAL A 513 -26.68 -50.59 -2.50
CA VAL A 513 -27.27 -49.97 -3.67
C VAL A 513 -26.46 -50.38 -4.89
N ASN A 514 -27.16 -50.84 -5.92
CA ASN A 514 -26.53 -51.46 -7.07
C ASN A 514 -27.03 -50.81 -8.35
N ILE A 515 -26.09 -50.42 -9.22
CA ILE A 515 -26.39 -49.97 -10.57
C ILE A 515 -25.83 -51.01 -11.53
N THR A 516 -26.68 -51.46 -12.46
CA THR A 516 -26.33 -52.50 -13.40
C THR A 516 -26.59 -52.00 -14.81
N VAL A 517 -25.59 -52.12 -15.69
CA VAL A 517 -25.73 -51.71 -17.08
C VAL A 517 -25.51 -52.94 -17.96
N SER A 518 -26.42 -53.14 -18.92
CA SER A 518 -26.33 -54.25 -19.86
C SER A 518 -26.55 -53.74 -21.28
N ALA A 519 -25.65 -54.10 -22.18
CA ALA A 519 -25.73 -53.67 -23.57
C ALA A 519 -24.95 -54.62 -24.45
N SER A 520 -25.24 -54.56 -25.75
CA SER A 520 -24.58 -55.36 -26.75
C SER A 520 -24.10 -54.47 -27.88
N PHE A 521 -23.00 -54.86 -28.51
CA PHE A 521 -22.39 -54.06 -29.57
C PHE A 521 -22.16 -54.88 -30.84
N GLY A 522 -21.97 -56.17 -30.69
CA GLY A 522 -21.62 -57.03 -31.81
C GLY A 522 -22.75 -57.39 -32.75
N GLY A 523 -23.97 -56.93 -32.48
CA GLY A 523 -25.09 -57.28 -33.32
C GLY A 523 -25.43 -56.23 -34.36
N HIS A 524 -25.39 -54.95 -33.99
CA HIS A 524 -25.84 -53.90 -34.90
C HIS A 524 -24.80 -53.60 -35.97
N SER A 525 -23.63 -53.11 -35.56
CA SER A 525 -22.57 -52.81 -36.51
C SER A 525 -21.17 -53.05 -35.93
N GLY A 526 -21.08 -53.60 -34.72
CA GLY A 526 -19.78 -53.65 -34.04
C GLY A 526 -19.44 -52.38 -33.32
N ALA A 527 -19.48 -51.24 -34.02
CA ALA A 527 -19.23 -49.94 -33.42
C ALA A 527 -20.50 -49.25 -32.94
N ASN A 528 -21.66 -49.92 -33.07
CA ASN A 528 -22.93 -49.34 -32.66
C ASN A 528 -23.67 -50.33 -31.78
N LEU A 529 -24.47 -49.81 -30.86
CA LEU A 529 -25.20 -50.62 -29.90
C LEU A 529 -26.51 -51.11 -30.49
N ILE A 530 -27.16 -52.03 -29.77
CA ILE A 530 -28.46 -52.55 -30.16
C ILE A 530 -29.49 -52.14 -29.11
N ALA A 531 -29.27 -52.58 -27.87
CA ALA A 531 -30.12 -52.20 -26.75
C ALA A 531 -29.26 -51.98 -25.52
N SER A 532 -29.70 -51.07 -24.66
CA SER A 532 -28.98 -50.74 -23.44
C SER A 532 -29.99 -50.53 -22.32
N ASP A 533 -29.84 -51.29 -21.23
CA ASP A 533 -30.72 -51.19 -20.08
C ASP A 533 -29.90 -50.95 -18.83
N THR A 534 -30.36 -50.01 -18.00
CA THR A 534 -29.72 -49.69 -16.73
C THR A 534 -30.75 -49.80 -15.62
N THR A 535 -30.39 -50.53 -14.56
CA THR A 535 -31.29 -50.81 -13.47
C THR A 535 -30.63 -50.48 -12.14
N ILE A 536 -31.37 -49.80 -11.26
CA ILE A 536 -30.95 -49.55 -9.89
C ILE A 536 -31.74 -50.52 -9.01
N ASN A 537 -31.12 -51.65 -8.68
CA ASN A 537 -31.79 -52.73 -7.95
C ASN A 537 -33.06 -53.16 -8.67
N GLY A 538 -32.99 -53.20 -10.00
CA GLY A 538 -34.15 -53.55 -10.80
C GLY A 538 -35.20 -52.47 -10.93
N PHE A 539 -34.84 -51.21 -10.70
CA PHE A 539 -35.78 -50.10 -10.77
C PHE A 539 -35.11 -48.90 -11.42
N SER A 540 -35.94 -47.98 -11.92
CA SER A 540 -35.46 -46.81 -12.63
C SER A 540 -34.97 -45.69 -11.70
N SER A 541 -35.31 -45.75 -10.42
CA SER A 541 -34.87 -44.73 -9.47
C SER A 541 -34.91 -45.34 -8.07
N PHE A 542 -34.16 -44.73 -7.15
CA PHE A 542 -34.11 -45.24 -5.79
C PHE A 542 -33.67 -44.13 -4.84
N CYS A 543 -33.93 -44.35 -3.56
CA CYS A 543 -33.52 -43.45 -2.49
C CYS A 543 -33.07 -44.28 -1.30
N VAL A 544 -31.92 -43.95 -0.74
CA VAL A 544 -31.38 -44.70 0.39
C VAL A 544 -32.08 -44.28 1.67
N ASP A 545 -32.15 -45.21 2.63
CA ASP A 545 -32.77 -44.92 3.92
C ASP A 545 -31.88 -45.27 5.10
N THR A 546 -31.10 -46.35 5.00
CA THR A 546 -30.26 -46.78 6.12
C THR A 546 -29.07 -45.83 6.27
N ARG A 547 -28.49 -45.86 7.48
CA ARG A 547 -27.34 -45.00 7.77
C ARG A 547 -26.13 -45.38 6.92
N GLN A 548 -25.87 -46.67 6.77
CA GLN A 548 -24.71 -47.16 6.04
C GLN A 548 -25.17 -47.76 4.71
N PHE A 549 -24.52 -47.36 3.62
CA PHE A 549 -24.85 -47.88 2.31
C PHE A 549 -23.55 -48.09 1.53
N THR A 550 -23.60 -49.03 0.59
CA THR A 550 -22.45 -49.36 -0.25
C THR A 550 -22.89 -49.39 -1.71
N ILE A 551 -22.16 -48.65 -2.55
CA ILE A 551 -22.45 -48.61 -3.97
C ILE A 551 -21.78 -49.78 -4.67
N SER A 552 -22.42 -50.28 -5.73
CA SER A 552 -21.82 -51.33 -6.55
C SER A 552 -22.27 -51.16 -7.99
N LEU A 553 -21.31 -51.07 -8.90
CA LEU A 553 -21.57 -50.87 -10.32
C LEU A 553 -21.15 -52.12 -11.08
N SER A 554 -22.05 -52.62 -11.94
CA SER A 554 -21.80 -53.83 -12.70
C SER A 554 -21.95 -53.58 -14.19
N TYR A 555 -21.00 -54.12 -14.95
CA TYR A 555 -20.93 -53.97 -16.40
C TYR A 555 -21.30 -55.29 -17.05
N ASN A 556 -22.15 -55.23 -18.07
CA ASN A 556 -22.51 -56.40 -18.87
C ASN A 556 -22.57 -55.96 -20.33
N VAL A 557 -21.43 -55.98 -21.01
CA VAL A 557 -21.33 -55.49 -22.38
C VAL A 557 -20.88 -56.63 -23.28
N THR A 558 -21.52 -56.73 -24.45
CA THR A 558 -21.20 -57.76 -25.43
C THR A 558 -20.77 -57.11 -26.74
N ASN A 559 -19.64 -57.55 -27.27
CA ASN A 559 -19.15 -57.04 -28.54
C ASN A 559 -18.29 -58.11 -29.21
N SER A 560 -18.13 -57.97 -30.53
CA SER A 560 -17.34 -58.94 -31.28
C SER A 560 -15.88 -58.92 -30.85
N TYR A 561 -15.32 -57.73 -30.63
CA TYR A 561 -13.94 -57.63 -30.17
C TYR A 561 -13.79 -58.24 -28.78
N GLY A 562 -14.75 -58.02 -27.90
CA GLY A 562 -14.72 -58.54 -26.56
C GLY A 562 -14.17 -57.61 -25.51
N TYR A 563 -13.57 -56.49 -25.91
CA TYR A 563 -13.03 -55.51 -24.98
C TYR A 563 -13.72 -54.17 -25.18
N VAL A 564 -14.24 -53.61 -24.10
CA VAL A 564 -14.91 -52.31 -24.13
C VAL A 564 -14.28 -51.43 -23.07
N SER A 565 -13.67 -50.33 -23.49
CA SER A 565 -13.11 -49.35 -22.56
C SER A 565 -14.24 -48.56 -21.90
N ASN A 566 -14.15 -48.41 -20.58
CA ASN A 566 -15.18 -47.73 -19.80
C ASN A 566 -14.61 -46.41 -19.29
N SER A 567 -15.33 -45.31 -19.53
CA SER A 567 -14.91 -44.00 -19.07
C SER A 567 -16.09 -43.30 -18.40
N GLN A 568 -15.77 -42.45 -17.44
CA GLN A 568 -16.77 -41.72 -16.67
C GLN A 568 -16.54 -40.23 -16.81
N ASP A 569 -17.60 -39.50 -17.15
CA ASP A 569 -17.61 -38.05 -17.18
C ASP A 569 -18.26 -37.55 -15.89
N SER A 570 -17.52 -36.78 -15.11
CA SER A 570 -17.92 -36.37 -13.77
C SER A 570 -18.17 -34.87 -13.74
N ASN A 571 -19.26 -34.47 -13.06
CA ASN A 571 -19.57 -33.07 -12.88
C ASN A 571 -19.85 -32.78 -11.41
N CYS A 572 -20.30 -33.79 -10.67
CA CYS A 572 -20.53 -33.66 -9.24
C CYS A 572 -19.21 -33.61 -8.49
N PRO A 573 -19.21 -33.08 -7.26
CA PRO A 573 -17.96 -33.02 -6.48
C PRO A 573 -17.35 -34.38 -6.19
N PHE A 574 -18.13 -35.46 -6.23
CA PHE A 574 -17.63 -36.79 -5.96
C PHE A 574 -17.70 -37.66 -7.21
N THR A 575 -16.75 -38.57 -7.32
CA THR A 575 -16.71 -39.50 -8.45
C THR A 575 -17.46 -40.78 -8.09
N LEU A 576 -17.45 -41.75 -9.01
CA LEU A 576 -18.16 -43.00 -8.79
C LEU A 576 -17.54 -43.78 -7.64
N GLN A 577 -16.22 -43.83 -7.57
CA GLN A 577 -15.53 -44.63 -6.55
C GLN A 577 -15.18 -43.82 -5.30
N SER A 578 -15.16 -42.49 -5.39
CA SER A 578 -14.83 -41.67 -4.24
C SER A 578 -15.89 -41.72 -3.14
N VAL A 579 -17.12 -42.13 -3.47
CA VAL A 579 -18.18 -42.15 -2.49
C VAL A 579 -17.97 -43.22 -1.42
N ASN A 580 -17.09 -44.18 -1.67
CA ASN A 580 -16.80 -45.24 -0.71
C ASN A 580 -15.67 -44.87 0.26
N ASP A 581 -15.45 -43.58 0.47
CA ASP A 581 -14.34 -43.09 1.28
C ASP A 581 -14.83 -42.35 2.52
N TYR A 582 -15.82 -42.92 3.20
CA TYR A 582 -16.39 -42.35 4.44
C TYR A 582 -16.96 -40.95 4.19
N LEU A 583 -17.98 -40.90 3.34
CA LEU A 583 -18.66 -39.66 3.01
C LEU A 583 -19.98 -39.57 3.76
N SER A 584 -20.29 -38.36 4.23
CA SER A 584 -21.45 -38.11 5.07
C SER A 584 -22.44 -37.21 4.35
N PHE A 585 -23.73 -37.54 4.46
CA PHE A 585 -24.80 -36.82 3.78
C PHE A 585 -26.04 -36.82 4.66
N SER A 586 -27.08 -36.12 4.20
CA SER A 586 -28.37 -36.10 4.87
C SER A 586 -29.47 -36.70 4.01
N LYS A 587 -29.56 -36.31 2.74
CA LYS A 587 -30.52 -36.86 1.80
C LYS A 587 -29.77 -37.31 0.56
N PHE A 588 -30.16 -38.47 0.02
CA PHE A 588 -29.44 -39.07 -1.10
C PHE A 588 -30.42 -39.85 -1.96
N CYS A 589 -30.59 -39.42 -3.21
CA CYS A 589 -31.47 -40.11 -4.15
C CYS A 589 -30.81 -40.18 -5.51
N VAL A 590 -31.04 -41.29 -6.21
CA VAL A 590 -30.42 -41.53 -7.52
C VAL A 590 -31.50 -41.87 -8.51
N SER A 591 -31.39 -41.32 -9.72
CA SER A 591 -32.38 -41.58 -10.76
C SER A 591 -31.72 -41.56 -12.13
N THR A 592 -32.39 -42.18 -13.10
CA THR A 592 -31.98 -42.11 -14.49
C THR A 592 -32.64 -40.97 -15.26
N SER A 593 -33.64 -40.32 -14.68
CA SER A 593 -34.36 -39.23 -15.33
C SER A 593 -33.98 -37.89 -14.72
N LEU A 594 -34.35 -36.82 -15.43
CA LEU A 594 -34.01 -35.48 -14.97
C LEU A 594 -34.71 -35.15 -13.67
N LEU A 595 -33.96 -34.55 -12.74
CA LEU A 595 -34.49 -34.13 -11.45
C LEU A 595 -33.94 -32.74 -11.13
N ALA A 596 -34.72 -31.99 -10.34
CA ALA A 596 -34.31 -30.64 -9.98
C ALA A 596 -33.12 -30.67 -9.04
N SER A 597 -32.19 -29.73 -9.25
CA SER A 597 -31.01 -29.58 -8.39
C SER A 597 -30.19 -30.87 -8.30
N ALA A 598 -30.01 -31.53 -9.44
CA ALA A 598 -29.25 -32.78 -9.52
C ALA A 598 -28.22 -32.68 -10.62
N CYS A 599 -26.97 -33.02 -10.32
CA CYS A 599 -25.93 -33.05 -11.31
C CYS A 599 -26.03 -34.31 -12.17
N THR A 600 -25.27 -34.31 -13.26
CA THR A 600 -25.30 -35.40 -14.23
C THR A 600 -23.93 -36.06 -14.32
N ILE A 601 -23.92 -37.39 -14.27
CA ILE A 601 -22.71 -38.19 -14.43
C ILE A 601 -22.92 -39.09 -15.64
N ASP A 602 -21.94 -39.11 -16.54
CA ASP A 602 -22.09 -39.82 -17.81
C ASP A 602 -21.17 -41.02 -17.87
N LEU A 603 -21.65 -42.09 -18.49
CA LEU A 603 -20.87 -43.31 -18.70
C LEU A 603 -20.68 -43.54 -20.20
N PHE A 604 -19.44 -43.73 -20.62
CA PHE A 604 -19.11 -43.90 -22.02
C PHE A 604 -18.41 -45.24 -22.21
N GLY A 605 -18.79 -45.94 -23.29
CA GLY A 605 -18.20 -47.20 -23.66
C GLY A 605 -17.60 -47.15 -25.05
N TYR A 606 -16.34 -47.59 -25.16
CA TYR A 606 -15.59 -47.59 -26.40
C TYR A 606 -15.20 -49.03 -26.73
N PRO A 607 -15.94 -49.73 -27.58
CA PRO A 607 -15.65 -51.14 -27.85
C PRO A 607 -14.44 -51.38 -28.73
N GLU A 608 -13.59 -50.37 -28.93
CA GLU A 608 -12.39 -50.42 -29.76
C GLU A 608 -12.71 -50.62 -31.24
N PHE A 609 -13.98 -50.54 -31.62
CA PHE A 609 -14.37 -50.66 -33.02
C PHE A 609 -14.17 -49.38 -33.80
N GLY A 610 -13.85 -48.27 -33.13
CA GLY A 610 -13.64 -46.99 -33.77
C GLY A 610 -14.53 -45.88 -33.23
N SER A 611 -15.71 -46.24 -32.71
CA SER A 611 -16.67 -45.27 -32.20
C SER A 611 -17.09 -45.66 -30.79
N GLY A 612 -17.23 -44.66 -29.92
CA GLY A 612 -17.69 -44.86 -28.56
C GLY A 612 -19.00 -44.13 -28.34
N VAL A 613 -19.83 -44.68 -27.46
CA VAL A 613 -21.17 -44.14 -27.22
C VAL A 613 -21.42 -43.99 -25.72
N LYS A 614 -22.36 -43.12 -25.38
CA LYS A 614 -22.76 -42.88 -24.00
C LYS A 614 -23.94 -43.78 -23.68
N PHE A 615 -23.77 -44.64 -22.66
CA PHE A 615 -24.84 -45.57 -22.31
C PHE A 615 -26.06 -44.86 -21.76
N THR A 616 -25.86 -43.98 -20.78
CA THR A 616 -26.97 -43.30 -20.11
C THR A 616 -26.39 -42.16 -19.28
N SER A 617 -27.26 -41.48 -18.54
CA SER A 617 -26.89 -40.42 -17.63
C SER A 617 -27.47 -40.71 -16.25
N LEU A 618 -26.70 -40.40 -15.21
CA LEU A 618 -27.11 -40.62 -13.83
C LEU A 618 -27.33 -39.27 -13.16
N TYR A 619 -28.36 -39.18 -12.33
CA TYR A 619 -28.70 -37.96 -11.64
C TYR A 619 -28.72 -38.22 -10.14
N PHE A 620 -27.98 -37.40 -9.39
CA PHE A 620 -27.85 -37.53 -7.94
C PHE A 620 -28.44 -36.29 -7.29
N GLN A 621 -29.40 -36.49 -6.39
CA GLN A 621 -29.94 -35.42 -5.56
C GLN A 621 -29.43 -35.66 -4.15
N PHE A 622 -28.47 -34.84 -3.71
CA PHE A 622 -27.75 -35.06 -2.47
C PHE A 622 -27.74 -33.78 -1.64
N THR A 623 -27.81 -33.94 -0.33
CA THR A 623 -27.73 -32.85 0.62
C THR A 623 -26.71 -33.18 1.70
N LYS A 624 -25.94 -32.18 2.10
CA LYS A 624 -24.95 -32.37 3.15
C LYS A 624 -25.62 -32.71 4.47
N GLY A 625 -24.97 -33.58 5.25
CA GLY A 625 -25.52 -33.95 6.53
C GLY A 625 -24.73 -35.08 7.17
N GLU A 626 -25.36 -35.74 8.14
CA GLU A 626 -24.72 -36.77 8.94
C GLU A 626 -25.42 -38.12 8.92
N LEU A 627 -26.71 -38.16 8.55
CA LEU A 627 -27.50 -39.37 8.70
C LEU A 627 -27.15 -40.46 7.70
N ILE A 628 -26.39 -40.17 6.65
CA ILE A 628 -26.04 -41.14 5.62
C ILE A 628 -24.52 -41.25 5.58
N THR A 629 -24.02 -42.48 5.63
CA THR A 629 -22.58 -42.72 5.63
C THR A 629 -22.24 -43.73 4.55
N GLY A 630 -21.16 -43.45 3.81
CA GLY A 630 -20.73 -44.35 2.76
C GLY A 630 -19.45 -45.09 3.11
N THR A 631 -19.56 -46.42 3.31
CA THR A 631 -18.40 -47.22 3.70
C THR A 631 -18.00 -48.19 2.59
N PRO A 632 -16.71 -48.45 2.43
CA PRO A 632 -16.28 -49.42 1.40
C PRO A 632 -16.82 -50.82 1.62
N LYS A 633 -16.93 -51.26 2.88
CA LYS A 633 -17.40 -52.59 3.20
C LYS A 633 -18.28 -52.55 4.43
N PRO A 634 -19.20 -53.49 4.57
CA PRO A 634 -20.00 -53.57 5.79
C PRO A 634 -19.16 -53.97 6.98
N LEU A 635 -19.62 -53.56 8.16
CA LEU A 635 -18.97 -53.90 9.42
C LEU A 635 -19.73 -55.04 10.09
N GLU A 636 -19.02 -56.12 10.41
CA GLU A 636 -19.61 -57.34 10.93
C GLU A 636 -19.36 -57.44 12.43
N GLY A 637 -20.42 -57.73 13.19
CA GLY A 637 -20.30 -57.83 14.63
C GLY A 637 -19.88 -56.55 15.29
N VAL A 638 -20.41 -55.42 14.84
CA VAL A 638 -20.02 -54.10 15.33
C VAL A 638 -21.27 -53.41 15.87
N THR A 639 -21.21 -53.00 17.14
CA THR A 639 -22.31 -52.28 17.76
C THR A 639 -22.22 -50.78 17.53
N ASP A 640 -21.02 -50.21 17.58
CA ASP A 640 -20.79 -48.80 17.28
C ASP A 640 -19.74 -48.71 16.17
N VAL A 641 -20.11 -48.07 15.06
CA VAL A 641 -19.23 -47.98 13.91
C VAL A 641 -17.97 -47.19 14.22
N SER A 642 -18.00 -46.31 15.22
CA SER A 642 -16.85 -45.49 15.54
C SER A 642 -15.70 -46.34 16.07
N PHE A 643 -14.51 -46.13 15.51
CA PHE A 643 -13.30 -46.80 15.97
C PHE A 643 -12.11 -45.88 15.71
N MET A 644 -11.15 -45.88 16.64
CA MET A 644 -10.04 -44.95 16.56
C MET A 644 -8.88 -45.49 17.39
N THR A 645 -7.72 -44.89 17.21
CA THR A 645 -6.52 -45.19 17.98
C THR A 645 -5.96 -43.90 18.54
N LEU A 646 -5.52 -43.94 19.79
CA LEU A 646 -5.12 -42.75 20.53
C LEU A 646 -3.60 -42.66 20.66
N ASP A 647 -3.12 -41.43 20.83
CA ASP A 647 -1.72 -41.12 21.15
C ASP A 647 -0.76 -41.54 20.05
N VAL A 648 -1.23 -41.67 18.81
CA VAL A 648 -0.37 -41.97 17.67
C VAL A 648 -0.80 -41.09 16.51
N CYS A 649 0.15 -40.84 15.61
CA CYS A 649 -0.17 -40.16 14.36
C CYS A 649 -1.09 -41.02 13.52
N THR A 650 -2.16 -40.43 12.99
CA THR A 650 -3.14 -41.21 12.26
C THR A 650 -3.93 -40.33 11.32
N LYS A 651 -4.46 -40.95 10.27
CA LYS A 651 -5.33 -40.29 9.31
C LYS A 651 -6.77 -40.45 9.80
N TYR A 652 -7.36 -39.35 10.28
CA TYR A 652 -8.66 -39.39 10.92
C TYR A 652 -9.72 -38.74 10.06
N THR A 653 -10.94 -39.26 10.17
CA THR A 653 -12.11 -38.71 9.48
C THR A 653 -13.21 -38.57 10.53
N ILE A 654 -13.35 -37.37 11.07
CA ILE A 654 -14.29 -37.08 12.15
C ILE A 654 -15.34 -36.11 11.65
N TYR A 655 -16.60 -36.54 11.73
CA TYR A 655 -17.76 -35.69 11.44
C TYR A 655 -17.63 -34.98 10.09
N GLY A 656 -17.20 -35.72 9.08
CA GLY A 656 -17.10 -35.19 7.73
C GLY A 656 -15.85 -34.39 7.44
N PHE A 657 -14.94 -34.25 8.39
CA PHE A 657 -13.68 -33.56 8.19
C PHE A 657 -12.54 -34.55 8.32
N LYS A 658 -11.64 -34.56 7.34
CA LYS A 658 -10.53 -35.50 7.33
C LYS A 658 -9.22 -34.74 7.51
N GLY A 659 -8.35 -35.28 8.35
CA GLY A 659 -7.08 -34.65 8.65
C GLY A 659 -6.05 -35.65 9.11
N GLU A 660 -4.87 -35.12 9.41
CA GLU A 660 -3.72 -35.89 9.87
C GLU A 660 -3.20 -35.29 11.16
N GLY A 661 -3.01 -36.13 12.18
CA GLY A 661 -2.51 -35.62 13.44
C GLY A 661 -2.45 -36.69 14.50
N ILE A 662 -1.98 -36.27 15.68
CA ILE A 662 -2.06 -37.06 16.90
C ILE A 662 -3.27 -36.58 17.69
N ILE A 663 -4.10 -37.53 18.12
CA ILE A 663 -5.29 -37.25 18.92
C ILE A 663 -5.00 -37.62 20.36
N THR A 664 -5.45 -36.78 21.30
CA THR A 664 -5.22 -36.99 22.71
C THR A 664 -6.47 -36.62 23.48
N LEU A 665 -6.54 -37.10 24.73
CA LEU A 665 -7.68 -36.87 25.61
C LEU A 665 -7.38 -35.71 26.55
N THR A 666 -8.36 -34.82 26.75
CA THR A 666 -8.21 -33.65 27.59
C THR A 666 -9.22 -33.72 28.73
N ASN A 667 -8.84 -33.15 29.88
CA ASN A 667 -9.67 -33.17 31.07
C ASN A 667 -10.50 -31.89 31.18
N SER A 668 -11.31 -31.64 30.15
CA SER A 668 -12.17 -30.46 30.11
C SER A 668 -13.63 -30.87 30.10
N SER A 669 -14.48 -30.03 30.68
CA SER A 669 -15.91 -30.27 30.78
C SER A 669 -16.65 -29.17 30.03
N PHE A 670 -17.54 -29.57 29.11
CA PHE A 670 -18.35 -28.64 28.35
C PHE A 670 -19.67 -29.32 28.01
N LEU A 671 -20.77 -28.57 28.15
CA LEU A 671 -22.11 -29.10 27.93
C LEU A 671 -22.74 -28.59 26.63
N ALA A 672 -21.98 -27.91 25.79
CA ALA A 672 -22.51 -27.33 24.56
C ALA A 672 -21.65 -27.75 23.37
N GLY A 673 -22.30 -28.00 22.24
CA GLY A 673 -21.61 -28.31 21.01
C GLY A 673 -21.17 -29.76 20.92
N VAL A 674 -20.65 -30.11 19.74
CA VAL A 674 -20.14 -31.45 19.50
C VAL A 674 -18.69 -31.35 19.03
N TYR A 675 -18.32 -30.20 18.46
CA TYR A 675 -16.93 -29.94 18.11
C TYR A 675 -16.66 -28.45 18.27
N TYR A 676 -15.38 -28.11 18.44
CA TYR A 676 -14.95 -26.74 18.61
C TYR A 676 -13.89 -26.40 17.58
N THR A 677 -14.05 -25.26 16.92
CA THR A 677 -13.15 -24.84 15.86
C THR A 677 -12.56 -23.48 16.18
N SER A 678 -11.39 -23.22 15.62
CA SER A 678 -10.71 -21.95 15.75
C SER A 678 -10.93 -21.11 14.48
N ASP A 679 -10.25 -19.98 14.39
CA ASP A 679 -10.35 -19.11 13.22
C ASP A 679 -9.49 -19.59 12.07
N SER A 680 -8.92 -20.79 12.15
CA SER A 680 -8.13 -21.35 11.07
C SER A 680 -8.83 -22.49 10.35
N GLY A 681 -10.09 -22.79 10.69
CA GLY A 681 -10.78 -23.90 10.08
C GLY A 681 -10.36 -25.26 10.56
N GLN A 682 -9.62 -25.33 11.67
CA GLN A 682 -9.15 -26.60 12.22
C GLN A 682 -10.08 -27.02 13.36
N LEU A 683 -10.60 -28.25 13.27
CA LEU A 683 -11.48 -28.79 14.30
C LEU A 683 -10.62 -29.50 15.34
N LEU A 684 -10.07 -28.71 16.25
CA LEU A 684 -9.11 -29.23 17.21
C LEU A 684 -9.79 -30.04 18.32
N ALA A 685 -10.94 -29.59 18.81
CA ALA A 685 -11.56 -30.16 19.99
C ALA A 685 -12.91 -30.76 19.62
N PHE A 686 -13.11 -32.05 19.94
CA PHE A 686 -14.39 -32.70 19.77
C PHE A 686 -14.74 -33.52 21.00
N LYS A 687 -16.04 -33.72 21.22
CA LYS A 687 -16.53 -34.33 22.44
C LYS A 687 -17.11 -35.72 22.15
N ASN A 688 -16.82 -36.67 23.04
CA ASN A 688 -17.40 -38.02 22.98
C ASN A 688 -18.81 -37.92 23.56
N VAL A 689 -19.81 -37.94 22.67
CA VAL A 689 -21.18 -37.63 23.09
C VAL A 689 -21.68 -38.68 24.09
N THR A 690 -21.30 -39.94 23.91
CA THR A 690 -21.76 -40.99 24.81
C THR A 690 -21.21 -40.80 26.22
N SER A 691 -19.94 -40.40 26.33
CA SER A 691 -19.28 -40.28 27.64
C SER A 691 -19.08 -38.85 28.11
N GLY A 692 -19.04 -37.87 27.20
CA GLY A 692 -18.75 -36.50 27.56
C GLY A 692 -17.28 -36.14 27.56
N ALA A 693 -16.39 -37.10 27.33
CA ALA A 693 -14.95 -36.80 27.28
C ALA A 693 -14.63 -35.96 26.06
N VAL A 694 -13.62 -35.10 26.20
CA VAL A 694 -13.20 -34.19 25.15
C VAL A 694 -11.81 -34.59 24.67
N TYR A 695 -11.57 -34.44 23.37
CA TYR A 695 -10.31 -34.81 22.76
C TYR A 695 -9.81 -33.66 21.88
N SER A 696 -8.49 -33.52 21.83
CA SER A 696 -7.83 -32.48 21.06
C SER A 696 -6.77 -33.10 20.16
N VAL A 697 -6.58 -32.49 18.99
CA VAL A 697 -5.70 -33.02 17.96
C VAL A 697 -4.62 -31.99 17.65
N THR A 698 -3.39 -32.48 17.43
CA THR A 698 -2.27 -31.63 17.04
C THR A 698 -1.54 -32.26 15.88
N PRO A 699 -1.01 -31.44 14.95
CA PRO A 699 -0.39 -32.00 13.75
C PRO A 699 0.86 -32.81 14.05
N CYS A 700 1.13 -33.77 13.17
CA CYS A 700 2.32 -34.62 13.26
C CYS A 700 3.57 -33.94 12.73
N SER A 701 3.53 -32.64 12.46
CA SER A 701 4.67 -31.92 11.90
C SER A 701 4.86 -30.64 12.69
N PHE A 702 6.04 -30.06 12.53
CA PHE A 702 6.39 -28.83 13.24
C PHE A 702 7.37 -28.02 12.40
N SER A 703 7.46 -26.74 12.72
CA SER A 703 8.42 -25.83 12.11
C SER A 703 9.44 -25.41 13.16
N GLU A 704 10.71 -25.41 12.79
CA GLU A 704 11.77 -25.13 13.75
C GLU A 704 12.87 -24.35 13.05
N GLN A 705 13.74 -23.73 13.83
CA GLN A 705 14.84 -22.97 13.27
C GLN A 705 16.18 -23.66 13.48
N ALA A 706 17.10 -23.37 12.57
CA ALA A 706 18.44 -23.94 12.62
C ALA A 706 19.46 -22.84 12.34
N ALA A 707 20.63 -23.03 12.95
CA ALA A 707 21.77 -22.12 12.84
C ALA A 707 22.83 -22.83 12.00
N TYR A 708 23.02 -22.33 10.78
CA TYR A 708 23.95 -22.90 9.81
C TYR A 708 25.22 -22.04 9.79
N VAL A 709 26.36 -22.69 10.03
CA VAL A 709 27.66 -22.05 9.98
C VAL A 709 28.58 -22.91 9.12
N ASP A 710 29.45 -22.25 8.36
CA ASP A 710 30.41 -22.92 7.48
C ASP A 710 29.71 -23.79 6.44
N ASP A 711 29.68 -25.11 6.67
CA ASP A 711 29.14 -26.03 5.69
C ASP A 711 28.35 -27.17 6.34
N ASP A 712 27.82 -26.95 7.54
CA ASP A 712 27.09 -28.00 8.23
C ASP A 712 26.06 -27.37 9.16
N ILE A 713 25.05 -28.16 9.50
CA ILE A 713 24.01 -27.73 10.44
C ILE A 713 24.53 -27.95 11.85
N VAL A 714 24.76 -26.86 12.58
CA VAL A 714 25.30 -26.94 13.93
C VAL A 714 24.25 -26.69 14.99
N GLY A 715 23.43 -25.64 14.85
CA GLY A 715 22.45 -25.28 15.85
C GLY A 715 21.06 -25.73 15.44
N VAL A 716 20.35 -26.35 16.37
CA VAL A 716 18.95 -26.70 16.21
C VAL A 716 18.18 -26.21 17.42
N ILE A 717 17.13 -25.42 17.20
CA ILE A 717 16.30 -24.90 18.27
C ILE A 717 14.87 -25.34 18.00
N SER A 718 14.19 -25.84 19.03
CA SER A 718 12.87 -26.41 18.83
C SER A 718 12.11 -26.40 20.16
N SER A 719 10.95 -27.07 20.17
CA SER A 719 10.16 -27.25 21.38
C SER A 719 9.99 -28.72 21.74
N LEU A 720 10.72 -29.62 21.09
CA LEU A 720 10.63 -31.05 21.34
C LEU A 720 11.93 -31.56 21.96
N SER A 721 11.81 -32.49 22.89
CA SER A 721 12.96 -33.01 23.61
C SER A 721 13.72 -34.10 22.85
N SER A 722 13.22 -34.54 21.71
CA SER A 722 13.87 -35.57 20.91
C SER A 722 14.52 -34.94 19.69
N SER A 723 15.79 -35.28 19.45
CA SER A 723 16.53 -34.71 18.33
C SER A 723 17.68 -35.64 17.97
N THR A 724 18.24 -35.40 16.78
CA THR A 724 19.39 -36.18 16.33
C THR A 724 20.62 -35.93 17.19
N PHE A 725 20.82 -34.67 17.61
CA PHE A 725 21.99 -34.34 18.40
C PHE A 725 21.94 -35.02 19.75
N ASN A 726 23.12 -35.34 20.29
CA ASN A 726 23.17 -36.11 21.53
C ASN A 726 22.69 -35.30 22.72
N SER A 727 23.07 -34.03 22.79
CA SER A 727 22.79 -33.19 23.95
C SER A 727 21.54 -32.35 23.71
N THR A 728 20.63 -32.40 24.69
CA THR A 728 19.39 -31.63 24.67
C THR A 728 19.36 -30.79 25.94
N ARG A 729 19.52 -29.48 25.77
CA ARG A 729 19.55 -28.55 26.90
C ARG A 729 18.25 -27.76 26.93
N GLU A 730 17.58 -27.79 28.08
CA GLU A 730 16.36 -27.03 28.28
C GLU A 730 16.69 -25.59 28.63
N LEU A 731 16.13 -24.64 27.89
CA LEU A 731 16.34 -23.22 28.13
C LEU A 731 14.98 -22.58 28.32
N PRO A 732 14.91 -21.46 29.03
CA PRO A 732 13.60 -20.86 29.32
C PRO A 732 12.82 -20.58 28.05
N GLY A 733 11.78 -21.39 27.82
CA GLY A 733 10.90 -21.23 26.69
C GLY A 733 11.06 -22.25 25.58
N PHE A 734 12.15 -23.00 25.53
CA PHE A 734 12.37 -23.89 24.40
C PHE A 734 13.46 -24.91 24.72
N PHE A 735 13.79 -25.73 23.73
CA PHE A 735 14.85 -26.73 23.81
C PHE A 735 15.91 -26.42 22.77
N TYR A 736 17.17 -26.65 23.14
CA TYR A 736 18.30 -26.50 22.24
C TYR A 736 18.97 -27.85 22.09
N HIS A 737 19.43 -28.16 20.89
CA HIS A 737 20.10 -29.44 20.66
C HIS A 737 21.46 -29.21 20.03
N SER A 738 22.45 -29.94 20.54
CA SER A 738 23.82 -29.78 20.06
C SER A 738 24.60 -31.05 20.39
N ASN A 739 25.81 -31.14 19.85
CA ASN A 739 26.71 -32.25 20.12
C ASN A 739 27.77 -31.90 21.15
N ASP A 740 27.75 -30.69 21.70
CA ASP A 740 28.73 -30.26 22.69
C ASP A 740 28.02 -29.55 23.83
N GLY A 741 28.35 -29.93 25.06
CA GLY A 741 27.76 -29.30 26.23
C GLY A 741 28.75 -28.39 26.96
N SER A 742 29.80 -27.98 26.28
CA SER A 742 30.85 -27.18 26.89
C SER A 742 30.43 -25.72 26.96
N ASN A 743 31.37 -24.85 27.34
CA ASN A 743 31.11 -23.42 27.45
C ASN A 743 31.18 -22.74 26.08
N CYS A 744 30.44 -21.64 25.96
CA CYS A 744 30.43 -20.79 24.77
C CYS A 744 30.93 -19.41 25.19
N THR A 745 32.20 -19.13 24.89
CA THR A 745 32.81 -17.85 25.25
C THR A 745 33.01 -16.92 24.07
N GLU A 746 33.14 -17.45 22.86
CA GLU A 746 33.35 -16.66 21.65
C GLU A 746 32.30 -17.05 20.63
N PRO A 747 31.05 -16.61 20.83
CA PRO A 747 29.99 -16.99 19.89
C PRO A 747 30.22 -16.39 18.51
N VAL A 748 29.79 -17.13 17.50
CA VAL A 748 29.84 -16.67 16.11
C VAL A 748 28.52 -16.03 15.70
N LEU A 749 27.40 -16.66 16.02
CA LEU A 749 26.09 -16.10 15.71
C LEU A 749 25.45 -15.59 16.98
N VAL A 750 25.18 -14.28 17.04
CA VAL A 750 24.68 -13.62 18.24
C VAL A 750 23.38 -12.91 17.91
N TYR A 751 22.41 -13.02 18.82
CA TYR A 751 21.15 -12.30 18.70
C TYR A 751 20.64 -12.02 20.10
N SER A 752 20.29 -10.75 20.36
CA SER A 752 19.83 -10.30 21.67
C SER A 752 20.91 -10.64 22.69
N ASN A 753 20.61 -11.39 23.73
CA ASN A 753 21.62 -11.79 24.72
C ASN A 753 22.07 -13.23 24.55
N ILE A 754 21.69 -13.90 23.45
CA ILE A 754 21.96 -15.31 23.24
C ILE A 754 22.97 -15.45 22.10
N GLY A 755 24.03 -16.20 22.36
CA GLY A 755 25.06 -16.40 21.36
C GLY A 755 25.42 -17.86 21.23
N VAL A 756 25.74 -18.26 19.99
CA VAL A 756 26.16 -19.62 19.69
C VAL A 756 27.55 -19.58 19.05
N CYS A 757 28.43 -20.44 19.56
CA CYS A 757 29.81 -20.62 19.13
C CYS A 757 29.87 -21.59 17.95
N LYS A 758 31.05 -21.65 17.33
CA LYS A 758 31.24 -22.57 16.21
C LYS A 758 31.17 -24.02 16.67
N SER A 759 31.72 -24.33 17.84
CA SER A 759 31.76 -25.70 18.34
C SER A 759 30.38 -26.26 18.68
N GLY A 760 29.36 -25.41 18.76
CA GLY A 760 28.01 -25.84 19.06
C GLY A 760 27.51 -25.46 20.44
N SER A 761 28.38 -24.99 21.32
CA SER A 761 27.94 -24.55 22.64
C SER A 761 27.11 -23.27 22.52
N ILE A 762 26.22 -23.07 23.50
CA ILE A 762 25.34 -21.92 23.54
C ILE A 762 25.60 -21.17 24.84
N GLY A 763 25.31 -19.88 24.85
CA GLY A 763 25.50 -19.12 26.07
C GLY A 763 24.82 -17.76 26.02
N TYR A 764 24.96 -17.05 27.13
CA TYR A 764 24.35 -15.73 27.30
C TYR A 764 25.41 -14.66 27.00
N VAL A 765 25.09 -13.77 26.09
CA VAL A 765 26.04 -12.73 25.68
C VAL A 765 26.17 -11.71 26.81
N PRO A 766 27.37 -11.42 27.30
CA PRO A 766 27.53 -10.38 28.33
C PRO A 766 27.14 -9.01 27.80
N SER A 767 26.60 -8.20 28.69
CA SER A 767 26.14 -6.87 28.31
C SER A 767 27.30 -5.99 27.88
N GLN A 768 27.11 -5.26 26.79
CA GLN A 768 28.14 -4.38 26.29
C GLN A 768 28.26 -3.14 27.18
N SER A 769 29.50 -2.77 27.49
CA SER A 769 29.79 -1.60 28.31
C SER A 769 30.20 -0.44 27.40
N GLY A 770 29.50 0.69 27.56
CA GLY A 770 29.74 1.85 26.73
C GLY A 770 30.83 2.76 27.25
N GLN A 771 30.93 3.93 26.64
CA GLN A 771 31.93 4.92 27.01
C GLN A 771 31.53 5.62 28.31
N VAL A 772 32.39 6.52 28.78
CA VAL A 772 32.18 7.25 30.01
C VAL A 772 32.46 8.73 29.77
N LYS A 773 31.59 9.59 30.27
CA LYS A 773 31.78 11.03 30.26
C LYS A 773 31.60 11.57 31.67
N ILE A 774 32.45 12.52 32.05
CA ILE A 774 32.45 13.04 33.41
C ILE A 774 31.36 14.09 33.56
N ALA A 775 30.54 13.93 34.60
CA ALA A 775 29.47 14.88 34.85
C ALA A 775 30.04 16.21 35.35
N PRO A 776 29.35 17.32 35.10
CA PRO A 776 29.85 18.62 35.56
C PRO A 776 29.86 18.73 37.07
N THR A 777 30.95 19.29 37.60
CA THR A 777 31.12 19.54 39.02
C THR A 777 31.74 20.92 39.20
N VAL A 778 31.50 21.52 40.37
CA VAL A 778 32.07 22.80 40.72
C VAL A 778 32.99 22.74 41.93
N THR A 779 33.06 21.60 42.62
CA THR A 779 33.96 21.46 43.75
C THR A 779 34.32 19.99 43.89
N GLY A 780 35.41 19.74 44.61
CA GLY A 780 35.79 18.37 44.93
C GLY A 780 36.86 17.83 43.98
N ASN A 781 36.47 16.91 43.11
CA ASN A 781 37.40 16.00 42.46
C ASN A 781 36.99 15.78 41.00
N ILE A 782 37.92 16.07 40.09
CA ILE A 782 37.64 16.04 38.66
C ILE A 782 38.70 15.19 37.97
N SER A 783 38.26 14.37 37.02
CA SER A 783 39.16 13.57 36.19
C SER A 783 39.28 14.26 34.84
N ILE A 784 40.26 15.14 34.72
CA ILE A 784 40.47 15.88 33.46
C ILE A 784 41.07 14.95 32.42
N PRO A 785 40.47 14.84 31.24
CA PRO A 785 41.00 13.94 30.21
C PRO A 785 42.31 14.46 29.63
N THR A 786 43.09 13.50 29.12
CA THR A 786 44.37 13.80 28.48
C THR A 786 44.81 12.58 27.69
N ASN A 787 45.89 12.76 26.91
CA ASN A 787 46.48 11.71 26.08
C ASN A 787 45.47 11.16 25.08
N PHE A 788 45.08 12.03 24.17
CA PHE A 788 44.04 11.76 23.20
C PHE A 788 44.56 10.93 22.03
N SER A 789 43.62 10.41 21.24
CA SER A 789 43.94 9.65 20.04
C SER A 789 42.79 9.79 19.05
N MET A 790 42.92 9.07 17.94
CA MET A 790 42.00 9.17 16.81
C MET A 790 41.02 8.01 16.81
N SER A 791 39.77 8.30 16.42
CA SER A 791 38.75 7.27 16.21
C SER A 791 37.93 7.75 15.02
N ILE A 792 38.14 7.13 13.87
CA ILE A 792 37.46 7.52 12.65
C ILE A 792 36.19 6.69 12.51
N ARG A 793 35.06 7.37 12.37
CA ARG A 793 33.77 6.70 12.20
C ARG A 793 33.30 6.82 10.76
N THR A 794 32.38 5.93 10.39
CA THR A 794 31.86 5.85 9.04
C THR A 794 30.37 6.19 9.05
N GLU A 795 29.90 6.77 7.94
CA GLU A 795 28.48 7.07 7.81
C GLU A 795 28.14 7.05 6.33
N TYR A 796 26.97 6.52 5.99
CA TYR A 796 26.54 6.49 4.59
C TYR A 796 25.12 7.02 4.46
N LEU A 797 24.89 7.84 3.43
CA LEU A 797 23.57 8.41 3.23
C LEU A 797 23.24 8.46 1.75
N GLN A 798 21.94 8.46 1.46
CA GLN A 798 21.39 8.53 0.12
C GLN A 798 20.70 9.87 -0.07
N LEU A 799 20.64 10.33 -1.32
CA LEU A 799 20.02 11.61 -1.60
C LEU A 799 19.04 11.54 -2.78
N TYR A 800 19.25 10.59 -3.68
CA TYR A 800 18.47 10.53 -4.90
C TYR A 800 18.17 9.08 -5.28
N ASN A 801 17.19 8.91 -6.15
CA ASN A 801 16.76 7.61 -6.63
C ASN A 801 16.60 7.64 -8.14
N THR A 802 16.70 6.48 -8.76
CA THR A 802 16.61 6.37 -10.22
C THR A 802 15.17 6.52 -10.66
N PRO A 803 14.85 7.46 -11.55
CA PRO A 803 13.48 7.60 -12.05
C PRO A 803 13.22 6.74 -13.28
N VAL A 804 11.95 6.43 -13.47
CA VAL A 804 11.52 5.56 -14.58
C VAL A 804 10.26 6.14 -15.18
N SER A 805 10.09 5.99 -16.49
CA SER A 805 8.90 6.46 -17.19
C SER A 805 8.30 5.33 -17.99
N VAL A 806 7.03 5.46 -18.36
CA VAL A 806 6.37 4.46 -19.18
C VAL A 806 5.18 5.11 -19.89
N ASP A 807 4.90 4.62 -21.09
CA ASP A 807 3.69 4.99 -21.82
C ASP A 807 2.65 3.90 -21.62
N CYS A 808 1.49 4.27 -21.08
CA CYS A 808 0.44 3.30 -20.83
C CYS A 808 -0.13 2.75 -22.13
N ALA A 809 -0.30 3.61 -23.14
CA ALA A 809 -0.95 3.20 -24.38
C ALA A 809 -0.21 2.06 -25.05
N THR A 810 1.11 2.19 -25.18
CA THR A 810 1.90 1.15 -25.82
C THR A 810 2.06 -0.06 -24.91
N TYR A 811 2.05 0.13 -23.59
CA TYR A 811 2.20 -0.99 -22.68
C TYR A 811 0.97 -1.89 -22.68
N VAL A 812 -0.23 -1.30 -22.79
CA VAL A 812 -1.44 -2.09 -22.77
C VAL A 812 -1.85 -2.63 -24.14
N CYS A 813 -1.37 -2.02 -25.22
CA CYS A 813 -1.70 -2.46 -26.56
C CYS A 813 -0.47 -2.39 -27.44
N ASN A 814 -0.23 -3.43 -28.22
CA ASN A 814 0.95 -3.51 -29.08
C ASN A 814 0.63 -3.01 -30.50
N GLY A 815 0.22 -1.75 -30.57
CA GLY A 815 0.03 -1.07 -31.84
C GLY A 815 -1.30 -1.28 -32.53
N ASN A 816 -2.22 -2.03 -31.93
CA ASN A 816 -3.52 -2.24 -32.55
C ASN A 816 -4.36 -0.97 -32.46
N SER A 817 -5.22 -0.78 -33.47
CA SER A 817 -6.03 0.43 -33.55
C SER A 817 -7.35 0.28 -32.81
N ARG A 818 -8.04 -0.85 -33.00
CA ARG A 818 -9.32 -1.06 -32.33
C ARG A 818 -9.15 -1.09 -30.82
N CYS A 819 -8.06 -1.69 -30.35
CA CYS A 819 -7.82 -1.76 -28.91
C CYS A 819 -7.65 -0.37 -28.30
N LYS A 820 -6.89 0.50 -28.96
CA LYS A 820 -6.72 1.85 -28.45
C LYS A 820 -8.02 2.65 -28.58
N GLN A 821 -8.82 2.37 -29.61
CA GLN A 821 -10.12 3.01 -29.72
C GLN A 821 -11.01 2.65 -28.53
N LEU A 822 -10.99 1.38 -28.13
CA LEU A 822 -11.70 0.97 -26.93
C LEU A 822 -11.11 1.62 -25.68
N LEU A 823 -9.77 1.70 -25.61
CA LEU A 823 -9.11 2.29 -24.45
C LEU A 823 -9.45 3.76 -24.28
N THR A 824 -9.78 4.45 -25.38
CA THR A 824 -10.05 5.88 -25.29
C THR A 824 -11.20 6.20 -24.33
N GLN A 825 -12.06 5.23 -24.03
CA GLN A 825 -13.15 5.47 -23.09
C GLN A 825 -12.61 5.82 -21.70
N TYR A 826 -11.58 5.11 -21.25
CA TYR A 826 -11.02 5.30 -19.91
C TYR A 826 -9.54 5.65 -20.07
N THR A 827 -9.22 6.92 -19.85
CA THR A 827 -7.85 7.40 -20.05
C THR A 827 -7.34 8.29 -18.91
N ALA A 828 -8.22 8.78 -18.03
CA ALA A 828 -7.79 9.71 -16.99
C ALA A 828 -6.74 9.12 -16.08
N ALA A 829 -6.75 7.79 -15.88
CA ALA A 829 -5.71 7.16 -15.07
C ALA A 829 -4.34 7.32 -15.71
N CYS A 830 -4.26 7.17 -17.03
CA CYS A 830 -3.00 7.36 -17.73
C CYS A 830 -2.49 8.78 -17.54
N LYS A 831 -3.38 9.77 -17.68
CA LYS A 831 -2.99 11.16 -17.48
C LYS A 831 -2.49 11.38 -16.06
N THR A 832 -3.20 10.81 -15.07
CA THR A 832 -2.79 10.98 -13.69
C THR A 832 -1.39 10.40 -13.45
N ILE A 833 -1.17 9.16 -13.88
CA ILE A 833 0.10 8.49 -13.59
C ILE A 833 1.25 9.22 -14.28
N GLU A 834 1.07 9.63 -15.54
CA GLU A 834 2.17 10.30 -16.23
C GLU A 834 2.40 11.71 -15.66
N SER A 835 1.34 12.45 -15.36
CA SER A 835 1.52 13.76 -14.74
C SER A 835 2.34 13.62 -13.46
N ALA A 836 1.96 12.68 -12.61
CA ALA A 836 2.71 12.45 -11.38
C ALA A 836 4.16 12.09 -11.68
N LEU A 837 4.39 11.22 -12.66
CA LEU A 837 5.75 10.75 -12.93
C LEU A 837 6.65 11.88 -13.40
N GLN A 838 6.29 12.56 -14.50
CA GLN A 838 7.17 13.62 -14.98
C GLN A 838 7.25 14.80 -14.02
N LEU A 839 6.17 15.14 -13.33
CA LEU A 839 6.25 16.23 -12.36
C LEU A 839 7.26 15.90 -11.25
N SER A 840 7.17 14.69 -10.70
CA SER A 840 8.08 14.30 -9.63
C SER A 840 9.51 14.24 -10.12
N ALA A 841 9.72 13.75 -11.34
CA ALA A 841 11.07 13.71 -11.89
C ALA A 841 11.65 15.12 -12.05
N ARG A 842 10.86 16.03 -12.63
CA ARG A 842 11.37 17.37 -12.92
C ARG A 842 11.71 18.12 -11.63
N LEU A 843 10.82 18.07 -10.64
CA LEU A 843 11.07 18.83 -9.42
C LEU A 843 12.32 18.34 -8.71
N GLU A 844 12.50 17.02 -8.59
CA GLU A 844 13.67 16.50 -7.90
C GLU A 844 14.95 16.78 -8.69
N SER A 845 14.88 16.71 -10.02
CA SER A 845 16.06 17.04 -10.82
C SER A 845 16.45 18.51 -10.62
N VAL A 846 15.47 19.40 -10.62
CA VAL A 846 15.77 20.82 -10.45
C VAL A 846 16.40 21.07 -9.09
N GLU A 847 15.83 20.49 -8.03
CA GLU A 847 16.36 20.75 -6.69
C GLU A 847 17.75 20.13 -6.52
N VAL A 848 17.98 18.93 -7.06
CA VAL A 848 19.30 18.31 -6.90
C VAL A 848 20.35 19.07 -7.70
N ASN A 849 19.98 19.61 -8.87
CA ASN A 849 20.92 20.43 -9.61
C ASN A 849 21.20 21.75 -8.89
N SER A 850 20.20 22.28 -8.17
CA SER A 850 20.43 23.50 -7.40
C SER A 850 21.29 23.24 -6.16
N MET A 851 21.26 22.01 -5.64
CA MET A 851 22.00 21.70 -4.41
C MET A 851 23.50 21.83 -4.62
N LEU A 852 24.01 21.37 -5.76
CA LEU A 852 25.45 21.28 -5.98
C LEU A 852 26.10 22.67 -6.01
N THR A 853 27.31 22.75 -5.47
CA THR A 853 28.11 23.96 -5.48
C THR A 853 29.55 23.60 -5.83
N ILE A 854 30.15 24.38 -6.73
CA ILE A 854 31.49 24.10 -7.24
C ILE A 854 32.36 25.34 -7.05
N SER A 855 33.57 25.14 -6.52
CA SER A 855 34.56 26.21 -6.36
C SER A 855 35.78 25.88 -7.20
N GLU A 856 36.23 26.86 -7.99
CA GLU A 856 37.38 26.64 -8.86
C GLU A 856 38.69 26.65 -8.08
N GLU A 857 38.74 27.37 -6.95
CA GLU A 857 39.93 27.34 -6.11
C GLU A 857 40.16 25.94 -5.56
N ALA A 858 39.08 25.27 -5.12
CA ALA A 858 39.19 23.89 -4.70
C ALA A 858 39.58 22.98 -5.86
N LEU A 859 39.15 23.33 -7.08
CA LEU A 859 39.62 22.62 -8.26
C LEU A 859 41.14 22.72 -8.39
N GLN A 860 41.68 23.92 -8.16
CA GLN A 860 43.12 24.11 -8.28
C GLN A 860 43.88 23.39 -7.18
N LEU A 861 43.37 23.44 -5.95
CA LEU A 861 44.09 22.91 -4.80
C LEU A 861 43.86 21.43 -4.55
N ALA A 862 42.97 20.78 -5.31
CA ALA A 862 42.68 19.37 -5.07
C ALA A 862 43.80 18.44 -5.52
N THR A 863 44.76 18.93 -6.31
CA THR A 863 45.79 18.06 -6.84
C THR A 863 46.81 17.69 -5.74
N ILE A 864 47.54 16.60 -5.99
CA ILE A 864 48.57 16.16 -5.04
C ILE A 864 49.66 17.21 -4.94
N SER A 865 50.09 17.77 -6.07
CA SER A 865 51.14 18.78 -6.05
C SER A 865 50.71 20.01 -5.27
N SER A 866 49.45 20.44 -5.45
CA SER A 866 48.94 21.62 -4.74
C SER A 866 48.74 21.36 -3.25
N PHE A 867 48.81 20.12 -2.80
CA PHE A 867 48.64 19.78 -1.40
C PHE A 867 49.99 19.47 -0.77
N ASN A 868 50.29 20.12 0.34
CA ASN A 868 51.55 19.95 1.04
C ASN A 868 51.30 19.12 2.30
N GLY A 869 51.34 17.79 2.15
CA GLY A 869 51.18 16.92 3.30
C GLY A 869 52.32 17.09 4.29
N ASP A 870 51.98 17.13 5.58
CA ASP A 870 52.97 17.28 6.65
C ASP A 870 52.59 16.31 7.76
N GLY A 871 53.16 15.10 7.70
CA GLY A 871 52.84 14.06 8.65
C GLY A 871 51.53 13.35 8.41
N TYR A 872 50.84 13.66 7.31
CA TYR A 872 49.57 13.04 6.97
C TYR A 872 49.61 12.58 5.52
N ASN A 873 48.89 11.50 5.22
CA ASN A 873 49.03 10.88 3.91
C ASN A 873 48.10 11.52 2.87
N PHE A 874 46.79 11.43 3.08
CA PHE A 874 45.79 12.00 2.16
C PHE A 874 46.06 11.58 0.72
N THR A 875 46.52 10.34 0.53
CA THR A 875 46.81 9.82 -0.79
C THR A 875 45.68 8.96 -1.35
N ASN A 876 45.16 8.02 -0.55
CA ASN A 876 44.03 7.21 -1.00
C ASN A 876 42.76 8.04 -1.10
N VAL A 877 42.71 9.21 -0.47
CA VAL A 877 41.54 10.08 -0.54
C VAL A 877 41.63 11.05 -1.71
N LEU A 878 42.76 11.75 -1.84
CA LEU A 878 42.92 12.70 -2.93
C LEU A 878 43.00 11.98 -4.27
N GLY A 879 42.41 12.58 -5.29
CA GLY A 879 42.36 11.97 -6.60
C GLY A 879 43.69 12.06 -7.33
N VAL A 880 43.75 11.37 -8.46
CA VAL A 880 44.95 11.29 -9.29
C VAL A 880 44.79 12.26 -10.44
N SER A 881 45.72 13.21 -10.55
CA SER A 881 45.66 14.27 -11.55
C SER A 881 46.39 13.85 -12.82
N VAL A 882 46.67 14.82 -13.69
CA VAL A 882 47.37 14.68 -14.97
C VAL A 882 46.98 13.41 -15.71
N TYR A 883 45.72 13.34 -16.13
CA TYR A 883 45.22 12.26 -16.98
C TYR A 883 44.87 12.83 -18.34
N ASP A 884 45.41 12.24 -19.40
CA ASP A 884 45.21 12.71 -20.77
C ASP A 884 44.48 11.64 -21.58
N PRO A 885 43.15 11.72 -21.69
CA PRO A 885 42.42 10.78 -22.53
C PRO A 885 42.43 11.19 -24.00
N ALA A 886 41.65 10.49 -24.83
CA ALA A 886 41.55 10.85 -26.24
C ALA A 886 41.03 12.27 -26.43
N ARG A 887 40.35 12.83 -25.43
CA ARG A 887 39.93 14.23 -25.51
C ARG A 887 41.13 15.17 -25.59
N GLY A 888 42.19 14.86 -24.83
CA GLY A 888 43.39 15.67 -24.83
C GLY A 888 43.47 16.72 -23.74
N ARG A 889 42.61 16.66 -22.73
CA ARG A 889 42.60 17.62 -21.64
C ARG A 889 42.77 16.89 -20.31
N VAL A 890 43.42 17.56 -19.36
CA VAL A 890 43.68 16.97 -18.05
C VAL A 890 42.36 16.75 -17.32
N VAL A 891 42.15 15.53 -16.83
CA VAL A 891 40.92 15.15 -16.16
C VAL A 891 41.26 14.47 -14.83
N GLN A 892 40.26 14.41 -13.97
CA GLN A 892 40.40 13.81 -12.64
C GLN A 892 39.69 12.46 -12.62
N LYS A 893 40.38 11.45 -12.09
CA LYS A 893 39.86 10.09 -12.01
C LYS A 893 39.65 9.70 -10.55
N ARG A 894 39.19 8.47 -10.34
CA ARG A 894 38.95 7.97 -8.99
C ARG A 894 40.26 7.73 -8.25
N SER A 895 40.22 7.93 -6.94
CA SER A 895 41.34 7.61 -6.07
C SER A 895 41.24 6.14 -5.65
N PHE A 896 42.01 5.75 -4.64
CA PHE A 896 42.11 4.33 -4.28
C PHE A 896 40.80 3.81 -3.69
N ILE A 897 40.36 4.39 -2.58
CA ILE A 897 39.30 3.77 -1.79
C ILE A 897 37.99 3.69 -2.58
N GLU A 898 37.63 4.78 -3.27
CA GLU A 898 36.36 4.76 -3.98
C GLU A 898 36.41 3.85 -5.20
N ASP A 899 37.54 3.82 -5.91
CA ASP A 899 37.66 2.89 -7.03
C ASP A 899 37.58 1.45 -6.54
N LEU A 900 38.11 1.18 -5.35
CA LEU A 900 37.94 -0.14 -4.75
C LEU A 900 36.46 -0.43 -4.49
N LEU A 901 35.75 0.51 -3.88
CA LEU A 901 34.38 0.21 -3.47
C LEU A 901 33.44 0.07 -4.65
N PHE A 902 33.60 0.87 -5.72
CA PHE A 902 32.76 0.66 -6.90
C PHE A 902 32.93 -0.73 -7.48
N ASN A 903 34.19 -1.15 -7.70
CA ASN A 903 34.39 -2.48 -8.28
C ASN A 903 34.06 -3.59 -7.30
N LYS A 904 33.95 -3.29 -6.00
CA LYS A 904 33.51 -4.31 -5.06
C LYS A 904 32.00 -4.49 -5.10
N VAL A 905 31.24 -3.40 -4.96
CA VAL A 905 29.79 -3.52 -4.85
C VAL A 905 29.11 -3.56 -6.22
N VAL A 906 29.70 -2.94 -7.23
CA VAL A 906 29.08 -2.82 -8.55
C VAL A 906 29.84 -3.75 -9.50
N THR A 907 29.13 -4.70 -10.09
CA THR A 907 29.70 -5.56 -11.11
C THR A 907 29.71 -4.83 -12.46
N ASN A 908 30.77 -5.03 -13.22
CA ASN A 908 30.89 -4.36 -14.52
C ASN A 908 29.75 -4.81 -15.44
N GLY A 909 29.16 -3.85 -16.14
CA GLY A 909 28.04 -4.11 -17.00
C GLY A 909 26.69 -4.12 -16.34
N LEU A 910 26.60 -3.70 -15.08
CA LEU A 910 25.34 -3.66 -14.36
C LEU A 910 24.52 -2.47 -14.81
N GLY A 911 23.40 -2.23 -14.15
CA GLY A 911 22.52 -1.12 -14.47
C GLY A 911 22.95 0.23 -13.97
N THR A 912 24.02 0.30 -13.17
CA THR A 912 24.51 1.59 -12.68
C THR A 912 25.00 2.47 -13.82
N VAL A 913 25.73 1.89 -14.78
CA VAL A 913 26.24 2.65 -15.91
C VAL A 913 25.08 2.97 -16.86
N ASP A 914 25.22 4.09 -17.58
CA ASP A 914 24.22 4.46 -18.57
C ASP A 914 24.12 3.40 -19.66
N GLU A 915 22.89 3.14 -20.10
CA GLU A 915 22.63 2.09 -21.08
C GLU A 915 22.37 2.72 -22.45
N ASP A 916 23.13 2.27 -23.45
CA ASP A 916 22.93 2.73 -24.81
C ASP A 916 21.75 1.99 -25.43
N TYR A 917 20.70 2.73 -25.78
CA TYR A 917 19.49 2.12 -26.33
C TYR A 917 19.56 1.94 -27.85
N LYS A 918 20.61 2.44 -28.49
CA LYS A 918 20.76 2.28 -29.94
C LYS A 918 20.89 0.82 -30.31
N ARG A 919 21.63 0.04 -29.49
CA ARG A 919 21.83 -1.37 -29.80
C ARG A 919 20.51 -2.15 -29.77
N CYS A 920 19.54 -1.70 -28.98
CA CYS A 920 18.25 -2.38 -28.95
C CYS A 920 17.56 -2.31 -30.31
N SER A 921 17.63 -1.15 -30.97
CA SER A 921 17.06 -1.01 -32.30
C SER A 921 18.00 -1.45 -33.41
N ASN A 922 19.27 -1.67 -33.09
CA ASN A 922 20.22 -2.10 -34.13
C ASN A 922 19.87 -3.47 -34.67
N GLY A 923 19.56 -4.42 -33.80
CA GLY A 923 19.12 -5.73 -34.23
C GLY A 923 20.25 -6.73 -34.42
N ARG A 924 19.95 -7.76 -35.21
CA ARG A 924 20.82 -8.89 -35.53
C ARG A 924 21.64 -9.37 -34.34
N SER A 925 21.04 -9.36 -33.15
CA SER A 925 21.67 -9.91 -31.96
C SER A 925 20.57 -10.38 -31.01
N VAL A 926 20.93 -11.35 -30.17
CA VAL A 926 19.98 -11.87 -29.18
C VAL A 926 19.72 -10.76 -28.16
N ALA A 927 18.49 -10.25 -28.12
CA ALA A 927 18.17 -9.14 -27.26
C ALA A 927 18.33 -9.51 -25.80
N ASP A 928 18.91 -8.60 -25.03
CA ASP A 928 19.09 -8.80 -23.59
C ASP A 928 17.80 -8.44 -22.86
N LEU A 929 17.86 -8.40 -21.53
CA LEU A 929 16.68 -8.06 -20.76
C LEU A 929 16.26 -6.61 -20.96
N VAL A 930 17.23 -5.71 -21.14
CA VAL A 930 16.91 -4.28 -21.24
C VAL A 930 16.00 -4.03 -22.43
N CYS A 931 16.31 -4.63 -23.58
CA CYS A 931 15.46 -4.45 -24.76
C CYS A 931 14.06 -5.00 -24.53
N ALA A 932 13.89 -5.97 -23.62
CA ALA A 932 12.57 -6.53 -23.37
C ALA A 932 11.62 -5.48 -22.82
N GLN A 933 12.01 -4.79 -21.75
CA GLN A 933 11.16 -3.70 -21.25
C GLN A 933 11.25 -2.46 -22.12
N TYR A 934 12.29 -2.32 -22.96
CA TYR A 934 12.25 -1.26 -23.95
C TYR A 934 11.10 -1.47 -24.93
N TYR A 935 10.93 -2.70 -25.41
CA TYR A 935 9.79 -3.02 -26.26
C TYR A 935 8.48 -2.93 -25.48
N SER A 936 8.51 -3.33 -24.21
CA SER A 936 7.30 -3.25 -23.39
C SER A 936 6.86 -1.80 -23.20
N GLY A 937 7.81 -0.88 -23.02
CA GLY A 937 7.48 0.52 -22.88
C GLY A 937 8.13 1.18 -21.68
N VAL A 938 8.88 0.40 -20.90
CA VAL A 938 9.54 0.94 -19.71
C VAL A 938 10.82 1.65 -20.14
N MET A 939 10.88 2.95 -19.88
CA MET A 939 12.05 3.77 -20.18
C MET A 939 12.80 4.03 -18.88
N VAL A 940 14.06 3.60 -18.84
CA VAL A 940 14.93 3.86 -17.70
C VAL A 940 15.66 5.17 -18.00
N LEU A 941 15.30 6.22 -17.27
CA LEU A 941 15.87 7.53 -17.54
C LEU A 941 17.36 7.55 -17.20
N PRO A 942 18.14 8.35 -17.91
CA PRO A 942 19.56 8.49 -17.57
C PRO A 942 19.71 9.11 -16.19
N GLY A 943 20.82 8.77 -15.53
CA GLY A 943 21.08 9.30 -14.20
C GLY A 943 21.08 10.82 -14.21
N VAL A 944 20.41 11.41 -13.22
CA VAL A 944 20.32 12.86 -13.14
C VAL A 944 21.70 13.48 -12.92
N VAL A 945 22.55 12.81 -12.16
CA VAL A 945 23.90 13.28 -11.88
C VAL A 945 24.89 12.20 -12.27
N ASP A 946 25.96 12.60 -12.95
CA ASP A 946 27.00 11.67 -13.35
C ASP A 946 27.98 11.45 -12.19
N ALA A 947 28.57 10.26 -12.16
CA ALA A 947 29.51 9.91 -11.10
C ALA A 947 30.70 10.85 -11.08
N GLU A 948 31.15 11.31 -12.25
CA GLU A 948 32.24 12.27 -12.30
C GLU A 948 31.86 13.57 -11.62
N LYS A 949 30.59 13.98 -11.72
CA LYS A 949 30.14 15.18 -11.03
C LYS A 949 30.22 15.00 -9.51
N LEU A 950 29.83 13.82 -9.01
CA LEU A 950 29.97 13.55 -7.58
C LEU A 950 31.43 13.53 -7.16
N HIS A 951 32.31 12.95 -7.98
CA HIS A 951 33.73 12.96 -7.66
C HIS A 951 34.28 14.37 -7.58
N MET A 952 33.90 15.22 -8.55
CA MET A 952 34.33 16.61 -8.54
C MET A 952 33.79 17.35 -7.32
N TYR A 953 32.52 17.09 -6.97
CA TYR A 953 31.94 17.72 -5.79
C TYR A 953 32.67 17.30 -4.53
N SER A 954 33.02 16.01 -4.42
CA SER A 954 33.76 15.55 -3.26
C SER A 954 35.13 16.20 -3.18
N ALA A 955 35.82 16.32 -4.32
CA ALA A 955 37.13 16.98 -4.32
C ALA A 955 37.00 18.44 -3.91
N SER A 956 35.98 19.13 -4.43
CA SER A 956 35.79 20.53 -4.08
C SER A 956 35.50 20.69 -2.60
N LEU A 957 34.66 19.81 -2.04
CA LEU A 957 34.34 19.90 -0.62
C LEU A 957 35.58 19.64 0.24
N ILE A 958 36.37 18.62 -0.11
CA ILE A 958 37.53 18.31 0.72
C ILE A 958 38.62 19.35 0.56
N GLY A 959 38.62 20.12 -0.54
CA GLY A 959 39.61 21.17 -0.67
C GLY A 959 39.30 22.46 0.07
N GLY A 960 38.16 22.53 0.74
CA GLY A 960 37.77 23.76 1.42
C GLY A 960 38.65 24.11 2.60
N MET A 961 39.07 23.11 3.37
CA MET A 961 39.83 23.38 4.59
C MET A 961 41.16 24.05 4.29
N VAL A 962 41.87 23.56 3.27
CA VAL A 962 43.18 24.12 2.93
C VAL A 962 43.09 25.48 2.26
N LEU A 963 41.89 25.92 1.91
CA LEU A 963 41.69 27.20 1.23
C LEU A 963 41.94 28.34 2.22
N GLY A 964 43.10 28.97 2.09
CA GLY A 964 43.41 30.11 2.93
C GLY A 964 42.96 31.42 2.33
N GLY A 965 43.88 32.35 2.15
CA GLY A 965 43.54 33.61 1.52
C GLY A 965 43.35 33.49 0.02
N PHE A 966 42.70 34.50 -0.55
CA PHE A 966 42.48 34.52 -1.99
C PHE A 966 43.80 34.69 -2.74
N THR A 967 43.94 33.93 -3.83
CA THR A 967 45.15 33.91 -4.64
C THR A 967 46.37 33.62 -3.77
N ALA A 968 46.26 32.57 -2.97
CA ALA A 968 47.34 32.18 -2.09
C ALA A 968 48.52 31.63 -2.90
N ALA A 969 49.72 32.09 -2.56
CA ALA A 969 50.91 31.58 -3.24
C ALA A 969 51.13 30.11 -2.95
N ALA A 970 50.95 29.69 -1.71
CA ALA A 970 51.11 28.30 -1.31
C ALA A 970 49.99 27.92 -0.35
N ALA A 971 49.58 26.65 -0.42
CA ALA A 971 48.54 26.16 0.46
C ALA A 971 49.04 26.10 1.89
N LEU A 972 48.17 26.46 2.83
CA LEU A 972 48.55 26.44 4.23
C LEU A 972 48.69 25.01 4.73
N PRO A 973 49.69 24.72 5.56
CA PRO A 973 49.86 23.35 6.06
C PRO A 973 48.68 22.89 6.89
N PHE A 974 48.39 21.59 6.81
CA PHE A 974 47.26 21.03 7.55
C PHE A 974 47.50 21.09 9.05
N SER A 975 48.75 21.02 9.49
CA SER A 975 49.05 21.10 10.91
C SER A 975 48.62 22.44 11.49
N TYR A 976 48.77 23.52 10.71
CA TYR A 976 48.30 24.83 11.16
C TYR A 976 46.79 24.84 11.35
N ALA A 977 46.05 24.20 10.44
CA ALA A 977 44.60 24.11 10.60
C ALA A 977 44.23 23.29 11.83
N VAL A 978 44.97 22.20 12.08
CA VAL A 978 44.71 21.40 13.28
C VAL A 978 44.95 22.23 14.53
N GLN A 979 46.05 23.00 14.55
CA GLN A 979 46.32 23.88 15.68
C GLN A 979 45.21 24.92 15.84
N ALA A 980 44.71 25.44 14.72
CA ALA A 980 43.64 26.42 14.76
C ALA A 980 42.38 25.83 15.39
N ARG A 981 42.01 24.62 14.99
CA ARG A 981 40.83 23.97 15.56
C ARG A 981 41.01 23.69 17.04
N LEU A 982 42.21 23.21 17.42
CA LEU A 982 42.48 22.94 18.83
C LEU A 982 42.38 24.22 19.65
N ASN A 983 42.92 25.33 19.14
CA ASN A 983 42.80 26.60 19.85
C ASN A 983 41.37 27.07 19.91
N TYR A 984 40.59 26.83 18.85
CA TYR A 984 39.20 27.28 18.83
C TYR A 984 38.38 26.56 19.90
N LEU A 985 38.57 25.25 20.03
CA LEU A 985 37.80 24.52 21.02
C LEU A 985 38.17 24.95 22.44
N ALA A 986 39.46 25.20 22.68
CA ALA A 986 39.93 25.66 23.97
C ALA A 986 41.35 26.19 23.82
N LEU A 987 41.74 27.09 24.72
CA LEU A 987 43.09 27.63 24.69
C LEU A 987 44.10 26.56 25.08
N GLN A 988 45.29 26.63 24.49
CA GLN A 988 46.36 25.70 24.78
C GLN A 988 47.67 26.47 25.00
N THR A 989 48.52 25.91 25.86
CA THR A 989 49.84 26.46 26.12
C THR A 989 50.96 25.53 25.72
N ASP A 990 50.65 24.37 25.14
CA ASP A 990 51.65 23.38 24.75
C ASP A 990 51.89 23.51 23.24
N VAL A 991 53.08 23.97 22.88
CA VAL A 991 53.45 24.15 21.48
C VAL A 991 54.78 23.46 21.24
N LEU A 992 55.08 22.46 22.09
CA LEU A 992 56.36 21.77 22.06
C LEU A 992 56.45 20.70 20.98
N GLN A 993 55.39 20.52 20.19
CA GLN A 993 55.40 19.81 18.92
C GLN A 993 55.50 18.29 19.05
N ARG A 994 55.71 17.76 20.27
CA ARG A 994 55.60 16.31 20.42
C ARG A 994 54.15 15.86 20.32
N ASN A 995 53.20 16.67 20.82
CA ASN A 995 51.79 16.33 20.66
C ASN A 995 51.41 16.28 19.18
N GLN A 996 51.93 17.23 18.39
CA GLN A 996 51.58 17.26 16.98
C GLN A 996 52.04 16.01 16.26
N GLN A 997 53.28 15.60 16.48
CA GLN A 997 53.79 14.41 15.80
C GLN A 997 53.11 13.15 16.30
N LEU A 998 52.85 13.07 17.61
CA LEU A 998 52.14 11.90 18.14
C LEU A 998 50.76 11.78 17.51
N LEU A 999 50.03 12.89 17.43
CA LEU A 999 48.70 12.87 16.83
C LEU A 999 48.76 12.51 15.37
N ALA A 1000 49.74 13.05 14.64
CA ALA A 1000 49.86 12.76 13.20
C ALA A 1000 50.16 11.29 12.96
N GLU A 1001 51.08 10.70 13.72
CA GLU A 1001 51.40 9.30 13.53
C GLU A 1001 50.22 8.41 13.93
N SER A 1002 49.49 8.80 14.98
CA SER A 1002 48.29 8.06 15.35
C SER A 1002 47.25 8.10 14.23
N PHE A 1003 47.08 9.28 13.61
CA PHE A 1003 46.15 9.42 12.50
C PHE A 1003 46.56 8.55 11.32
N ASN A 1004 47.86 8.53 10.99
CA ASN A 1004 48.33 7.72 9.88
C ASN A 1004 48.10 6.23 10.16
N SER A 1005 48.39 5.79 11.39
CA SER A 1005 48.13 4.39 11.74
C SER A 1005 46.65 4.06 11.66
N ALA A 1006 45.80 4.97 12.14
CA ALA A 1006 44.37 4.73 12.13
C ALA A 1006 43.83 4.65 10.71
N ILE A 1007 44.26 5.55 9.83
CA ILE A 1007 43.78 5.47 8.45
C ILE A 1007 44.30 4.21 7.78
N GLY A 1008 45.53 3.79 8.11
CA GLY A 1008 46.05 2.55 7.54
C GLY A 1008 45.22 1.35 7.95
N ASN A 1009 44.90 1.23 9.24
CA ASN A 1009 44.17 0.05 9.67
C ASN A 1009 42.70 0.10 9.26
N ILE A 1010 42.11 1.29 9.12
CA ILE A 1010 40.74 1.32 8.60
C ILE A 1010 40.71 0.95 7.12
N THR A 1011 41.71 1.39 6.35
CA THR A 1011 41.79 0.98 4.96
C THR A 1011 42.00 -0.52 4.85
N SER A 1012 42.81 -1.10 5.74
CA SER A 1012 42.96 -2.55 5.78
C SER A 1012 41.64 -3.23 6.14
N ALA A 1013 40.91 -2.66 7.10
CA ALA A 1013 39.63 -3.22 7.51
C ALA A 1013 38.59 -3.14 6.41
N PHE A 1014 38.76 -2.24 5.43
CA PHE A 1014 37.84 -2.23 4.29
C PHE A 1014 37.91 -3.53 3.51
N GLU A 1015 39.03 -4.25 3.57
CA GLU A 1015 39.23 -5.49 2.83
C GLU A 1015 39.27 -6.65 3.80
N SER A 1016 38.46 -7.68 3.53
CA SER A 1016 38.39 -8.89 4.35
C SER A 1016 38.07 -8.55 5.81
N VAL A 1017 36.98 -7.81 6.01
CA VAL A 1017 36.61 -7.37 7.35
C VAL A 1017 36.19 -8.57 8.21
N LYS A 1018 35.53 -9.56 7.61
CA LYS A 1018 35.02 -10.71 8.36
C LYS A 1018 36.11 -11.64 8.84
N GLU A 1019 37.36 -11.45 8.41
CA GLU A 1019 38.44 -12.35 8.82
C GLU A 1019 38.67 -12.31 10.32
N ALA A 1020 38.66 -11.11 10.91
CA ALA A 1020 38.88 -10.95 12.34
C ALA A 1020 37.87 -9.96 12.93
N SER A 1021 36.63 -10.02 12.46
CA SER A 1021 35.59 -9.12 12.95
C SER A 1021 35.02 -9.63 14.26
N SER A 1022 34.84 -8.72 15.21
CA SER A 1022 34.25 -9.02 16.50
C SER A 1022 32.88 -8.36 16.62
N GLN A 1023 32.20 -8.65 17.73
CA GLN A 1023 30.90 -8.02 17.97
C GLN A 1023 31.04 -6.52 18.14
N THR A 1024 32.18 -6.05 18.65
CA THR A 1024 32.41 -4.61 18.74
C THR A 1024 32.71 -4.02 17.37
N SER A 1025 33.46 -4.76 16.54
CA SER A 1025 33.82 -4.27 15.22
C SER A 1025 32.61 -4.09 14.30
N ARG A 1026 31.51 -4.77 14.59
CA ARG A 1026 30.29 -4.67 13.79
C ARG A 1026 29.23 -3.80 14.47
N GLY A 1027 29.64 -2.90 15.37
CA GLY A 1027 28.72 -2.06 16.09
C GLY A 1027 28.27 -0.86 15.29
N LEU A 1028 27.64 0.07 16.00
CA LEU A 1028 27.15 1.29 15.38
C LEU A 1028 28.30 2.17 14.91
N ASN A 1029 28.09 2.86 13.79
CA ASN A 1029 29.08 3.77 13.21
C ASN A 1029 30.40 3.06 12.92
N THR A 1030 30.30 1.82 12.43
CA THR A 1030 31.46 1.02 12.08
C THR A 1030 31.46 0.76 10.58
N VAL A 1031 32.64 0.38 10.07
CA VAL A 1031 32.79 0.15 8.63
C VAL A 1031 31.91 -1.01 8.18
N ALA A 1032 31.80 -2.06 9.00
CA ALA A 1032 31.01 -3.23 8.63
C ALA A 1032 29.54 -2.85 8.47
N HIS A 1033 29.01 -2.05 9.41
CA HIS A 1033 27.62 -1.63 9.32
C HIS A 1033 27.36 -0.83 8.05
N ALA A 1034 28.25 0.10 7.73
CA ALA A 1034 28.08 0.92 6.54
C ALA A 1034 28.12 0.05 5.28
N LEU A 1035 29.09 -0.86 5.21
CA LEU A 1035 29.22 -1.67 4.00
C LEU A 1035 28.02 -2.59 3.83
N THR A 1036 27.54 -3.21 4.90
CA THR A 1036 26.37 -4.08 4.75
C THR A 1036 25.13 -3.27 4.40
N LYS A 1037 24.99 -2.07 4.98
CA LYS A 1037 23.84 -1.22 4.66
C LYS A 1037 23.84 -0.85 3.19
N VAL A 1038 24.97 -0.39 2.67
CA VAL A 1038 25.03 0.02 1.27
C VAL A 1038 24.89 -1.18 0.35
N GLN A 1039 25.46 -2.33 0.73
CA GLN A 1039 25.38 -3.52 -0.09
C GLN A 1039 23.93 -3.98 -0.23
N GLU A 1040 23.16 -3.93 0.86
CA GLU A 1040 21.76 -4.32 0.76
C GLU A 1040 20.94 -3.27 0.02
N VAL A 1041 21.19 -1.98 0.28
CA VAL A 1041 20.35 -0.94 -0.29
C VAL A 1041 20.56 -0.82 -1.80
N VAL A 1042 21.76 -1.12 -2.30
CA VAL A 1042 21.97 -1.02 -3.73
C VAL A 1042 21.14 -2.05 -4.48
N ASN A 1043 21.05 -3.28 -3.95
CA ASN A 1043 20.21 -4.29 -4.58
C ASN A 1043 18.74 -3.99 -4.34
N SER A 1044 18.41 -3.40 -3.19
CA SER A 1044 17.02 -3.02 -2.92
C SER A 1044 16.54 -1.97 -3.92
N GLN A 1045 17.37 -0.98 -4.22
CA GLN A 1045 16.97 0.04 -5.18
C GLN A 1045 17.02 -0.49 -6.61
N GLY A 1046 17.94 -1.40 -6.90
CA GLY A 1046 17.98 -2.00 -8.22
C GLY A 1046 16.87 -2.98 -8.50
N ALA A 1047 16.14 -3.41 -7.48
CA ALA A 1047 15.04 -4.34 -7.63
C ALA A 1047 13.73 -3.58 -7.83
N ALA A 1048 12.61 -4.29 -7.68
CA ALA A 1048 11.26 -3.71 -7.76
C ALA A 1048 10.94 -3.20 -9.16
N LEU A 1049 11.62 -3.74 -10.18
CA LEU A 1049 11.31 -3.42 -11.56
C LEU A 1049 11.07 -4.69 -12.36
N THR A 1050 11.77 -5.76 -12.00
CA THR A 1050 11.66 -7.02 -12.75
C THR A 1050 10.26 -7.61 -12.65
N GLN A 1051 9.65 -7.54 -11.46
CA GLN A 1051 8.33 -8.13 -11.27
C GLN A 1051 7.25 -7.39 -12.05
N LEU A 1052 7.51 -6.14 -12.47
CA LEU A 1052 6.53 -5.39 -13.23
C LEU A 1052 6.22 -6.07 -14.56
N THR A 1053 7.22 -6.73 -15.15
CA THR A 1053 6.98 -7.46 -16.39
C THR A 1053 6.19 -8.74 -16.15
N VAL A 1054 6.29 -9.30 -14.94
CA VAL A 1054 5.75 -10.64 -14.68
C VAL A 1054 4.24 -10.67 -14.88
N GLN A 1055 3.52 -9.71 -14.30
CA GLN A 1055 2.06 -9.79 -14.35
C GLN A 1055 1.50 -9.61 -15.75
N LEU A 1056 2.30 -9.17 -16.72
CA LEU A 1056 1.84 -9.12 -18.10
C LEU A 1056 1.54 -10.52 -18.63
N GLN A 1057 2.38 -11.49 -18.29
CA GLN A 1057 2.14 -12.87 -18.70
C GLN A 1057 0.90 -13.45 -18.04
N HIS A 1058 0.55 -12.96 -16.85
CA HIS A 1058 -0.61 -13.47 -16.14
C HIS A 1058 -1.89 -13.23 -16.94
N ASN A 1059 -2.73 -14.27 -17.01
CA ASN A 1059 -4.00 -14.20 -17.71
C ASN A 1059 -5.12 -13.92 -16.73
N PHE A 1060 -5.92 -12.89 -17.02
CA PHE A 1060 -7.02 -12.50 -16.16
C PHE A 1060 -8.30 -13.08 -16.73
N GLN A 1061 -8.63 -14.31 -16.31
CA GLN A 1061 -9.84 -15.04 -16.69
C GLN A 1061 -10.16 -14.88 -18.16
N ALA A 1062 -9.13 -15.02 -18.99
CA ALA A 1062 -9.26 -14.89 -20.44
C ALA A 1062 -8.62 -16.11 -21.09
N ILE A 1063 -8.89 -16.27 -22.40
CA ILE A 1063 -8.40 -17.44 -23.13
C ILE A 1063 -6.88 -17.43 -23.19
N SER A 1064 -6.28 -16.27 -23.48
CA SER A 1064 -4.84 -16.16 -23.54
C SER A 1064 -4.43 -14.75 -23.19
N SER A 1065 -3.16 -14.60 -22.82
CA SER A 1065 -2.62 -13.30 -22.42
C SER A 1065 -2.27 -12.42 -23.61
N SER A 1066 -2.24 -12.96 -24.83
CA SER A 1066 -1.92 -12.19 -26.02
C SER A 1066 -3.21 -11.62 -26.60
N ILE A 1067 -3.30 -10.29 -26.64
CA ILE A 1067 -4.51 -9.65 -27.14
C ILE A 1067 -4.66 -9.88 -28.64
N ASP A 1068 -3.55 -9.87 -29.38
CA ASP A 1068 -3.60 -10.16 -30.81
C ASP A 1068 -4.09 -11.57 -31.08
N ASP A 1069 -3.67 -12.53 -30.25
CA ASP A 1069 -4.14 -13.90 -30.39
C ASP A 1069 -5.65 -13.97 -30.21
N ILE A 1070 -6.18 -13.29 -29.20
CA ILE A 1070 -7.60 -13.38 -28.89
C ILE A 1070 -8.43 -12.67 -29.96
N TYR A 1071 -7.96 -11.51 -30.42
CA TYR A 1071 -8.79 -10.67 -31.29
C TYR A 1071 -9.06 -11.32 -32.64
N SER A 1072 -8.11 -12.11 -33.15
CA SER A 1072 -8.24 -12.70 -34.48
C SER A 1072 -8.78 -14.12 -34.46
N ARG A 1073 -9.20 -14.64 -33.29
CA ARG A 1073 -9.71 -16.00 -33.20
C ARG A 1073 -11.13 -16.08 -32.66
N LEU A 1074 -11.65 -15.04 -32.02
CA LEU A 1074 -12.96 -15.09 -31.39
C LEU A 1074 -13.71 -13.81 -31.75
N ASP A 1075 -15.04 -13.88 -31.62
CA ASP A 1075 -15.90 -12.75 -31.97
C ASP A 1075 -15.52 -11.50 -31.20
N ILE A 1076 -15.89 -10.35 -31.76
CA ILE A 1076 -15.47 -9.06 -31.22
C ILE A 1076 -16.03 -8.83 -29.81
N LEU A 1077 -17.18 -9.43 -29.49
CA LEU A 1077 -17.89 -9.07 -28.26
C LEU A 1077 -17.17 -9.60 -27.02
N SER A 1078 -17.05 -10.93 -26.91
CA SER A 1078 -16.39 -11.50 -25.75
C SER A 1078 -14.91 -11.14 -25.74
N ALA A 1079 -14.29 -11.00 -26.90
CA ALA A 1079 -12.90 -10.55 -26.94
C ALA A 1079 -12.76 -9.15 -26.37
N ASP A 1080 -13.71 -8.25 -26.70
CA ASP A 1080 -13.68 -6.92 -26.13
C ASP A 1080 -13.88 -6.97 -24.62
N VAL A 1081 -14.79 -7.81 -24.14
CA VAL A 1081 -15.00 -7.94 -22.69
C VAL A 1081 -13.71 -8.42 -22.01
N GLN A 1082 -13.07 -9.43 -22.59
CA GLN A 1082 -11.86 -9.99 -22.00
C GLN A 1082 -10.72 -8.98 -22.02
N VAL A 1083 -10.56 -8.23 -23.11
CA VAL A 1083 -9.49 -7.23 -23.15
C VAL A 1083 -9.80 -6.08 -22.21
N ASP A 1084 -11.08 -5.78 -21.98
CA ASP A 1084 -11.42 -4.81 -20.95
C ASP A 1084 -10.98 -5.28 -19.57
N ARG A 1085 -11.23 -6.56 -19.28
CA ARG A 1085 -10.74 -7.12 -18.02
C ARG A 1085 -9.23 -7.04 -17.93
N LEU A 1086 -8.54 -7.37 -19.03
CA LEU A 1086 -7.09 -7.33 -19.06
C LEU A 1086 -6.56 -5.92 -18.78
N ILE A 1087 -7.11 -4.92 -19.48
CA ILE A 1087 -6.60 -3.57 -19.31
C ILE A 1087 -6.93 -3.04 -17.92
N THR A 1088 -8.10 -3.39 -17.38
CA THR A 1088 -8.43 -2.94 -16.02
C THR A 1088 -7.46 -3.52 -15.00
N GLY A 1089 -7.17 -4.82 -15.10
CA GLY A 1089 -6.22 -5.42 -14.18
C GLY A 1089 -4.83 -4.83 -14.32
N ARG A 1090 -4.38 -4.64 -15.55
CA ARG A 1090 -3.05 -4.09 -15.78
C ARG A 1090 -2.95 -2.65 -15.26
N LEU A 1091 -4.00 -1.84 -15.48
CA LEU A 1091 -3.95 -0.47 -15.00
C LEU A 1091 -4.01 -0.42 -13.48
N SER A 1092 -4.74 -1.33 -12.85
CA SER A 1092 -4.73 -1.39 -11.39
C SER A 1092 -3.33 -1.76 -10.87
N ALA A 1093 -2.67 -2.71 -11.53
CA ALA A 1093 -1.33 -3.10 -11.11
C ALA A 1093 -0.35 -1.94 -11.22
N LEU A 1094 -0.41 -1.21 -12.34
CA LEU A 1094 0.48 -0.07 -12.47
C LEU A 1094 0.08 1.09 -11.56
N ASN A 1095 -1.21 1.17 -11.19
CA ASN A 1095 -1.60 2.14 -10.17
C ASN A 1095 -0.93 1.83 -8.85
N ALA A 1096 -0.92 0.55 -8.46
CA ALA A 1096 -0.20 0.17 -7.24
C ALA A 1096 1.29 0.48 -7.37
N PHE A 1097 1.86 0.20 -8.54
CA PHE A 1097 3.28 0.49 -8.78
C PHE A 1097 3.58 1.98 -8.61
N VAL A 1098 2.80 2.83 -9.27
CA VAL A 1098 3.06 4.27 -9.19
C VAL A 1098 2.80 4.79 -7.78
N ALA A 1099 1.82 4.21 -7.08
CA ALA A 1099 1.63 4.58 -5.68
C ALA A 1099 2.88 4.25 -4.86
N GLN A 1100 3.50 3.11 -5.13
CA GLN A 1100 4.75 2.78 -4.44
C GLN A 1100 5.87 3.75 -4.81
N THR A 1101 5.85 4.30 -6.04
CA THR A 1101 6.95 5.14 -6.49
C THR A 1101 7.08 6.42 -5.66
N LEU A 1102 6.04 7.26 -5.65
CA LEU A 1102 6.15 8.49 -4.87
C LEU A 1102 6.25 8.21 -3.38
N THR A 1103 5.73 7.07 -2.94
CA THR A 1103 5.95 6.64 -1.57
C THR A 1103 7.44 6.49 -1.28
N LYS A 1104 8.17 5.88 -2.22
CA LYS A 1104 9.62 5.82 -2.09
C LYS A 1104 10.24 7.21 -2.16
N TYR A 1105 9.71 8.07 -3.02
CA TYR A 1105 10.24 9.43 -3.14
C TYR A 1105 10.15 10.21 -1.84
N THR A 1106 9.16 9.93 -1.00
CA THR A 1106 8.96 10.71 0.22
C THR A 1106 10.14 10.56 1.18
N GLU A 1107 10.53 9.32 1.52
CA GLU A 1107 11.57 9.17 2.52
C GLU A 1107 12.93 9.60 1.99
N VAL A 1108 13.17 9.45 0.68
CA VAL A 1108 14.42 9.96 0.15
C VAL A 1108 14.43 11.48 0.20
N GLN A 1109 13.28 12.12 -0.01
CA GLN A 1109 13.19 13.57 0.22
C GLN A 1109 13.61 13.92 1.64
N ALA A 1110 13.01 13.25 2.63
CA ALA A 1110 13.32 13.57 4.03
C ALA A 1110 14.79 13.29 4.35
N SER A 1111 15.30 12.15 3.90
CA SER A 1111 16.68 11.76 4.18
C SER A 1111 17.66 12.71 3.51
N ARG A 1112 17.37 13.16 2.30
CA ARG A 1112 18.24 14.13 1.63
C ARG A 1112 18.21 15.47 2.34
N LYS A 1113 17.05 15.87 2.86
CA LYS A 1113 17.02 17.07 3.71
C LYS A 1113 17.95 16.92 4.89
N LEU A 1114 17.86 15.79 5.59
CA LEU A 1114 18.74 15.57 6.73
C LEU A 1114 20.21 15.55 6.31
N ALA A 1115 20.50 14.94 5.17
CA ALA A 1115 21.88 14.82 4.69
C ALA A 1115 22.46 16.18 4.36
N GLN A 1116 21.71 17.02 3.64
CA GLN A 1116 22.21 18.35 3.34
C GLN A 1116 22.39 19.17 4.61
N GLN A 1117 21.50 18.98 5.58
CA GLN A 1117 21.68 19.66 6.87
C GLN A 1117 22.98 19.24 7.52
N LYS A 1118 23.24 17.93 7.56
CA LYS A 1118 24.43 17.41 8.21
C LYS A 1118 25.69 17.88 7.50
N VAL A 1119 25.70 17.88 6.17
CA VAL A 1119 26.89 18.33 5.45
C VAL A 1119 27.06 19.84 5.63
N ASN A 1120 25.97 20.58 5.83
CA ASN A 1120 26.09 22.00 6.08
C ASN A 1120 26.69 22.30 7.45
N GLU A 1121 26.38 21.47 8.45
CA GLU A 1121 26.78 21.81 9.82
C GLU A 1121 28.05 21.11 10.30
N CYS A 1122 28.22 19.82 10.00
CA CYS A 1122 29.31 19.04 10.58
C CYS A 1122 30.64 19.20 9.84
N VAL A 1123 30.65 19.73 8.62
CA VAL A 1123 31.84 19.75 7.77
C VAL A 1123 32.40 21.16 7.61
N LYS A 1124 31.61 22.07 7.04
CA LYS A 1124 32.13 23.40 6.75
C LYS A 1124 32.42 24.19 8.02
N SER A 1125 31.76 23.86 9.12
CA SER A 1125 31.99 24.55 10.39
C SER A 1125 32.13 23.56 11.53
N GLN A 1126 32.17 24.05 12.76
CA GLN A 1126 32.33 23.21 13.94
C GLN A 1126 31.06 23.30 14.78
N SER A 1127 30.48 22.13 15.09
CA SER A 1127 29.25 22.07 15.86
C SER A 1127 29.57 22.01 17.35
N GLN A 1128 28.77 22.70 18.15
CA GLN A 1128 28.96 22.75 19.59
C GLN A 1128 28.12 21.72 20.33
N ARG A 1129 27.42 20.85 19.62
CA ARG A 1129 26.59 19.82 20.24
C ARG A 1129 27.40 18.54 20.38
N TYR A 1130 27.49 18.04 21.61
CA TYR A 1130 28.28 16.85 21.88
C TYR A 1130 27.66 15.62 21.22
N GLY A 1131 28.47 14.88 20.47
CA GLY A 1131 28.02 13.65 19.85
C GLY A 1131 27.18 13.82 18.61
N PHE A 1132 26.85 15.05 18.21
CA PHE A 1132 26.03 15.25 17.03
C PHE A 1132 26.76 14.79 15.78
N CYS A 1133 28.04 15.15 15.65
CA CYS A 1133 28.86 14.74 14.51
C CYS A 1133 29.64 13.50 14.91
N GLY A 1134 29.31 12.36 14.30
CA GLY A 1134 29.98 11.12 14.62
C GLY A 1134 29.37 10.39 15.80
N GLY A 1135 29.51 10.97 16.98
CA GLY A 1135 28.97 10.37 18.20
C GLY A 1135 29.95 10.43 19.36
N ASP A 1136 29.40 10.54 20.57
CA ASP A 1136 30.08 10.46 21.87
C ASP A 1136 31.49 11.05 21.87
N GLY A 1137 31.64 12.24 21.31
CA GLY A 1137 32.93 12.90 21.29
C GLY A 1137 32.85 14.19 20.51
N GLU A 1138 33.81 15.06 20.79
CA GLU A 1138 33.88 16.34 20.09
C GLU A 1138 34.34 16.14 18.65
N HIS A 1139 33.81 16.98 17.76
CA HIS A 1139 34.08 16.88 16.34
C HIS A 1139 35.22 17.80 15.94
N ILE A 1140 36.17 17.27 15.18
CA ILE A 1140 37.31 18.03 14.68
C ILE A 1140 37.16 18.34 13.19
N PHE A 1141 37.08 17.30 12.36
CA PHE A 1141 36.84 17.49 10.93
C PHE A 1141 36.35 16.18 10.33
N SER A 1142 35.90 16.27 9.08
CA SER A 1142 35.35 15.13 8.37
C SER A 1142 35.80 15.17 6.92
N LEU A 1143 35.78 13.99 6.28
CA LEU A 1143 36.06 13.85 4.87
C LEU A 1143 34.84 13.27 4.17
N VAL A 1144 34.60 13.69 2.93
CA VAL A 1144 33.43 13.30 2.17
C VAL A 1144 33.87 12.56 0.92
N GLN A 1145 33.30 11.37 0.71
CA GLN A 1145 33.60 10.56 -0.46
C GLN A 1145 32.31 10.22 -1.20
N ALA A 1146 32.40 10.19 -2.53
CA ALA A 1146 31.27 9.76 -3.34
C ALA A 1146 31.06 8.26 -3.19
N ALA A 1147 29.80 7.85 -3.09
CA ALA A 1147 29.43 6.45 -2.95
C ALA A 1147 28.29 6.15 -3.91
N PRO A 1148 28.12 4.89 -4.33
CA PRO A 1148 27.06 4.57 -5.28
C PRO A 1148 25.70 4.97 -4.71
N GLN A 1149 25.02 5.86 -5.43
CA GLN A 1149 23.72 6.38 -5.04
C GLN A 1149 23.77 7.10 -3.69
N GLY A 1150 24.84 7.85 -3.45
CA GLY A 1150 24.88 8.67 -2.25
C GLY A 1150 26.29 9.12 -1.89
N LEU A 1151 26.44 9.50 -0.63
CA LEU A 1151 27.70 9.99 -0.09
C LEU A 1151 28.08 9.22 1.16
N LEU A 1152 29.39 9.20 1.43
CA LEU A 1152 29.96 8.59 2.62
C LEU A 1152 30.72 9.66 3.40
N PHE A 1153 30.51 9.66 4.71
CA PHE A 1153 31.14 10.59 5.63
C PHE A 1153 32.16 9.86 6.48
N LEU A 1154 33.32 10.47 6.64
CA LEU A 1154 34.45 9.93 7.40
C LEU A 1154 34.77 10.98 8.47
N HIS A 1155 34.10 10.87 9.62
CA HIS A 1155 34.26 11.83 10.70
C HIS A 1155 35.41 11.39 11.61
N THR A 1156 36.33 12.31 11.87
CA THR A 1156 37.44 12.04 12.78
C THR A 1156 37.05 12.51 14.17
N VAL A 1157 37.03 11.60 15.15
CA VAL A 1157 36.64 11.90 16.51
C VAL A 1157 37.87 11.78 17.40
N LEU A 1158 38.13 12.82 18.18
CA LEU A 1158 39.17 12.77 19.18
C LEU A 1158 38.66 12.05 20.42
N VAL A 1159 39.47 11.13 20.94
CA VAL A 1159 39.04 10.33 22.08
C VAL A 1159 40.08 10.40 23.19
N PRO A 1160 39.67 10.65 24.43
CA PRO A 1160 40.63 10.64 25.53
C PRO A 1160 41.01 9.22 25.92
N SER A 1161 42.16 9.11 26.60
CA SER A 1161 42.64 7.82 27.08
C SER A 1161 43.11 7.83 28.53
N ASP A 1162 43.44 8.98 29.10
CA ASP A 1162 43.93 9.04 30.47
C ASP A 1162 43.22 10.16 31.23
N PHE A 1163 43.19 10.05 32.55
CA PHE A 1163 42.55 11.02 33.40
C PHE A 1163 43.52 11.50 34.47
N VAL A 1164 43.45 12.79 34.78
CA VAL A 1164 44.23 13.41 35.84
C VAL A 1164 43.28 13.82 36.95
N ASP A 1165 43.55 13.38 38.18
CA ASP A 1165 42.66 13.58 39.31
C ASP A 1165 43.32 14.57 40.27
N VAL A 1166 42.72 15.76 40.41
CA VAL A 1166 43.26 16.82 41.24
C VAL A 1166 42.12 17.39 42.09
N ILE A 1167 42.48 17.93 43.26
CA ILE A 1167 41.52 18.63 44.11
C ILE A 1167 41.08 19.93 43.43
N ALA A 1168 39.91 20.42 43.85
CA ALA A 1168 39.34 21.65 43.31
C ALA A 1168 39.00 22.59 44.46
N ILE A 1169 39.00 23.89 44.14
CA ILE A 1169 38.70 24.95 45.11
C ILE A 1169 37.53 25.76 44.58
N ALA A 1170 36.56 26.04 45.46
CA ALA A 1170 35.34 26.73 45.04
C ALA A 1170 35.61 28.20 44.71
N GLY A 1171 36.33 28.90 45.59
CA GLY A 1171 36.54 30.31 45.39
C GLY A 1171 37.39 30.89 46.51
N LEU A 1172 37.50 32.21 46.53
CA LEU A 1172 38.34 32.88 47.52
C LEU A 1172 37.56 33.98 48.21
N CYS A 1173 37.83 34.21 49.50
CA CYS A 1173 37.38 35.39 50.20
C CYS A 1173 38.57 36.02 50.91
N VAL A 1174 38.93 37.23 50.50
CA VAL A 1174 39.90 38.02 51.25
C VAL A 1174 39.16 38.87 52.27
N ASN A 1175 39.70 38.88 53.49
CA ASN A 1175 39.16 39.58 54.67
C ASN A 1175 37.77 39.09 55.06
N ASP A 1176 37.33 37.96 54.49
CA ASP A 1176 35.97 37.43 54.61
C ASP A 1176 34.90 38.52 54.46
N GLU A 1177 35.16 39.48 53.57
CA GLU A 1177 34.07 40.22 52.94
C GLU A 1177 34.22 40.37 51.43
N ILE A 1178 35.41 40.25 50.87
CA ILE A 1178 35.61 40.44 49.43
C ILE A 1178 35.78 39.07 48.81
N ALA A 1179 34.75 38.58 48.11
CA ALA A 1179 34.79 37.26 47.50
C ALA A 1179 35.38 37.39 46.09
N LEU A 1180 36.58 36.86 45.92
CA LEU A 1180 37.23 36.78 44.61
C LEU A 1180 36.78 35.47 43.98
N THR A 1181 35.96 35.56 42.93
CA THR A 1181 35.37 34.39 42.30
C THR A 1181 35.63 34.41 40.80
N LEU A 1182 35.95 33.25 40.24
CA LEU A 1182 36.13 33.14 38.80
C LEU A 1182 34.81 33.42 38.08
N ARG A 1183 34.90 33.96 36.87
CA ARG A 1183 33.72 34.46 36.18
C ARG A 1183 33.14 33.41 35.22
N GLU A 1184 33.93 32.96 34.25
CA GLU A 1184 33.41 32.07 33.22
C GLU A 1184 33.31 30.65 33.77
N PRO A 1185 32.13 30.02 33.72
CA PRO A 1185 32.01 28.65 34.23
C PRO A 1185 32.89 27.64 33.50
N GLY A 1186 33.15 27.85 32.21
CA GLY A 1186 33.97 26.90 31.46
C GLY A 1186 35.38 26.78 31.99
N LEU A 1187 35.94 27.87 32.51
CA LEU A 1187 37.21 27.80 33.22
C LEU A 1187 36.99 27.36 34.66
N VAL A 1188 38.02 26.73 35.23
CA VAL A 1188 38.00 26.28 36.61
C VAL A 1188 39.38 26.47 37.23
N LEU A 1189 39.39 26.84 38.49
CA LEU A 1189 40.61 27.06 39.26
C LEU A 1189 40.83 25.89 40.21
N PHE A 1190 42.05 25.35 40.22
CA PHE A 1190 42.39 24.24 41.09
C PHE A 1190 43.75 24.52 41.73
N THR A 1191 44.04 23.76 42.78
CA THR A 1191 45.33 23.79 43.45
C THR A 1191 45.98 22.43 43.29
N HIS A 1192 47.20 22.41 42.76
CA HIS A 1192 47.92 21.15 42.58
C HIS A 1192 48.40 20.66 43.94
N GLU A 1193 47.84 19.55 44.39
CA GLU A 1193 48.13 18.97 45.71
C GLU A 1193 47.73 20.00 46.78
N LEU A 1194 48.36 19.93 47.95
CA LEU A 1194 47.98 20.77 49.08
C LEU A 1194 49.26 21.38 49.67
N GLN A 1195 49.10 21.97 50.86
CA GLN A 1195 50.18 22.63 51.59
C GLN A 1195 51.03 21.63 52.38
N ASN A 1196 50.79 20.33 52.21
CA ASN A 1196 51.50 19.31 52.98
C ASN A 1196 53.01 19.45 52.88
N HIS A 1197 53.52 19.88 51.72
CA HIS A 1197 54.93 20.19 51.56
C HIS A 1197 55.10 21.58 50.95
N THR A 1198 54.22 22.51 51.34
CA THR A 1198 54.24 23.89 50.87
C THR A 1198 54.15 23.95 49.34
N ALA A 1199 53.01 23.49 48.83
CA ALA A 1199 52.74 23.45 47.39
C ALA A 1199 51.37 24.04 47.11
N THR A 1200 51.09 25.20 47.69
CA THR A 1200 49.80 25.87 47.51
C THR A 1200 49.79 26.69 46.23
N GLU A 1201 50.16 26.07 45.11
CA GLU A 1201 50.17 26.74 43.81
C GLU A 1201 48.81 26.60 43.15
N TYR A 1202 48.29 27.71 42.61
CA TYR A 1202 46.97 27.76 42.02
C TYR A 1202 47.10 27.89 40.51
N PHE A 1203 46.29 27.11 39.78
CA PHE A 1203 46.29 27.15 38.33
C PHE A 1203 44.86 27.13 37.82
N VAL A 1204 44.67 27.62 36.60
CA VAL A 1204 43.35 27.70 35.98
C VAL A 1204 43.38 27.00 34.63
N SER A 1205 42.32 26.27 34.33
CA SER A 1205 42.27 25.52 33.07
C SER A 1205 40.83 25.23 32.70
N SER A 1206 40.62 24.83 31.46
CA SER A 1206 39.30 24.42 31.01
C SER A 1206 38.89 23.10 31.65
N ARG A 1207 37.63 22.73 31.47
CA ARG A 1207 37.12 21.51 32.07
C ARG A 1207 37.38 20.28 31.22
N ARG A 1208 37.90 20.44 30.00
CA ARG A 1208 38.28 19.33 29.15
C ARG A 1208 39.77 19.28 28.83
N MET A 1209 40.44 20.42 28.77
CA MET A 1209 41.87 20.47 28.48
C MET A 1209 42.65 20.69 29.77
N PHE A 1210 43.79 20.00 29.88
CA PHE A 1210 44.67 20.12 31.04
C PHE A 1210 45.82 21.06 30.65
N GLU A 1211 45.59 22.36 30.82
CA GLU A 1211 46.59 23.39 30.50
C GLU A 1211 46.77 24.26 31.74
N PRO A 1212 47.56 23.80 32.71
CA PRO A 1212 47.78 24.61 33.93
C PRO A 1212 48.50 25.91 33.59
N ARG A 1213 47.84 27.03 33.86
CA ARG A 1213 48.39 28.34 33.55
C ARG A 1213 48.06 29.31 34.68
N LYS A 1214 48.87 30.35 34.79
CA LYS A 1214 48.68 31.34 35.83
C LYS A 1214 47.38 32.11 35.59
N PRO A 1215 46.59 32.33 36.64
CA PRO A 1215 45.35 33.10 36.47
C PRO A 1215 45.63 34.57 36.20
N THR A 1216 44.60 35.27 35.75
CA THR A 1216 44.68 36.69 35.42
C THR A 1216 43.57 37.45 36.13
N VAL A 1217 43.89 38.69 36.53
CA VAL A 1217 42.97 39.48 37.34
C VAL A 1217 41.65 39.72 36.61
N SER A 1218 41.72 39.99 35.30
CA SER A 1218 40.51 40.26 34.53
C SER A 1218 39.57 39.06 34.50
N ASP A 1219 40.05 37.87 34.83
CA ASP A 1219 39.23 36.67 34.76
C ASP A 1219 38.35 36.46 35.99
N PHE A 1220 38.51 37.28 37.03
CA PHE A 1220 37.70 37.15 38.23
C PHE A 1220 36.74 38.32 38.39
N VAL A 1221 35.80 38.16 39.32
CA VAL A 1221 34.86 39.18 39.72
C VAL A 1221 34.81 39.23 41.24
N GLN A 1222 34.30 40.36 41.74
CA GLN A 1222 34.19 40.64 43.16
C GLN A 1222 32.76 40.48 43.63
N ILE A 1223 32.56 39.78 44.73
CA ILE A 1223 31.24 39.54 45.30
C ILE A 1223 31.25 40.03 46.74
N GLU A 1224 30.11 40.61 47.17
CA GLU A 1224 29.97 41.12 48.52
C GLU A 1224 29.61 40.04 49.53
N SER A 1225 29.20 38.85 49.09
CA SER A 1225 28.78 37.77 49.97
C SER A 1225 29.78 36.63 49.92
N CYS A 1226 29.99 35.97 51.06
CA CYS A 1226 30.95 34.89 51.17
C CYS A 1226 30.28 33.66 51.80
N VAL A 1227 30.88 32.50 51.54
CA VAL A 1227 30.37 31.23 52.02
C VAL A 1227 31.43 30.55 52.88
N VAL A 1228 31.03 29.45 53.51
CA VAL A 1228 31.96 28.69 54.34
C VAL A 1228 33.05 28.04 53.49
N THR A 1229 32.72 27.63 52.27
CA THR A 1229 33.65 26.86 51.44
C THR A 1229 34.80 27.69 50.88
N TYR A 1230 34.74 29.01 50.98
CA TYR A 1230 35.78 29.86 50.40
C TYR A 1230 36.90 30.08 51.41
N VAL A 1231 38.14 30.00 50.92
CA VAL A 1231 39.29 30.15 51.80
C VAL A 1231 39.45 31.61 52.20
N ASN A 1232 39.77 31.84 53.48
CA ASN A 1232 39.78 33.17 54.08
C ASN A 1232 41.21 33.72 54.07
N LEU A 1233 41.62 34.22 52.91
CA LEU A 1233 43.00 34.68 52.77
C LEU A 1233 43.14 36.14 53.19
N THR A 1234 44.36 36.66 53.08
CA THR A 1234 44.70 37.99 53.53
C THR A 1234 45.41 38.75 52.41
N ARG A 1235 45.66 40.04 52.66
CA ARG A 1235 46.25 40.90 51.64
C ARG A 1235 47.70 40.54 51.37
N ASP A 1236 48.44 40.12 52.42
CA ASP A 1236 49.85 39.79 52.24
C ASP A 1236 50.01 38.59 51.31
N GLN A 1237 49.13 37.59 51.42
CA GLN A 1237 49.21 36.41 50.59
C GLN A 1237 48.54 36.59 49.23
N LEU A 1238 47.92 37.74 48.98
CA LEU A 1238 47.32 37.98 47.66
C LEU A 1238 48.35 37.95 46.54
N PRO A 1239 49.50 38.62 46.62
CA PRO A 1239 50.49 38.49 45.53
C PRO A 1239 50.99 37.06 45.34
N ASP A 1240 51.04 36.26 46.41
CA ASP A 1240 51.53 34.89 46.28
C ASP A 1240 50.61 34.05 45.40
N VAL A 1241 49.30 34.08 45.68
CA VAL A 1241 48.35 33.32 44.88
C VAL A 1241 48.21 33.95 43.50
N ILE A 1242 48.10 35.28 43.43
CA ILE A 1242 47.96 35.97 42.16
C ILE A 1242 48.96 37.13 42.08
N PRO A 1243 50.15 36.91 41.51
CA PRO A 1243 51.10 38.02 41.34
C PRO A 1243 50.59 39.11 40.42
N ASP A 1244 49.64 38.82 39.53
CA ASP A 1244 49.13 39.84 38.63
C ASP A 1244 48.35 40.92 39.37
N TYR A 1245 47.76 40.57 40.51
CA TYR A 1245 47.04 41.56 41.31
C TYR A 1245 48.01 42.61 41.85
N ILE A 1246 47.55 43.86 41.90
CA ILE A 1246 48.37 44.97 42.35
C ILE A 1246 47.54 45.84 43.29
N ASP A 1247 48.15 46.27 44.39
CA ASP A 1247 47.51 47.15 45.35
C ASP A 1247 48.08 48.55 45.20
N VAL A 1248 47.20 49.53 44.97
CA VAL A 1248 47.65 50.89 44.66
C VAL A 1248 48.29 51.55 45.87
N ASN A 1249 47.65 51.45 47.04
CA ASN A 1249 48.16 52.14 48.21
C ASN A 1249 49.45 51.52 48.72
N LYS A 1250 49.59 50.19 48.63
CA LYS A 1250 50.81 49.54 49.07
C LYS A 1250 52.01 50.04 48.27
N THR A 1251 51.82 50.26 46.96
CA THR A 1251 52.91 50.76 46.13
C THR A 1251 53.13 52.26 46.33
N ARG A 1252 52.07 53.04 46.49
CA ARG A 1252 52.24 54.48 46.61
C ARG A 1252 52.85 54.87 47.94
N ASP A 1253 52.41 54.24 49.03
CA ASP A 1253 52.96 54.55 50.34
C ASP A 1253 54.43 54.16 50.42
N GLU A 1254 54.78 52.99 49.92
CA GLU A 1254 56.17 52.54 49.92
C GLU A 1254 56.53 51.90 48.59
N ASN B 31 -42.00 -2.90 56.53
CA ASN B 31 -40.70 -3.52 56.68
C ASN B 31 -40.36 -4.39 55.47
N PHE B 32 -40.74 -5.67 55.54
CA PHE B 32 -40.48 -6.58 54.44
C PHE B 32 -41.29 -6.22 53.20
N ARG B 33 -42.46 -5.61 53.38
CA ARG B 33 -43.27 -5.20 52.24
C ARG B 33 -42.55 -4.15 51.40
N ARG B 34 -41.94 -3.14 52.05
CA ARG B 34 -41.19 -2.13 51.31
C ARG B 34 -39.99 -2.76 50.61
N PHE B 35 -39.29 -3.66 51.31
CA PHE B 35 -38.10 -4.30 50.75
C PHE B 35 -38.45 -5.12 49.51
N PHE B 36 -39.59 -5.82 49.55
CA PHE B 36 -40.03 -6.55 48.37
C PHE B 36 -40.55 -5.63 47.27
N SER B 37 -41.16 -4.51 47.65
CA SER B 37 -41.70 -3.58 46.66
C SER B 37 -40.61 -2.72 46.02
N LYS B 38 -39.37 -2.78 46.51
CA LYS B 38 -38.30 -2.06 45.82
C LYS B 38 -38.16 -2.54 44.38
N PHE B 39 -38.27 -3.83 44.14
CA PHE B 39 -38.20 -4.39 42.80
C PHE B 39 -39.61 -4.73 42.30
N ASN B 40 -39.90 -4.37 41.05
CA ASN B 40 -41.22 -4.53 40.47
C ASN B 40 -41.39 -5.94 39.87
N VAL B 41 -42.57 -6.50 40.07
CA VAL B 41 -42.93 -7.81 39.53
C VAL B 41 -44.38 -7.75 39.06
N GLN B 42 -44.67 -8.42 37.95
CA GLN B 42 -46.01 -8.44 37.39
C GLN B 42 -46.97 -9.18 38.33
N ALA B 43 -48.24 -8.75 38.30
CA ALA B 43 -49.24 -9.35 39.18
C ALA B 43 -49.45 -10.85 38.93
N PRO B 44 -49.66 -11.33 37.67
CA PRO B 44 -49.84 -12.77 37.43
C PRO B 44 -48.53 -13.56 37.40
N ALA B 45 -47.74 -13.42 38.47
CA ALA B 45 -46.44 -14.08 38.55
C ALA B 45 -46.14 -14.49 39.98
N VAL B 46 -45.49 -15.63 40.12
CA VAL B 46 -44.99 -16.13 41.40
C VAL B 46 -43.52 -16.48 41.21
N VAL B 47 -42.66 -15.98 42.10
CA VAL B 47 -41.23 -16.17 41.95
C VAL B 47 -40.61 -16.48 43.30
N VAL B 48 -39.65 -17.40 43.33
CA VAL B 48 -38.94 -17.73 44.55
C VAL B 48 -37.58 -17.04 44.52
N LEU B 49 -37.30 -16.28 45.57
CA LEU B 49 -36.07 -15.52 45.70
C LEU B 49 -35.15 -16.22 46.70
N GLY B 50 -33.89 -16.37 46.32
CA GLY B 50 -32.90 -16.97 47.20
C GLY B 50 -31.68 -16.09 47.38
N GLY B 51 -31.36 -15.77 48.63
CA GLY B 51 -30.22 -14.93 48.88
C GLY B 51 -30.11 -14.57 50.34
N TYR B 52 -29.13 -13.71 50.65
CA TYR B 52 -28.82 -13.33 52.02
C TYR B 52 -29.78 -12.23 52.49
N LEU B 53 -31.06 -12.58 52.53
CA LEU B 53 -32.10 -11.62 52.85
C LEU B 53 -32.06 -11.26 54.34
N PRO B 54 -32.46 -10.05 54.69
CA PRO B 54 -32.48 -9.67 56.11
C PRO B 54 -33.44 -10.55 56.90
N ILE B 55 -33.01 -10.97 58.10
CA ILE B 55 -33.82 -11.81 58.96
C ILE B 55 -33.97 -11.17 60.34
N GLY B 56 -32.87 -10.70 60.91
CA GLY B 56 -32.90 -10.13 62.24
C GLY B 56 -31.91 -9.00 62.40
N GLU B 57 -32.17 -8.16 63.41
CA GLU B 57 -31.30 -7.02 63.66
C GLU B 57 -29.90 -7.46 64.08
N ASN B 58 -29.82 -8.47 64.96
CA ASN B 58 -28.55 -8.94 65.48
C ASN B 58 -28.30 -10.41 65.17
N GLN B 59 -28.95 -10.95 64.14
CA GLN B 59 -28.73 -12.34 63.75
C GLN B 59 -27.33 -12.47 63.17
N GLY B 60 -26.42 -13.08 63.94
CA GLY B 60 -25.03 -13.16 63.54
C GLY B 60 -24.47 -14.55 63.76
N VAL B 61 -23.22 -14.72 63.31
CA VAL B 61 -22.55 -16.01 63.41
C VAL B 61 -22.24 -16.32 64.87
N ASN B 62 -22.14 -17.62 65.18
CA ASN B 62 -21.73 -18.09 66.49
C ASN B 62 -20.24 -18.41 66.56
N SER B 63 -19.50 -18.17 65.48
CA SER B 63 -18.06 -18.44 65.45
C SER B 63 -17.30 -17.20 64.98
N THR B 64 -16.00 -17.36 64.72
CA THR B 64 -15.16 -16.25 64.29
C THR B 64 -14.65 -16.42 62.87
N TRP B 65 -15.04 -17.47 62.15
CA TRP B 65 -14.57 -17.68 60.80
C TRP B 65 -15.15 -16.62 59.85
N TYR B 66 -14.31 -16.17 58.92
CA TYR B 66 -14.71 -15.16 57.95
C TYR B 66 -14.48 -15.58 56.50
N CYS B 67 -13.70 -16.62 56.25
CA CYS B 67 -13.44 -17.07 54.89
C CYS B 67 -14.52 -18.06 54.46
N ALA B 68 -14.35 -18.66 53.28
CA ALA B 68 -15.31 -19.61 52.74
C ALA B 68 -14.58 -20.88 52.28
N GLY B 69 -15.27 -22.00 52.43
CA GLY B 69 -14.72 -23.30 52.03
C GLY B 69 -15.83 -24.26 51.69
N GLN B 70 -15.68 -25.50 52.14
CA GLN B 70 -16.71 -26.51 51.91
C GLN B 70 -17.90 -26.24 52.82
N HIS B 71 -19.10 -26.19 52.23
CA HIS B 71 -20.33 -25.86 52.94
C HIS B 71 -20.18 -24.57 53.74
N PRO B 72 -19.99 -23.42 53.07
CA PRO B 72 -19.70 -22.18 53.81
C PRO B 72 -20.94 -21.45 54.26
N THR B 73 -21.04 -21.20 55.56
CA THR B 73 -22.10 -20.37 56.13
C THR B 73 -21.54 -19.14 56.84
N ALA B 74 -20.55 -19.31 57.71
CA ALA B 74 -19.92 -18.20 58.42
C ALA B 74 -18.77 -17.66 57.57
N SER B 75 -19.14 -17.05 56.45
CA SER B 75 -18.18 -16.46 55.52
C SER B 75 -18.14 -14.95 55.64
N GLY B 76 -18.24 -14.43 56.85
CA GLY B 76 -18.27 -13.00 57.05
C GLY B 76 -19.64 -12.42 56.71
N VAL B 77 -19.65 -11.10 56.53
CA VAL B 77 -20.88 -10.39 56.19
C VAL B 77 -21.14 -10.54 54.70
N HIS B 78 -21.98 -11.52 54.34
CA HIS B 78 -22.34 -11.69 52.94
C HIS B 78 -23.19 -10.51 52.45
N GLY B 79 -24.09 -10.02 53.30
CA GLY B 79 -24.89 -8.87 52.95
C GLY B 79 -25.09 -7.95 54.14
N ILE B 80 -24.97 -6.64 53.93
CA ILE B 80 -25.10 -5.69 55.02
C ILE B 80 -26.23 -4.72 54.70
N PHE B 81 -26.98 -4.35 55.74
CA PHE B 81 -28.11 -3.44 55.62
C PHE B 81 -28.05 -2.40 56.73
N VAL B 82 -28.40 -1.16 56.38
CA VAL B 82 -28.36 -0.02 57.27
C VAL B 82 -29.78 0.52 57.39
N SER B 83 -30.20 0.77 58.63
CA SER B 83 -31.56 1.20 58.94
C SER B 83 -31.60 2.44 59.84
N HIS B 84 -30.61 2.61 60.70
CA HIS B 84 -30.65 3.68 61.68
C HIS B 84 -29.25 4.22 61.94
N ILE B 85 -29.19 5.42 62.52
CA ILE B 85 -27.94 6.08 62.88
C ILE B 85 -28.08 6.68 64.27
N ARG B 86 -26.93 6.85 64.94
CA ARG B 86 -26.86 7.53 66.22
C ARG B 86 -26.27 8.93 66.11
N GLY B 87 -25.30 9.13 65.22
CA GLY B 87 -24.69 10.43 65.03
C GLY B 87 -25.45 11.31 64.07
N GLY B 88 -25.81 10.77 62.91
CA GLY B 88 -26.56 11.51 61.92
C GLY B 88 -25.73 12.32 60.94
N HIS B 89 -24.41 12.32 61.08
CA HIS B 89 -23.56 13.07 60.16
C HIS B 89 -23.66 12.50 58.75
N GLY B 90 -23.71 11.18 58.63
CA GLY B 90 -23.81 10.56 57.32
C GLY B 90 -23.60 9.06 57.42
N PHE B 91 -23.73 8.42 56.26
CA PHE B 91 -23.56 6.98 56.13
C PHE B 91 -22.43 6.70 55.16
N GLU B 92 -21.51 5.83 55.58
CA GLU B 92 -20.40 5.41 54.74
C GLU B 92 -20.19 3.91 54.88
N ILE B 93 -19.88 3.25 53.77
CA ILE B 93 -19.61 1.82 53.75
C ILE B 93 -18.40 1.56 52.87
N GLY B 94 -17.64 0.52 53.23
CA GLY B 94 -16.51 0.10 52.43
C GLY B 94 -16.27 -1.39 52.61
N ILE B 95 -15.59 -1.99 51.65
CA ILE B 95 -15.39 -3.43 51.64
C ILE B 95 -13.90 -3.75 51.61
N SER B 96 -13.57 -4.94 52.08
CA SER B 96 -12.19 -5.42 52.14
C SER B 96 -12.22 -6.94 52.25
N GLN B 97 -11.05 -7.56 52.33
CA GLN B 97 -10.96 -9.00 52.45
C GLN B 97 -9.71 -9.38 53.24
N GLU B 98 -9.84 -10.41 54.07
CA GLU B 98 -8.68 -10.96 54.77
C GLU B 98 -7.58 -11.47 53.82
N PRO B 99 -7.88 -12.16 52.72
CA PRO B 99 -6.80 -12.53 51.78
C PRO B 99 -6.00 -11.34 51.29
N PHE B 100 -6.64 -10.17 51.18
CA PHE B 100 -5.97 -8.91 50.85
C PHE B 100 -5.27 -8.99 49.50
N ASP B 101 -6.09 -9.16 48.47
CA ASP B 101 -5.60 -9.13 47.10
C ASP B 101 -5.82 -7.74 46.53
N PRO B 102 -4.75 -6.96 46.30
CA PRO B 102 -4.93 -5.59 45.79
C PRO B 102 -5.18 -5.50 44.31
N SER B 103 -5.21 -6.63 43.60
CA SER B 103 -5.43 -6.59 42.15
C SER B 103 -6.88 -6.29 41.81
N GLY B 104 -7.82 -6.68 42.67
CA GLY B 104 -9.23 -6.49 42.40
C GLY B 104 -9.72 -5.11 42.80
N TYR B 105 -11.01 -4.89 42.57
CA TYR B 105 -11.66 -3.62 42.88
C TYR B 105 -12.04 -3.56 44.36
N GLN B 106 -12.51 -2.39 44.77
CA GLN B 106 -13.04 -2.20 46.12
C GLN B 106 -14.28 -1.32 46.05
N LEU B 107 -15.18 -1.55 47.00
CA LEU B 107 -16.46 -0.84 47.05
C LEU B 107 -16.47 0.15 48.19
N TYR B 108 -16.86 1.38 47.88
CA TYR B 108 -17.00 2.46 48.86
C TYR B 108 -18.19 3.31 48.47
N LEU B 109 -19.06 3.58 49.43
CA LEU B 109 -20.25 4.38 49.20
C LEU B 109 -20.43 5.36 50.35
N HIS B 110 -20.90 6.56 50.03
CA HIS B 110 -21.20 7.55 51.06
C HIS B 110 -22.43 8.36 50.67
N LYS B 111 -23.30 8.61 51.66
CA LYS B 111 -24.46 9.45 51.42
C LYS B 111 -24.87 10.13 52.71
N ALA B 112 -25.65 11.20 52.56
CA ALA B 112 -26.10 12.01 53.68
C ALA B 112 -27.54 11.66 54.03
N THR B 113 -27.81 11.49 55.33
CA THR B 113 -29.14 11.19 55.82
C THR B 113 -29.88 12.51 56.09
N ASN B 114 -31.02 12.41 56.78
CA ASN B 114 -31.88 13.56 57.09
C ASN B 114 -32.31 14.28 55.81
N GLY B 115 -33.03 13.54 54.96
CA GLY B 115 -33.56 14.11 53.73
C GLY B 115 -33.52 13.14 52.58
N ASN B 116 -34.65 12.99 51.88
CA ASN B 116 -34.71 12.08 50.75
C ASN B 116 -33.92 12.62 49.55
N THR B 117 -34.04 13.93 49.29
CA THR B 117 -33.29 14.53 48.20
C THR B 117 -31.79 14.53 48.48
N ASN B 118 -31.40 14.77 49.73
CA ASN B 118 -30.00 14.78 50.11
C ASN B 118 -29.41 13.39 50.25
N ALA B 119 -30.23 12.34 50.12
CA ALA B 119 -29.76 10.97 50.26
C ALA B 119 -29.18 10.40 48.98
N THR B 120 -28.71 11.26 48.07
CA THR B 120 -28.11 10.80 46.82
C THR B 120 -26.78 10.14 47.14
N ALA B 121 -26.76 8.82 47.10
CA ALA B 121 -25.57 8.06 47.47
C ALA B 121 -24.53 8.11 46.36
N ARG B 122 -23.29 8.41 46.75
CA ARG B 122 -22.17 8.35 45.84
C ARG B 122 -21.54 6.97 45.97
N LEU B 123 -21.59 6.20 44.89
CA LEU B 123 -21.22 4.79 44.86
C LEU B 123 -20.01 4.60 43.95
N ARG B 124 -19.03 3.83 44.45
CA ARG B 124 -17.74 3.71 43.79
C ARG B 124 -17.25 2.28 43.90
N ILE B 125 -17.20 1.58 42.76
CA ILE B 125 -16.39 0.37 42.63
C ILE B 125 -15.12 0.81 41.93
N CYS B 126 -14.11 1.10 42.75
CA CYS B 126 -12.82 1.62 42.31
C CYS B 126 -11.74 0.98 43.18
N GLN B 127 -10.49 1.06 42.70
CA GLN B 127 -9.35 0.69 43.53
C GLN B 127 -8.97 1.89 44.41
N PHE B 128 -9.49 1.90 45.63
CA PHE B 128 -9.13 2.91 46.62
C PHE B 128 -7.85 2.48 47.33
N PRO B 129 -6.81 3.33 47.36
CA PRO B 129 -5.57 2.93 48.05
C PRO B 129 -5.79 2.57 49.51
N SER B 130 -6.66 3.31 50.21
CA SER B 130 -7.00 3.06 51.61
C SER B 130 -5.77 2.80 52.47
N ILE B 131 -5.89 1.87 53.40
CA ILE B 131 -4.80 1.47 54.28
C ILE B 131 -4.76 -0.05 54.32
N LYS B 132 -3.55 -0.62 54.35
CA LYS B 132 -3.41 -2.07 54.45
C LYS B 132 -4.08 -2.60 55.72
N THR B 133 -4.17 -1.77 56.76
CA THR B 133 -4.86 -2.08 58.00
C THR B 133 -6.09 -1.18 58.13
N LEU B 134 -6.74 -1.25 59.29
CA LEU B 134 -7.93 -0.44 59.55
C LEU B 134 -7.49 0.87 60.21
N GLY B 135 -7.81 1.99 59.57
CA GLY B 135 -7.44 3.30 60.08
C GLY B 135 -6.12 3.79 59.49
N PRO B 136 -5.90 5.10 59.53
CA PRO B 136 -4.66 5.65 58.94
C PRO B 136 -3.43 5.30 59.76
N THR B 137 -2.98 4.04 59.64
CA THR B 137 -1.82 3.57 60.39
C THR B 137 -0.77 2.87 59.54
N ALA B 138 -1.09 2.49 58.30
CA ALA B 138 -0.13 1.76 57.47
C ALA B 138 -0.07 2.34 56.07
N ASN B 139 0.61 1.64 55.16
CA ASN B 139 0.81 2.12 53.79
C ASN B 139 -0.48 1.95 52.98
N ASN B 140 -0.40 2.18 51.68
CA ASN B 140 -1.53 2.05 50.77
C ASN B 140 -1.24 0.97 49.74
N ASP B 141 -2.17 0.80 48.80
CA ASP B 141 -2.03 -0.21 47.77
C ASP B 141 -1.15 0.32 46.65
N VAL B 142 -0.10 -0.43 46.31
CA VAL B 142 0.85 -0.02 45.29
C VAL B 142 0.57 -0.66 43.94
N THR B 143 -0.53 -1.41 43.81
CA THR B 143 -0.90 -2.07 42.57
C THR B 143 -2.01 -1.34 41.83
N ILE B 144 -2.30 -0.09 42.19
CA ILE B 144 -3.40 0.67 41.61
C ILE B 144 -2.82 1.49 40.46
N GLY B 145 -2.86 0.92 39.27
CA GLY B 145 -2.44 1.64 38.08
C GLY B 145 -3.60 2.31 37.38
N ARG B 146 -4.65 1.54 37.09
CA ARG B 146 -5.85 2.09 36.48
C ARG B 146 -6.71 2.77 37.54
N ASN B 147 -7.61 3.64 37.07
CA ASN B 147 -8.31 4.55 37.97
C ASN B 147 -9.50 3.86 38.66
N CYS B 148 -10.50 3.45 37.87
CA CYS B 148 -11.75 2.97 38.43
C CYS B 148 -12.60 2.39 37.31
N LEU B 149 -13.68 1.71 37.70
CA LEU B 149 -14.69 1.24 36.76
C LEU B 149 -16.06 1.83 37.02
N PHE B 150 -16.58 1.72 38.24
CA PHE B 150 -17.94 2.18 38.54
C PHE B 150 -17.88 3.43 39.41
N ASN B 151 -18.47 4.52 38.92
CA ASN B 151 -18.47 5.80 39.61
C ASN B 151 -19.81 6.49 39.30
N LYS B 152 -20.78 6.32 40.20
CA LYS B 152 -22.13 6.80 39.92
C LYS B 152 -22.77 7.42 41.16
N ALA B 153 -23.79 8.23 40.92
CA ALA B 153 -24.65 8.78 41.96
C ALA B 153 -26.04 8.17 41.81
N ILE B 154 -26.54 7.58 42.89
CA ILE B 154 -27.78 6.80 42.88
C ILE B 154 -28.69 7.37 43.95
N PRO B 155 -29.93 7.74 43.63
CA PRO B 155 -30.82 8.29 44.66
C PRO B 155 -31.22 7.23 45.68
N ALA B 156 -31.58 7.71 46.87
CA ALA B 156 -32.00 6.85 47.96
C ALA B 156 -32.99 7.60 48.84
N HIS B 157 -33.72 6.84 49.65
CA HIS B 157 -34.73 7.40 50.53
C HIS B 157 -34.60 6.81 51.93
N MET B 158 -34.93 7.61 52.93
CA MET B 158 -34.79 7.24 54.33
C MET B 158 -36.17 7.07 54.96
N SER B 159 -36.38 5.93 55.61
CA SER B 159 -37.64 5.66 56.28
C SER B 159 -37.41 4.63 57.38
N GLU B 160 -38.37 4.55 58.30
CA GLU B 160 -38.24 3.61 59.42
C GLU B 160 -38.20 2.18 58.94
N HIS B 161 -39.08 1.82 58.00
CA HIS B 161 -39.15 0.47 57.47
C HIS B 161 -38.37 0.30 56.17
N SER B 162 -37.67 1.33 55.72
CA SER B 162 -36.84 1.26 54.52
C SER B 162 -35.37 1.24 54.92
N VAL B 163 -34.63 0.28 54.38
CA VAL B 163 -33.22 0.09 54.69
C VAL B 163 -32.44 0.07 53.39
N VAL B 164 -31.14 0.32 53.50
CA VAL B 164 -30.25 0.34 52.34
C VAL B 164 -29.22 -0.77 52.50
N GLY B 165 -29.03 -1.57 51.45
CA GLY B 165 -28.20 -2.75 51.59
C GLY B 165 -27.31 -3.05 50.40
N ILE B 166 -26.28 -3.84 50.66
CA ILE B 166 -25.40 -4.36 49.63
C ILE B 166 -25.20 -5.86 49.86
N THR B 167 -25.12 -6.61 48.76
CA THR B 167 -24.87 -8.05 48.83
C THR B 167 -23.88 -8.44 47.74
N TRP B 168 -22.97 -9.35 48.09
CA TRP B 168 -21.98 -9.89 47.17
C TRP B 168 -22.06 -11.41 47.16
N ASP B 169 -21.97 -12.01 45.97
CA ASP B 169 -21.95 -13.46 45.85
C ASP B 169 -21.25 -13.84 44.54
N ASN B 170 -20.01 -14.33 44.67
CA ASN B 170 -19.21 -14.80 43.55
C ASN B 170 -19.03 -13.64 42.56
N ASP B 171 -19.41 -13.80 41.29
CA ASP B 171 -19.27 -12.70 40.34
C ASP B 171 -20.33 -11.63 40.53
N ARG B 172 -21.49 -11.99 41.07
CA ARG B 172 -22.60 -11.06 41.14
C ARG B 172 -22.48 -10.15 42.35
N VAL B 173 -22.80 -8.88 42.17
CA VAL B 173 -23.00 -7.96 43.29
C VAL B 173 -24.28 -7.18 43.05
N THR B 174 -25.11 -7.08 44.10
CA THR B 174 -26.44 -6.48 44.02
C THR B 174 -26.60 -5.39 45.07
N VAL B 175 -27.24 -4.30 44.64
CA VAL B 175 -27.49 -3.13 45.48
C VAL B 175 -28.96 -3.09 45.82
N PHE B 176 -29.30 -3.23 47.11
CA PHE B 176 -30.66 -3.05 47.59
C PHE B 176 -30.88 -1.59 48.00
N SER B 177 -30.97 -0.74 46.97
CA SER B 177 -31.32 0.67 47.14
C SER B 177 -32.06 1.12 45.89
N ASP B 178 -33.26 1.66 46.08
CA ASP B 178 -34.15 2.05 44.99
C ASP B 178 -34.37 0.90 44.01
N LYS B 179 -34.01 1.09 42.74
CA LYS B 179 -34.17 0.04 41.76
C LYS B 179 -32.92 -0.83 41.69
N ILE B 180 -33.13 -2.13 41.41
CA ILE B 180 -32.11 -3.14 41.65
C ILE B 180 -30.92 -2.94 40.71
N TYR B 181 -29.74 -3.35 41.20
CA TYR B 181 -28.50 -3.33 40.45
C TYR B 181 -27.91 -4.73 40.38
N TYR B 182 -27.35 -5.07 39.21
CA TYR B 182 -26.65 -6.32 38.99
C TYR B 182 -25.31 -5.98 38.36
N PHE B 183 -24.21 -6.36 39.01
CA PHE B 183 -22.91 -6.13 38.42
C PHE B 183 -22.10 -7.43 38.42
N TYR B 184 -21.34 -7.62 37.33
CA TYR B 184 -20.63 -8.86 37.03
C TYR B 184 -19.14 -8.58 37.12
N PHE B 185 -18.48 -9.15 38.13
CA PHE B 185 -17.03 -9.07 38.24
C PHE B 185 -16.54 -10.10 39.24
N LYS B 186 -15.49 -10.84 38.88
CA LYS B 186 -14.95 -11.89 39.74
C LYS B 186 -13.97 -11.26 40.72
N ASN B 187 -14.30 -11.32 42.01
CA ASN B 187 -13.46 -10.77 43.06
C ASN B 187 -13.82 -11.45 44.36
N ASP B 188 -13.05 -11.16 45.41
CA ASP B 188 -13.24 -11.77 46.71
C ASP B 188 -13.29 -10.69 47.78
N TRP B 189 -14.20 -10.87 48.75
CA TRP B 189 -14.34 -9.94 49.86
C TRP B 189 -14.83 -10.71 51.08
N SER B 190 -14.24 -10.41 52.24
CA SER B 190 -14.62 -11.09 53.47
C SER B 190 -14.77 -10.18 54.68
N ARG B 191 -14.43 -8.90 54.59
CA ARG B 191 -14.52 -7.98 55.72
C ARG B 191 -15.25 -6.71 55.28
N VAL B 192 -16.03 -6.14 56.19
CA VAL B 192 -16.81 -4.94 55.92
C VAL B 192 -16.41 -3.87 56.93
N ALA B 193 -16.23 -2.64 56.44
CA ALA B 193 -15.84 -1.52 57.27
C ALA B 193 -16.85 -0.39 57.14
N THR B 194 -17.17 0.25 58.26
CA THR B 194 -18.03 1.42 58.28
C THR B 194 -17.25 2.59 58.89
N LYS B 195 -17.19 3.70 58.16
CA LYS B 195 -16.52 4.88 58.69
C LYS B 195 -17.24 5.43 59.92
N CYS B 196 -18.57 5.44 59.88
CA CYS B 196 -19.37 5.95 61.00
C CYS B 196 -19.45 4.89 62.08
N TYR B 197 -18.62 5.04 63.12
CA TYR B 197 -18.64 4.11 64.25
C TYR B 197 -19.82 4.33 65.17
N ASN B 198 -20.45 5.51 65.14
CA ASN B 198 -21.56 5.83 66.02
C ASN B 198 -22.83 5.15 65.50
N SER B 199 -22.91 3.85 65.74
CA SER B 199 -24.05 3.06 65.31
C SER B 199 -24.27 1.92 66.32
N GLY B 200 -25.54 1.62 66.58
CA GLY B 200 -25.87 0.55 67.48
C GLY B 200 -25.80 -0.81 66.82
N GLY B 201 -25.89 -1.85 67.65
CA GLY B 201 -25.86 -3.20 67.12
C GLY B 201 -27.06 -3.53 66.25
N CYS B 202 -28.25 -3.12 66.70
CA CYS B 202 -29.47 -3.41 65.95
C CYS B 202 -29.63 -2.52 64.72
N ALA B 203 -28.97 -1.36 64.68
CA ALA B 203 -29.08 -0.49 63.52
C ALA B 203 -28.50 -1.13 62.27
N MET B 204 -27.42 -1.88 62.40
CA MET B 204 -26.80 -2.58 61.29
C MET B 204 -27.24 -4.04 61.32
N GLN B 205 -27.46 -4.62 60.14
CA GLN B 205 -27.93 -6.00 60.01
C GLN B 205 -27.07 -6.72 58.99
N TYR B 206 -26.40 -7.79 59.41
CA TYR B 206 -25.52 -8.54 58.53
C TYR B 206 -26.02 -9.97 58.40
N VAL B 207 -26.10 -10.45 57.15
CA VAL B 207 -26.60 -11.77 56.83
C VAL B 207 -25.48 -12.56 56.16
N TYR B 208 -25.39 -13.85 56.51
CA TYR B 208 -24.32 -14.71 56.03
C TYR B 208 -24.82 -16.05 55.48
N GLU B 209 -26.11 -16.35 55.60
CA GLU B 209 -26.67 -17.61 55.13
C GLU B 209 -27.79 -17.34 54.15
N PRO B 210 -27.77 -17.94 52.97
CA PRO B 210 -28.87 -17.72 52.02
C PRO B 210 -30.16 -18.34 52.50
N THR B 211 -31.26 -17.72 52.11
CA THR B 211 -32.60 -18.19 52.45
C THR B 211 -33.46 -18.15 51.20
N TYR B 212 -34.49 -18.99 51.20
CA TYR B 212 -35.41 -19.16 50.08
C TYR B 212 -36.80 -18.72 50.51
N TYR B 213 -37.43 -17.85 49.71
CA TYR B 213 -38.77 -17.38 50.01
C TYR B 213 -39.59 -17.31 48.74
N MET B 214 -40.81 -17.84 48.80
CA MET B 214 -41.75 -17.76 47.68
C MET B 214 -42.51 -16.44 47.76
N LEU B 215 -42.47 -15.67 46.68
CA LEU B 215 -43.10 -14.36 46.60
C LEU B 215 -44.26 -14.43 45.62
N ASN B 216 -45.39 -13.87 46.05
CA ASN B 216 -46.66 -13.93 45.33
C ASN B 216 -47.34 -12.59 45.51
N VAL B 217 -47.36 -11.78 44.46
CA VAL B 217 -47.89 -10.41 44.51
C VAL B 217 -48.95 -10.32 43.42
N THR B 218 -50.20 -10.61 43.77
CA THR B 218 -51.32 -10.48 42.84
C THR B 218 -52.01 -9.13 43.00
N SER B 219 -51.23 -8.05 42.93
CA SER B 219 -51.80 -6.72 43.03
C SER B 219 -51.22 -5.71 42.05
N ALA B 220 -50.22 -6.10 41.26
CA ALA B 220 -49.55 -5.19 40.33
C ALA B 220 -49.05 -3.95 41.05
N GLY B 221 -48.55 -4.14 42.27
CA GLY B 221 -48.13 -3.02 43.08
C GLY B 221 -47.34 -3.48 44.28
N GLU B 222 -47.17 -2.55 45.22
CA GLU B 222 -46.38 -2.81 46.42
C GLU B 222 -47.04 -3.82 47.36
N ASP B 223 -48.34 -4.06 47.20
CA ASP B 223 -49.07 -4.94 48.12
C ASP B 223 -48.79 -6.39 47.74
N GLY B 224 -47.91 -7.04 48.49
CA GLY B 224 -47.61 -8.45 48.28
C GLY B 224 -48.53 -9.34 49.11
N ILE B 225 -49.02 -10.40 48.47
CA ILE B 225 -49.99 -11.26 49.14
C ILE B 225 -49.33 -12.04 50.28
N SER B 226 -48.17 -12.65 50.01
CA SER B 226 -47.51 -13.47 51.02
C SER B 226 -46.05 -13.64 50.66
N TYR B 227 -45.26 -14.06 51.64
CA TYR B 227 -43.84 -14.36 51.48
C TYR B 227 -43.52 -15.70 52.15
N GLN B 228 -44.37 -16.69 51.90
CA GLN B 228 -44.19 -18.00 52.52
C GLN B 228 -42.88 -18.64 52.04
N PRO B 229 -42.07 -19.20 52.94
CA PRO B 229 -40.84 -19.86 52.50
C PRO B 229 -41.13 -21.06 51.61
N CYS B 230 -40.24 -21.29 50.65
CA CYS B 230 -40.38 -22.43 49.76
C CYS B 230 -40.01 -23.72 50.49
N THR B 231 -40.58 -24.83 50.01
CA THR B 231 -40.39 -26.13 50.64
C THR B 231 -39.57 -27.08 49.79
N ALA B 232 -39.96 -27.32 48.55
CA ALA B 232 -39.28 -28.27 47.68
C ALA B 232 -39.11 -27.69 46.30
N ASN B 233 -38.10 -28.17 45.59
CA ASN B 233 -37.79 -27.72 44.23
C ASN B 233 -37.56 -26.21 44.19
N CYS B 234 -36.94 -25.67 45.24
CA CYS B 234 -36.75 -24.23 45.33
C CYS B 234 -35.67 -23.76 44.36
N ILE B 235 -34.54 -24.48 44.29
CA ILE B 235 -33.44 -24.08 43.43
C ILE B 235 -33.87 -24.14 41.96
N GLY B 236 -34.56 -25.22 41.59
CA GLY B 236 -35.04 -25.34 40.22
C GLY B 236 -36.05 -24.27 39.87
N TYR B 237 -36.97 -23.97 40.79
CA TYR B 237 -37.97 -22.94 40.54
C TYR B 237 -37.32 -21.57 40.38
N ALA B 238 -36.31 -21.27 41.19
CA ALA B 238 -35.65 -19.97 41.12
C ALA B 238 -34.97 -19.78 39.77
N ALA B 239 -34.32 -20.81 39.26
CA ALA B 239 -33.53 -20.72 38.03
C ALA B 239 -34.31 -21.11 36.78
N ASN B 240 -35.65 -21.14 36.86
CA ASN B 240 -36.47 -21.47 35.71
C ASN B 240 -37.66 -20.53 35.49
N VAL B 241 -38.06 -19.76 36.49
CA VAL B 241 -39.26 -18.94 36.41
C VAL B 241 -38.86 -17.51 36.02
N PHE B 242 -39.55 -16.95 35.04
CA PHE B 242 -39.29 -15.62 34.54
C PHE B 242 -40.37 -14.65 35.02
N ALA B 243 -40.28 -13.41 34.53
CA ALA B 243 -41.29 -12.39 34.78
C ALA B 243 -41.54 -11.66 33.46
N THR B 244 -42.68 -11.93 32.83
CA THR B 244 -42.97 -11.39 31.51
C THR B 244 -43.17 -9.88 31.61
N GLU B 245 -42.19 -9.13 31.13
CA GLU B 245 -42.30 -7.67 31.14
C GLU B 245 -43.38 -7.21 30.17
N PRO B 246 -43.98 -6.04 30.40
CA PRO B 246 -45.03 -5.55 29.49
C PRO B 246 -44.55 -5.39 28.06
N ASN B 247 -43.29 -5.03 27.84
CA ASN B 247 -42.75 -4.92 26.49
C ASN B 247 -42.25 -6.24 25.94
N GLY B 248 -42.31 -7.32 26.72
CA GLY B 248 -41.86 -8.62 26.29
C GLY B 248 -40.39 -8.91 26.53
N HIS B 249 -39.63 -7.93 27.02
CA HIS B 249 -38.22 -8.15 27.29
C HIS B 249 -38.04 -9.09 28.48
N ILE B 250 -36.93 -9.82 28.47
CA ILE B 250 -36.62 -10.75 29.55
C ILE B 250 -36.09 -9.93 30.73
N PRO B 251 -36.51 -10.24 31.96
CA PRO B 251 -36.01 -9.49 33.12
C PRO B 251 -34.56 -9.84 33.41
N GLU B 252 -33.86 -8.90 34.03
CA GLU B 252 -32.48 -9.12 34.43
C GLU B 252 -32.42 -9.94 35.71
N GLY B 253 -31.26 -10.57 35.93
CA GLY B 253 -31.08 -11.39 37.11
C GLY B 253 -31.43 -12.84 36.90
N PHE B 254 -30.89 -13.45 35.84
CA PHE B 254 -31.14 -14.85 35.53
C PHE B 254 -29.82 -15.54 35.20
N SER B 255 -29.66 -16.76 35.73
CA SER B 255 -28.44 -17.52 35.47
C SER B 255 -28.44 -18.15 34.09
N PHE B 256 -29.62 -18.44 33.53
CA PHE B 256 -29.76 -19.06 32.22
C PHE B 256 -29.04 -20.41 32.16
N ASN B 257 -29.18 -21.19 33.22
CA ASN B 257 -28.50 -22.48 33.30
C ASN B 257 -28.99 -23.43 32.23
N ASN B 258 -30.29 -23.42 31.94
CA ASN B 258 -30.91 -24.33 30.98
C ASN B 258 -31.10 -23.68 29.61
N TRP B 259 -30.19 -22.79 29.21
CA TRP B 259 -30.29 -22.09 27.95
C TRP B 259 -28.98 -22.20 27.19
N PHE B 260 -29.08 -22.27 25.86
CA PHE B 260 -27.90 -22.39 25.00
C PHE B 260 -28.13 -21.58 23.73
N LEU B 261 -27.02 -21.18 23.12
CA LEU B 261 -27.08 -20.41 21.89
C LEU B 261 -27.48 -21.31 20.72
N LEU B 262 -28.26 -20.76 19.79
CA LEU B 262 -28.75 -21.52 18.65
C LEU B 262 -27.66 -21.51 17.57
N SER B 263 -27.07 -22.67 17.32
CA SER B 263 -25.96 -22.79 16.39
C SER B 263 -26.19 -23.94 15.42
N ASN B 264 -25.99 -23.67 14.12
CA ASN B 264 -26.06 -24.74 13.13
C ASN B 264 -24.82 -25.62 13.18
N ASP B 265 -23.65 -25.01 13.35
CA ASP B 265 -22.39 -25.75 13.35
C ASP B 265 -21.41 -25.04 14.28
N SER B 266 -20.66 -25.83 15.06
CA SER B 266 -19.66 -25.33 15.98
C SER B 266 -20.27 -24.43 17.05
N THR B 267 -19.43 -23.92 17.95
CA THR B 267 -19.87 -23.03 19.01
C THR B 267 -18.70 -22.15 19.43
N LEU B 268 -19.00 -20.91 19.78
CA LEU B 268 -17.97 -19.99 20.25
C LEU B 268 -17.61 -20.32 21.69
N VAL B 269 -16.34 -20.65 21.92
CA VAL B 269 -15.89 -21.00 23.27
C VAL B 269 -16.05 -19.79 24.20
N HIS B 270 -15.62 -18.62 23.74
CA HIS B 270 -15.69 -17.41 24.54
C HIS B 270 -15.59 -16.21 23.60
N GLY B 271 -16.41 -15.20 23.85
CA GLY B 271 -16.40 -14.01 23.02
C GLY B 271 -17.75 -13.34 23.00
N LYS B 272 -17.96 -12.52 21.98
CA LYS B 272 -19.21 -11.77 21.83
C LYS B 272 -19.64 -11.80 20.37
N VAL B 273 -20.95 -11.75 20.15
CA VAL B 273 -21.50 -11.77 18.79
C VAL B 273 -22.92 -11.24 18.82
N VAL B 274 -23.39 -10.75 17.67
CA VAL B 274 -24.75 -10.26 17.51
C VAL B 274 -25.39 -11.04 16.37
N SER B 275 -26.58 -11.57 16.62
CA SER B 275 -27.32 -12.31 15.61
C SER B 275 -28.79 -12.36 15.99
N ASN B 276 -29.63 -12.69 15.01
CA ASN B 276 -31.05 -12.88 15.27
C ASN B 276 -31.28 -14.23 15.94
N GLN B 277 -31.95 -14.21 17.08
CA GLN B 277 -32.12 -15.38 17.92
C GLN B 277 -33.54 -15.39 18.47
N PRO B 278 -34.07 -16.56 18.84
CA PRO B 278 -35.42 -16.65 19.43
C PRO B 278 -35.44 -16.31 20.91
N LEU B 279 -35.57 -15.01 21.20
CA LEU B 279 -35.57 -14.54 22.58
C LEU B 279 -36.85 -13.82 23.00
N LEU B 280 -37.57 -13.20 22.08
CA LEU B 280 -38.78 -12.48 22.46
C LEU B 280 -39.88 -13.48 22.81
N VAL B 281 -40.52 -13.26 23.96
CA VAL B 281 -41.49 -14.19 24.51
C VAL B 281 -42.86 -13.52 24.55
N ASN B 282 -43.89 -14.28 24.17
CA ASN B 282 -45.26 -13.81 24.26
C ASN B 282 -45.94 -14.26 25.54
N CYS B 283 -45.72 -15.51 25.95
CA CYS B 283 -46.31 -16.05 27.16
C CYS B 283 -45.44 -17.20 27.66
N LEU B 284 -45.53 -17.47 28.95
CA LEU B 284 -44.71 -18.50 29.58
C LEU B 284 -45.58 -19.36 30.49
N LEU B 285 -45.41 -20.67 30.39
CA LEU B 285 -46.14 -21.63 31.21
C LEU B 285 -45.16 -22.50 31.96
N ALA B 286 -45.33 -22.57 33.29
CA ALA B 286 -44.44 -23.32 34.18
C ALA B 286 -45.27 -24.10 35.19
N ILE B 287 -44.67 -25.14 35.76
CA ILE B 287 -45.33 -26.06 36.68
C ILE B 287 -46.63 -26.54 36.04
N PRO B 288 -46.56 -27.28 34.95
CA PRO B 288 -47.76 -27.51 34.13
C PRO B 288 -48.51 -28.80 34.47
N LYS B 289 -49.80 -28.80 34.12
CA LYS B 289 -50.64 -29.97 34.33
C LYS B 289 -51.45 -30.34 33.10
N ILE B 290 -51.76 -29.36 32.25
CA ILE B 290 -52.78 -29.57 31.22
C ILE B 290 -52.31 -30.36 30.02
N TYR B 291 -51.00 -30.42 29.74
CA TYR B 291 -50.56 -31.16 28.55
C TYR B 291 -50.73 -32.67 28.72
N GLY B 292 -51.05 -33.13 29.91
CA GLY B 292 -51.39 -34.53 30.05
C GLY B 292 -52.75 -34.88 29.47
N LEU B 293 -53.49 -33.90 28.95
CA LEU B 293 -54.77 -34.14 28.31
C LEU B 293 -54.70 -33.93 26.79
N GLY B 294 -53.54 -34.22 26.20
CA GLY B 294 -53.36 -34.08 24.76
C GLY B 294 -53.43 -32.64 24.30
N GLN B 295 -52.65 -31.76 24.94
CA GLN B 295 -52.70 -30.34 24.61
C GLN B 295 -52.29 -30.10 23.16
N PHE B 296 -52.99 -29.17 22.51
CA PHE B 296 -52.80 -28.85 21.10
C PHE B 296 -52.26 -27.45 20.97
N PHE B 297 -51.19 -27.30 20.17
CA PHE B 297 -50.63 -26.00 19.84
C PHE B 297 -50.69 -25.79 18.33
N SER B 298 -51.04 -24.58 17.93
CA SER B 298 -50.99 -24.18 16.53
C SER B 298 -50.00 -23.04 16.37
N PHE B 299 -49.20 -23.09 15.30
CA PHE B 299 -48.23 -22.05 15.03
C PHE B 299 -48.88 -20.71 14.68
N ASN B 300 -50.20 -20.71 14.43
CA ASN B 300 -50.93 -19.54 13.98
C ASN B 300 -51.56 -18.76 15.14
N GLN B 301 -52.29 -19.45 16.00
CA GLN B 301 -53.01 -18.79 17.07
C GLN B 301 -52.17 -18.72 18.34
N THR B 302 -52.40 -17.66 19.11
CA THR B 302 -51.66 -17.46 20.36
C THR B 302 -51.96 -18.59 21.34
N ILE B 303 -50.93 -18.98 22.11
CA ILE B 303 -51.09 -20.07 23.06
C ILE B 303 -52.07 -19.64 24.16
N ASP B 304 -52.74 -20.63 24.73
CA ASP B 304 -53.73 -20.40 25.78
C ASP B 304 -53.23 -20.99 27.09
N GLY B 305 -53.24 -20.18 28.14
CA GLY B 305 -52.78 -20.61 29.44
C GLY B 305 -52.55 -19.44 30.36
N VAL B 306 -52.24 -19.77 31.61
CA VAL B 306 -52.00 -18.76 32.65
C VAL B 306 -50.58 -18.24 32.45
N CYS B 307 -50.46 -17.08 31.81
CA CYS B 307 -49.15 -16.50 31.55
C CYS B 307 -48.49 -16.04 32.84
N ASN B 308 -47.16 -16.03 32.83
CA ASN B 308 -46.36 -15.61 33.98
C ASN B 308 -46.24 -14.08 34.02
N GLY B 309 -47.39 -13.43 34.14
CA GLY B 309 -47.45 -11.99 34.17
C GLY B 309 -48.14 -11.38 32.97
N ALA B 310 -47.46 -10.48 32.28
CA ALA B 310 -48.02 -9.83 31.10
C ALA B 310 -48.10 -10.80 29.93
N ALA B 311 -49.00 -10.50 29.00
CA ALA B 311 -49.20 -11.32 27.81
C ALA B 311 -49.28 -10.42 26.58
N VAL B 312 -48.79 -10.95 25.46
CA VAL B 312 -48.80 -10.25 24.18
C VAL B 312 -49.51 -11.14 23.16
N GLN B 313 -50.47 -10.55 22.44
CA GLN B 313 -51.25 -11.29 21.45
C GLN B 313 -50.51 -11.29 20.14
N ARG B 314 -49.64 -12.29 19.96
CA ARG B 314 -48.84 -12.41 18.74
C ARG B 314 -48.79 -13.88 18.33
N ALA B 315 -48.62 -14.09 17.03
CA ALA B 315 -48.49 -15.45 16.51
C ALA B 315 -47.13 -16.01 16.88
N PRO B 316 -47.06 -17.24 17.40
CA PRO B 316 -45.76 -17.81 17.78
C PRO B 316 -44.88 -18.06 16.56
N GLU B 317 -43.57 -17.91 16.79
CA GLU B 317 -42.56 -18.25 15.78
C GLU B 317 -41.81 -19.53 16.09
N ALA B 318 -41.46 -19.77 17.35
CA ALA B 318 -40.79 -21.01 17.72
C ALA B 318 -41.15 -21.38 19.14
N LEU B 319 -40.95 -22.64 19.49
CA LEU B 319 -41.26 -23.18 20.80
C LEU B 319 -39.98 -23.66 21.47
N ARG B 320 -39.79 -23.25 22.72
CA ARG B 320 -38.66 -23.67 23.54
C ARG B 320 -39.18 -24.51 24.70
N PHE B 321 -38.50 -25.63 24.96
CA PHE B 321 -38.90 -26.60 25.96
C PHE B 321 -37.77 -26.71 26.98
N ASN B 322 -38.10 -26.48 28.26
CA ASN B 322 -37.16 -26.70 29.36
C ASN B 322 -37.47 -28.08 29.94
N ILE B 323 -36.57 -29.03 29.69
CA ILE B 323 -36.79 -30.42 30.07
C ILE B 323 -36.23 -30.66 31.46
N ASN B 324 -37.09 -31.11 32.37
CA ASN B 324 -36.66 -31.49 33.71
C ASN B 324 -36.24 -32.96 33.75
N ASP B 325 -37.16 -33.86 33.42
CA ASP B 325 -36.91 -35.29 33.45
C ASP B 325 -37.12 -35.88 32.05
N THR B 326 -36.14 -36.61 31.57
CA THR B 326 -36.28 -37.30 30.29
C THR B 326 -37.16 -38.55 30.43
N SER B 327 -37.09 -39.22 31.59
CA SER B 327 -37.80 -40.48 31.76
C SER B 327 -39.31 -40.30 31.66
N VAL B 328 -39.83 -39.12 32.01
CA VAL B 328 -41.27 -38.88 31.88
C VAL B 328 -41.68 -38.95 30.41
N ILE B 329 -40.89 -38.31 29.54
CA ILE B 329 -41.19 -38.36 28.11
C ILE B 329 -40.95 -39.77 27.56
N LEU B 330 -39.90 -40.43 28.03
CA LEU B 330 -39.58 -41.76 27.52
C LEU B 330 -40.67 -42.78 27.86
N ALA B 331 -41.21 -42.72 29.08
CA ALA B 331 -42.14 -43.74 29.53
C ALA B 331 -43.51 -43.59 28.89
N GLU B 332 -44.18 -42.46 29.14
CA GLU B 332 -45.51 -42.24 28.63
C GLU B 332 -45.65 -40.97 27.79
N GLY B 333 -44.61 -40.16 27.68
CA GLY B 333 -44.66 -38.99 26.84
C GLY B 333 -44.83 -39.34 25.37
N SER B 334 -45.90 -38.84 24.76
CA SER B 334 -46.20 -39.11 23.35
C SER B 334 -46.43 -37.78 22.65
N ILE B 335 -45.56 -37.45 21.70
CA ILE B 335 -45.65 -36.21 20.94
C ILE B 335 -45.64 -36.54 19.46
N VAL B 336 -46.50 -35.84 18.71
CA VAL B 336 -46.61 -36.00 17.27
C VAL B 336 -46.48 -34.63 16.62
N LEU B 337 -45.68 -34.56 15.55
CA LEU B 337 -45.44 -33.36 14.79
C LEU B 337 -46.36 -33.35 13.59
N HIS B 338 -47.18 -32.31 13.45
CA HIS B 338 -48.09 -32.14 12.34
C HIS B 338 -47.52 -31.09 11.40
N THR B 339 -47.18 -31.50 10.19
CA THR B 339 -46.61 -30.60 9.21
C THR B 339 -47.70 -29.78 8.53
N ALA B 340 -47.27 -28.75 7.80
CA ALA B 340 -48.23 -27.96 7.03
C ALA B 340 -48.87 -28.79 5.93
N LEU B 341 -48.10 -29.68 5.30
CA LEU B 341 -48.67 -30.60 4.32
C LEU B 341 -49.68 -31.53 4.98
N GLY B 342 -49.39 -31.99 6.19
CA GLY B 342 -50.28 -32.88 6.91
C GLY B 342 -49.59 -34.13 7.39
N THR B 343 -48.29 -34.22 7.14
CA THR B 343 -47.53 -35.39 7.53
C THR B 343 -47.42 -35.48 9.05
N ASN B 344 -47.44 -36.69 9.57
CA ASN B 344 -47.39 -36.96 10.99
C ASN B 344 -46.04 -37.58 11.35
N PHE B 345 -45.39 -37.03 12.37
CA PHE B 345 -44.08 -37.50 12.80
C PHE B 345 -44.15 -37.81 14.29
N SER B 346 -44.24 -39.08 14.64
CA SER B 346 -44.42 -39.51 16.03
C SER B 346 -43.06 -39.79 16.68
N PHE B 347 -42.85 -39.23 17.86
CA PHE B 347 -41.62 -39.47 18.61
C PHE B 347 -41.83 -40.65 19.55
N VAL B 348 -41.32 -41.83 19.17
CA VAL B 348 -41.50 -43.04 19.97
C VAL B 348 -40.13 -43.55 20.39
N CYS B 349 -39.86 -43.55 21.69
CA CYS B 349 -38.58 -44.01 22.20
C CYS B 349 -38.81 -45.15 23.18
N SER B 350 -37.96 -46.18 23.09
CA SER B 350 -38.09 -47.35 23.95
C SER B 350 -36.73 -47.82 24.41
N ASN B 351 -36.69 -48.40 25.61
CA ASN B 351 -35.47 -48.91 26.21
C ASN B 351 -35.35 -50.42 25.96
N SER B 352 -34.97 -50.75 24.73
CA SER B 352 -34.81 -52.13 24.28
C SER B 352 -36.11 -52.93 24.39
N SER B 353 -37.24 -52.23 24.32
CA SER B 353 -38.57 -52.85 24.35
C SER B 353 -39.27 -52.45 23.06
N ASN B 354 -39.07 -53.23 22.00
CA ASN B 354 -39.54 -52.90 20.67
C ASN B 354 -40.30 -54.09 20.09
N PRO B 355 -41.58 -54.22 20.42
CA PRO B 355 -42.38 -55.30 19.81
C PRO B 355 -42.46 -55.22 18.30
N HIS B 356 -42.45 -54.01 17.74
CA HIS B 356 -42.48 -53.81 16.30
C HIS B 356 -41.24 -53.13 15.75
N LEU B 357 -40.60 -52.24 16.52
CA LEU B 357 -39.42 -51.55 16.04
C LEU B 357 -38.22 -52.49 15.89
N ALA B 358 -38.22 -53.63 16.60
CA ALA B 358 -37.17 -54.62 16.40
C ALA B 358 -37.21 -55.18 14.98
N THR B 359 -38.40 -55.31 14.40
CA THR B 359 -38.50 -55.70 13.00
C THR B 359 -37.88 -54.63 12.09
N PHE B 360 -38.12 -53.35 12.41
CA PHE B 360 -37.53 -52.27 11.63
C PHE B 360 -36.01 -52.27 11.75
N ALA B 361 -35.49 -52.52 12.96
CA ALA B 361 -34.05 -52.53 13.22
C ALA B 361 -33.72 -53.80 14.00
N ILE B 362 -33.41 -54.88 13.27
CA ILE B 362 -33.05 -56.14 13.93
C ILE B 362 -31.79 -56.01 14.78
N PRO B 363 -30.67 -55.47 14.27
CA PRO B 363 -29.48 -55.34 15.15
C PRO B 363 -29.47 -54.03 15.94
N LEU B 364 -30.28 -53.98 17.00
CA LEU B 364 -30.37 -52.77 17.82
C LEU B 364 -29.05 -52.47 18.51
N GLY B 365 -28.37 -53.50 19.02
CA GLY B 365 -27.08 -53.30 19.64
C GLY B 365 -27.15 -52.65 21.01
N ALA B 366 -25.98 -52.28 21.50
CA ALA B 366 -25.81 -51.62 22.81
C ALA B 366 -26.44 -52.51 23.89
N THR B 367 -27.02 -51.91 24.92
CA THR B 367 -27.68 -52.65 25.99
C THR B 367 -29.00 -51.98 26.30
N GLN B 368 -29.68 -52.48 27.35
CA GLN B 368 -31.03 -52.03 27.65
C GLN B 368 -31.06 -50.66 28.32
N VAL B 369 -29.98 -50.28 29.02
CA VAL B 369 -29.98 -49.02 29.78
C VAL B 369 -30.18 -47.81 28.87
N PRO B 370 -29.44 -47.65 27.77
CA PRO B 370 -29.72 -46.50 26.88
C PRO B 370 -31.07 -46.66 26.20
N TYR B 371 -31.69 -45.53 25.89
CA TYR B 371 -32.99 -45.49 25.22
C TYR B 371 -32.77 -45.29 23.73
N TYR B 372 -33.47 -46.10 22.92
CA TYR B 372 -33.39 -46.02 21.48
C TYR B 372 -34.67 -45.34 20.99
N CYS B 373 -34.51 -44.15 20.44
CA CYS B 373 -35.64 -43.36 19.96
C CYS B 373 -35.82 -43.55 18.46
N PHE B 374 -37.06 -43.36 18.01
CA PHE B 374 -37.43 -43.54 16.62
C PHE B 374 -38.44 -42.47 16.23
N PHE B 375 -38.44 -42.14 14.95
CA PHE B 375 -39.44 -41.24 14.36
C PHE B 375 -40.35 -42.07 13.47
N LYS B 376 -41.63 -42.11 13.81
CA LYS B 376 -42.62 -42.77 12.98
C LYS B 376 -43.12 -41.77 11.94
N VAL B 377 -42.86 -42.06 10.68
CA VAL B 377 -43.43 -41.31 9.57
C VAL B 377 -44.82 -41.90 9.31
N ASP B 378 -45.81 -41.32 9.98
CA ASP B 378 -47.20 -41.68 9.80
C ASP B 378 -47.84 -40.73 8.81
N THR B 379 -48.56 -41.27 7.84
CA THR B 379 -49.30 -40.46 6.88
C THR B 379 -50.52 -41.24 6.44
N TYR B 380 -51.19 -40.75 5.42
CA TYR B 380 -52.39 -41.39 4.90
C TYR B 380 -52.07 -42.48 3.89
N ASN B 381 -50.79 -42.74 3.63
CA ASN B 381 -50.38 -43.81 2.71
C ASN B 381 -49.50 -44.87 3.35
N SER B 382 -48.68 -44.51 4.35
CA SER B 382 -47.82 -45.47 5.02
C SER B 382 -47.59 -45.02 6.45
N THR B 383 -47.16 -45.98 7.29
CA THR B 383 -46.91 -45.77 8.71
C THR B 383 -45.52 -46.28 9.07
N VAL B 384 -44.52 -45.83 8.32
CA VAL B 384 -43.19 -46.42 8.46
C VAL B 384 -42.52 -45.91 9.73
N TYR B 385 -41.54 -46.66 10.22
CA TYR B 385 -40.76 -46.26 11.39
C TYR B 385 -39.29 -46.15 11.02
N LYS B 386 -38.68 -45.01 11.34
CA LYS B 386 -37.30 -44.72 11.02
C LYS B 386 -36.48 -44.58 12.30
N PHE B 387 -35.25 -45.04 12.27
CA PHE B 387 -34.30 -44.85 13.36
C PHE B 387 -33.28 -43.78 12.96
N LEU B 388 -33.01 -42.86 13.87
CA LEU B 388 -32.01 -41.83 13.61
C LEU B 388 -30.83 -41.89 14.58
N ALA B 389 -31.08 -41.91 15.88
CA ALA B 389 -30.00 -41.88 16.85
C ALA B 389 -30.48 -42.46 18.18
N VAL B 390 -29.52 -42.66 19.07
CA VAL B 390 -29.78 -43.16 20.42
C VAL B 390 -29.94 -41.97 21.35
N LEU B 391 -30.73 -42.15 22.41
CA LEU B 391 -30.96 -41.07 23.35
C LEU B 391 -29.65 -40.64 24.02
N PRO B 392 -29.30 -39.35 23.98
CA PRO B 392 -28.17 -38.90 24.77
C PRO B 392 -28.45 -39.01 26.26
N PRO B 393 -27.42 -39.20 27.09
CA PRO B 393 -27.68 -39.37 28.53
C PRO B 393 -28.38 -38.18 29.17
N THR B 394 -28.14 -36.96 28.72
CA THR B 394 -28.73 -35.77 29.30
C THR B 394 -29.30 -34.87 28.22
N VAL B 395 -30.57 -34.47 28.40
CA VAL B 395 -31.24 -33.52 27.54
C VAL B 395 -31.82 -32.42 28.41
N ARG B 396 -31.55 -31.16 28.07
CA ARG B 396 -31.99 -30.03 28.88
C ARG B 396 -32.95 -29.11 28.15
N GLU B 397 -32.59 -28.64 26.95
CA GLU B 397 -33.39 -27.67 26.21
C GLU B 397 -33.67 -28.21 24.82
N ILE B 398 -34.93 -28.11 24.38
CA ILE B 398 -35.32 -28.57 23.05
C ILE B 398 -36.08 -27.44 22.36
N VAL B 399 -35.64 -27.07 21.16
CA VAL B 399 -36.23 -25.94 20.43
C VAL B 399 -36.77 -26.44 19.11
N ILE B 400 -37.98 -26.00 18.74
CA ILE B 400 -38.57 -26.32 17.45
C ILE B 400 -38.99 -25.02 16.78
N THR B 401 -38.64 -24.89 15.49
CA THR B 401 -38.96 -23.69 14.73
C THR B 401 -40.19 -23.93 13.86
N LYS B 402 -40.72 -22.83 13.31
CA LYS B 402 -41.87 -22.92 12.42
C LYS B 402 -41.49 -23.46 11.05
N TYR B 403 -40.21 -23.43 10.70
CA TYR B 403 -39.75 -23.86 9.38
C TYR B 403 -39.29 -25.30 9.35
N GLY B 404 -39.46 -26.04 10.44
CA GLY B 404 -39.11 -27.44 10.48
C GLY B 404 -37.76 -27.76 11.06
N ASP B 405 -37.08 -26.80 11.67
CA ASP B 405 -35.77 -27.02 12.25
C ASP B 405 -35.90 -27.37 13.73
N VAL B 406 -35.28 -28.47 14.14
CA VAL B 406 -35.28 -28.91 15.52
C VAL B 406 -33.85 -28.80 16.05
N TYR B 407 -33.72 -28.25 17.26
CA TYR B 407 -32.43 -27.99 17.88
C TYR B 407 -32.40 -28.66 19.24
N VAL B 408 -31.38 -29.48 19.46
CA VAL B 408 -31.16 -30.17 20.74
C VAL B 408 -29.79 -29.78 21.24
N ASN B 409 -29.75 -29.18 22.44
CA ASN B 409 -28.50 -28.74 23.07
C ASN B 409 -27.72 -27.81 22.15
N GLY B 410 -28.44 -26.95 21.44
CA GLY B 410 -27.83 -25.97 20.56
C GLY B 410 -27.05 -26.58 19.41
N PHE B 411 -27.64 -27.55 18.73
CA PHE B 411 -26.99 -28.21 17.60
C PHE B 411 -27.75 -28.11 16.29
N GLY B 412 -29.08 -28.15 16.33
CA GLY B 412 -29.85 -28.24 15.11
C GLY B 412 -29.66 -29.59 14.45
N TYR B 413 -30.13 -30.65 15.13
CA TYR B 413 -29.87 -32.01 14.67
C TYR B 413 -30.54 -32.30 13.34
N LEU B 414 -31.79 -31.87 13.17
CA LEU B 414 -32.55 -32.21 11.98
C LEU B 414 -33.34 -31.01 11.49
N HIS B 415 -33.64 -31.00 10.19
CA HIS B 415 -34.42 -29.94 9.56
C HIS B 415 -35.52 -30.57 8.72
N LEU B 416 -36.71 -29.98 8.78
CA LEU B 416 -37.85 -30.49 8.03
C LEU B 416 -38.53 -29.38 7.24
N GLY B 417 -39.70 -29.67 6.66
CA GLY B 417 -40.43 -28.71 5.87
C GLY B 417 -41.28 -27.78 6.70
N LEU B 418 -42.37 -27.30 6.11
CA LEU B 418 -43.24 -26.35 6.78
C LEU B 418 -44.07 -27.05 7.87
N LEU B 419 -44.25 -26.37 8.98
CA LEU B 419 -44.98 -26.88 10.13
C LEU B 419 -46.14 -25.95 10.45
N ASP B 420 -47.23 -26.52 10.95
CA ASP B 420 -48.39 -25.71 11.30
C ASP B 420 -48.89 -25.94 12.72
N ALA B 421 -48.81 -27.17 13.23
CA ALA B 421 -49.39 -27.47 14.54
C ALA B 421 -48.64 -28.65 15.16
N VAL B 422 -48.98 -28.92 16.42
CA VAL B 422 -48.31 -29.98 17.18
C VAL B 422 -49.23 -30.38 18.32
N THR B 423 -49.09 -31.62 18.79
CA THR B 423 -49.84 -32.15 19.91
C THR B 423 -48.88 -32.75 20.92
N ILE B 424 -49.13 -32.51 22.21
CA ILE B 424 -48.26 -32.96 23.29
C ILE B 424 -49.09 -33.74 24.29
N ASN B 425 -48.56 -34.90 24.71
CA ASN B 425 -49.23 -35.74 25.68
C ASN B 425 -48.19 -36.47 26.53
N PHE B 426 -48.44 -36.50 27.83
CA PHE B 426 -47.71 -37.35 28.77
C PHE B 426 -48.63 -37.58 29.96
N THR B 427 -48.08 -38.10 31.06
CA THR B 427 -48.88 -38.36 32.26
C THR B 427 -48.96 -37.08 33.10
N GLY B 428 -49.70 -36.11 32.57
CA GLY B 428 -49.99 -34.90 33.30
C GLY B 428 -51.33 -34.97 34.00
N HIS B 429 -51.44 -35.88 34.96
CA HIS B 429 -52.72 -36.13 35.65
C HIS B 429 -52.88 -35.25 36.88
N GLY B 430 -52.69 -33.93 36.72
CA GLY B 430 -52.93 -33.00 37.79
C GLY B 430 -51.90 -33.04 38.90
N THR B 431 -51.74 -34.21 39.53
CA THR B 431 -50.84 -34.39 40.65
C THR B 431 -49.41 -34.71 40.23
N ASP B 432 -49.15 -34.84 38.93
CA ASP B 432 -47.83 -35.19 38.43
C ASP B 432 -46.97 -33.96 38.13
N ASP B 433 -47.50 -32.75 38.31
CA ASP B 433 -46.72 -31.55 38.06
C ASP B 433 -45.53 -31.42 38.99
N ASP B 434 -45.57 -32.09 40.15
CA ASP B 434 -44.43 -32.04 41.07
C ASP B 434 -43.19 -32.66 40.48
N VAL B 435 -43.34 -33.72 39.69
CA VAL B 435 -42.20 -34.40 39.08
C VAL B 435 -42.38 -34.25 37.57
N SER B 436 -42.98 -33.13 37.16
CA SER B 436 -43.20 -32.88 35.75
C SER B 436 -41.87 -32.70 35.02
N GLY B 437 -41.78 -33.31 33.84
CA GLY B 437 -40.56 -33.22 33.05
C GLY B 437 -40.38 -31.93 32.30
N PHE B 438 -41.38 -31.05 32.30
CA PHE B 438 -41.31 -29.77 31.63
C PHE B 438 -41.26 -28.66 32.68
N TRP B 439 -40.17 -27.90 32.68
CA TRP B 439 -40.08 -26.74 33.57
C TRP B 439 -40.83 -25.55 32.99
N THR B 440 -40.45 -25.11 31.79
CA THR B 440 -41.06 -23.95 31.18
C THR B 440 -41.25 -24.17 29.68
N ILE B 441 -42.36 -23.63 29.18
CA ILE B 441 -42.67 -23.60 27.75
C ILE B 441 -43.06 -22.17 27.38
N ALA B 442 -42.41 -21.62 26.37
CA ALA B 442 -42.60 -20.23 25.99
C ALA B 442 -42.72 -20.11 24.47
N SER B 443 -43.30 -18.98 24.03
CA SER B 443 -43.46 -18.67 22.61
C SER B 443 -42.32 -17.75 22.19
N THR B 444 -41.21 -18.35 21.76
CA THR B 444 -40.04 -17.58 21.39
C THR B 444 -40.21 -16.94 20.02
N ASN B 445 -39.61 -15.75 19.87
CA ASN B 445 -39.67 -14.96 18.64
C ASN B 445 -38.27 -14.48 18.28
N PHE B 446 -38.00 -14.43 16.97
CA PHE B 446 -36.70 -13.98 16.48
C PHE B 446 -36.56 -12.47 16.65
N VAL B 447 -35.56 -12.05 17.44
CA VAL B 447 -35.16 -10.65 17.53
C VAL B 447 -33.63 -10.59 17.52
N ASP B 448 -33.11 -9.41 17.25
CA ASP B 448 -31.66 -9.21 17.15
C ASP B 448 -31.14 -8.61 18.44
N ALA B 449 -30.07 -9.20 18.98
CA ALA B 449 -29.54 -8.78 20.27
C ALA B 449 -28.08 -9.17 20.36
N LEU B 450 -27.38 -8.56 21.32
CA LEU B 450 -25.96 -8.79 21.56
C LEU B 450 -25.81 -9.87 22.63
N ILE B 451 -25.07 -10.92 22.31
CA ILE B 451 -24.87 -12.05 23.21
C ILE B 451 -23.39 -12.18 23.51
N GLU B 452 -23.05 -12.27 24.79
CA GLU B 452 -21.69 -12.49 25.25
C GLU B 452 -21.62 -13.87 25.90
N VAL B 453 -20.69 -14.70 25.43
CA VAL B 453 -20.55 -16.07 25.88
C VAL B 453 -19.21 -16.24 26.59
N GLN B 454 -19.26 -16.92 27.73
CA GLN B 454 -18.06 -17.22 28.54
C GLN B 454 -18.25 -18.64 29.06
N GLY B 455 -17.53 -19.58 28.48
CA GLY B 455 -17.69 -20.99 28.86
C GLY B 455 -19.06 -21.54 28.52
N THR B 456 -19.58 -21.20 27.33
CA THR B 456 -20.88 -21.67 26.86
C THR B 456 -22.00 -21.32 27.86
N ALA B 457 -21.93 -20.12 28.42
CA ALA B 457 -22.93 -19.63 29.36
C ALA B 457 -23.55 -18.35 28.80
N ILE B 458 -24.89 -18.31 28.77
CA ILE B 458 -25.61 -17.16 28.26
C ILE B 458 -25.81 -16.17 29.40
N GLN B 459 -25.35 -14.94 29.21
CA GLN B 459 -25.48 -13.89 30.21
C GLN B 459 -25.37 -12.54 29.54
N ARG B 460 -25.87 -11.52 30.23
CA ARG B 460 -25.77 -10.11 29.79
C ARG B 460 -26.45 -9.91 28.44
N ILE B 461 -27.75 -10.19 28.40
CA ILE B 461 -28.53 -9.96 27.19
C ILE B 461 -28.71 -8.46 26.99
N LEU B 462 -28.86 -8.04 25.74
CA LEU B 462 -28.99 -6.62 25.42
C LEU B 462 -29.72 -6.49 24.08
N TYR B 463 -30.93 -5.94 24.13
CA TYR B 463 -31.73 -5.77 22.92
C TYR B 463 -31.22 -4.58 22.11
N CYS B 464 -31.70 -4.48 20.87
CA CYS B 464 -31.32 -3.39 19.97
C CYS B 464 -32.53 -2.71 19.36
N ASP B 465 -33.65 -2.68 20.08
CA ASP B 465 -34.85 -1.98 19.61
C ASP B 465 -34.91 -0.55 20.14
N ASP B 466 -33.81 0.18 19.99
CA ASP B 466 -33.69 1.55 20.48
C ASP B 466 -32.45 2.20 19.88
N PRO B 467 -32.51 3.48 19.49
CA PRO B 467 -31.32 4.13 18.94
C PRO B 467 -30.13 4.09 19.87
N VAL B 468 -30.35 4.30 21.18
CA VAL B 468 -29.26 4.15 22.14
C VAL B 468 -28.78 2.70 22.17
N SER B 469 -29.73 1.76 22.21
CA SER B 469 -29.37 0.35 22.17
C SER B 469 -28.74 -0.02 20.84
N GLN B 470 -29.22 0.57 19.74
CA GLN B 470 -28.63 0.30 18.44
C GLN B 470 -27.18 0.75 18.39
N LEU B 471 -26.88 1.93 18.94
CA LEU B 471 -25.50 2.38 19.02
C LEU B 471 -24.67 1.49 19.94
N LYS B 472 -25.26 1.06 21.06
CA LYS B 472 -24.54 0.22 22.00
C LYS B 472 -24.14 -1.10 21.37
N CYS B 473 -25.05 -1.74 20.64
CA CYS B 473 -24.75 -3.02 20.02
C CYS B 473 -24.19 -2.87 18.61
N SER B 474 -23.98 -1.63 18.15
CA SER B 474 -23.19 -1.39 16.95
C SER B 474 -21.69 -1.41 17.21
N GLN B 475 -21.29 -1.38 18.49
CA GLN B 475 -19.88 -1.37 18.87
C GLN B 475 -19.54 -2.55 19.78
N VAL B 476 -20.41 -3.56 19.83
CA VAL B 476 -20.30 -4.76 20.65
C VAL B 476 -19.69 -4.48 22.03
N ALA B 477 -20.02 -3.33 22.60
CA ALA B 477 -19.51 -2.93 23.90
C ALA B 477 -20.65 -2.57 24.81
N PHE B 478 -20.68 -3.17 26.01
CA PHE B 478 -21.68 -2.80 27.00
C PHE B 478 -21.53 -1.35 27.42
N ASP B 479 -20.30 -0.90 27.62
CA ASP B 479 -20.00 0.48 27.98
C ASP B 479 -19.26 1.16 26.84
N LEU B 480 -19.68 2.38 26.52
CA LEU B 480 -19.09 3.16 25.44
C LEU B 480 -18.53 4.47 25.98
N ASP B 481 -17.34 4.83 25.52
CA ASP B 481 -16.72 6.07 25.95
C ASP B 481 -17.44 7.27 25.33
N ASP B 482 -17.34 8.41 26.01
CA ASP B 482 -17.97 9.63 25.53
C ASP B 482 -17.29 10.09 24.23
N GLY B 483 -18.10 10.54 23.28
CA GLY B 483 -17.54 11.00 22.03
C GLY B 483 -18.61 11.17 20.96
N PHE B 484 -18.15 11.28 19.72
CA PHE B 484 -19.01 11.55 18.58
C PHE B 484 -19.18 10.27 17.76
N TYR B 485 -20.42 9.98 17.39
CA TYR B 485 -20.71 8.78 16.62
C TYR B 485 -21.79 9.05 15.58
N PRO B 486 -21.78 8.32 14.46
CA PRO B 486 -22.79 8.53 13.42
C PRO B 486 -24.05 7.70 13.64
N PHE B 487 -25.15 8.27 13.19
CA PHE B 487 -26.46 7.65 13.31
C PHE B 487 -27.24 7.87 12.00
N SER B 488 -28.11 6.91 11.69
CA SER B 488 -28.90 6.94 10.47
C SER B 488 -30.34 7.27 10.81
N SER B 489 -30.95 8.15 10.00
CA SER B 489 -32.31 8.58 10.26
C SER B 489 -33.28 7.41 10.14
N ARG B 490 -34.26 7.38 11.05
CA ARG B 490 -35.25 6.32 11.05
C ARG B 490 -36.14 6.41 9.81
N ASN B 491 -36.41 5.24 9.21
CA ASN B 491 -37.33 5.18 8.07
C ASN B 491 -38.24 3.94 8.13
N LEU B 492 -38.31 3.26 9.26
CA LEU B 492 -39.13 2.06 9.40
C LEU B 492 -40.54 2.35 9.92
N LEU B 493 -40.85 3.61 10.23
CA LEU B 493 -42.16 3.93 10.78
C LEU B 493 -43.28 3.66 9.78
N SER B 494 -43.06 4.03 8.52
CA SER B 494 -44.08 3.92 7.48
C SER B 494 -43.68 2.83 6.49
N HIS B 495 -44.60 1.89 6.24
CA HIS B 495 -44.39 0.85 5.24
C HIS B 495 -45.39 0.91 4.09
N GLU B 496 -46.50 1.64 4.23
CA GLU B 496 -47.48 1.80 3.16
C GLU B 496 -46.93 2.79 2.13
N GLN B 497 -45.87 2.35 1.46
CA GLN B 497 -45.14 3.24 0.54
C GLN B 497 -45.95 3.45 -0.73
N PRO B 498 -46.29 4.69 -1.07
CA PRO B 498 -46.98 4.94 -2.35
C PRO B 498 -46.06 4.60 -3.52
N ILE B 499 -46.67 4.08 -4.59
CA ILE B 499 -45.94 3.57 -5.74
C ILE B 499 -46.10 4.55 -6.88
N SER B 500 -44.98 4.97 -7.47
CA SER B 500 -44.96 5.88 -8.60
C SER B 500 -44.42 5.17 -9.82
N PHE B 501 -45.12 5.30 -10.95
CA PHE B 501 -44.75 4.64 -12.20
C PHE B 501 -44.85 5.64 -13.33
N VAL B 502 -43.72 5.98 -13.94
CA VAL B 502 -43.65 6.94 -15.04
C VAL B 502 -42.79 6.35 -16.14
N THR B 503 -43.31 6.36 -17.37
CA THR B 503 -42.58 5.93 -18.55
C THR B 503 -42.88 6.91 -19.69
N LEU B 504 -42.52 6.51 -20.91
CA LEU B 504 -42.77 7.36 -22.06
C LEU B 504 -44.28 7.48 -22.28
N PRO B 505 -44.78 8.67 -22.63
CA PRO B 505 -46.23 8.87 -22.79
C PRO B 505 -46.78 8.05 -23.95
N SER B 506 -47.76 7.20 -23.65
CA SER B 506 -48.45 6.42 -24.66
C SER B 506 -49.85 6.08 -24.13
N PHE B 507 -50.73 5.69 -25.04
CA PHE B 507 -52.10 5.39 -24.65
C PHE B 507 -52.19 3.95 -24.14
N ASN B 508 -53.42 3.46 -23.96
CA ASN B 508 -53.66 2.13 -23.40
C ASN B 508 -53.65 1.11 -24.53
N ALA B 509 -52.53 0.42 -24.71
CA ALA B 509 -52.38 -0.66 -25.67
C ALA B 509 -52.02 -1.92 -24.90
N HIS B 510 -53.04 -2.65 -24.45
CA HIS B 510 -52.86 -3.80 -23.57
C HIS B 510 -53.15 -5.09 -24.30
N SER B 511 -52.36 -6.12 -23.99
CA SER B 511 -52.55 -7.46 -24.53
C SER B 511 -52.35 -8.48 -23.43
N PHE B 512 -52.94 -9.66 -23.64
CA PHE B 512 -52.86 -10.76 -22.68
C PHE B 512 -52.12 -11.93 -23.35
N VAL B 513 -50.97 -12.29 -22.80
CA VAL B 513 -50.22 -13.46 -23.24
C VAL B 513 -50.46 -14.56 -22.23
N ASN B 514 -50.83 -15.75 -22.73
CA ASN B 514 -51.28 -16.84 -21.89
C ASN B 514 -50.50 -18.11 -22.23
N ILE B 515 -49.98 -18.76 -21.19
CA ILE B 515 -49.39 -20.08 -21.29
C ILE B 515 -50.27 -21.06 -20.53
N THR B 516 -50.65 -22.15 -21.20
CA THR B 516 -51.57 -23.12 -20.64
C THR B 516 -50.92 -24.50 -20.72
N VAL B 517 -50.90 -25.21 -19.59
CA VAL B 517 -50.34 -26.55 -19.53
C VAL B 517 -51.44 -27.51 -19.11
N SER B 518 -51.56 -28.62 -19.83
CA SER B 518 -52.55 -29.65 -19.54
C SER B 518 -51.89 -31.02 -19.58
N ALA B 519 -52.10 -31.81 -18.53
CA ALA B 519 -51.51 -33.14 -18.42
C ALA B 519 -52.32 -33.98 -17.44
N SER B 520 -52.12 -35.29 -17.55
CA SER B 520 -52.77 -36.26 -16.68
C SER B 520 -51.73 -37.19 -16.08
N PHE B 521 -51.99 -37.67 -14.88
CA PHE B 521 -51.04 -38.52 -14.17
C PHE B 521 -51.68 -39.82 -13.68
N GLY B 522 -52.98 -39.79 -13.44
CA GLY B 522 -53.67 -40.93 -12.87
C GLY B 522 -53.97 -42.07 -13.81
N GLY B 523 -53.62 -41.94 -15.08
CA GLY B 523 -53.91 -42.99 -16.04
C GLY B 523 -52.78 -43.96 -16.28
N HIS B 524 -51.55 -43.44 -16.37
CA HIS B 524 -50.42 -44.29 -16.74
C HIS B 524 -49.95 -45.14 -15.56
N SER B 525 -49.45 -44.49 -14.51
CA SER B 525 -48.99 -45.22 -13.32
C SER B 525 -49.24 -44.45 -12.03
N GLY B 526 -49.91 -43.30 -12.08
CA GLY B 526 -50.03 -42.44 -10.91
C GLY B 526 -48.82 -41.53 -10.78
N ALA B 527 -47.63 -42.12 -10.78
CA ALA B 527 -46.38 -41.36 -10.70
C ALA B 527 -45.81 -41.02 -12.07
N ASN B 528 -46.49 -41.39 -13.15
CA ASN B 528 -46.02 -41.13 -14.50
C ASN B 528 -47.14 -40.50 -15.32
N LEU B 529 -46.75 -39.66 -16.27
CA LEU B 529 -47.70 -38.93 -17.10
C LEU B 529 -48.19 -39.78 -18.27
N ILE B 530 -49.21 -39.28 -18.95
CA ILE B 530 -49.75 -39.92 -20.15
C ILE B 530 -49.49 -39.01 -21.34
N ALA B 531 -50.06 -37.81 -21.29
CA ALA B 531 -49.86 -36.81 -22.33
C ALA B 531 -49.75 -35.43 -21.69
N SER B 532 -48.97 -34.56 -22.32
CA SER B 532 -48.77 -33.20 -21.81
C SER B 532 -48.73 -32.25 -22.99
N ASP B 533 -49.60 -31.25 -22.97
CA ASP B 533 -49.68 -30.24 -24.02
C ASP B 533 -49.55 -28.85 -23.42
N THR B 534 -48.72 -28.02 -24.05
CA THR B 534 -48.53 -26.65 -23.63
C THR B 534 -48.81 -25.72 -24.81
N THR B 535 -49.64 -24.71 -24.58
CA THR B 535 -50.09 -23.81 -25.62
C THR B 535 -49.88 -22.36 -25.20
N ILE B 536 -49.35 -21.55 -26.12
CA ILE B 536 -49.24 -20.11 -25.93
C ILE B 536 -50.33 -19.49 -26.79
N ASN B 537 -51.48 -19.19 -26.16
CA ASN B 537 -52.66 -18.70 -26.87
C ASN B 537 -53.06 -19.66 -27.99
N GLY B 538 -52.93 -20.96 -27.72
CA GLY B 538 -53.23 -21.96 -28.71
C GLY B 538 -52.19 -22.13 -29.80
N PHE B 539 -50.95 -21.70 -29.56
CA PHE B 539 -49.89 -21.80 -30.54
C PHE B 539 -48.60 -22.19 -29.86
N SER B 540 -47.66 -22.72 -30.66
CA SER B 540 -46.39 -23.21 -30.14
C SER B 540 -45.37 -22.09 -29.88
N SER B 541 -45.59 -20.90 -30.40
CA SER B 541 -44.68 -19.77 -30.18
C SER B 541 -45.45 -18.48 -30.39
N PHE B 542 -44.92 -17.39 -29.84
CA PHE B 542 -45.58 -16.11 -29.97
C PHE B 542 -44.58 -14.98 -29.74
N CYS B 543 -44.95 -13.80 -30.19
CA CYS B 543 -44.17 -12.59 -29.99
C CYS B 543 -45.12 -11.43 -29.69
N VAL B 544 -44.81 -10.67 -28.65
CA VAL B 544 -45.66 -9.56 -28.25
C VAL B 544 -45.42 -8.36 -29.16
N ASP B 545 -46.45 -7.54 -29.33
CA ASP B 545 -46.35 -6.33 -30.16
C ASP B 545 -46.81 -5.08 -29.44
N THR B 546 -47.84 -5.16 -28.61
CA THR B 546 -48.35 -3.98 -27.92
C THR B 546 -47.39 -3.54 -26.81
N ARG B 547 -47.52 -2.27 -26.43
CA ARG B 547 -46.65 -1.70 -25.40
C ARG B 547 -46.87 -2.38 -24.05
N GLN B 548 -48.13 -2.63 -23.68
CA GLN B 548 -48.47 -3.22 -22.40
C GLN B 548 -48.93 -4.65 -22.61
N PHE B 549 -48.37 -5.58 -21.84
CA PHE B 549 -48.74 -6.99 -21.92
C PHE B 549 -48.81 -7.56 -20.51
N THR B 550 -49.64 -8.59 -20.36
CA THR B 550 -49.81 -9.25 -19.07
C THR B 550 -49.70 -10.76 -19.27
N ILE B 551 -48.84 -11.39 -18.47
CA ILE B 551 -48.64 -12.83 -18.54
C ILE B 551 -49.69 -13.54 -17.68
N SER B 552 -50.09 -14.73 -18.12
CA SER B 552 -51.02 -15.54 -17.34
C SER B 552 -50.71 -17.01 -17.57
N LEU B 553 -50.47 -17.74 -16.48
CA LEU B 553 -50.12 -19.15 -16.53
C LEU B 553 -51.26 -19.97 -15.93
N SER B 554 -51.68 -21.00 -16.65
CA SER B 554 -52.79 -21.85 -16.21
C SER B 554 -52.37 -23.31 -16.15
N TYR B 555 -52.75 -23.96 -15.05
CA TYR B 555 -52.44 -25.35 -14.76
C TYR B 555 -53.69 -26.19 -14.95
N ASN B 556 -53.55 -27.32 -15.63
CA ASN B 556 -54.63 -28.29 -15.80
C ASN B 556 -54.03 -29.68 -15.67
N VAL B 557 -53.93 -30.17 -14.43
CA VAL B 557 -53.28 -31.45 -14.15
C VAL B 557 -54.28 -32.39 -13.50
N THR B 558 -54.27 -33.64 -13.94
CA THR B 558 -55.16 -34.67 -13.41
C THR B 558 -54.35 -35.81 -12.82
N ASN B 559 -54.67 -36.20 -11.59
CA ASN B 559 -54.00 -37.31 -10.94
C ASN B 559 -54.94 -37.94 -9.93
N SER B 560 -54.64 -39.19 -9.57
CA SER B 560 -55.48 -39.91 -8.61
C SER B 560 -55.45 -39.25 -7.24
N TYR B 561 -54.27 -38.81 -6.79
CA TYR B 561 -54.17 -38.13 -5.51
C TYR B 561 -54.92 -36.81 -5.53
N GLY B 562 -54.86 -36.07 -6.63
CA GLY B 562 -55.54 -34.81 -6.76
C GLY B 562 -54.70 -33.59 -6.44
N TYR B 563 -53.51 -33.77 -5.88
CA TYR B 563 -52.62 -32.67 -5.55
C TYR B 563 -51.30 -32.83 -6.30
N VAL B 564 -50.90 -31.78 -7.01
CA VAL B 564 -49.64 -31.78 -7.75
C VAL B 564 -48.86 -30.53 -7.34
N SER B 565 -47.69 -30.74 -6.75
CA SER B 565 -46.81 -29.62 -6.40
C SER B 565 -46.15 -29.07 -7.65
N ASN B 566 -46.15 -27.75 -7.78
CA ASN B 566 -45.61 -27.07 -8.95
C ASN B 566 -44.34 -26.33 -8.55
N SER B 567 -43.25 -26.58 -9.29
CA SER B 567 -41.98 -25.91 -9.03
C SER B 567 -41.42 -25.37 -10.33
N GLN B 568 -40.66 -24.29 -10.22
CA GLN B 568 -40.08 -23.62 -11.37
C GLN B 568 -38.57 -23.55 -11.23
N ASP B 569 -37.86 -23.98 -12.26
CA ASP B 569 -36.42 -23.85 -12.35
C ASP B 569 -36.10 -22.65 -13.23
N SER B 570 -35.39 -21.67 -12.67
CA SER B 570 -35.16 -20.38 -13.30
C SER B 570 -33.69 -20.22 -13.65
N ASN B 571 -33.42 -19.71 -14.85
CA ASN B 571 -32.06 -19.41 -15.27
C ASN B 571 -31.97 -17.98 -15.78
N CYS B 572 -33.08 -17.44 -16.27
CA CYS B 572 -33.12 -16.07 -16.73
C CYS B 572 -33.11 -15.11 -15.54
N PRO B 573 -32.72 -13.84 -15.77
CA PRO B 573 -32.71 -12.88 -14.65
C PRO B 573 -34.06 -12.64 -14.00
N PHE B 574 -35.15 -12.92 -14.70
CA PHE B 574 -36.49 -12.70 -14.16
C PHE B 574 -37.21 -14.03 -13.99
N THR B 575 -38.07 -14.09 -12.98
CA THR B 575 -38.86 -15.27 -12.71
C THR B 575 -40.20 -15.18 -13.43
N LEU B 576 -41.05 -16.21 -13.22
CA LEU B 576 -42.35 -16.22 -13.89
C LEU B 576 -43.24 -15.08 -13.40
N GLN B 577 -43.24 -14.81 -12.10
CA GLN B 577 -44.11 -13.79 -11.53
C GLN B 577 -43.44 -12.42 -11.43
N SER B 578 -42.10 -12.37 -11.48
CA SER B 578 -41.41 -11.09 -11.37
C SER B 578 -41.62 -10.20 -12.59
N VAL B 579 -42.04 -10.77 -13.73
CA VAL B 579 -42.22 -9.98 -14.93
C VAL B 579 -43.39 -9.02 -14.83
N ASN B 580 -44.29 -9.22 -13.87
CA ASN B 580 -45.44 -8.35 -13.66
C ASN B 580 -45.14 -7.19 -12.72
N ASP B 581 -43.88 -6.79 -12.61
CA ASP B 581 -43.44 -5.76 -11.67
C ASP B 581 -42.88 -4.55 -12.40
N TYR B 582 -43.57 -4.10 -13.44
CA TYR B 582 -43.18 -2.92 -14.23
C TYR B 582 -41.79 -3.11 -14.83
N LEU B 583 -41.68 -4.09 -15.72
CA LEU B 583 -40.43 -4.40 -16.41
C LEU B 583 -40.49 -3.86 -17.83
N SER B 584 -39.36 -3.33 -18.28
CA SER B 584 -39.25 -2.66 -19.58
C SER B 584 -38.31 -3.43 -20.49
N PHE B 585 -38.70 -3.56 -21.76
CA PHE B 585 -37.96 -4.32 -22.75
C PHE B 585 -38.11 -3.66 -24.12
N SER B 586 -37.40 -4.20 -25.10
CA SER B 586 -37.51 -3.76 -26.48
C SER B 586 -38.05 -4.84 -27.42
N LYS B 587 -37.52 -6.05 -27.33
CA LYS B 587 -38.01 -7.18 -28.10
C LYS B 587 -38.27 -8.34 -27.14
N PHE B 588 -39.39 -9.05 -27.36
CA PHE B 588 -39.82 -10.10 -26.44
C PHE B 588 -40.53 -11.18 -27.23
N CYS B 589 -39.98 -12.39 -27.22
CA CYS B 589 -40.58 -13.52 -27.91
C CYS B 589 -40.47 -14.76 -27.04
N VAL B 590 -41.50 -15.61 -27.08
CA VAL B 590 -41.57 -16.80 -26.26
C VAL B 590 -41.84 -18.00 -27.15
N SER B 591 -41.13 -19.10 -26.88
CA SER B 591 -41.32 -20.31 -27.67
C SER B 591 -41.12 -21.54 -26.80
N THR B 592 -41.62 -22.67 -27.30
CA THR B 592 -41.38 -23.97 -26.68
C THR B 592 -40.19 -24.71 -27.29
N SER B 593 -39.65 -24.21 -28.40
CA SER B 593 -38.53 -24.86 -29.07
C SER B 593 -37.25 -24.05 -28.87
N LEU B 594 -36.12 -24.69 -29.18
CA LEU B 594 -34.82 -24.05 -29.00
C LEU B 594 -34.68 -22.84 -29.92
N LEU B 595 -34.18 -21.74 -29.36
CA LEU B 595 -33.93 -20.52 -30.11
C LEU B 595 -32.58 -19.96 -29.70
N ALA B 596 -31.95 -19.24 -30.63
CA ALA B 596 -30.63 -18.67 -30.37
C ALA B 596 -30.72 -17.55 -29.33
N SER B 597 -29.73 -17.51 -28.45
CA SER B 597 -29.62 -16.47 -27.41
C SER B 597 -30.87 -16.40 -26.55
N ALA B 598 -31.39 -17.55 -26.15
CA ALA B 598 -32.58 -17.63 -25.32
C ALA B 598 -32.32 -18.55 -24.14
N CYS B 599 -32.64 -18.08 -22.94
CA CYS B 599 -32.49 -18.89 -21.74
C CYS B 599 -33.65 -19.89 -21.63
N THR B 600 -33.49 -20.85 -20.72
CA THR B 600 -34.46 -21.92 -20.54
C THR B 600 -35.05 -21.85 -19.14
N ILE B 601 -36.37 -21.94 -19.06
CA ILE B 601 -37.10 -22.00 -17.79
C ILE B 601 -37.86 -23.31 -17.76
N ASP B 602 -37.73 -24.05 -16.66
CA ASP B 602 -38.29 -25.39 -16.56
C ASP B 602 -39.45 -25.43 -15.57
N LEU B 603 -40.46 -26.23 -15.88
CA LEU B 603 -41.60 -26.45 -15.00
C LEU B 603 -41.64 -27.91 -14.57
N PHE B 604 -41.72 -28.14 -13.26
CA PHE B 604 -41.71 -29.48 -12.70
C PHE B 604 -42.99 -29.70 -11.91
N GLY B 605 -43.58 -30.88 -12.09
CA GLY B 605 -44.77 -31.29 -11.37
C GLY B 605 -44.53 -32.55 -10.56
N TYR B 606 -44.89 -32.50 -9.29
CA TYR B 606 -44.72 -33.61 -8.35
C TYR B 606 -46.09 -34.02 -7.82
N PRO B 607 -46.72 -35.05 -8.39
CA PRO B 607 -48.08 -35.42 -7.97
C PRO B 607 -48.15 -36.13 -6.62
N GLU B 608 -47.09 -36.06 -5.81
CA GLU B 608 -46.98 -36.69 -4.51
C GLU B 608 -47.03 -38.21 -4.58
N PHE B 609 -46.95 -38.79 -5.78
CA PHE B 609 -46.94 -40.24 -5.93
C PHE B 609 -45.56 -40.84 -5.68
N GLY B 610 -44.52 -40.01 -5.55
CA GLY B 610 -43.16 -40.45 -5.32
C GLY B 610 -42.18 -39.95 -6.35
N SER B 611 -42.64 -39.67 -7.57
CA SER B 611 -41.79 -39.21 -8.65
C SER B 611 -42.36 -37.95 -9.27
N GLY B 612 -41.47 -37.01 -9.60
CA GLY B 612 -41.85 -35.76 -10.25
C GLY B 612 -41.22 -35.68 -11.63
N VAL B 613 -41.91 -35.01 -12.55
CA VAL B 613 -41.46 -34.93 -13.93
C VAL B 613 -41.49 -33.49 -14.41
N LYS B 614 -40.70 -33.22 -15.45
CA LYS B 614 -40.64 -31.89 -16.07
C LYS B 614 -41.62 -31.86 -17.24
N PHE B 615 -42.58 -30.93 -17.18
CA PHE B 615 -43.59 -30.87 -18.23
C PHE B 615 -42.99 -30.43 -19.55
N THR B 616 -42.24 -29.35 -19.57
CA THR B 616 -41.68 -28.80 -20.80
C THR B 616 -40.62 -27.77 -20.43
N SER B 617 -40.07 -27.11 -21.45
CA SER B 617 -39.11 -26.04 -21.28
C SER B 617 -39.59 -24.82 -22.05
N LEU B 618 -39.39 -23.64 -21.47
CA LEU B 618 -39.77 -22.38 -22.08
C LEU B 618 -38.53 -21.59 -22.47
N TYR B 619 -38.59 -20.94 -23.63
CA TYR B 619 -37.45 -20.18 -24.15
C TYR B 619 -37.90 -18.75 -24.38
N PHE B 620 -37.15 -17.80 -23.82
CA PHE B 620 -37.44 -16.38 -23.91
C PHE B 620 -36.31 -15.70 -24.67
N GLN B 621 -36.64 -14.99 -25.74
CA GLN B 621 -35.70 -14.16 -26.47
C GLN B 621 -36.09 -12.72 -26.17
N PHE B 622 -35.29 -12.06 -25.34
CA PHE B 622 -35.62 -10.74 -24.82
C PHE B 622 -34.44 -9.79 -25.00
N THR B 623 -34.76 -8.53 -25.26
CA THR B 623 -33.78 -7.47 -25.39
C THR B 623 -34.19 -6.28 -24.54
N LYS B 624 -33.21 -5.65 -23.90
CA LYS B 624 -33.48 -4.49 -23.06
C LYS B 624 -34.01 -3.33 -23.91
N GLY B 625 -34.92 -2.56 -23.34
CA GLY B 625 -35.47 -1.43 -24.06
C GLY B 625 -36.62 -0.80 -23.31
N GLU B 626 -37.42 -0.02 -24.05
CA GLU B 626 -38.51 0.75 -23.47
C GLU B 626 -39.87 0.47 -24.10
N LEU B 627 -39.92 -0.10 -25.30
CA LEU B 627 -41.17 -0.20 -26.04
C LEU B 627 -42.13 -1.26 -25.49
N ILE B 628 -41.67 -2.13 -24.60
CA ILE B 628 -42.51 -3.19 -24.04
C ILE B 628 -42.55 -3.00 -22.52
N THR B 629 -43.74 -3.01 -21.96
CA THR B 629 -43.93 -2.80 -20.52
C THR B 629 -44.80 -3.91 -19.96
N GLY B 630 -44.39 -4.43 -18.80
CA GLY B 630 -45.15 -5.48 -18.15
C GLY B 630 -45.86 -5.02 -16.89
N THR B 631 -47.20 -4.98 -16.93
CA THR B 631 -47.99 -4.49 -15.81
C THR B 631 -48.80 -5.63 -15.19
N PRO B 632 -48.99 -5.60 -13.87
CA PRO B 632 -49.80 -6.65 -13.23
C PRO B 632 -51.25 -6.67 -13.69
N LYS B 633 -51.83 -5.50 -13.98
CA LYS B 633 -53.22 -5.41 -14.40
C LYS B 633 -53.35 -4.34 -15.47
N PRO B 634 -54.35 -4.46 -16.35
CA PRO B 634 -54.59 -3.40 -17.33
C PRO B 634 -55.10 -2.13 -16.65
N LEU B 635 -54.85 -1.00 -17.32
CA LEU B 635 -55.30 0.30 -16.84
C LEU B 635 -56.55 0.71 -17.62
N GLU B 636 -57.62 1.02 -16.91
CA GLU B 636 -58.91 1.31 -17.51
C GLU B 636 -59.17 2.81 -17.50
N GLY B 637 -59.59 3.34 -18.63
CA GLY B 637 -59.86 4.77 -18.74
C GLY B 637 -58.64 5.63 -18.51
N VAL B 638 -57.49 5.22 -19.03
CA VAL B 638 -56.22 5.91 -18.80
C VAL B 638 -55.66 6.33 -20.15
N THR B 639 -55.39 7.62 -20.31
CA THR B 639 -54.79 8.14 -21.53
C THR B 639 -53.27 8.08 -21.50
N ASP B 640 -52.67 8.37 -20.35
CA ASP B 640 -51.23 8.27 -20.15
C ASP B 640 -50.98 7.36 -18.97
N VAL B 641 -50.23 6.27 -19.20
CA VAL B 641 -49.98 5.29 -18.15
C VAL B 641 -49.18 5.87 -17.00
N SER B 642 -48.42 6.94 -17.24
CA SER B 642 -47.59 7.52 -16.20
C SER B 642 -48.45 8.15 -15.11
N PHE B 643 -48.12 7.83 -13.86
CA PHE B 643 -48.80 8.41 -12.70
C PHE B 643 -47.81 8.45 -11.54
N MET B 644 -47.87 9.51 -10.75
CA MET B 644 -46.90 9.72 -9.68
C MET B 644 -47.49 10.68 -8.65
N THR B 645 -46.82 10.75 -7.50
CA THR B 645 -47.16 11.67 -6.43
C THR B 645 -45.92 12.45 -6.04
N LEU B 646 -46.08 13.75 -5.79
CA LEU B 646 -44.96 14.65 -5.58
C LEU B 646 -44.82 15.03 -4.12
N ASP B 647 -43.60 15.41 -3.74
CA ASP B 647 -43.26 15.97 -2.43
C ASP B 647 -43.52 15.00 -1.28
N VAL B 648 -43.51 13.70 -1.55
CA VAL B 648 -43.64 12.68 -0.52
C VAL B 648 -42.65 11.56 -0.80
N CYS B 649 -42.26 10.86 0.25
CA CYS B 649 -41.45 9.67 0.09
C CYS B 649 -42.25 8.59 -0.63
N THR B 650 -41.64 7.96 -1.63
CA THR B 650 -42.38 7.01 -2.46
C THR B 650 -41.42 6.05 -3.13
N LYS B 651 -41.95 4.86 -3.44
CA LYS B 651 -41.22 3.86 -4.20
C LYS B 651 -41.51 4.10 -5.68
N TYR B 652 -40.51 4.59 -6.40
CA TYR B 652 -40.68 5.01 -7.79
C TYR B 652 -39.98 4.06 -8.74
N THR B 653 -40.55 3.94 -9.93
CA THR B 653 -39.98 3.13 -11.02
C THR B 653 -40.01 4.00 -12.28
N ILE B 654 -38.88 4.64 -12.58
CA ILE B 654 -38.77 5.57 -13.70
C ILE B 654 -37.79 5.00 -14.71
N TYR B 655 -38.26 4.82 -15.94
CA TYR B 655 -37.43 4.45 -17.09
C TYR B 655 -36.57 3.22 -16.79
N GLY B 656 -37.18 2.22 -16.16
CA GLY B 656 -36.49 0.97 -15.89
C GLY B 656 -35.61 0.97 -14.66
N PHE B 657 -35.53 2.08 -13.93
CA PHE B 657 -34.77 2.16 -12.70
C PHE B 657 -35.72 2.37 -11.54
N LYS B 658 -35.60 1.55 -10.50
CA LYS B 658 -36.47 1.63 -9.34
C LYS B 658 -35.68 2.09 -8.12
N GLY B 659 -36.28 3.00 -7.36
CA GLY B 659 -35.63 3.56 -6.20
C GLY B 659 -36.62 4.07 -5.19
N GLU B 660 -36.08 4.62 -4.10
CA GLU B 660 -36.85 5.15 -2.99
C GLU B 660 -36.37 6.57 -2.70
N GLY B 661 -37.32 7.50 -2.60
CA GLY B 661 -36.94 8.88 -2.34
C GLY B 661 -38.13 9.80 -2.38
N ILE B 662 -37.84 11.08 -2.14
CA ILE B 662 -38.77 12.18 -2.36
C ILE B 662 -38.44 12.82 -3.69
N ILE B 663 -39.45 13.00 -4.52
CA ILE B 663 -39.31 13.63 -5.84
C ILE B 663 -39.84 15.05 -5.76
N THR B 664 -39.13 15.99 -6.38
CA THR B 664 -39.50 17.39 -6.36
C THR B 664 -39.28 17.99 -7.75
N LEU B 665 -39.89 19.16 -7.97
CA LEU B 665 -39.82 19.85 -9.25
C LEU B 665 -38.76 20.95 -9.18
N THR B 666 -37.97 21.07 -10.23
CA THR B 666 -36.89 22.05 -10.30
C THR B 666 -37.12 23.00 -11.46
N ASN B 667 -36.68 24.24 -11.31
CA ASN B 667 -36.87 25.28 -12.31
C ASN B 667 -35.64 25.39 -13.22
N SER B 668 -35.31 24.27 -13.88
CA SER B 668 -34.17 24.21 -14.78
C SER B 668 -34.64 23.94 -16.20
N SER B 669 -33.91 24.48 -17.17
CA SER B 669 -34.22 24.32 -18.58
C SER B 669 -33.08 23.56 -19.26
N PHE B 670 -33.43 22.48 -19.95
CA PHE B 670 -32.45 21.68 -20.68
C PHE B 670 -33.14 21.06 -21.88
N LEU B 671 -32.50 21.13 -23.04
CA LEU B 671 -33.06 20.65 -24.29
C LEU B 671 -32.44 19.35 -24.76
N ALA B 672 -31.63 18.69 -23.92
CA ALA B 672 -30.96 17.46 -24.30
C ALA B 672 -31.17 16.39 -23.24
N GLY B 673 -31.33 15.15 -23.68
CA GLY B 673 -31.45 14.03 -22.79
C GLY B 673 -32.85 13.86 -22.23
N VAL B 674 -33.05 12.73 -21.54
CA VAL B 674 -34.32 12.43 -20.90
C VAL B 674 -34.11 12.25 -19.40
N TYR B 675 -32.90 11.85 -19.02
CA TYR B 675 -32.53 11.76 -17.61
C TYR B 675 -31.06 12.11 -17.47
N TYR B 676 -30.69 12.50 -16.25
CA TYR B 676 -29.32 12.90 -15.94
C TYR B 676 -28.82 12.10 -14.76
N THR B 677 -27.62 11.54 -14.87
CA THR B 677 -27.03 10.70 -13.85
C THR B 677 -25.68 11.26 -13.41
N SER B 678 -25.30 10.93 -12.19
CA SER B 678 -24.02 11.32 -11.62
C SER B 678 -23.06 10.13 -11.71
N ASP B 679 -21.88 10.28 -11.11
CA ASP B 679 -20.90 9.21 -11.07
C ASP B 679 -21.18 8.16 -10.01
N SER B 680 -22.36 8.21 -9.39
CA SER B 680 -22.76 7.22 -8.39
C SER B 680 -23.83 6.27 -8.91
N GLY B 681 -24.23 6.38 -10.17
CA GLY B 681 -25.28 5.54 -10.70
C GLY B 681 -26.67 5.93 -10.28
N GLN B 682 -26.86 7.12 -9.72
CA GLN B 682 -28.15 7.60 -9.27
C GLN B 682 -28.75 8.52 -10.33
N LEU B 683 -29.97 8.21 -10.76
CA LEU B 683 -30.67 9.02 -11.76
C LEU B 683 -31.46 10.10 -11.02
N LEU B 684 -30.74 11.16 -10.66
CA LEU B 684 -31.34 12.21 -9.83
C LEU B 684 -32.29 13.10 -10.61
N ALA B 685 -31.95 13.45 -11.85
CA ALA B 685 -32.69 14.45 -12.62
C ALA B 685 -33.29 13.81 -13.86
N PHE B 686 -34.60 13.95 -14.02
CA PHE B 686 -35.28 13.50 -15.23
C PHE B 686 -36.26 14.56 -15.70
N LYS B 687 -36.54 14.55 -17.01
CA LYS B 687 -37.32 15.61 -17.65
C LYS B 687 -38.67 15.07 -18.09
N ASN B 688 -39.71 15.88 -17.87
CA ASN B 688 -41.06 15.60 -18.34
C ASN B 688 -41.10 15.93 -19.83
N VAL B 689 -41.07 14.90 -20.67
CA VAL B 689 -40.88 15.11 -22.12
C VAL B 689 -42.04 15.90 -22.71
N THR B 690 -43.26 15.67 -22.21
CA THR B 690 -44.42 16.36 -22.76
C THR B 690 -44.37 17.85 -22.45
N SER B 691 -43.94 18.22 -21.24
CA SER B 691 -43.95 19.61 -20.81
C SER B 691 -42.57 20.26 -20.77
N GLY B 692 -41.50 19.48 -20.65
CA GLY B 692 -40.17 20.03 -20.50
C GLY B 692 -39.75 20.31 -19.07
N ALA B 693 -40.64 20.12 -18.10
CA ALA B 693 -40.28 20.32 -16.70
C ALA B 693 -39.29 19.27 -16.24
N VAL B 694 -38.40 19.67 -15.32
CA VAL B 694 -37.36 18.81 -14.80
C VAL B 694 -37.64 18.51 -13.32
N TYR B 695 -37.33 17.29 -12.90
CA TYR B 695 -37.56 16.86 -11.54
C TYR B 695 -36.30 16.20 -10.98
N SER B 696 -36.09 16.39 -9.68
CA SER B 696 -34.94 15.85 -8.97
C SER B 696 -35.40 15.08 -7.75
N VAL B 697 -34.66 14.02 -7.42
CA VAL B 697 -35.04 13.10 -6.35
C VAL B 697 -33.94 13.07 -5.30
N THR B 698 -34.33 13.01 -4.04
CA THR B 698 -33.40 12.89 -2.92
C THR B 698 -33.86 11.79 -1.97
N PRO B 699 -32.92 11.07 -1.36
CA PRO B 699 -33.30 9.92 -0.54
C PRO B 699 -34.10 10.33 0.70
N CYS B 700 -34.94 9.40 1.18
CA CYS B 700 -35.73 9.59 2.37
C CYS B 700 -34.95 9.34 3.66
N SER B 701 -33.63 9.21 3.57
CA SER B 701 -32.80 8.93 4.74
C SER B 701 -31.61 9.87 4.74
N PHE B 702 -30.96 9.97 5.90
CA PHE B 702 -29.83 10.86 6.07
C PHE B 702 -28.88 10.28 7.12
N SER B 703 -27.64 10.74 7.06
CA SER B 703 -26.63 10.39 8.05
C SER B 703 -26.28 11.63 8.86
N GLU B 704 -26.19 11.48 10.18
CA GLU B 704 -25.98 12.61 11.06
C GLU B 704 -25.08 12.20 12.20
N GLN B 705 -24.54 13.18 12.91
CA GLN B 705 -23.65 12.88 14.02
C GLN B 705 -24.31 13.23 15.36
N ALA B 706 -23.87 12.51 16.39
CA ALA B 706 -24.38 12.70 17.73
C ALA B 706 -23.22 12.71 18.72
N ALA B 707 -23.43 13.48 19.79
CA ALA B 707 -22.47 13.65 20.88
C ALA B 707 -23.03 12.92 22.09
N TYR B 708 -22.39 11.80 22.44
CA TYR B 708 -22.77 10.94 23.54
C TYR B 708 -21.88 11.22 24.74
N VAL B 709 -22.49 11.59 25.85
CA VAL B 709 -21.79 11.82 27.11
C VAL B 709 -22.50 11.03 28.20
N ASP B 710 -21.71 10.49 29.14
CA ASP B 710 -22.24 9.72 30.26
C ASP B 710 -23.01 8.49 29.79
N ASP B 711 -24.35 8.57 29.80
CA ASP B 711 -25.16 7.41 29.47
C ASP B 711 -26.40 7.79 28.67
N ASP B 712 -26.36 8.92 27.95
CA ASP B 712 -27.51 9.35 27.18
C ASP B 712 -27.05 10.18 25.99
N ILE B 713 -27.93 10.26 24.99
CA ILE B 713 -27.66 11.06 23.79
C ILE B 713 -28.02 12.51 24.10
N VAL B 714 -27.01 13.37 24.15
CA VAL B 714 -27.20 14.77 24.50
C VAL B 714 -27.14 15.67 23.27
N GLY B 715 -26.12 15.51 22.43
CA GLY B 715 -25.92 16.37 21.27
C GLY B 715 -26.38 15.69 19.99
N VAL B 716 -27.15 16.43 19.20
CA VAL B 716 -27.53 16.00 17.85
C VAL B 716 -27.21 17.12 16.89
N ILE B 717 -26.44 16.82 15.85
CA ILE B 717 -26.08 17.80 14.82
C ILE B 717 -26.54 17.26 13.48
N SER B 718 -27.18 18.11 12.68
CA SER B 718 -27.79 17.64 11.45
C SER B 718 -27.96 18.82 10.49
N SER B 719 -28.65 18.57 9.38
CA SER B 719 -29.01 19.61 8.42
C SER B 719 -30.52 19.77 8.27
N LEU B 720 -31.30 19.15 9.15
CA LEU B 720 -32.76 19.23 9.10
C LEU B 720 -33.27 19.99 10.32
N SER B 721 -34.32 20.78 10.11
CA SER B 721 -34.87 21.63 11.16
C SER B 721 -35.83 20.88 12.10
N SER B 722 -36.14 19.63 11.81
CA SER B 722 -37.05 18.83 12.64
C SER B 722 -36.25 17.82 13.43
N SER B 723 -36.51 17.75 14.74
CA SER B 723 -35.78 16.83 15.60
C SER B 723 -36.61 16.56 16.85
N THR B 724 -36.20 15.51 17.57
CA THR B 724 -36.88 15.16 18.82
C THR B 724 -36.68 16.23 19.89
N PHE B 725 -35.48 16.81 19.95
CA PHE B 725 -35.19 17.81 20.96
C PHE B 725 -36.03 19.06 20.73
N ASN B 726 -36.35 19.76 21.83
CA ASN B 726 -37.26 20.89 21.74
C ASN B 726 -36.61 22.07 21.02
N SER B 727 -35.34 22.34 21.31
CA SER B 727 -34.66 23.52 20.81
C SER B 727 -33.86 23.18 19.56
N THR B 728 -34.05 23.98 18.51
CA THR B 728 -33.35 23.85 17.25
C THR B 728 -32.66 25.18 16.96
N ARG B 729 -31.34 25.20 17.08
CA ARG B 729 -30.55 26.41 16.88
C ARG B 729 -29.82 26.32 15.54
N GLU B 730 -30.01 27.34 14.71
CA GLU B 730 -29.34 27.42 13.43
C GLU B 730 -27.93 27.98 13.62
N LEU B 731 -26.93 27.25 13.12
CA LEU B 731 -25.55 27.67 13.19
C LEU B 731 -25.00 27.70 11.79
N PRO B 732 -23.96 28.50 11.53
CA PRO B 732 -23.46 28.65 10.16
C PRO B 732 -23.07 27.30 9.58
N GLY B 733 -23.90 26.82 8.64
CA GLY B 733 -23.65 25.59 7.93
C GLY B 733 -24.54 24.42 8.32
N PHE B 734 -25.22 24.47 9.47
CA PHE B 734 -25.96 23.29 9.92
C PHE B 734 -26.96 23.68 11.00
N PHE B 735 -27.64 22.67 11.53
CA PHE B 735 -28.59 22.81 12.62
C PHE B 735 -28.12 21.99 13.82
N TYR B 736 -28.34 22.53 15.01
CA TYR B 736 -28.03 21.86 16.26
C TYR B 736 -29.32 21.67 17.03
N HIS B 737 -29.46 20.53 17.70
CA HIS B 737 -30.67 20.28 18.46
C HIS B 737 -30.32 19.90 19.89
N SER B 738 -31.05 20.48 20.84
CA SER B 738 -30.79 20.26 22.25
C SER B 738 -32.05 20.57 23.04
N ASN B 739 -32.02 20.23 24.32
CA ASN B 739 -33.12 20.51 25.24
C ASN B 739 -32.85 21.72 26.12
N ASP B 740 -31.72 22.41 25.92
CA ASP B 740 -31.36 23.57 26.71
C ASP B 740 -30.85 24.67 25.78
N GLY B 741 -31.35 25.89 25.96
CA GLY B 741 -30.91 27.02 25.17
C GLY B 741 -30.04 27.99 25.97
N SER B 742 -29.49 27.52 27.08
CA SER B 742 -28.71 28.37 27.97
C SER B 742 -27.28 28.52 27.44
N ASN B 743 -26.42 29.14 28.25
CA ASN B 743 -25.03 29.35 27.89
C ASN B 743 -24.19 28.11 28.11
N CYS B 744 -23.12 27.98 27.33
CA CYS B 744 -22.14 26.90 27.47
C CYS B 744 -20.80 27.55 27.81
N THR B 745 -20.42 27.49 29.09
CA THR B 745 -19.17 28.08 29.56
C THR B 745 -18.10 27.05 29.89
N GLU B 746 -18.49 25.83 30.23
CA GLU B 746 -17.56 24.76 30.58
C GLU B 746 -17.86 23.54 29.72
N PRO B 747 -17.51 23.58 28.44
CA PRO B 747 -17.81 22.46 27.56
C PRO B 747 -17.06 21.20 27.97
N VAL B 748 -17.69 20.06 27.73
CA VAL B 748 -17.06 18.76 27.98
C VAL B 748 -16.44 18.20 26.70
N LEU B 749 -17.17 18.27 25.59
CA LEU B 749 -16.64 17.81 24.31
C LEU B 749 -16.29 19.02 23.45
N VAL B 750 -15.02 19.17 23.10
CA VAL B 750 -14.53 20.33 22.37
C VAL B 750 -13.83 19.89 21.10
N TYR B 751 -14.09 20.60 20.01
CA TYR B 751 -13.43 20.36 18.74
C TYR B 751 -13.32 21.68 18.01
N SER B 752 -12.11 22.00 17.54
CA SER B 752 -11.83 23.26 16.86
C SER B 752 -12.24 24.40 17.78
N ASN B 753 -13.12 25.31 17.37
CA ASN B 753 -13.57 26.40 18.23
C ASN B 753 -14.96 26.15 18.79
N ILE B 754 -15.51 24.94 18.64
CA ILE B 754 -16.88 24.63 19.02
C ILE B 754 -16.84 23.67 20.21
N GLY B 755 -17.57 24.00 21.26
CA GLY B 755 -17.62 23.17 22.44
C GLY B 755 -19.04 22.95 22.92
N VAL B 756 -19.28 21.74 23.43
CA VAL B 756 -20.57 21.36 23.98
C VAL B 756 -20.39 20.97 25.44
N CYS B 757 -21.27 21.51 26.28
CA CYS B 757 -21.34 21.30 27.72
C CYS B 757 -22.16 20.04 28.01
N LYS B 758 -22.09 19.61 29.28
CA LYS B 758 -22.87 18.45 29.70
C LYS B 758 -24.36 18.73 29.63
N SER B 759 -24.79 19.93 30.02
CA SER B 759 -26.21 20.27 30.06
C SER B 759 -26.85 20.32 28.68
N GLY B 760 -26.06 20.33 27.61
CA GLY B 760 -26.59 20.37 26.25
C GLY B 760 -26.38 21.68 25.52
N SER B 761 -25.98 22.74 26.22
CA SER B 761 -25.71 24.00 25.56
C SER B 761 -24.47 23.89 24.68
N ILE B 762 -24.42 24.73 23.65
CA ILE B 762 -23.31 24.76 22.70
C ILE B 762 -22.72 26.16 22.71
N GLY B 763 -21.45 26.27 22.35
CA GLY B 763 -20.83 27.58 22.31
C GLY B 763 -19.52 27.57 21.56
N TYR B 764 -18.93 28.76 21.46
CA TYR B 764 -17.66 28.96 20.78
C TYR B 764 -16.53 28.95 21.79
N VAL B 765 -15.54 28.08 21.56
CA VAL B 765 -14.43 27.97 22.51
C VAL B 765 -13.54 29.20 22.40
N PRO B 766 -13.25 29.91 23.50
CA PRO B 766 -12.34 31.06 23.41
C PRO B 766 -10.94 30.61 23.03
N SER B 767 -10.25 31.49 22.30
CA SER B 767 -8.91 31.18 21.83
C SER B 767 -7.94 31.06 23.00
N GLN B 768 -7.09 30.03 22.94
CA GLN B 768 -6.11 29.82 23.98
C GLN B 768 -5.00 30.85 23.91
N SER B 769 -4.61 31.39 25.06
CA SER B 769 -3.53 32.36 25.16
C SER B 769 -2.28 31.66 25.66
N GLY B 770 -1.18 31.81 24.90
CA GLY B 770 0.06 31.15 25.20
C GLY B 770 0.96 31.95 26.13
N GLN B 771 2.20 31.50 26.24
CA GLN B 771 3.19 32.14 27.08
C GLN B 771 3.71 33.42 26.42
N VAL B 772 4.57 34.13 27.14
CA VAL B 772 5.15 35.39 26.67
C VAL B 772 6.65 35.36 26.90
N LYS B 773 7.41 35.79 25.89
CA LYS B 773 8.85 35.97 26.01
C LYS B 773 9.21 37.38 25.57
N ILE B 774 10.14 38.00 26.29
CA ILE B 774 10.49 39.40 26.05
C ILE B 774 11.47 39.49 24.88
N ALA B 775 11.17 40.36 23.93
CA ALA B 775 12.04 40.53 22.77
C ALA B 775 13.33 41.25 23.18
N PRO B 776 14.43 41.00 22.48
CA PRO B 776 15.70 41.67 22.82
C PRO B 776 15.62 43.18 22.59
N THR B 777 16.16 43.92 23.54
CA THR B 777 16.26 45.37 23.47
C THR B 777 17.63 45.81 23.96
N VAL B 778 18.08 46.97 23.49
CA VAL B 778 19.34 47.54 23.93
C VAL B 778 19.17 48.87 24.66
N THR B 779 17.96 49.43 24.70
CA THR B 779 17.72 50.67 25.41
C THR B 779 16.25 50.70 25.84
N GLY B 780 15.96 51.56 26.81
CA GLY B 780 14.59 51.78 27.22
C GLY B 780 14.20 50.96 28.45
N ASN B 781 13.37 49.94 28.27
CA ASN B 781 12.59 49.37 29.35
C ASN B 781 12.54 47.86 29.19
N ILE B 782 12.96 47.13 30.22
CA ILE B 782 13.10 45.68 30.18
C ILE B 782 12.39 45.08 31.37
N SER B 783 11.66 43.99 31.13
CA SER B 783 11.00 43.23 32.20
C SER B 783 11.86 41.99 32.48
N ILE B 784 12.78 42.13 33.42
CA ILE B 784 13.67 41.02 33.77
C ILE B 784 12.89 39.99 34.59
N PRO B 785 12.89 38.72 34.18
CA PRO B 785 12.14 37.70 34.93
C PRO B 785 12.77 37.39 36.28
N THR B 786 11.92 36.91 37.19
CA THR B 786 12.35 36.53 38.53
C THR B 786 11.25 35.69 39.17
N ASN B 787 11.57 35.13 40.33
CA ASN B 787 10.64 34.31 41.12
C ASN B 787 10.15 33.10 40.32
N PHE B 788 11.10 32.23 40.03
CA PHE B 788 10.88 31.09 39.17
C PHE B 788 10.22 29.93 39.92
N SER B 789 9.76 28.96 39.15
CA SER B 789 9.15 27.75 39.69
C SER B 789 9.37 26.61 38.70
N MET B 790 8.80 25.45 39.02
CA MET B 790 8.99 24.23 38.25
C MET B 790 7.82 23.96 37.33
N SER B 791 8.11 23.38 36.16
CA SER B 791 7.09 22.91 35.24
C SER B 791 7.66 21.65 34.61
N ILE B 792 7.18 20.49 35.05
CA ILE B 792 7.66 19.22 34.54
C ILE B 792 6.80 18.79 33.37
N ARG B 793 7.44 18.54 32.23
CA ARG B 793 6.74 18.10 31.03
C ARG B 793 7.00 16.63 30.78
N THR B 794 6.13 16.02 29.98
CA THR B 794 6.18 14.60 29.67
C THR B 794 6.47 14.41 28.19
N GLU B 795 7.14 13.30 27.86
CA GLU B 795 7.41 12.98 26.47
C GLU B 795 7.53 11.46 26.37
N TYR B 796 7.04 10.89 25.28
CA TYR B 796 7.14 9.45 25.09
C TYR B 796 7.62 9.15 23.68
N LEU B 797 8.54 8.19 23.56
CA LEU B 797 9.07 7.83 22.25
C LEU B 797 9.28 6.32 22.16
N GLN B 798 9.24 5.83 20.92
CA GLN B 798 9.45 4.44 20.57
C GLN B 798 10.78 4.29 19.84
N LEU B 799 11.37 3.10 19.95
CA LEU B 799 12.65 2.86 19.30
C LEU B 799 12.67 1.55 18.52
N TYR B 800 11.85 0.59 18.91
CA TYR B 800 11.88 -0.74 18.32
C TYR B 800 10.48 -1.30 18.17
N ASN B 801 10.36 -2.33 17.34
CA ASN B 801 9.10 -3.01 17.07
C ASN B 801 9.32 -4.52 17.16
N THR B 802 8.24 -5.23 17.43
CA THR B 802 8.30 -6.68 17.58
C THR B 802 8.42 -7.34 16.21
N PRO B 803 9.46 -8.15 15.97
CA PRO B 803 9.59 -8.84 14.69
C PRO B 803 8.87 -10.19 14.69
N VAL B 804 8.52 -10.63 13.49
CA VAL B 804 7.79 -11.89 13.30
C VAL B 804 8.38 -12.60 12.09
N SER B 805 8.41 -13.94 12.16
CA SER B 805 8.91 -14.77 11.07
C SER B 805 7.84 -15.77 10.69
N VAL B 806 7.95 -16.32 9.47
CA VAL B 806 7.01 -17.34 9.02
C VAL B 806 7.67 -18.16 7.92
N ASP B 807 7.34 -19.45 7.87
CA ASP B 807 7.73 -20.30 6.76
C ASP B 807 6.57 -20.41 5.78
N CYS B 808 6.81 -20.00 4.53
CA CYS B 808 5.77 -20.02 3.52
C CYS B 808 5.36 -21.45 3.18
N ALA B 809 6.32 -22.37 3.13
CA ALA B 809 6.03 -23.74 2.70
C ALA B 809 5.02 -24.41 3.61
N THR B 810 5.21 -24.30 4.93
CA THR B 810 4.28 -24.91 5.86
C THR B 810 2.97 -24.14 5.93
N TYR B 811 3.01 -22.82 5.71
CA TYR B 811 1.79 -22.02 5.76
C TYR B 811 0.86 -22.35 4.60
N VAL B 812 1.41 -22.57 3.41
CA VAL B 812 0.58 -22.83 2.24
C VAL B 812 0.20 -24.30 2.08
N CYS B 813 0.95 -25.21 2.71
CA CYS B 813 0.66 -26.63 2.61
C CYS B 813 0.89 -27.29 3.97
N ASN B 814 -0.05 -28.12 4.39
CA ASN B 814 0.04 -28.78 5.70
C ASN B 814 0.68 -30.16 5.57
N GLY B 815 1.92 -30.16 5.10
CA GLY B 815 2.74 -31.35 5.07
C GLY B 815 2.56 -32.27 3.87
N ASN B 816 1.70 -31.92 2.92
CA ASN B 816 1.51 -32.76 1.74
C ASN B 816 2.73 -32.68 0.82
N SER B 817 2.98 -33.79 0.12
CA SER B 817 4.16 -33.87 -0.74
C SER B 817 3.87 -33.37 -2.15
N ARG B 818 2.74 -33.79 -2.73
CA ARG B 818 2.39 -33.36 -4.08
C ARG B 818 2.20 -31.86 -4.15
N CYS B 819 1.59 -31.28 -3.12
CA CYS B 819 1.36 -29.84 -3.10
C CYS B 819 2.67 -29.07 -3.11
N LYS B 820 3.64 -29.50 -2.31
CA LYS B 820 4.94 -28.82 -2.31
C LYS B 820 5.69 -29.07 -3.61
N GLN B 821 5.50 -30.25 -4.22
CA GLN B 821 6.10 -30.50 -5.53
C GLN B 821 5.57 -29.52 -6.56
N LEU B 822 4.26 -29.25 -6.52
CA LEU B 822 3.68 -28.24 -7.39
C LEU B 822 4.20 -26.85 -7.06
N LEU B 823 4.32 -26.54 -5.76
CA LEU B 823 4.80 -25.24 -5.33
C LEU B 823 6.24 -24.98 -5.74
N THR B 824 7.04 -26.02 -5.95
CA THR B 824 8.44 -25.84 -6.31
C THR B 824 8.60 -25.05 -7.60
N GLN B 825 7.58 -24.99 -8.45
CA GLN B 825 7.65 -24.20 -9.67
C GLN B 825 7.84 -22.72 -9.37
N TYR B 826 7.12 -22.19 -8.38
CA TYR B 826 7.17 -20.78 -8.03
C TYR B 826 7.61 -20.65 -6.58
N THR B 827 8.85 -20.25 -6.37
CA THR B 827 9.41 -20.15 -5.02
C THR B 827 10.17 -18.85 -4.76
N ALA B 828 10.51 -18.08 -5.81
CA ALA B 828 11.32 -16.88 -5.62
C ALA B 828 10.67 -15.88 -4.68
N ALA B 829 9.33 -15.84 -4.63
CA ALA B 829 8.64 -14.95 -3.70
C ALA B 829 8.95 -15.33 -2.25
N CYS B 830 8.97 -16.63 -1.96
CA CYS B 830 9.29 -17.08 -0.61
C CYS B 830 10.72 -16.67 -0.24
N LYS B 831 11.65 -16.85 -1.18
CA LYS B 831 13.02 -16.42 -0.93
C LYS B 831 13.10 -14.93 -0.68
N THR B 832 12.36 -14.15 -1.46
CA THR B 832 12.37 -12.70 -1.29
C THR B 832 11.85 -12.29 0.08
N ILE B 833 10.70 -12.84 0.48
CA ILE B 833 10.09 -12.43 1.74
C ILE B 833 10.98 -12.81 2.91
N GLU B 834 11.54 -14.04 2.89
CA GLU B 834 12.39 -14.43 4.02
C GLU B 834 13.70 -13.66 4.03
N SER B 835 14.30 -13.42 2.86
CA SER B 835 15.52 -12.63 2.79
C SER B 835 15.30 -11.24 3.37
N ALA B 836 14.16 -10.62 3.06
CA ALA B 836 13.84 -9.35 3.68
C ALA B 836 13.67 -9.50 5.19
N LEU B 837 12.93 -10.52 5.63
CA LEU B 837 12.55 -10.61 7.03
C LEU B 837 13.76 -10.81 7.94
N GLN B 838 14.52 -11.89 7.74
CA GLN B 838 15.64 -12.14 8.64
C GLN B 838 16.73 -11.07 8.52
N LEU B 839 16.94 -10.52 7.33
CA LEU B 839 17.93 -9.46 7.19
C LEU B 839 17.54 -8.24 8.02
N SER B 840 16.29 -7.80 7.91
CA SER B 840 15.83 -6.66 8.68
C SER B 840 15.93 -6.93 10.17
N ALA B 841 15.51 -8.14 10.59
CA ALA B 841 15.57 -8.48 12.00
C ALA B 841 17.00 -8.44 12.52
N ARG B 842 17.95 -9.02 11.76
CA ARG B 842 19.34 -9.07 12.22
C ARG B 842 19.95 -7.68 12.32
N LEU B 843 19.76 -6.85 11.28
CA LEU B 843 20.35 -5.52 11.34
C LEU B 843 19.73 -4.68 12.46
N GLU B 844 18.41 -4.80 12.65
CA GLU B 844 17.75 -4.07 13.72
C GLU B 844 18.29 -4.48 15.08
N SER B 845 18.42 -5.79 15.30
CA SER B 845 18.93 -6.27 16.59
C SER B 845 20.36 -5.83 16.81
N VAL B 846 21.20 -5.90 15.77
CA VAL B 846 22.60 -5.51 15.91
C VAL B 846 22.69 -4.04 16.31
N GLU B 847 21.96 -3.17 15.60
CA GLU B 847 22.08 -1.75 15.91
C GLU B 847 21.49 -1.41 17.27
N VAL B 848 20.38 -2.06 17.65
CA VAL B 848 19.79 -1.73 18.96
C VAL B 848 20.68 -2.24 20.08
N ASN B 849 21.37 -3.38 19.89
CA ASN B 849 22.32 -3.84 20.90
C ASN B 849 23.54 -2.94 20.96
N SER B 850 23.96 -2.37 19.82
CA SER B 850 25.08 -1.45 19.84
C SER B 850 24.71 -0.12 20.49
N MET B 851 23.42 0.24 20.49
CA MET B 851 23.01 1.51 21.06
C MET B 851 23.28 1.59 22.56
N LEU B 852 23.01 0.50 23.28
CA LEU B 852 23.04 0.54 24.74
C LEU B 852 24.46 0.80 25.25
N THR B 853 24.56 1.58 26.31
CA THR B 853 25.83 1.85 26.99
C THR B 853 25.60 1.75 28.49
N ILE B 854 26.50 1.05 29.19
CA ILE B 854 26.30 0.70 30.59
C ILE B 854 27.52 1.10 31.40
N SER B 855 27.30 1.74 32.54
CA SER B 855 28.36 2.15 33.45
C SER B 855 28.17 1.45 34.80
N GLU B 856 29.24 0.87 35.32
CA GLU B 856 29.15 0.18 36.61
C GLU B 856 29.11 1.16 37.77
N GLU B 857 29.71 2.34 37.62
CA GLU B 857 29.64 3.35 38.68
C GLU B 857 28.20 3.79 38.91
N ALA B 858 27.44 3.99 37.83
CA ALA B 858 26.02 4.28 37.96
C ALA B 858 25.27 3.12 38.59
N LEU B 859 25.71 1.90 38.33
CA LEU B 859 25.13 0.74 39.00
C LEU B 859 25.35 0.83 40.51
N GLN B 860 26.54 1.24 40.92
CA GLN B 860 26.83 1.37 42.36
C GLN B 860 26.01 2.50 42.98
N LEU B 861 25.90 3.63 42.29
CA LEU B 861 25.27 4.82 42.85
C LEU B 861 23.76 4.87 42.68
N ALA B 862 23.17 3.91 41.98
CA ALA B 862 21.73 3.93 41.73
C ALA B 862 20.91 3.60 42.97
N THR B 863 21.52 3.01 44.00
CA THR B 863 20.76 2.58 45.16
C THR B 863 20.31 3.78 46.00
N ILE B 864 19.29 3.55 46.82
CA ILE B 864 18.78 4.59 47.72
C ILE B 864 19.85 4.99 48.73
N SER B 865 20.56 4.01 49.29
CA SER B 865 21.60 4.31 50.27
C SER B 865 22.72 5.14 49.64
N SER B 866 23.12 4.80 48.41
CA SER B 866 24.17 5.54 47.73
C SER B 866 23.75 6.93 47.30
N PHE B 867 22.46 7.26 47.38
CA PHE B 867 21.95 8.57 47.01
C PHE B 867 21.63 9.37 48.27
N ASN B 868 22.16 10.58 48.34
CA ASN B 868 21.97 11.47 49.49
C ASN B 868 20.99 12.57 49.08
N GLY B 869 19.69 12.29 49.24
CA GLY B 869 18.69 13.29 48.96
C GLY B 869 18.78 14.46 49.92
N ASP B 870 18.65 15.67 49.39
CA ASP B 870 18.73 16.90 50.18
C ASP B 870 17.61 17.82 49.69
N GLY B 871 16.44 17.72 50.33
CA GLY B 871 15.28 18.49 49.93
C GLY B 871 14.56 17.96 48.72
N TYR B 872 14.96 16.81 48.20
CA TYR B 872 14.34 16.20 47.04
C TYR B 872 14.05 14.74 47.34
N ASN B 873 12.99 14.20 46.73
CA ASN B 873 12.53 12.87 47.10
C ASN B 873 13.25 11.77 46.32
N PHE B 874 13.08 11.76 45.00
CA PHE B 874 13.71 10.76 44.12
C PHE B 874 13.47 9.34 44.63
N THR B 875 12.29 9.10 45.19
CA THR B 875 11.94 7.77 45.71
C THR B 875 11.11 6.96 44.74
N ASN B 876 10.06 7.55 44.17
CA ASN B 876 9.26 6.84 43.17
C ASN B 876 10.03 6.63 41.86
N VAL B 877 11.12 7.37 41.66
CA VAL B 877 11.93 7.21 40.46
C VAL B 877 13.04 6.18 40.67
N LEU B 878 13.80 6.32 41.76
CA LEU B 878 14.89 5.38 42.03
C LEU B 878 14.33 4.01 42.37
N GLY B 879 15.02 2.97 41.89
CA GLY B 879 14.56 1.61 42.10
C GLY B 879 14.80 1.12 43.51
N VAL B 880 14.23 -0.06 43.80
CA VAL B 880 14.31 -0.68 45.11
C VAL B 880 15.41 -1.74 45.08
N SER B 881 16.40 -1.59 45.95
CA SER B 881 17.55 -2.46 45.99
C SER B 881 17.31 -3.63 46.93
N VAL B 882 18.39 -4.33 47.28
CA VAL B 882 18.44 -5.50 48.18
C VAL B 882 17.23 -6.42 47.98
N TYR B 883 17.17 -7.05 46.82
CA TYR B 883 16.18 -8.08 46.53
C TYR B 883 16.88 -9.42 46.36
N ASP B 884 16.43 -10.42 47.10
CA ASP B 884 17.05 -11.75 47.08
C ASP B 884 16.06 -12.77 46.56
N PRO B 885 16.10 -13.10 45.26
CA PRO B 885 15.22 -14.14 44.72
C PRO B 885 15.80 -15.53 44.93
N ALA B 886 15.18 -16.54 44.34
CA ALA B 886 15.70 -17.91 44.44
C ALA B 886 17.11 -18.03 43.87
N ARG B 887 17.52 -17.09 43.01
CA ARG B 887 18.89 -17.09 42.53
C ARG B 887 19.88 -16.86 43.66
N GLY B 888 19.54 -15.99 44.60
CA GLY B 888 20.39 -15.70 45.74
C GLY B 888 21.30 -14.51 45.59
N ARG B 889 21.09 -13.66 44.59
CA ARG B 889 21.91 -12.48 44.35
C ARG B 889 21.04 -11.23 44.36
N VAL B 890 21.62 -10.12 44.80
CA VAL B 890 20.88 -8.87 44.90
C VAL B 890 20.53 -8.38 43.49
N VAL B 891 19.25 -8.07 43.28
CA VAL B 891 18.76 -7.64 41.98
C VAL B 891 17.95 -6.36 42.15
N GLN B 892 17.74 -5.68 41.04
CA GLN B 892 17.00 -4.42 41.00
C GLN B 892 15.62 -4.65 40.39
N LYS B 893 14.59 -4.16 41.05
CA LYS B 893 13.20 -4.30 40.60
C LYS B 893 12.65 -2.95 40.20
N ARG B 894 11.38 -2.95 39.79
CA ARG B 894 10.72 -1.73 39.38
C ARG B 894 10.45 -0.82 40.57
N SER B 895 10.48 0.49 40.31
CA SER B 895 10.11 1.49 41.30
C SER B 895 8.61 1.72 41.23
N PHE B 896 8.13 2.80 41.85
CA PHE B 896 6.69 3.01 41.97
C PHE B 896 6.04 3.32 40.63
N ILE B 897 6.47 4.40 39.98
CA ILE B 897 5.72 4.95 38.84
C ILE B 897 5.68 3.95 37.69
N GLU B 898 6.82 3.33 37.36
CA GLU B 898 6.83 2.43 36.22
C GLU B 898 6.07 1.15 36.53
N ASP B 899 6.18 0.62 37.74
CA ASP B 899 5.38 -0.55 38.09
C ASP B 899 3.90 -0.24 38.02
N LEU B 900 3.52 0.98 38.38
CA LEU B 900 2.13 1.40 38.19
C LEU B 900 1.75 1.38 36.72
N LEU B 901 2.58 1.96 35.86
CA LEU B 901 2.18 2.12 34.47
C LEU B 901 2.13 0.78 33.72
N PHE B 902 3.06 -0.14 34.00
CA PHE B 902 2.96 -1.46 33.37
C PHE B 902 1.65 -2.15 33.72
N ASN B 903 1.32 -2.22 35.01
CA ASN B 903 0.08 -2.89 35.39
C ASN B 903 -1.16 -2.11 34.97
N LYS B 904 -1.01 -0.82 34.64
CA LYS B 904 -2.15 -0.07 34.13
C LYS B 904 -2.39 -0.38 32.66
N VAL B 905 -1.38 -0.24 31.81
CA VAL B 905 -1.58 -0.38 30.37
C VAL B 905 -1.48 -1.84 29.92
N VAL B 906 -0.70 -2.67 30.61
CA VAL B 906 -0.48 -4.05 30.20
C VAL B 906 -1.22 -4.97 31.15
N THR B 907 -2.14 -5.76 30.61
CA THR B 907 -2.84 -6.75 31.39
C THR B 907 -1.97 -7.99 31.56
N ASN B 908 -2.03 -8.60 32.75
CA ASN B 908 -1.22 -9.77 33.02
C ASN B 908 -1.60 -10.91 32.07
N GLY B 909 -0.59 -11.59 31.54
CA GLY B 909 -0.81 -12.65 30.58
C GLY B 909 -0.95 -12.20 29.15
N LEU B 910 -0.69 -10.93 28.84
CA LEU B 910 -0.79 -10.44 27.48
C LEU B 910 0.42 -10.88 26.67
N GLY B 911 0.54 -10.37 25.44
CA GLY B 911 1.63 -10.72 24.56
C GLY B 911 2.94 -10.01 24.83
N THR B 912 2.96 -9.06 25.76
CA THR B 912 4.20 -8.35 26.08
C THR B 912 5.23 -9.30 26.69
N VAL B 913 4.79 -10.18 27.59
CA VAL B 913 5.70 -11.12 28.21
C VAL B 913 6.09 -12.21 27.22
N ASP B 914 7.28 -12.77 27.39
CA ASP B 914 7.72 -13.86 26.53
C ASP B 914 6.79 -15.06 26.68
N GLU B 915 6.53 -15.72 25.56
CA GLU B 915 5.60 -16.84 25.51
C GLU B 915 6.37 -18.15 25.43
N ASP B 916 6.05 -19.07 26.33
CA ASP B 916 6.66 -20.40 26.32
C ASP B 916 5.94 -21.27 25.29
N TYR B 917 6.67 -21.69 24.27
CA TYR B 917 6.09 -22.50 23.20
C TYR B 917 6.09 -23.99 23.50
N LYS B 918 6.72 -24.40 24.61
CA LYS B 918 6.73 -25.81 24.98
C LYS B 918 5.32 -26.32 25.27
N ARG B 919 4.50 -25.48 25.92
CA ARG B 919 3.14 -25.89 26.25
C ARG B 919 2.31 -26.17 25.01
N CYS B 920 2.62 -25.51 23.89
CA CYS B 920 1.88 -25.76 22.65
C CYS B 920 2.07 -27.19 22.19
N SER B 921 3.30 -27.70 22.28
CA SER B 921 3.58 -29.09 21.91
C SER B 921 3.30 -30.07 23.04
N ASN B 922 3.12 -29.58 24.27
CA ASN B 922 2.85 -30.48 25.39
C ASN B 922 1.53 -31.23 25.21
N GLY B 923 0.48 -30.52 24.81
CA GLY B 923 -0.79 -31.16 24.52
C GLY B 923 -1.70 -31.27 25.72
N ARG B 924 -2.65 -32.22 25.61
CA ARG B 924 -3.70 -32.51 26.58
C ARG B 924 -4.29 -31.26 27.23
N SER B 925 -4.45 -30.20 26.45
CA SER B 925 -5.10 -28.99 26.91
C SER B 925 -5.74 -28.30 25.72
N VAL B 926 -6.79 -27.51 25.99
CA VAL B 926 -7.46 -26.76 24.93
C VAL B 926 -6.50 -25.68 24.45
N ALA B 927 -6.06 -25.79 23.19
CA ALA B 927 -5.06 -24.88 22.66
C ALA B 927 -5.60 -23.44 22.64
N ASP B 928 -4.75 -22.50 23.05
CA ASP B 928 -5.09 -21.10 23.03
C ASP B 928 -4.87 -20.55 21.62
N LEU B 929 -4.98 -19.22 21.49
CA LEU B 929 -4.78 -18.61 20.18
C LEU B 929 -3.34 -18.71 19.71
N VAL B 930 -2.38 -18.62 20.64
CA VAL B 930 -0.97 -18.61 20.25
C VAL B 930 -0.60 -19.90 19.52
N CYS B 931 -1.04 -21.05 20.04
CA CYS B 931 -0.77 -22.32 19.38
C CYS B 931 -1.40 -22.39 18.00
N ALA B 932 -2.48 -21.63 17.76
CA ALA B 932 -3.14 -21.67 16.46
C ALA B 932 -2.20 -21.17 15.37
N GLN B 933 -1.63 -19.98 15.54
CA GLN B 933 -0.66 -19.49 14.56
C GLN B 933 0.70 -20.18 14.69
N TYR B 934 0.98 -20.83 15.83
CA TYR B 934 2.17 -21.68 15.87
C TYR B 934 2.02 -22.85 14.90
N TYR B 935 0.84 -23.49 14.90
CA TYR B 935 0.57 -24.54 13.93
C TYR B 935 0.52 -23.99 12.52
N SER B 936 -0.04 -22.78 12.37
CA SER B 936 -0.09 -22.15 11.06
C SER B 936 1.30 -21.88 10.51
N GLY B 937 2.22 -21.45 11.37
CA GLY B 937 3.58 -21.21 10.95
C GLY B 937 4.13 -19.86 11.36
N VAL B 938 3.28 -19.03 11.97
CA VAL B 938 3.68 -17.70 12.40
C VAL B 938 4.49 -17.82 13.69
N MET B 939 5.76 -17.44 13.63
CA MET B 939 6.66 -17.49 14.78
C MET B 939 6.85 -16.08 15.31
N VAL B 940 6.48 -15.88 16.57
CA VAL B 940 6.67 -14.60 17.24
C VAL B 940 8.02 -14.64 17.94
N LEU B 941 8.99 -13.90 17.40
CA LEU B 941 10.33 -13.92 17.94
C LEU B 941 10.36 -13.32 19.35
N PRO B 942 11.26 -13.80 20.21
CA PRO B 942 11.40 -13.19 21.53
C PRO B 942 11.86 -11.74 21.43
N GLY B 943 11.49 -10.95 22.43
CA GLY B 943 11.87 -9.56 22.43
C GLY B 943 13.37 -9.39 22.36
N VAL B 944 13.81 -8.47 21.51
CA VAL B 944 15.25 -8.25 21.31
C VAL B 944 15.89 -7.75 22.60
N VAL B 945 15.17 -6.93 23.36
CA VAL B 945 15.67 -6.38 24.62
C VAL B 945 14.68 -6.72 25.73
N ASP B 946 15.21 -7.14 26.87
CA ASP B 946 14.37 -7.46 28.02
C ASP B 946 14.01 -6.20 28.79
N ALA B 947 12.88 -6.25 29.49
CA ALA B 947 12.44 -5.11 30.28
C ALA B 947 13.42 -4.78 31.40
N GLU B 948 14.04 -5.82 31.98
CA GLU B 948 15.04 -5.60 33.02
C GLU B 948 16.23 -4.83 32.47
N LYS B 949 16.62 -5.11 31.22
CA LYS B 949 17.70 -4.35 30.59
C LYS B 949 17.33 -2.88 30.44
N LEU B 950 16.08 -2.60 30.05
CA LEU B 950 15.63 -1.21 29.95
C LEU B 950 15.65 -0.53 31.32
N HIS B 951 15.22 -1.25 32.35
CA HIS B 951 15.22 -0.68 33.69
C HIS B 951 16.64 -0.37 34.17
N MET B 952 17.57 -1.30 33.95
CA MET B 952 18.95 -1.08 34.36
C MET B 952 19.58 0.05 33.55
N TYR B 953 19.26 0.13 32.26
CA TYR B 953 19.73 1.26 31.45
C TYR B 953 19.20 2.58 31.98
N SER B 954 17.92 2.62 32.35
CA SER B 954 17.36 3.84 32.91
C SER B 954 18.05 4.23 34.20
N ALA B 955 18.31 3.26 35.06
CA ALA B 955 19.03 3.54 36.30
C ALA B 955 20.43 4.07 36.02
N SER B 956 21.12 3.46 35.05
CA SER B 956 22.46 3.92 34.71
C SER B 956 22.44 5.34 34.18
N LEU B 957 21.45 5.66 33.33
CA LEU B 957 21.36 7.00 32.78
C LEU B 957 21.06 8.02 33.87
N ILE B 958 20.13 7.72 34.78
CA ILE B 958 19.77 8.68 35.80
C ILE B 958 20.88 8.83 36.84
N GLY B 959 21.76 7.84 36.97
CA GLY B 959 22.87 7.99 37.90
C GLY B 959 24.04 8.81 37.40
N GLY B 960 23.98 9.29 36.15
CA GLY B 960 25.12 10.01 35.60
C GLY B 960 25.36 11.35 36.26
N MET B 961 24.30 12.07 36.62
CA MET B 961 24.45 13.42 37.16
C MET B 961 25.21 13.40 38.48
N VAL B 962 24.87 12.47 39.37
CA VAL B 962 25.52 12.41 40.68
C VAL B 962 26.94 11.87 40.61
N LEU B 963 27.37 11.39 39.46
CA LEU B 963 28.71 10.83 39.29
C LEU B 963 29.73 11.95 39.32
N GLY B 964 30.43 12.10 40.44
CA GLY B 964 31.47 13.10 40.55
C GLY B 964 32.82 12.57 40.12
N GLY B 965 33.81 12.64 41.01
CA GLY B 965 35.11 12.10 40.70
C GLY B 965 35.15 10.59 40.75
N PHE B 966 36.19 10.02 40.14
CA PHE B 966 36.36 8.58 40.13
C PHE B 966 36.66 8.07 41.54
N THR B 967 36.04 6.94 41.89
CA THR B 967 36.18 6.32 43.20
C THR B 967 35.85 7.35 44.30
N ALA B 968 34.71 8.00 44.13
CA ALA B 968 34.27 9.00 45.11
C ALA B 968 33.88 8.32 46.41
N ALA B 969 34.34 8.90 47.52
CA ALA B 969 33.98 8.38 48.84
C ALA B 969 32.49 8.53 49.09
N ALA B 970 31.91 9.68 48.74
CA ALA B 970 30.49 9.93 48.92
C ALA B 970 29.96 10.66 47.69
N ALA B 971 28.69 10.41 47.38
CA ALA B 971 28.06 11.07 46.24
C ALA B 971 27.85 12.55 46.52
N LEU B 972 28.06 13.37 45.49
CA LEU B 972 27.91 14.80 45.64
C LEU B 972 26.42 15.14 45.80
N PRO B 973 26.09 16.09 46.67
CA PRO B 973 24.68 16.47 46.85
C PRO B 973 24.07 17.03 45.57
N PHE B 974 22.78 16.77 45.38
CA PHE B 974 22.09 17.25 44.19
C PHE B 974 21.98 18.77 44.18
N SER B 975 21.92 19.39 45.35
CA SER B 975 21.85 20.85 45.42
C SER B 975 23.09 21.49 44.83
N TYR B 976 24.26 20.87 45.02
CA TYR B 976 25.48 21.37 44.42
C TYR B 976 25.40 21.33 42.90
N ALA B 977 24.84 20.25 42.35
CA ALA B 977 24.66 20.16 40.90
C ALA B 977 23.69 21.22 40.40
N VAL B 978 22.61 21.47 41.16
CA VAL B 978 21.67 22.52 40.78
C VAL B 978 22.36 23.87 40.76
N GLN B 979 23.18 24.14 41.78
CA GLN B 979 23.95 25.38 41.81
C GLN B 979 24.90 25.46 40.64
N ALA B 980 25.52 24.33 40.28
CA ALA B 980 26.45 24.30 39.15
C ALA B 980 25.74 24.67 37.86
N ARG B 981 24.56 24.07 37.62
CA ARG B 981 23.82 24.38 36.41
C ARG B 981 23.37 25.83 36.39
N LEU B 982 22.91 26.34 37.54
CA LEU B 982 22.47 27.73 37.63
C LEU B 982 23.62 28.67 37.33
N ASN B 983 24.80 28.39 37.86
CA ASN B 983 25.96 29.21 37.54
C ASN B 983 26.37 29.08 36.08
N TYR B 984 26.24 27.89 35.50
CA TYR B 984 26.63 27.69 34.11
C TYR B 984 25.76 28.52 33.18
N LEU B 985 24.45 28.55 33.42
CA LEU B 985 23.58 29.33 32.54
C LEU B 985 23.87 30.82 32.66
N ALA B 986 24.13 31.29 33.87
CA ALA B 986 24.48 32.69 34.11
C ALA B 986 25.07 32.81 35.51
N LEU B 987 25.89 33.85 35.70
CA LEU B 987 26.47 34.08 37.02
C LEU B 987 25.39 34.53 38.00
N GLN B 988 25.58 34.16 39.26
CA GLN B 988 24.66 34.54 40.33
C GLN B 988 25.44 35.05 41.52
N THR B 989 24.82 35.98 42.26
CA THR B 989 25.39 36.52 43.49
C THR B 989 24.57 36.19 44.72
N ASP B 990 23.47 35.46 44.57
CA ASP B 990 22.59 35.12 45.69
C ASP B 990 22.90 33.70 46.15
N VAL B 991 23.45 33.57 47.35
CA VAL B 991 23.81 32.28 47.90
C VAL B 991 23.21 32.17 49.30
N LEU B 992 22.14 32.94 49.53
CA LEU B 992 21.53 33.05 50.85
C LEU B 992 20.60 31.88 51.17
N GLN B 993 20.47 30.92 50.26
CA GLN B 993 19.91 29.59 50.53
C GLN B 993 18.39 29.58 50.69
N ARG B 994 17.74 30.73 50.74
CA ARG B 994 16.28 30.71 50.69
C ARG B 994 15.77 30.34 49.30
N ASN B 995 16.48 30.76 48.25
CA ASN B 995 16.11 30.35 46.91
C ASN B 995 16.23 28.83 46.76
N GLN B 996 17.27 28.23 47.32
CA GLN B 996 17.46 26.80 47.20
C GLN B 996 16.30 26.03 47.84
N GLN B 997 15.92 26.41 49.05
CA GLN B 997 14.84 25.69 49.73
C GLN B 997 13.50 25.94 49.05
N LEU B 998 13.26 27.17 48.58
CA LEU B 998 12.02 27.44 47.86
C LEU B 998 11.92 26.58 46.60
N LEU B 999 13.01 26.51 45.84
CA LEU B 999 13.03 25.70 44.62
C LEU B 999 12.82 24.22 44.94
N ALA B 1000 13.46 23.73 46.01
CA ALA B 1000 13.35 22.33 46.36
C ALA B 1000 11.92 21.97 46.79
N GLU B 1001 11.30 22.82 47.62
CA GLU B 1001 9.94 22.53 48.05
C GLU B 1001 8.96 22.63 46.88
N SER B 1002 9.19 23.58 45.97
CA SER B 1002 8.36 23.66 44.77
C SER B 1002 8.50 22.40 43.93
N PHE B 1003 9.74 21.89 43.78
CA PHE B 1003 9.95 20.66 43.02
C PHE B 1003 9.25 19.48 43.68
N ASN B 1004 9.32 19.37 45.01
CA ASN B 1004 8.66 18.27 45.69
C ASN B 1004 7.14 18.35 45.51
N SER B 1005 6.57 19.55 45.63
CA SER B 1005 5.13 19.71 45.42
C SER B 1005 4.74 19.35 43.99
N ALA B 1006 5.56 19.79 43.02
CA ALA B 1006 5.25 19.52 41.63
C ALA B 1006 5.32 18.03 41.31
N ILE B 1007 6.34 17.33 41.81
CA ILE B 1007 6.40 15.89 41.56
C ILE B 1007 5.25 15.18 42.26
N GLY B 1008 4.85 15.65 43.45
CA GLY B 1008 3.71 15.05 44.12
C GLY B 1008 2.43 15.18 43.32
N ASN B 1009 2.16 16.39 42.80
CA ASN B 1009 0.90 16.57 42.09
C ASN B 1009 0.93 15.94 40.70
N ILE B 1010 2.11 15.83 40.06
CA ILE B 1010 2.14 15.11 38.78
C ILE B 1010 1.93 13.61 39.01
N THR B 1011 2.51 13.07 40.09
CA THR B 1011 2.26 11.66 40.41
C THR B 1011 0.79 11.43 40.73
N SER B 1012 0.15 12.38 41.42
CA SER B 1012 -1.28 12.28 41.65
C SER B 1012 -2.05 12.35 40.34
N ALA B 1013 -1.63 13.23 39.42
CA ALA B 1013 -2.29 13.37 38.14
C ALA B 1013 -2.13 12.12 37.27
N PHE B 1014 -1.12 11.31 37.55
CA PHE B 1014 -1.01 10.03 36.83
C PHE B 1014 -2.21 9.14 37.09
N GLU B 1015 -2.87 9.29 38.23
CA GLU B 1015 -4.00 8.46 38.61
C GLU B 1015 -5.27 9.30 38.57
N SER B 1016 -6.30 8.79 37.87
CA SER B 1016 -7.59 9.46 37.75
C SER B 1016 -7.43 10.87 37.19
N VAL B 1017 -6.77 10.97 36.04
CA VAL B 1017 -6.52 12.27 35.44
C VAL B 1017 -7.82 12.92 34.97
N LYS B 1018 -8.75 12.11 34.47
CA LYS B 1018 -9.99 12.65 33.91
C LYS B 1018 -10.94 13.19 34.97
N GLU B 1019 -10.65 12.99 36.25
CA GLU B 1019 -11.55 13.47 37.31
C GLU B 1019 -11.67 14.98 37.29
N ALA B 1020 -10.56 15.69 37.12
CA ALA B 1020 -10.55 17.15 37.10
C ALA B 1020 -9.69 17.68 35.97
N SER B 1021 -9.72 17.01 34.83
CA SER B 1021 -8.93 17.42 33.68
C SER B 1021 -9.62 18.56 32.94
N SER B 1022 -8.84 19.57 32.57
CA SER B 1022 -9.30 20.71 31.81
C SER B 1022 -8.74 20.67 30.40
N GLN B 1023 -9.19 21.61 29.56
CA GLN B 1023 -8.66 21.71 28.21
C GLN B 1023 -7.17 22.05 28.22
N THR B 1024 -6.72 22.79 29.23
CA THR B 1024 -5.28 23.06 29.37
C THR B 1024 -4.54 21.82 29.85
N SER B 1025 -5.14 21.06 30.75
CA SER B 1025 -4.50 19.87 31.29
C SER B 1025 -4.26 18.80 30.24
N ARG B 1026 -5.01 18.82 29.13
CA ARG B 1026 -4.85 17.85 28.06
C ARG B 1026 -4.12 18.44 26.86
N GLY B 1027 -3.33 19.48 27.07
CA GLY B 1027 -2.62 20.14 26.00
C GLY B 1027 -1.35 19.42 25.60
N LEU B 1028 -0.53 20.12 24.82
CA LEU B 1028 0.73 19.56 24.35
C LEU B 1028 1.70 19.40 25.51
N ASN B 1029 2.52 18.33 25.43
CA ASN B 1029 3.53 18.03 26.44
C ASN B 1029 2.91 17.86 27.82
N THR B 1030 1.74 17.23 27.88
CA THR B 1030 1.04 16.99 29.13
C THR B 1030 0.94 15.49 29.38
N VAL B 1031 0.67 15.13 30.64
CA VAL B 1031 0.62 13.72 31.02
C VAL B 1031 -0.52 13.01 30.29
N ALA B 1032 -1.65 13.69 30.12
CA ALA B 1032 -2.80 13.07 29.46
C ALA B 1032 -2.47 12.72 28.02
N HIS B 1033 -1.81 13.64 27.30
CA HIS B 1033 -1.44 13.38 25.91
C HIS B 1033 -0.51 12.18 25.81
N ALA B 1034 0.49 12.10 26.68
CA ALA B 1034 1.42 10.99 26.64
C ALA B 1034 0.72 9.68 26.94
N LEU B 1035 -0.14 9.65 27.96
CA LEU B 1035 -0.80 8.41 28.32
C LEU B 1035 -1.73 7.94 27.23
N THR B 1036 -2.50 8.85 26.62
CA THR B 1036 -3.40 8.42 25.54
C THR B 1036 -2.60 7.97 24.31
N LYS B 1037 -1.48 8.64 24.02
CA LYS B 1037 -0.66 8.23 22.89
C LYS B 1037 -0.12 6.83 23.09
N VAL B 1038 0.46 6.56 24.27
CA VAL B 1038 1.03 5.24 24.51
C VAL B 1038 -0.07 4.18 24.59
N GLN B 1039 -1.22 4.53 25.16
CA GLN B 1039 -2.31 3.58 25.28
C GLN B 1039 -2.81 3.16 23.91
N GLU B 1040 -2.92 4.11 22.98
CA GLU B 1040 -3.35 3.74 21.63
C GLU B 1040 -2.26 3.00 20.87
N VAL B 1041 -1.00 3.43 21.00
CA VAL B 1041 0.06 2.86 20.19
C VAL B 1041 0.36 1.43 20.63
N VAL B 1042 0.17 1.10 21.91
CA VAL B 1042 0.45 -0.27 22.34
C VAL B 1042 -0.53 -1.26 21.70
N ASN B 1043 -1.81 -0.89 21.61
CA ASN B 1043 -2.77 -1.75 20.93
C ASN B 1043 -2.56 -1.72 19.43
N SER B 1044 -2.12 -0.58 18.89
CA SER B 1044 -1.84 -0.50 17.46
C SER B 1044 -0.70 -1.45 17.07
N GLN B 1045 0.36 -1.50 17.88
CA GLN B 1045 1.46 -2.40 17.58
C GLN B 1045 1.09 -3.85 17.88
N GLY B 1046 0.25 -4.07 18.90
CA GLY B 1046 -0.18 -5.43 19.18
C GLY B 1046 -1.17 -5.98 18.17
N ALA B 1047 -1.74 -5.14 17.32
CA ALA B 1047 -2.70 -5.56 16.31
C ALA B 1047 -1.97 -5.89 15.00
N ALA B 1048 -2.74 -5.98 13.92
CA ALA B 1048 -2.22 -6.22 12.56
C ALA B 1048 -1.55 -7.60 12.43
N LEU B 1049 -1.94 -8.54 13.29
CA LEU B 1049 -1.47 -9.92 13.18
C LEU B 1049 -2.66 -10.87 13.14
N THR B 1050 -3.73 -10.52 13.84
CA THR B 1050 -4.89 -11.41 13.93
C THR B 1050 -5.55 -11.61 12.57
N GLN B 1051 -5.65 -10.54 11.78
CA GLN B 1051 -6.30 -10.63 10.48
C GLN B 1051 -5.52 -11.49 9.49
N LEU B 1052 -4.23 -11.72 9.76
CA LEU B 1052 -3.43 -12.56 8.86
C LEU B 1052 -3.95 -13.99 8.81
N THR B 1053 -4.52 -14.46 9.92
CA THR B 1053 -5.10 -15.80 9.93
C THR B 1053 -6.43 -15.83 9.18
N VAL B 1054 -7.12 -14.69 9.11
CA VAL B 1054 -8.51 -14.66 8.63
C VAL B 1054 -8.59 -15.11 7.17
N GLN B 1055 -7.72 -14.57 6.31
CA GLN B 1055 -7.86 -14.85 4.88
C GLN B 1055 -7.56 -16.30 4.53
N LEU B 1056 -6.97 -17.07 5.44
CA LEU B 1056 -6.79 -18.50 5.18
C LEU B 1056 -8.14 -19.20 5.04
N GLN B 1057 -9.10 -18.84 5.90
CA GLN B 1057 -10.43 -19.43 5.80
C GLN B 1057 -11.15 -19.03 4.53
N HIS B 1058 -10.81 -17.87 3.97
CA HIS B 1058 -11.44 -17.40 2.75
C HIS B 1058 -11.18 -18.36 1.59
N ASN B 1059 -12.23 -18.67 0.85
CA ASN B 1059 -12.14 -19.58 -0.29
C ASN B 1059 -12.02 -18.77 -1.58
N PHE B 1060 -11.00 -19.07 -2.38
CA PHE B 1060 -10.74 -18.37 -3.63
C PHE B 1060 -11.32 -19.21 -4.76
N GLN B 1061 -12.60 -18.97 -5.07
CA GLN B 1061 -13.34 -19.62 -6.16
C GLN B 1061 -13.02 -21.11 -6.25
N ALA B 1062 -13.03 -21.76 -5.09
CA ALA B 1062 -12.74 -23.19 -5.00
C ALA B 1062 -13.85 -23.86 -4.19
N ILE B 1063 -13.87 -25.20 -4.26
CA ILE B 1063 -14.91 -25.96 -3.58
C ILE B 1063 -14.82 -25.77 -2.08
N SER B 1064 -13.62 -25.84 -1.52
CA SER B 1064 -13.43 -25.67 -0.10
C SER B 1064 -12.04 -25.08 0.16
N SER B 1065 -11.88 -24.52 1.35
CA SER B 1065 -10.61 -23.91 1.74
C SER B 1065 -9.58 -24.92 2.22
N SER B 1066 -9.98 -26.16 2.46
CA SER B 1066 -9.06 -27.20 2.91
C SER B 1066 -8.48 -27.91 1.69
N ILE B 1067 -7.16 -27.82 1.52
CA ILE B 1067 -6.51 -28.43 0.37
C ILE B 1067 -6.57 -29.95 0.46
N ASP B 1068 -6.43 -30.49 1.67
CA ASP B 1068 -6.54 -31.93 1.85
C ASP B 1068 -7.94 -32.43 1.50
N ASP B 1069 -8.97 -31.66 1.85
CA ASP B 1069 -10.33 -32.03 1.48
C ASP B 1069 -10.49 -32.10 -0.03
N ILE B 1070 -9.96 -31.10 -0.75
CA ILE B 1070 -10.15 -31.05 -2.19
C ILE B 1070 -9.35 -32.14 -2.89
N TYR B 1071 -8.12 -32.39 -2.44
CA TYR B 1071 -7.23 -33.27 -3.17
C TYR B 1071 -7.73 -34.72 -3.18
N SER B 1072 -8.42 -35.14 -2.13
CA SER B 1072 -8.85 -36.53 -2.00
C SER B 1072 -10.29 -36.77 -2.44
N ARG B 1073 -10.96 -35.75 -3.01
CA ARG B 1073 -12.34 -35.91 -3.45
C ARG B 1073 -12.56 -35.65 -4.92
N LEU B 1074 -11.65 -34.98 -5.61
CA LEU B 1074 -11.84 -34.60 -7.00
C LEU B 1074 -10.55 -34.89 -7.77
N ASP B 1075 -10.68 -34.96 -9.09
CA ASP B 1075 -9.57 -35.33 -9.95
C ASP B 1075 -8.40 -34.36 -9.79
N ILE B 1076 -7.20 -34.84 -10.11
CA ILE B 1076 -5.97 -34.11 -9.83
C ILE B 1076 -5.88 -32.81 -10.63
N LEU B 1077 -6.48 -32.76 -11.82
CA LEU B 1077 -6.30 -31.61 -12.70
C LEU B 1077 -6.96 -30.33 -12.15
N SER B 1078 -8.28 -30.40 -11.95
CA SER B 1078 -8.99 -29.22 -11.43
C SER B 1078 -8.56 -28.91 -10.00
N ALA B 1079 -8.25 -29.94 -9.21
CA ALA B 1079 -7.76 -29.70 -7.86
C ALA B 1079 -6.43 -28.96 -7.90
N ASP B 1080 -5.54 -29.34 -8.82
CA ASP B 1080 -4.28 -28.61 -8.97
C ASP B 1080 -4.52 -27.17 -9.39
N VAL B 1081 -5.44 -26.95 -10.32
CA VAL B 1081 -5.74 -25.58 -10.74
C VAL B 1081 -6.26 -24.76 -9.56
N GLN B 1082 -7.18 -25.33 -8.79
CA GLN B 1082 -7.75 -24.62 -7.66
C GLN B 1082 -6.71 -24.33 -6.57
N VAL B 1083 -5.84 -25.30 -6.28
CA VAL B 1083 -4.81 -25.05 -5.28
C VAL B 1083 -3.78 -24.05 -5.80
N ASP B 1084 -3.56 -24.00 -7.12
CA ASP B 1084 -2.73 -22.94 -7.67
C ASP B 1084 -3.35 -21.57 -7.42
N ARG B 1085 -4.66 -21.47 -7.65
CA ARG B 1085 -5.34 -20.21 -7.34
C ARG B 1085 -5.21 -19.87 -5.85
N LEU B 1086 -5.39 -20.87 -4.99
CA LEU B 1086 -5.29 -20.65 -3.55
C LEU B 1086 -3.91 -20.14 -3.16
N ILE B 1087 -2.86 -20.81 -3.64
CA ILE B 1087 -1.51 -20.43 -3.25
C ILE B 1087 -1.16 -19.06 -3.82
N THR B 1088 -1.61 -18.75 -5.03
CA THR B 1088 -1.34 -17.44 -5.60
C THR B 1088 -1.99 -16.33 -4.77
N GLY B 1089 -3.26 -16.53 -4.39
CA GLY B 1089 -3.92 -15.54 -3.56
C GLY B 1089 -3.25 -15.38 -2.21
N ARG B 1090 -2.90 -16.50 -1.59
CA ARG B 1090 -2.26 -16.44 -0.27
C ARG B 1090 -0.90 -15.76 -0.35
N LEU B 1091 -0.12 -16.06 -1.38
CA LEU B 1091 1.19 -15.43 -1.51
C LEU B 1091 1.07 -13.95 -1.80
N SER B 1092 0.07 -13.55 -2.57
CA SER B 1092 -0.17 -12.12 -2.78
C SER B 1092 -0.53 -11.43 -1.45
N ALA B 1093 -1.37 -12.07 -0.65
CA ALA B 1093 -1.76 -11.48 0.63
C ALA B 1093 -0.55 -11.31 1.53
N LEU B 1094 0.31 -12.34 1.61
CA LEU B 1094 1.49 -12.21 2.45
C LEU B 1094 2.51 -11.24 1.83
N ASN B 1095 2.50 -11.08 0.51
CA ASN B 1095 3.32 -10.04 -0.11
C ASN B 1095 2.89 -8.66 0.37
N ALA B 1096 1.57 -8.42 0.41
CA ALA B 1096 1.08 -7.15 0.95
C ALA B 1096 1.47 -7.00 2.42
N PHE B 1097 1.37 -8.09 3.18
CA PHE B 1097 1.74 -8.06 4.60
C PHE B 1097 3.21 -7.69 4.79
N VAL B 1098 4.10 -8.37 4.07
CA VAL B 1098 5.53 -8.09 4.22
C VAL B 1098 5.86 -6.69 3.71
N ALA B 1099 5.16 -6.23 2.68
CA ALA B 1099 5.34 -4.85 2.25
C ALA B 1099 4.99 -3.87 3.37
N GLN B 1100 3.91 -4.16 4.11
CA GLN B 1100 3.56 -3.33 5.26
C GLN B 1100 4.61 -3.41 6.35
N THR B 1101 5.30 -4.55 6.48
CA THR B 1101 6.24 -4.73 7.58
C THR B 1101 7.42 -3.76 7.50
N LEU B 1102 8.21 -3.82 6.43
CA LEU B 1102 9.35 -2.90 6.34
C LEU B 1102 8.88 -1.45 6.23
N THR B 1103 7.67 -1.23 5.71
CA THR B 1103 7.09 0.11 5.74
C THR B 1103 6.98 0.61 7.17
N LYS B 1104 6.51 -0.25 8.09
CA LYS B 1104 6.51 0.09 9.51
C LYS B 1104 7.93 0.29 10.03
N TYR B 1105 8.86 -0.56 9.59
CA TYR B 1105 10.24 -0.44 10.05
C TYR B 1105 10.86 0.91 9.71
N THR B 1106 10.44 1.54 8.61
CA THR B 1106 11.07 2.79 8.19
C THR B 1106 10.86 3.91 9.21
N GLU B 1107 9.61 4.16 9.61
CA GLU B 1107 9.39 5.30 10.49
C GLU B 1107 9.92 5.03 11.89
N VAL B 1108 9.94 3.77 12.33
CA VAL B 1108 10.56 3.51 13.62
C VAL B 1108 12.07 3.72 13.54
N GLN B 1109 12.68 3.41 12.39
CA GLN B 1109 14.08 3.78 12.17
C GLN B 1109 14.29 5.28 12.36
N ALA B 1110 13.47 6.08 11.67
CA ALA B 1110 13.64 7.53 11.74
C ALA B 1110 13.39 8.05 13.15
N SER B 1111 12.32 7.56 13.79
CA SER B 1111 11.97 8.03 15.13
C SER B 1111 13.04 7.63 16.15
N ARG B 1112 13.60 6.43 16.01
CA ARG B 1112 14.68 6.03 16.91
C ARG B 1112 15.94 6.86 16.70
N LYS B 1113 16.21 7.24 15.45
CA LYS B 1113 17.31 8.18 15.20
C LYS B 1113 17.07 9.49 15.95
N LEU B 1114 15.87 10.05 15.83
CA LEU B 1114 15.55 11.29 16.54
C LEU B 1114 15.65 11.11 18.05
N ALA B 1115 15.19 9.97 18.55
CA ALA B 1115 15.19 9.71 19.99
C ALA B 1115 16.61 9.60 20.53
N GLN B 1116 17.49 8.87 19.83
CA GLN B 1116 18.87 8.78 20.28
C GLN B 1116 19.55 10.14 20.22
N GLN B 1117 19.24 10.94 19.20
CA GLN B 1117 19.75 12.31 19.17
C GLN B 1117 19.32 13.08 20.40
N LYS B 1118 18.02 13.03 20.70
CA LYS B 1118 17.48 13.80 21.81
C LYS B 1118 18.06 13.36 23.15
N VAL B 1119 18.22 12.05 23.34
CA VAL B 1119 18.78 11.57 24.60
C VAL B 1119 20.27 11.92 24.68
N ASN B 1120 20.96 12.01 23.53
CA ASN B 1120 22.36 12.42 23.54
C ASN B 1120 22.53 13.88 23.92
N GLU B 1121 21.61 14.74 23.49
CA GLU B 1121 21.79 16.19 23.57
C GLU B 1121 21.01 16.87 24.69
N CYS B 1122 19.80 16.43 25.03
CA CYS B 1122 19.01 17.11 26.06
C CYS B 1122 19.29 16.63 27.48
N VAL B 1123 19.97 15.50 27.67
CA VAL B 1123 20.12 14.87 28.98
C VAL B 1123 21.56 14.96 29.48
N LYS B 1124 22.50 14.37 28.75
CA LYS B 1124 23.87 14.30 29.23
C LYS B 1124 24.53 15.67 29.28
N SER B 1125 24.04 16.62 28.50
CA SER B 1125 24.60 17.96 28.50
C SER B 1125 23.48 19.01 28.51
N GLN B 1126 23.84 20.27 28.31
CA GLN B 1126 22.88 21.37 28.32
C GLN B 1126 22.81 21.98 26.93
N SER B 1127 21.59 22.07 26.39
CA SER B 1127 21.38 22.63 25.07
C SER B 1127 21.15 24.13 25.15
N GLN B 1128 21.71 24.86 24.19
CA GLN B 1128 21.60 26.31 24.14
C GLN B 1128 20.44 26.79 23.28
N ARG B 1129 19.62 25.89 22.76
CA ARG B 1129 18.49 26.26 21.91
C ARG B 1129 17.25 26.42 22.77
N TYR B 1130 16.63 27.59 22.70
CA TYR B 1130 15.46 27.87 23.52
C TYR B 1130 14.27 27.00 23.10
N GLY B 1131 13.64 26.37 24.09
CA GLY B 1131 12.46 25.58 23.85
C GLY B 1131 12.70 24.25 23.20
N PHE B 1132 13.95 23.91 22.87
CA PHE B 1132 14.21 22.65 22.19
C PHE B 1132 13.94 21.46 23.10
N CYS B 1133 14.42 21.52 24.33
CA CYS B 1133 14.20 20.46 25.31
C CYS B 1133 12.97 20.83 26.13
N GLY B 1134 11.89 20.06 25.97
CA GLY B 1134 10.66 20.33 26.68
C GLY B 1134 9.76 21.33 25.95
N GLY B 1135 10.20 22.58 25.88
CA GLY B 1135 9.45 23.62 25.19
C GLY B 1135 9.42 24.93 25.96
N ASP B 1136 9.36 26.03 25.21
CA ASP B 1136 9.18 27.42 25.68
C ASP B 1136 9.82 27.71 27.04
N GLY B 1137 11.07 27.30 27.20
CA GLY B 1137 11.78 27.56 28.44
C GLY B 1137 13.14 26.91 28.41
N GLU B 1138 14.03 27.42 29.26
CA GLU B 1138 15.38 26.89 29.35
C GLU B 1138 15.37 25.53 30.04
N HIS B 1139 16.28 24.67 29.61
CA HIS B 1139 16.35 23.29 30.09
C HIS B 1139 17.37 23.19 31.22
N ILE B 1140 16.98 22.53 32.31
CA ILE B 1140 17.85 22.30 33.46
C ILE B 1140 18.32 20.86 33.52
N PHE B 1141 17.39 19.91 33.63
CA PHE B 1141 17.74 18.50 33.61
C PHE B 1141 16.48 17.69 33.28
N SER B 1142 16.71 16.41 33.02
CA SER B 1142 15.63 15.50 32.66
C SER B 1142 15.85 14.15 33.34
N LEU B 1143 14.76 13.41 33.47
CA LEU B 1143 14.79 12.05 33.99
C LEU B 1143 14.25 11.11 32.92
N VAL B 1144 14.80 9.89 32.84
CA VAL B 1144 14.43 8.93 31.82
C VAL B 1144 13.86 7.69 32.50
N GLN B 1145 12.69 7.26 32.05
CA GLN B 1145 12.03 6.07 32.58
C GLN B 1145 11.74 5.09 31.46
N ALA B 1146 11.88 3.81 31.74
CA ALA B 1146 11.51 2.78 30.79
C ALA B 1146 9.99 2.72 30.65
N ALA B 1147 9.51 2.57 29.43
CA ALA B 1147 8.10 2.47 29.12
C ALA B 1147 7.88 1.31 28.16
N PRO B 1148 6.68 0.73 28.15
CA PRO B 1148 6.45 -0.42 27.25
C PRO B 1148 6.71 -0.02 25.81
N GLN B 1149 7.64 -0.74 25.19
CA GLN B 1149 8.03 -0.50 23.80
C GLN B 1149 8.61 0.91 23.60
N GLY B 1150 9.36 1.40 24.59
CA GLY B 1150 10.03 2.67 24.40
C GLY B 1150 10.49 3.31 25.70
N LEU B 1151 10.72 4.61 25.62
CA LEU B 1151 11.19 5.40 26.75
C LEU B 1151 10.29 6.60 26.98
N LEU B 1152 10.31 7.09 28.22
CA LEU B 1152 9.59 8.28 28.62
C LEU B 1152 10.58 9.30 29.20
N PHE B 1153 10.41 10.54 28.79
CA PHE B 1153 11.24 11.66 29.20
C PHE B 1153 10.46 12.57 30.13
N LEU B 1154 11.11 12.99 31.21
CA LEU B 1154 10.54 13.86 32.23
C LEU B 1154 11.46 15.07 32.33
N HIS B 1155 11.20 16.08 31.51
CA HIS B 1155 12.03 17.27 31.45
C HIS B 1155 11.55 18.29 32.47
N THR B 1156 12.46 18.81 33.29
CA THR B 1156 12.13 19.85 34.25
C THR B 1156 12.44 21.20 33.62
N VAL B 1157 11.42 22.05 33.49
CA VAL B 1157 11.55 23.37 32.88
C VAL B 1157 11.37 24.43 33.95
N LEU B 1158 12.34 25.35 34.03
CA LEU B 1158 12.21 26.49 34.92
C LEU B 1158 11.31 27.53 34.26
N VAL B 1159 10.36 28.06 35.04
CA VAL B 1159 9.42 29.03 34.49
C VAL B 1159 9.41 30.29 35.34
N PRO B 1160 9.47 31.47 34.72
CA PRO B 1160 9.37 32.71 35.50
C PRO B 1160 7.93 32.99 35.93
N SER B 1161 7.80 33.83 36.95
CA SER B 1161 6.49 34.25 37.43
C SER B 1161 6.36 35.74 37.67
N ASP B 1162 7.46 36.49 37.82
CA ASP B 1162 7.38 37.91 38.08
C ASP B 1162 8.37 38.65 37.20
N PHE B 1163 8.10 39.93 36.97
CA PHE B 1163 8.96 40.76 36.14
C PHE B 1163 9.35 42.03 36.89
N VAL B 1164 10.60 42.46 36.70
CA VAL B 1164 11.11 43.69 37.27
C VAL B 1164 11.36 44.67 36.12
N ASP B 1165 10.79 45.86 36.23
CA ASP B 1165 10.82 46.87 35.17
C ASP B 1165 11.72 48.02 35.61
N VAL B 1166 12.86 48.18 34.93
CA VAL B 1166 13.84 49.21 35.26
C VAL B 1166 14.26 49.91 33.98
N ILE B 1167 14.67 51.18 34.12
CA ILE B 1167 15.21 51.93 33.00
C ILE B 1167 16.57 51.34 32.58
N ALA B 1168 16.94 51.62 31.33
CA ALA B 1168 18.20 51.14 30.77
C ALA B 1168 18.99 52.31 30.21
N ILE B 1169 20.31 52.15 30.17
CA ILE B 1169 21.23 53.15 29.67
C ILE B 1169 22.06 52.53 28.54
N ALA B 1170 22.19 53.26 27.43
CA ALA B 1170 22.88 52.72 26.26
C ALA B 1170 24.39 52.61 26.49
N GLY B 1171 25.00 53.66 27.01
CA GLY B 1171 26.44 53.66 27.18
C GLY B 1171 26.91 54.96 27.81
N LEU B 1172 28.23 55.14 27.84
CA LEU B 1172 28.81 56.32 28.47
C LEU B 1172 29.79 56.99 27.52
N CYS B 1173 29.87 58.32 27.59
CA CYS B 1173 30.95 59.07 26.95
C CYS B 1173 31.53 60.01 27.98
N VAL B 1174 32.81 59.82 28.31
CA VAL B 1174 33.54 60.78 29.11
C VAL B 1174 34.25 61.76 28.17
N ASN B 1175 34.14 63.05 28.51
CA ASN B 1175 34.67 64.19 27.76
C ASN B 1175 34.07 64.30 26.36
N ASP B 1176 33.01 63.55 26.09
CA ASP B 1176 32.41 63.39 24.76
C ASP B 1176 33.46 63.20 23.66
N GLU B 1177 34.53 62.47 23.99
CA GLU B 1177 35.28 61.77 22.96
C GLU B 1177 35.61 60.33 23.33
N ILE B 1178 35.59 59.94 24.60
CA ILE B 1178 35.95 58.58 24.99
C ILE B 1178 34.67 57.85 25.34
N ALA B 1179 34.22 56.96 24.45
CA ALA B 1179 32.99 56.21 24.66
C ALA B 1179 33.32 54.95 25.45
N LEU B 1180 32.89 54.91 26.71
CA LEU B 1180 33.00 53.72 27.54
C LEU B 1180 31.74 52.90 27.30
N THR B 1181 31.90 51.75 26.65
CA THR B 1181 30.78 50.91 26.23
C THR B 1181 30.97 49.48 26.70
N LEU B 1182 29.88 48.86 27.14
CA LEU B 1182 29.92 47.45 27.53
C LEU B 1182 30.24 46.58 26.32
N ARG B 1183 30.94 45.47 26.58
CA ARG B 1183 31.46 44.62 25.51
C ARG B 1183 30.53 43.47 25.16
N GLU B 1184 30.24 42.60 26.13
CA GLU B 1184 29.44 41.41 25.85
C GLU B 1184 27.97 41.78 25.75
N PRO B 1185 27.30 41.48 24.63
CA PRO B 1185 25.86 41.81 24.53
C PRO B 1185 25.00 41.13 25.57
N GLY B 1186 25.38 39.93 26.02
CA GLY B 1186 24.55 39.22 27.00
C GLY B 1186 24.42 39.96 28.32
N LEU B 1187 25.47 40.67 28.73
CA LEU B 1187 25.35 41.56 29.88
C LEU B 1187 24.73 42.89 29.47
N VAL B 1188 24.08 43.54 30.43
CA VAL B 1188 23.47 44.84 30.23
C VAL B 1188 23.67 45.68 31.48
N LEU B 1189 23.89 46.99 31.26
CA LEU B 1189 24.08 47.95 32.33
C LEU B 1189 22.82 48.80 32.48
N PHE B 1190 22.34 48.94 33.71
CA PHE B 1190 21.15 49.72 34.00
C PHE B 1190 21.42 50.62 35.20
N THR B 1191 20.55 51.60 35.38
CA THR B 1191 20.57 52.46 36.55
C THR B 1191 19.26 52.28 37.31
N HIS B 1192 19.36 51.94 38.59
CA HIS B 1192 18.16 51.74 39.40
C HIS B 1192 17.54 53.10 39.69
N GLU B 1193 16.35 53.33 39.15
CA GLU B 1193 15.63 54.61 39.27
C GLU B 1193 16.50 55.70 38.64
N LEU B 1194 16.34 56.94 39.09
CA LEU B 1194 17.02 58.09 38.49
C LEU B 1194 17.61 58.94 39.60
N GLN B 1195 18.04 60.14 39.23
CA GLN B 1195 18.66 61.10 40.14
C GLN B 1195 17.62 61.91 40.91
N ASN B 1196 16.33 61.56 40.78
CA ASN B 1196 15.26 62.32 41.43
C ASN B 1196 15.49 62.48 42.93
N HIS B 1197 16.06 61.48 43.58
CA HIS B 1197 16.46 61.58 44.99
C HIS B 1197 17.91 61.16 45.16
N THR B 1198 18.75 61.50 44.18
CA THR B 1198 20.18 61.19 44.17
C THR B 1198 20.40 59.68 44.33
N ALA B 1199 19.96 58.95 43.31
CA ALA B 1199 20.07 57.48 43.26
C ALA B 1199 20.63 57.05 41.91
N THR B 1200 21.70 57.71 41.48
CA THR B 1200 22.32 57.39 40.20
C THR B 1200 23.30 56.21 40.33
N GLU B 1201 22.83 55.11 40.91
CA GLU B 1201 23.65 53.92 41.08
C GLU B 1201 23.52 53.04 39.85
N TYR B 1202 24.66 52.56 39.36
CA TYR B 1202 24.74 51.76 38.14
C TYR B 1202 25.04 50.32 38.48
N PHE B 1203 24.32 49.39 37.86
CA PHE B 1203 24.53 47.96 38.09
C PHE B 1203 24.51 47.24 36.75
N VAL B 1204 25.11 46.06 36.72
CA VAL B 1204 25.21 45.25 35.51
C VAL B 1204 24.67 43.86 35.80
N SER B 1205 23.93 43.30 34.85
CA SER B 1205 23.34 41.98 35.04
C SER B 1205 23.03 41.36 33.69
N SER B 1206 22.77 40.05 33.70
CA SER B 1206 22.37 39.36 32.51
C SER B 1206 20.95 39.77 32.10
N ARG B 1207 20.56 39.37 30.89
CA ARG B 1207 19.25 39.74 30.37
C ARG B 1207 18.14 38.81 30.83
N ARG B 1208 18.46 37.74 31.53
CA ARG B 1208 17.46 36.84 32.09
C ARG B 1208 17.49 36.77 33.61
N MET B 1209 18.66 36.89 34.23
CA MET B 1209 18.79 36.83 35.69
C MET B 1209 18.91 38.23 36.25
N PHE B 1210 18.28 38.48 37.39
CA PHE B 1210 18.33 39.77 38.06
C PHE B 1210 19.34 39.69 39.19
N GLU B 1211 20.60 39.97 38.85
CA GLU B 1211 21.70 39.95 39.82
C GLU B 1211 22.44 41.28 39.74
N PRO B 1212 21.92 42.31 40.40
CA PRO B 1212 22.60 43.62 40.37
C PRO B 1212 23.95 43.55 41.07
N ARG B 1213 25.01 43.80 40.31
CA ARG B 1213 26.37 43.72 40.82
C ARG B 1213 27.18 44.88 40.27
N LYS B 1214 28.22 45.25 41.02
CA LYS B 1214 29.07 46.35 40.61
C LYS B 1214 29.83 46.00 39.33
N PRO B 1215 29.89 46.90 38.35
CA PRO B 1215 30.63 46.61 37.13
C PRO B 1215 32.14 46.58 37.36
N THR B 1216 32.84 46.05 36.37
CA THR B 1216 34.29 45.93 36.40
C THR B 1216 34.89 46.60 35.18
N VAL B 1217 36.12 47.09 35.32
CA VAL B 1217 36.77 47.83 34.24
C VAL B 1217 36.99 46.92 33.04
N SER B 1218 37.38 45.66 33.27
CA SER B 1218 37.69 44.76 32.17
C SER B 1218 36.48 44.41 31.32
N ASP B 1219 35.26 44.67 31.81
CA ASP B 1219 34.05 44.35 31.07
C ASP B 1219 33.71 45.39 30.02
N PHE B 1220 34.39 46.52 29.99
CA PHE B 1220 34.09 47.61 29.08
C PHE B 1220 35.20 47.78 28.04
N VAL B 1221 34.87 48.50 26.98
CA VAL B 1221 35.80 48.83 25.91
C VAL B 1221 35.69 50.32 25.60
N GLN B 1222 36.72 50.84 24.93
CA GLN B 1222 36.83 52.24 24.57
C GLN B 1222 36.57 52.43 23.08
N ILE B 1223 35.74 53.41 22.75
CA ILE B 1223 35.38 53.73 21.38
C ILE B 1223 35.70 55.20 21.13
N GLU B 1224 36.17 55.50 19.92
CA GLU B 1224 36.50 56.86 19.53
C GLU B 1224 35.29 57.67 19.10
N SER B 1225 34.15 57.03 18.84
CA SER B 1225 32.95 57.72 18.37
C SER B 1225 31.87 57.70 19.43
N CYS B 1226 31.09 58.77 19.49
CA CYS B 1226 30.04 58.92 20.49
C CYS B 1226 28.73 59.28 19.82
N VAL B 1227 27.63 59.03 20.53
CA VAL B 1227 26.29 59.27 20.03
C VAL B 1227 25.57 60.22 20.98
N VAL B 1228 24.39 60.65 20.55
CA VAL B 1228 23.56 61.53 21.38
C VAL B 1228 23.07 60.80 22.63
N THR B 1229 22.79 59.51 22.52
CA THR B 1229 22.17 58.76 23.61
C THR B 1229 23.10 58.49 24.78
N TYR B 1230 24.40 58.71 24.62
CA TYR B 1230 25.35 58.41 25.68
C TYR B 1230 25.51 59.60 26.62
N VAL B 1231 25.54 59.32 27.92
CA VAL B 1231 25.63 60.38 28.92
C VAL B 1231 27.05 60.96 28.92
N ASN B 1232 27.13 62.28 29.01
CA ASN B 1232 28.39 63.01 28.86
C ASN B 1232 29.00 63.29 30.23
N LEU B 1233 29.64 62.27 30.79
CA LEU B 1233 30.18 62.41 32.14
C LEU B 1233 31.57 63.01 32.11
N THR B 1234 32.16 63.15 33.31
CA THR B 1234 33.45 63.80 33.50
C THR B 1234 34.36 62.89 34.32
N ARG B 1235 35.62 63.31 34.44
CA ARG B 1235 36.63 62.51 35.15
C ARG B 1235 36.35 62.45 36.65
N ASP B 1236 35.86 63.54 37.23
CA ASP B 1236 35.60 63.55 38.67
C ASP B 1236 34.53 62.54 39.04
N GLN B 1237 33.49 62.41 38.23
CA GLN B 1237 32.41 61.47 38.49
C GLN B 1237 32.72 60.05 38.04
N LEU B 1238 33.87 59.82 37.40
CA LEU B 1238 34.23 58.46 37.00
C LEU B 1238 34.38 57.52 38.19
N PRO B 1239 35.09 57.87 39.27
CA PRO B 1239 35.12 56.94 40.42
C PRO B 1239 33.75 56.68 41.03
N ASP B 1240 32.84 57.64 40.96
CA ASP B 1240 31.51 57.45 41.55
C ASP B 1240 30.74 56.35 40.82
N VAL B 1241 30.68 56.42 39.49
CA VAL B 1241 29.98 55.39 38.73
C VAL B 1241 30.76 54.07 38.76
N ILE B 1242 32.08 54.15 38.60
CA ILE B 1242 32.92 52.95 38.61
C ILE B 1242 34.11 53.15 39.53
N PRO B 1243 34.02 52.77 40.80
CA PRO B 1243 35.18 52.88 41.70
C PRO B 1243 36.35 52.02 41.28
N ASP B 1244 36.12 50.96 40.51
CA ASP B 1244 37.23 50.10 40.09
C ASP B 1244 38.17 50.81 39.13
N TYR B 1245 37.67 51.79 38.39
CA TYR B 1245 38.53 52.56 37.50
C TYR B 1245 39.54 53.37 38.30
N ILE B 1246 40.76 53.48 37.76
CA ILE B 1246 41.84 54.18 38.43
C ILE B 1246 42.56 55.05 37.41
N ASP B 1247 42.89 56.27 37.81
CA ASP B 1247 43.62 57.22 36.97
C ASP B 1247 45.05 57.31 37.48
N VAL B 1248 46.01 57.05 36.59
CA VAL B 1248 47.41 56.97 37.00
C VAL B 1248 47.95 58.34 37.41
N ASN B 1249 47.69 59.36 36.60
CA ASN B 1249 48.26 60.67 36.88
C ASN B 1249 47.63 61.32 38.10
N LYS B 1250 46.34 61.09 38.33
CA LYS B 1250 45.69 61.66 39.51
C LYS B 1250 46.33 61.12 40.80
N THR B 1251 46.69 59.84 40.80
CA THR B 1251 47.34 59.25 41.97
C THR B 1251 48.81 59.65 42.06
N ARG B 1252 49.52 59.71 40.93
CA ARG B 1252 50.95 60.01 41.00
C ARG B 1252 51.20 61.46 41.38
N ASP B 1253 50.43 62.39 40.80
CA ASP B 1253 50.61 63.80 41.13
C ASP B 1253 50.28 64.07 42.59
N GLU B 1254 49.18 63.51 43.09
CA GLU B 1254 48.79 63.69 44.48
C GLU B 1254 48.33 62.37 45.09
N ASN C 31 -11.45 48.49 -49.88
CA ASN C 31 -12.04 48.79 -48.58
C ASN C 31 -12.75 47.56 -48.01
N PHE C 32 -14.04 47.43 -48.32
CA PHE C 32 -14.81 46.30 -47.84
C PHE C 32 -14.32 44.99 -48.47
N ARG C 33 -13.81 45.04 -49.69
CA ARG C 33 -13.30 43.84 -50.35
C ARG C 33 -12.12 43.26 -49.57
N ARG C 34 -11.19 44.10 -49.13
CA ARG C 34 -10.06 43.60 -48.35
C ARG C 34 -10.53 43.04 -47.00
N PHE C 35 -11.49 43.73 -46.37
CA PHE C 35 -11.99 43.29 -45.07
C PHE C 35 -12.67 41.94 -45.18
N PHE C 36 -13.42 41.71 -46.27
CA PHE C 36 -14.04 40.40 -46.47
C PHE C 36 -13.02 39.36 -46.88
N SER C 37 -11.98 39.75 -47.62
CA SER C 37 -10.96 38.81 -48.04
C SER C 37 -9.98 38.43 -46.94
N LYS C 38 -10.03 39.10 -45.78
CA LYS C 38 -9.19 38.68 -44.66
C LYS C 38 -9.48 37.24 -44.28
N PHE C 39 -10.75 36.84 -44.27
CA PHE C 39 -11.13 35.47 -43.96
C PHE C 39 -11.46 34.73 -45.25
N ASN C 40 -10.99 33.48 -45.36
CA ASN C 40 -11.14 32.69 -46.56
C ASN C 40 -12.46 31.92 -46.56
N VAL C 41 -13.11 31.88 -47.72
CA VAL C 41 -14.35 31.13 -47.91
C VAL C 41 -14.31 30.46 -49.26
N GLN C 42 -14.84 29.24 -49.34
CA GLN C 42 -14.85 28.49 -50.58
C GLN C 42 -15.74 29.17 -51.62
N ALA C 43 -15.37 28.99 -52.89
CA ALA C 43 -16.12 29.63 -53.98
C ALA C 43 -17.58 29.18 -54.05
N PRO C 44 -17.92 27.85 -54.04
CA PRO C 44 -19.33 27.44 -54.10
C PRO C 44 -20.05 27.53 -52.75
N ALA C 45 -20.01 28.71 -52.14
CA ALA C 45 -20.61 28.91 -50.84
C ALA C 45 -21.17 30.33 -50.74
N VAL C 46 -22.29 30.45 -50.03
CA VAL C 46 -22.90 31.74 -49.70
C VAL C 46 -23.17 31.73 -48.20
N VAL C 47 -22.74 32.79 -47.52
CA VAL C 47 -22.84 32.85 -46.07
C VAL C 47 -23.29 34.24 -45.64
N VAL C 48 -24.16 34.32 -44.64
CA VAL C 48 -24.60 35.59 -44.10
C VAL C 48 -23.84 35.86 -42.81
N LEU C 49 -23.20 37.01 -42.74
CA LEU C 49 -22.42 37.42 -41.58
C LEU C 49 -23.18 38.48 -40.79
N GLY C 50 -23.23 38.29 -39.48
CA GLY C 50 -23.89 39.23 -38.60
C GLY C 50 -22.99 39.71 -37.49
N GLY C 51 -22.80 41.01 -37.39
CA GLY C 51 -21.94 41.54 -36.34
C GLY C 51 -21.75 43.03 -36.47
N TYR C 52 -20.89 43.58 -35.61
CA TYR C 52 -20.67 45.02 -35.56
C TYR C 52 -19.67 45.44 -36.63
N LEU C 53 -20.09 45.25 -37.88
CA LEU C 53 -19.23 45.51 -39.01
C LEU C 53 -19.05 47.01 -39.22
N PRO C 54 -17.91 47.44 -39.76
CA PRO C 54 -17.70 48.86 -40.02
C PRO C 54 -18.71 49.39 -41.04
N ILE C 55 -19.25 50.57 -40.75
CA ILE C 55 -20.22 51.20 -41.64
C ILE C 55 -19.74 52.60 -42.04
N GLY C 56 -19.30 53.39 -41.07
CA GLY C 56 -18.90 54.76 -41.34
C GLY C 56 -17.76 55.19 -40.46
N GLU C 57 -17.06 56.24 -40.91
CA GLU C 57 -15.92 56.75 -40.17
C GLU C 57 -16.35 57.34 -38.82
N ASN C 58 -17.45 58.09 -38.80
CA ASN C 58 -17.92 58.75 -37.59
C ASN C 58 -19.32 58.32 -37.20
N GLN C 59 -19.76 57.15 -37.65
CA GLN C 59 -21.08 56.65 -37.29
C GLN C 59 -21.07 56.28 -35.81
N GLY C 60 -21.72 57.12 -34.98
CA GLY C 60 -21.70 56.93 -33.55
C GLY C 60 -23.08 57.08 -32.95
N VAL C 61 -23.15 56.83 -31.63
CA VAL C 61 -24.40 56.90 -30.92
C VAL C 61 -24.88 58.35 -30.81
N ASN C 62 -26.19 58.51 -30.68
CA ASN C 62 -26.80 59.82 -30.45
C ASN C 62 -27.06 60.08 -28.97
N SER C 63 -26.66 59.17 -28.08
CA SER C 63 -26.86 59.33 -26.65
C SER C 63 -25.55 59.13 -25.90
N THR C 64 -25.62 59.07 -24.57
CA THR C 64 -24.44 58.90 -23.74
C THR C 64 -24.41 57.56 -23.01
N TRP C 65 -25.38 56.69 -23.23
CA TRP C 65 -25.40 55.40 -22.54
C TRP C 65 -24.27 54.51 -23.04
N TYR C 66 -23.67 53.77 -22.10
CA TYR C 66 -22.57 52.87 -22.40
C TYR C 66 -22.80 51.44 -21.94
N CYS C 67 -23.77 51.19 -21.07
CA CYS C 67 -24.05 49.86 -20.57
C CYS C 67 -25.02 49.15 -21.51
N ALA C 68 -25.47 47.95 -21.11
CA ALA C 68 -26.38 47.16 -21.91
C ALA C 68 -27.55 46.69 -21.06
N GLY C 69 -28.72 46.59 -21.69
CA GLY C 69 -29.93 46.15 -21.00
C GLY C 69 -30.90 45.54 -21.98
N GLN C 70 -32.18 45.87 -21.84
CA GLN C 70 -33.20 45.37 -22.76
C GLN C 70 -33.10 46.11 -24.09
N HIS C 71 -33.02 45.34 -25.17
CA HIS C 71 -32.84 45.88 -26.51
C HIS C 71 -31.65 46.83 -26.57
N PRO C 72 -30.42 46.34 -26.35
CA PRO C 72 -29.27 47.23 -26.25
C PRO C 72 -28.64 47.56 -27.60
N THR C 73 -28.56 48.85 -27.90
CA THR C 73 -27.85 49.34 -29.08
C THR C 73 -26.69 50.25 -28.72
N ALA C 74 -26.93 51.24 -27.87
CA ALA C 74 -25.88 52.16 -27.42
C ALA C 74 -25.19 51.58 -26.19
N SER C 75 -24.47 50.48 -26.42
CA SER C 75 -23.72 49.77 -25.38
C SER C 75 -22.24 50.07 -25.45
N GLY C 76 -21.87 51.30 -25.77
CA GLY C 76 -20.48 51.64 -25.93
C GLY C 76 -19.92 51.16 -27.26
N VAL C 77 -18.59 51.14 -27.33
CA VAL C 77 -17.91 50.68 -28.53
C VAL C 77 -17.88 49.16 -28.56
N HIS C 78 -18.85 48.56 -29.26
CA HIS C 78 -18.86 47.10 -29.40
C HIS C 78 -17.68 46.62 -30.23
N GLY C 79 -17.34 47.35 -31.29
CA GLY C 79 -16.18 47.00 -32.09
C GLY C 79 -15.43 48.23 -32.56
N ILE C 80 -14.11 48.20 -32.46
CA ILE C 80 -13.30 49.37 -32.80
C ILE C 80 -12.33 49.00 -33.91
N PHE C 81 -12.13 49.93 -34.85
CA PHE C 81 -11.26 49.74 -36.00
C PHE C 81 -10.37 50.96 -36.18
N VAL C 82 -9.13 50.69 -36.54
CA VAL C 82 -8.09 51.70 -36.72
C VAL C 82 -7.64 51.67 -38.18
N SER C 83 -7.57 52.86 -38.79
CA SER C 83 -7.25 52.99 -40.20
C SER C 83 -6.14 54.01 -40.47
N HIS C 84 -6.01 55.03 -39.63
CA HIS C 84 -5.07 56.10 -39.88
C HIS C 84 -4.50 56.64 -38.58
N ILE C 85 -3.38 57.34 -38.69
CA ILE C 85 -2.71 57.96 -37.55
C ILE C 85 -2.29 59.37 -37.93
N ARG C 86 -2.15 60.22 -36.90
CA ARG C 86 -1.60 61.57 -37.08
C ARG C 86 -0.18 61.71 -36.57
N GLY C 87 0.16 61.01 -35.49
CA GLY C 87 1.51 61.08 -34.94
C GLY C 87 2.47 60.11 -35.60
N GLY C 88 2.05 58.86 -35.75
CA GLY C 88 2.86 57.84 -36.39
C GLY C 88 3.82 57.10 -35.48
N HIS C 89 3.87 57.45 -34.19
CA HIS C 89 4.76 56.76 -33.27
C HIS C 89 4.37 55.29 -33.12
N GLY C 90 3.07 55.01 -33.06
CA GLY C 90 2.61 53.65 -32.92
C GLY C 90 1.13 53.61 -32.63
N PHE C 91 0.62 52.38 -32.56
CA PHE C 91 -0.78 52.11 -32.28
C PHE C 91 -0.90 51.31 -30.98
N GLU C 92 -1.78 51.76 -30.09
CA GLU C 92 -2.04 51.07 -28.83
C GLU C 92 -3.53 51.08 -28.56
N ILE C 93 -4.04 49.98 -28.04
CA ILE C 93 -5.44 49.84 -27.68
C ILE C 93 -5.55 49.14 -26.33
N GLY C 94 -6.58 49.51 -25.57
CA GLY C 94 -6.85 48.85 -24.31
C GLY C 94 -8.34 48.92 -24.02
N ILE C 95 -8.79 48.00 -23.15
CA ILE C 95 -10.21 47.86 -22.87
C ILE C 95 -10.45 48.03 -21.37
N SER C 96 -11.68 48.41 -21.03
CA SER C 96 -12.10 48.63 -19.66
C SER C 96 -13.62 48.57 -19.62
N GLN C 97 -14.18 48.77 -18.43
CA GLN C 97 -15.63 48.75 -18.27
C GLN C 97 -16.05 49.66 -17.13
N GLU C 98 -17.17 50.35 -17.32
CA GLU C 98 -17.75 51.15 -16.24
C GLU C 98 -18.09 50.35 -14.99
N PRO C 99 -18.66 49.14 -15.07
CA PRO C 99 -18.86 48.36 -13.83
C PRO C 99 -17.59 48.12 -13.05
N PHE C 100 -16.44 48.05 -13.73
CA PHE C 100 -15.12 47.98 -13.11
C PHE C 100 -15.00 46.75 -12.20
N ASP C 101 -15.09 45.58 -12.84
CA ASP C 101 -14.88 44.32 -12.16
C ASP C 101 -13.44 43.90 -12.36
N PRO C 102 -12.60 43.92 -11.33
CA PRO C 102 -11.18 43.55 -11.51
C PRO C 102 -10.93 42.06 -11.55
N SER C 103 -11.97 41.23 -11.39
CA SER C 103 -11.76 39.78 -11.39
C SER C 103 -11.49 39.25 -12.79
N GLY C 104 -12.02 39.91 -13.82
CA GLY C 104 -11.86 39.45 -15.18
C GLY C 104 -10.56 39.91 -15.82
N TYR C 105 -10.39 39.51 -17.08
CA TYR C 105 -9.20 39.85 -17.84
C TYR C 105 -9.32 41.25 -18.44
N GLN C 106 -8.24 41.70 -19.05
CA GLN C 106 -8.23 42.96 -19.79
C GLN C 106 -7.40 42.80 -21.05
N LEU C 107 -7.78 43.56 -22.08
CA LEU C 107 -7.16 43.47 -23.40
C LEU C 107 -6.30 44.72 -23.63
N TYR C 108 -5.07 44.47 -24.05
CA TYR C 108 -4.12 45.52 -24.40
C TYR C 108 -3.27 45.04 -25.57
N LEU C 109 -3.18 45.88 -26.59
CA LEU C 109 -2.42 45.55 -27.80
C LEU C 109 -1.59 46.75 -28.20
N HIS C 110 -0.38 46.49 -28.69
CA HIS C 110 0.47 47.56 -29.21
C HIS C 110 1.24 47.07 -30.43
N LYS C 111 1.35 47.92 -31.44
CA LYS C 111 2.17 47.61 -32.61
C LYS C 111 2.67 48.89 -33.26
N ALA C 112 3.71 48.73 -34.06
CA ALA C 112 4.37 49.85 -34.72
C ALA C 112 3.90 49.94 -36.17
N THR C 113 3.58 51.15 -36.60
CA THR C 113 3.17 51.40 -37.98
C THR C 113 4.39 51.70 -38.83
N ASN C 114 4.17 52.18 -40.06
CA ASN C 114 5.23 52.48 -41.02
C ASN C 114 6.09 51.24 -41.30
N GLY C 115 5.43 50.22 -41.84
CA GLY C 115 6.10 48.99 -42.20
C GLY C 115 5.28 47.74 -41.94
N ASN C 116 5.17 46.87 -42.94
CA ASN C 116 4.40 45.65 -42.76
C ASN C 116 5.13 44.66 -41.84
N THR C 117 6.44 44.54 -42.00
CA THR C 117 7.21 43.65 -41.13
C THR C 117 7.23 44.15 -39.70
N ASN C 118 7.34 45.47 -39.52
CA ASN C 118 7.36 46.07 -38.19
C ASN C 118 5.98 46.14 -37.55
N ALA C 119 4.93 45.76 -38.27
CA ALA C 119 3.57 45.81 -37.75
C ALA C 119 3.19 44.55 -36.98
N THR C 120 4.16 43.82 -36.44
CA THR C 120 3.89 42.63 -35.65
C THR C 120 3.24 43.07 -34.34
N ALA C 121 1.93 42.88 -34.25
CA ALA C 121 1.17 43.36 -33.10
C ALA C 121 1.38 42.47 -31.89
N ARG C 122 1.70 43.08 -30.75
CA ARG C 122 1.82 42.36 -29.49
C ARG C 122 0.46 42.45 -28.79
N LEU C 123 -0.18 41.30 -28.61
CA LEU C 123 -1.55 41.17 -28.14
C LEU C 123 -1.57 40.46 -26.80
N ARG C 124 -2.33 41.03 -25.85
CA ARG C 124 -2.30 40.58 -24.46
C ARG C 124 -3.71 40.61 -23.89
N ILE C 125 -4.28 39.43 -23.63
CA ILE C 125 -5.43 39.30 -22.73
C ILE C 125 -4.85 38.86 -21.39
N CYS C 126 -4.60 39.85 -20.54
CA CYS C 126 -3.98 39.68 -19.24
C CYS C 126 -4.67 40.62 -18.26
N GLN C 127 -4.46 40.36 -16.97
CA GLN C 127 -4.87 41.32 -15.93
C GLN C 127 -3.78 42.37 -15.78
N PHE C 128 -3.93 43.49 -16.47
CA PHE C 128 -3.04 44.63 -16.32
C PHE C 128 -3.50 45.48 -15.14
N PRO C 129 -2.62 45.77 -14.18
CA PRO C 129 -3.03 46.60 -13.05
C PRO C 129 -3.58 47.95 -13.45
N SER C 130 -2.96 48.58 -14.46
CA SER C 130 -3.39 49.88 -15.00
C SER C 130 -3.69 50.89 -13.90
N ILE C 131 -4.73 51.69 -14.10
CA ILE C 131 -5.18 52.68 -13.13
C ILE C 131 -6.70 52.56 -13.01
N LYS C 132 -7.20 52.70 -11.77
CA LYS C 132 -8.64 52.67 -11.57
C LYS C 132 -9.36 53.75 -12.37
N THR C 133 -8.66 54.84 -12.68
CA THR C 133 -9.15 55.92 -13.52
C THR C 133 -8.33 55.96 -14.82
N LEU C 134 -8.58 56.97 -15.63
CA LEU C 134 -7.85 57.14 -16.88
C LEU C 134 -6.62 58.01 -16.64
N GLY C 135 -5.44 57.46 -16.93
CA GLY C 135 -4.20 58.15 -16.73
C GLY C 135 -3.59 57.84 -15.38
N PRO C 136 -2.28 58.06 -15.24
CA PRO C 136 -1.61 57.75 -13.97
C PRO C 136 -2.00 58.69 -12.85
N THR C 137 -3.20 58.52 -12.31
CA THR C 137 -3.71 59.38 -11.25
C THR C 137 -4.26 58.62 -10.04
N ALA C 138 -4.50 57.33 -10.14
CA ALA C 138 -5.09 56.57 -9.04
C ALA C 138 -4.32 55.27 -8.79
N ASN C 139 -4.88 54.41 -7.94
CA ASN C 139 -4.23 53.16 -7.57
C ASN C 139 -4.36 52.14 -8.71
N ASN C 140 -3.97 50.90 -8.44
CA ASN C 140 -4.03 49.82 -9.41
C ASN C 140 -4.97 48.73 -8.91
N ASP C 141 -5.06 47.65 -9.67
CA ASP C 141 -5.93 46.53 -9.31
C ASP C 141 -5.23 45.63 -8.31
N VAL C 142 -5.90 45.37 -7.18
CA VAL C 142 -5.32 44.57 -6.10
C VAL C 142 -5.83 43.13 -6.13
N THR C 143 -6.60 42.75 -7.15
CA THR C 143 -7.11 41.40 -7.28
C THR C 143 -6.35 40.58 -8.31
N ILE C 144 -5.18 41.03 -8.74
CA ILE C 144 -4.41 40.37 -9.78
C ILE C 144 -3.43 39.44 -9.08
N GLY C 145 -3.86 38.18 -8.90
CA GLY C 145 -2.98 37.16 -8.35
C GLY C 145 -2.28 36.37 -9.43
N ARG C 146 -3.05 35.83 -10.37
CA ARG C 146 -2.49 35.11 -11.49
C ARG C 146 -1.97 36.09 -12.55
N ASN C 147 -1.10 35.58 -13.42
CA ASN C 147 -0.35 36.45 -14.31
C ASN C 147 -1.15 36.86 -15.53
N CYS C 148 -1.53 35.90 -16.37
CA CYS C 148 -2.14 36.18 -17.67
C CYS C 148 -2.62 34.88 -18.30
N LEU C 149 -3.39 35.02 -19.36
CA LEU C 149 -3.79 33.88 -20.18
C LEU C 149 -3.30 34.00 -21.62
N PHE C 150 -3.58 35.10 -22.32
CA PHE C 150 -3.21 35.22 -23.72
C PHE C 150 -2.08 36.22 -23.87
N ASN C 151 -0.94 35.75 -24.40
CA ASN C 151 0.25 36.58 -24.62
C ASN C 151 0.86 36.13 -25.94
N LYS C 152 0.50 36.81 -27.02
CA LYS C 152 0.92 36.37 -28.34
C LYS C 152 1.32 37.55 -29.22
N ALA C 153 2.01 37.24 -30.31
CA ALA C 153 2.32 38.19 -31.35
C ALA C 153 1.65 37.77 -32.65
N ILE C 154 0.90 38.67 -33.26
CA ILE C 154 0.16 38.41 -34.49
C ILE C 154 0.60 39.44 -35.52
N PRO C 155 1.07 39.03 -36.69
CA PRO C 155 1.49 40.01 -37.70
C PRO C 155 0.30 40.79 -38.24
N ALA C 156 0.61 41.99 -38.75
CA ALA C 156 -0.39 42.87 -39.33
C ALA C 156 0.23 43.61 -40.51
N HIS C 157 -0.64 44.18 -41.33
CA HIS C 157 -0.22 44.94 -42.50
C HIS C 157 -0.95 46.27 -42.54
N MET C 158 -0.26 47.29 -43.05
CA MET C 158 -0.78 48.65 -43.10
C MET C 158 -1.10 49.03 -44.55
N SER C 159 -2.33 49.50 -44.77
CA SER C 159 -2.75 49.92 -46.10
C SER C 159 -3.89 50.92 -45.95
N GLU C 160 -4.13 51.66 -47.03
CA GLU C 160 -5.18 52.68 -47.02
C GLU C 160 -6.56 52.04 -46.81
N HIS C 161 -6.84 50.95 -47.52
CA HIS C 161 -8.11 50.26 -47.43
C HIS C 161 -8.09 49.09 -46.46
N SER C 162 -6.98 48.87 -45.76
CA SER C 162 -6.87 47.82 -44.76
C SER C 162 -6.88 48.44 -43.38
N VAL C 163 -7.74 47.92 -42.49
CA VAL C 163 -7.90 48.44 -41.14
C VAL C 163 -7.72 47.28 -40.17
N VAL C 164 -7.43 47.61 -38.92
CA VAL C 164 -7.23 46.61 -37.87
C VAL C 164 -8.30 46.80 -36.82
N GLY C 165 -8.96 45.72 -36.43
CA GLY C 165 -10.12 45.85 -35.55
C GLY C 165 -10.22 44.78 -34.49
N ILE C 166 -10.98 45.10 -33.45
CA ILE C 166 -11.33 44.15 -32.41
C ILE C 166 -12.82 44.26 -32.11
N THR C 167 -13.45 43.12 -31.84
CA THR C 167 -14.87 43.09 -31.50
C THR C 167 -15.09 42.14 -30.33
N TRP C 168 -16.00 42.53 -29.43
CA TRP C 168 -16.38 41.72 -28.28
C TRP C 168 -17.89 41.53 -28.26
N ASP C 169 -18.33 40.31 -27.96
CA ASP C 169 -19.75 40.03 -27.83
C ASP C 169 -19.95 38.82 -26.91
N ASN C 170 -20.39 39.08 -25.68
CA ASN C 170 -20.70 38.05 -24.68
C ASN C 170 -19.43 37.25 -24.43
N ASP C 171 -19.44 35.92 -24.59
CA ASP C 171 -18.25 35.13 -24.38
C ASP C 171 -17.26 35.26 -25.52
N ARG C 172 -17.72 35.56 -26.73
CA ARG C 172 -16.86 35.58 -27.89
C ARG C 172 -16.10 36.89 -27.99
N VAL C 173 -14.83 36.80 -28.38
CA VAL C 173 -14.07 37.98 -28.80
C VAL C 173 -13.35 37.61 -30.08
N THR C 174 -13.44 38.51 -31.08
CA THR C 174 -12.94 38.24 -32.43
C THR C 174 -11.97 39.33 -32.85
N VAL C 175 -10.88 38.89 -33.49
CA VAL C 175 -9.80 39.78 -33.91
C VAL C 175 -9.84 39.93 -35.43
N PHE C 176 -10.05 41.16 -35.91
CA PHE C 176 -10.00 41.46 -37.33
C PHE C 176 -8.62 42.02 -37.71
N SER C 177 -7.65 41.12 -37.72
CA SER C 177 -6.28 41.43 -38.17
C SER C 177 -5.68 40.17 -38.75
N ASP C 178 -5.31 40.22 -40.04
CA ASP C 178 -4.79 39.07 -40.76
C ASP C 178 -5.76 37.89 -40.70
N LYS C 179 -5.33 36.79 -40.10
CA LYS C 179 -6.22 35.66 -39.90
C LYS C 179 -7.20 35.94 -38.76
N ILE C 180 -8.37 35.32 -38.83
CA ILE C 180 -9.39 35.53 -37.80
C ILE C 180 -8.96 34.84 -36.51
N TYR C 181 -9.37 35.44 -35.40
CA TYR C 181 -9.12 34.87 -34.08
C TYR C 181 -10.41 34.89 -33.28
N TYR C 182 -10.75 33.73 -32.71
CA TYR C 182 -11.94 33.52 -31.90
C TYR C 182 -11.48 33.11 -30.51
N PHE C 183 -11.94 33.82 -29.48
CA PHE C 183 -11.61 33.43 -28.12
C PHE C 183 -12.86 33.40 -27.27
N TYR C 184 -12.88 32.44 -26.33
CA TYR C 184 -14.03 32.13 -25.49
C TYR C 184 -13.70 32.48 -24.06
N PHE C 185 -14.38 33.49 -23.52
CA PHE C 185 -14.26 33.84 -22.11
C PHE C 185 -15.38 34.77 -21.70
N LYS C 186 -16.02 34.49 -20.57
CA LYS C 186 -17.14 35.31 -20.11
C LYS C 186 -16.60 36.50 -19.32
N ASN C 187 -16.82 37.69 -19.84
CA ASN C 187 -16.37 38.93 -19.20
C ASN C 187 -17.23 40.08 -19.71
N ASP C 188 -17.02 41.25 -19.13
CA ASP C 188 -17.79 42.43 -19.47
C ASP C 188 -16.85 43.60 -19.75
N TRP C 189 -17.18 44.38 -20.78
CA TRP C 189 -16.39 45.55 -21.15
C TRP C 189 -17.33 46.59 -21.76
N SER C 190 -17.14 47.85 -21.38
CA SER C 190 -17.99 48.92 -21.91
C SER C 190 -17.24 50.19 -22.29
N ARG C 191 -15.93 50.30 -22.02
CA ARG C 191 -15.17 51.49 -22.34
C ARG C 191 -13.89 51.09 -23.08
N VAL C 192 -13.47 51.92 -24.02
CA VAL C 192 -12.28 51.67 -24.84
C VAL C 192 -11.32 52.83 -24.67
N ALA C 193 -10.03 52.53 -24.49
CA ALA C 193 -9.01 53.54 -24.30
C ALA C 193 -7.92 53.37 -25.34
N THR C 194 -7.44 54.49 -25.87
CA THR C 194 -6.31 54.51 -26.79
C THR C 194 -5.19 55.36 -26.19
N LYS C 195 -4.01 54.78 -26.08
CA LYS C 195 -2.87 55.55 -25.57
C LYS C 195 -2.50 56.69 -26.51
N CYS C 196 -2.54 56.45 -27.82
CA CYS C 196 -2.21 57.47 -28.81
C CYS C 196 -3.39 58.41 -28.98
N TYR C 197 -3.34 59.57 -28.32
CA TYR C 197 -4.40 60.56 -28.46
C TYR C 197 -4.35 61.31 -29.78
N ASN C 198 -3.20 61.29 -30.47
CA ASN C 198 -3.03 62.03 -31.72
C ASN C 198 -3.70 61.23 -32.84
N SER C 199 -5.02 61.32 -32.88
CA SER C 199 -5.80 60.63 -33.90
C SER C 199 -7.06 61.45 -34.19
N GLY C 200 -7.45 61.48 -35.46
CA GLY C 200 -8.65 62.19 -35.86
C GLY C 200 -9.91 61.39 -35.59
N GLY C 201 -11.05 62.07 -35.74
CA GLY C 201 -12.32 61.41 -35.54
C GLY C 201 -12.59 60.33 -36.59
N CYS C 202 -12.29 60.63 -37.85
CA CYS C 202 -12.55 59.67 -38.92
C CYS C 202 -11.51 58.55 -38.96
N ALA C 203 -10.34 58.73 -38.35
CA ALA C 203 -9.33 57.69 -38.34
C ALA C 203 -9.80 56.46 -37.57
N MET C 204 -10.51 56.68 -36.47
CA MET C 204 -11.05 55.59 -35.65
C MET C 204 -12.52 55.39 -35.99
N GLN C 205 -12.95 54.13 -36.02
CA GLN C 205 -14.32 53.79 -36.38
C GLN C 205 -14.88 52.82 -35.35
N TYR C 206 -15.93 53.23 -34.66
CA TYR C 206 -16.54 52.44 -33.60
C TYR C 206 -17.96 52.08 -33.97
N VAL C 207 -18.29 50.79 -33.83
CA VAL C 207 -19.60 50.24 -34.19
C VAL C 207 -20.26 49.68 -32.93
N TYR C 208 -21.56 49.91 -32.81
CA TYR C 208 -22.31 49.51 -31.63
C TYR C 208 -23.59 48.74 -31.94
N GLU C 209 -23.96 48.62 -33.22
CA GLU C 209 -25.18 47.94 -33.62
C GLU C 209 -24.85 46.82 -34.60
N PRO C 210 -25.29 45.60 -34.36
CA PRO C 210 -25.02 44.52 -35.30
C PRO C 210 -25.76 44.72 -36.62
N THR C 211 -25.15 44.23 -37.69
CA THR C 211 -25.72 44.29 -39.02
C THR C 211 -25.56 42.94 -39.70
N TYR C 212 -26.45 42.68 -40.66
CA TYR C 212 -26.52 41.43 -41.38
C TYR C 212 -26.19 41.67 -42.84
N TYR C 213 -25.27 40.88 -43.39
CA TYR C 213 -24.90 41.01 -44.79
C TYR C 213 -24.73 39.64 -45.42
N MET C 214 -25.31 39.45 -46.59
CA MET C 214 -25.13 38.22 -47.35
C MET C 214 -23.88 38.33 -48.19
N LEU C 215 -22.98 37.36 -48.04
CA LEU C 215 -21.69 37.33 -48.73
C LEU C 215 -21.70 36.17 -49.73
N ASN C 216 -21.26 36.48 -50.95
CA ASN C 216 -21.29 35.57 -52.08
C ASN C 216 -20.01 35.80 -52.86
N VAL C 217 -19.08 34.85 -52.79
CA VAL C 217 -17.75 34.97 -53.41
C VAL C 217 -17.57 33.74 -54.29
N THR C 218 -17.97 33.85 -55.55
CA THR C 218 -17.78 32.78 -56.53
C THR C 218 -16.48 32.98 -57.32
N SER C 219 -15.37 33.14 -56.61
CA SER C 219 -14.09 33.30 -57.27
C SER C 219 -12.95 32.54 -56.61
N ALA C 220 -13.19 31.87 -55.47
CA ALA C 220 -12.15 31.17 -54.73
C ALA C 220 -10.97 32.10 -54.42
N GLY C 221 -11.29 33.35 -54.12
CA GLY C 221 -10.26 34.33 -53.89
C GLY C 221 -10.82 35.59 -53.27
N GLU C 222 -10.00 36.65 -53.31
CA GLU C 222 -10.37 37.92 -52.69
C GLU C 222 -11.51 38.62 -53.41
N ASP C 223 -11.78 38.24 -54.66
CA ASP C 223 -12.81 38.92 -55.47
C ASP C 223 -14.18 38.44 -55.04
N GLY C 224 -14.87 39.25 -54.24
CA GLY C 224 -16.22 38.93 -53.82
C GLY C 224 -17.25 39.49 -54.79
N ILE C 225 -18.25 38.66 -55.11
CA ILE C 225 -19.25 39.05 -56.10
C ILE C 225 -20.11 40.19 -55.58
N SER C 226 -20.64 40.04 -54.36
CA SER C 226 -21.54 41.05 -53.81
C SER C 226 -21.59 40.90 -52.31
N TYR C 227 -22.10 41.95 -51.65
CA TYR C 227 -22.32 41.99 -50.21
C TYR C 227 -23.71 42.54 -49.91
N GLN C 228 -24.71 42.06 -50.64
CA GLN C 228 -26.06 42.56 -50.48
C GLN C 228 -26.59 42.21 -49.10
N PRO C 229 -27.21 43.16 -48.38
CA PRO C 229 -27.75 42.86 -47.06
C PRO C 229 -28.86 41.82 -47.13
N CYS C 230 -28.93 40.98 -46.10
CA CYS C 230 -29.96 39.96 -46.02
C CYS C 230 -31.31 40.59 -45.70
N THR C 231 -32.38 39.90 -46.10
CA THR C 231 -33.73 40.41 -45.94
C THR C 231 -34.55 39.60 -44.94
N ALA C 232 -34.65 38.28 -45.14
CA ALA C 232 -35.46 37.44 -44.27
C ALA C 232 -34.70 36.17 -43.93
N ASN C 233 -35.06 35.58 -42.79
CA ASN C 233 -34.43 34.35 -42.30
C ASN C 233 -32.91 34.51 -42.17
N CYS C 234 -32.48 35.71 -41.75
CA CYS C 234 -31.06 35.99 -41.66
C CYS C 234 -30.43 35.26 -40.49
N ILE C 235 -31.08 35.29 -39.32
CA ILE C 235 -30.52 34.66 -38.13
C ILE C 235 -30.42 33.15 -38.32
N GLY C 236 -31.48 32.55 -38.86
CA GLY C 236 -31.45 31.11 -39.12
C GLY C 236 -30.40 30.72 -40.13
N TYR C 237 -30.26 31.51 -41.20
CA TYR C 237 -29.25 31.23 -42.21
C TYR C 237 -27.85 31.33 -41.65
N ALA C 238 -27.60 32.33 -40.78
CA ALA C 238 -26.28 32.51 -40.21
C ALA C 238 -25.89 31.32 -39.34
N ALA C 239 -26.82 30.80 -38.56
CA ALA C 239 -26.54 29.73 -37.60
C ALA C 239 -26.80 28.35 -38.15
N ASN C 240 -26.92 28.20 -39.48
CA ASN C 240 -27.14 26.89 -40.09
C ASN C 240 -26.24 26.60 -41.28
N VAL C 241 -25.63 27.60 -41.90
CA VAL C 241 -24.86 27.42 -43.13
C VAL C 241 -23.38 27.25 -42.75
N PHE C 242 -22.75 26.23 -43.32
CA PHE C 242 -21.36 25.91 -43.08
C PHE C 242 -20.50 26.32 -44.27
N ALA C 243 -19.21 26.00 -44.19
CA ALA C 243 -18.26 26.21 -45.28
C ALA C 243 -17.39 24.97 -45.37
N THR C 244 -17.63 24.15 -46.39
CA THR C 244 -16.95 22.86 -46.52
C THR C 244 -15.48 23.10 -46.82
N GLU C 245 -14.62 22.86 -45.83
CA GLU C 245 -13.19 23.01 -46.03
C GLU C 245 -12.67 21.94 -46.98
N PRO C 246 -11.56 22.20 -47.68
CA PRO C 246 -11.01 21.20 -48.60
C PRO C 246 -10.66 19.88 -47.93
N ASN C 247 -10.23 19.91 -46.66
CA ASN C 247 -9.92 18.70 -45.94
C ASN C 247 -11.15 18.08 -45.28
N GLY C 248 -12.31 18.72 -45.38
CA GLY C 248 -13.53 18.21 -44.79
C GLY C 248 -13.78 18.64 -43.36
N HIS C 249 -12.81 19.31 -42.73
CA HIS C 249 -13.00 19.77 -41.35
C HIS C 249 -14.04 20.88 -41.31
N ILE C 250 -14.71 20.99 -40.16
CA ILE C 250 -15.74 22.00 -39.97
C ILE C 250 -15.05 23.34 -39.70
N PRO C 251 -15.52 24.44 -40.28
CA PRO C 251 -14.89 25.74 -40.00
C PRO C 251 -15.24 26.22 -38.60
N GLU C 252 -14.34 27.04 -38.04
CA GLU C 252 -14.57 27.62 -36.73
C GLU C 252 -15.54 28.79 -36.83
N GLY C 253 -16.14 29.14 -35.70
CA GLY C 253 -17.08 30.24 -35.64
C GLY C 253 -18.52 29.80 -35.86
N PHE C 254 -18.96 28.79 -35.13
CA PHE C 254 -20.32 28.28 -35.24
C PHE C 254 -20.90 28.08 -33.85
N SER C 255 -22.17 28.49 -33.68
CA SER C 255 -22.83 28.35 -32.39
C SER C 255 -23.31 26.92 -32.14
N PHE C 256 -23.56 26.16 -33.20
CA PHE C 256 -24.02 24.77 -33.09
C PHE C 256 -25.32 24.68 -32.29
N ASN C 257 -26.23 25.62 -32.53
CA ASN C 257 -27.49 25.65 -31.78
C ASN C 257 -28.34 24.42 -32.07
N ASN C 258 -28.34 23.95 -33.32
CA ASN C 258 -29.15 22.81 -33.73
C ASN C 258 -28.36 21.51 -33.74
N TRP C 259 -27.39 21.35 -32.84
CA TRP C 259 -26.56 20.17 -32.78
C TRP C 259 -26.53 19.63 -31.36
N PHE C 260 -26.45 18.30 -31.25
CA PHE C 260 -26.42 17.64 -29.96
C PHE C 260 -25.47 16.44 -30.02
N LEU C 261 -24.96 16.06 -28.86
CA LEU C 261 -24.05 14.93 -28.77
C LEU C 261 -24.82 13.62 -28.94
N LEU C 262 -24.18 12.66 -29.61
CA LEU C 262 -24.79 11.36 -29.87
C LEU C 262 -24.63 10.47 -28.65
N SER C 263 -25.72 10.19 -27.95
CA SER C 263 -25.68 9.44 -26.69
C SER C 263 -26.71 8.32 -26.73
N ASN C 264 -26.29 7.12 -26.33
CA ASN C 264 -27.23 6.02 -26.18
C ASN C 264 -28.06 6.18 -24.92
N ASP C 265 -27.42 6.59 -23.82
CA ASP C 265 -28.10 6.73 -22.54
C ASP C 265 -27.46 7.86 -21.76
N SER C 266 -28.29 8.65 -21.08
CA SER C 266 -27.86 9.78 -20.26
C SER C 266 -27.12 10.83 -21.07
N THR C 267 -26.68 11.90 -20.41
CA THR C 267 -25.95 12.97 -21.07
C THR C 267 -25.07 13.66 -20.03
N LEU C 268 -23.89 14.10 -20.46
CA LEU C 268 -22.98 14.82 -19.58
C LEU C 268 -23.46 16.26 -19.42
N VAL C 269 -23.76 16.64 -18.19
CA VAL C 269 -24.25 17.99 -17.93
C VAL C 269 -23.18 19.02 -18.28
N HIS C 270 -21.95 18.77 -17.87
CA HIS C 270 -20.84 19.68 -18.15
C HIS C 270 -19.53 18.92 -17.98
N GLY C 271 -18.61 19.12 -18.90
CA GLY C 271 -17.33 18.45 -18.84
C GLY C 271 -16.73 18.29 -20.22
N LYS C 272 -15.79 17.36 -20.32
CA LYS C 272 -15.09 17.09 -21.58
C LYS C 272 -14.96 15.59 -21.78
N VAL C 273 -14.95 15.16 -23.04
CA VAL C 273 -14.83 13.74 -23.37
C VAL C 273 -14.38 13.60 -24.81
N VAL C 274 -13.77 12.45 -25.12
CA VAL C 274 -13.33 12.13 -26.48
C VAL C 274 -14.00 10.82 -26.88
N SER C 275 -14.61 10.81 -28.07
CA SER C 275 -15.25 9.61 -28.58
C SER C 275 -15.41 9.75 -30.09
N ASN C 276 -15.67 8.62 -30.74
CA ASN C 276 -15.96 8.62 -32.16
C ASN C 276 -17.38 9.11 -32.40
N GLN C 277 -17.53 10.10 -33.26
CA GLN C 277 -18.79 10.79 -33.49
C GLN C 277 -18.92 11.10 -34.97
N PRO C 278 -20.15 11.24 -35.47
CA PRO C 278 -20.37 11.61 -36.89
C PRO C 278 -20.21 13.10 -37.16
N LEU C 279 -18.96 13.51 -37.41
CA LEU C 279 -18.66 14.91 -37.65
C LEU C 279 -18.06 15.20 -39.02
N LEU C 280 -17.36 14.26 -39.63
CA LEU C 280 -16.75 14.51 -40.92
C LEU C 280 -17.83 14.57 -42.00
N VAL C 281 -17.79 15.62 -42.82
CA VAL C 281 -18.82 15.89 -43.82
C VAL C 281 -18.20 15.79 -45.21
N ASN C 282 -18.94 15.17 -46.13
CA ASN C 282 -18.54 15.10 -47.53
C ASN C 282 -19.16 16.21 -48.35
N CYS C 283 -20.43 16.51 -48.09
CA CYS C 283 -21.15 17.55 -48.82
C CYS C 283 -22.31 18.03 -47.96
N LEU C 284 -22.71 19.27 -48.17
CA LEU C 284 -23.81 19.88 -47.41
C LEU C 284 -24.78 20.55 -48.38
N LEU C 285 -26.06 20.33 -48.14
CA LEU C 285 -27.12 20.94 -48.94
C LEU C 285 -28.06 21.71 -48.03
N ALA C 286 -28.30 22.99 -48.38
CA ALA C 286 -29.12 23.89 -47.58
C ALA C 286 -30.08 24.63 -48.50
N ILE C 287 -31.19 25.08 -47.91
CA ILE C 287 -32.28 25.74 -48.64
C ILE C 287 -32.68 24.85 -49.81
N PRO C 288 -33.23 23.66 -49.55
CA PRO C 288 -33.43 22.68 -50.61
C PRO C 288 -34.77 22.82 -51.32
N LYS C 289 -34.80 22.31 -52.55
CA LYS C 289 -36.02 22.25 -53.35
C LYS C 289 -36.25 20.91 -54.03
N ILE C 290 -35.21 20.08 -54.21
CA ILE C 290 -35.36 18.88 -55.02
C ILE C 290 -35.95 17.70 -54.24
N TYR C 291 -35.83 17.69 -52.91
CA TYR C 291 -36.38 16.59 -52.14
C TYR C 291 -37.89 16.50 -52.23
N GLY C 292 -38.55 17.57 -52.67
CA GLY C 292 -39.97 17.51 -52.92
C GLY C 292 -40.36 16.73 -54.15
N LEU C 293 -39.39 16.22 -54.90
CA LEU C 293 -39.65 15.39 -56.08
C LEU C 293 -39.27 13.93 -55.83
N GLY C 294 -39.46 13.45 -54.60
CA GLY C 294 -39.15 12.08 -54.26
C GLY C 294 -37.67 11.74 -54.35
N GLN C 295 -36.83 12.59 -53.75
CA GLN C 295 -35.39 12.41 -53.86
C GLN C 295 -34.95 11.08 -53.25
N PHE C 296 -34.03 10.42 -53.93
CA PHE C 296 -33.51 9.11 -53.53
C PHE C 296 -32.08 9.27 -53.03
N PHE C 297 -31.82 8.76 -51.82
CA PHE C 297 -30.48 8.74 -51.25
C PHE C 297 -30.02 7.30 -51.11
N SER C 298 -28.75 7.05 -51.44
CA SER C 298 -28.15 5.74 -51.32
C SER C 298 -26.98 5.81 -50.36
N PHE C 299 -26.90 4.83 -49.45
CA PHE C 299 -25.78 4.77 -48.51
C PHE C 299 -24.46 4.43 -49.19
N ASN C 300 -24.50 4.01 -50.45
CA ASN C 300 -23.33 3.56 -51.18
C ASN C 300 -22.71 4.66 -52.05
N GLN C 301 -23.52 5.32 -52.87
CA GLN C 301 -23.02 6.33 -53.80
C GLN C 301 -23.07 7.71 -53.16
N THR C 302 -22.11 8.55 -53.56
CA THR C 302 -22.03 9.90 -53.03
C THR C 302 -23.29 10.68 -53.39
N ILE C 303 -23.74 11.54 -52.46
CA ILE C 303 -24.94 12.33 -52.71
C ILE C 303 -24.69 13.32 -53.82
N ASP C 304 -25.76 13.67 -54.54
CA ASP C 304 -25.69 14.57 -55.69
C ASP C 304 -26.40 15.87 -55.34
N GLY C 305 -25.71 16.98 -55.56
CA GLY C 305 -26.26 18.29 -55.27
C GLY C 305 -25.20 19.35 -55.29
N VAL C 306 -25.65 20.60 -55.15
CA VAL C 306 -24.77 21.76 -55.16
C VAL C 306 -24.15 21.88 -53.77
N CYS C 307 -22.93 21.37 -53.61
CA CYS C 307 -22.27 21.39 -52.31
C CYS C 307 -21.95 22.81 -51.88
N ASN C 308 -21.90 23.01 -50.55
CA ASN C 308 -21.58 24.30 -49.97
C ASN C 308 -20.07 24.54 -49.95
N GLY C 309 -19.49 24.53 -51.15
CA GLY C 309 -18.06 24.71 -51.29
C GLY C 309 -17.35 23.48 -51.83
N ALA C 310 -16.34 23.01 -51.11
CA ALA C 310 -15.58 21.84 -51.53
C ALA C 310 -16.42 20.57 -51.37
N ALA C 311 -16.04 19.55 -52.13
CA ALA C 311 -16.72 18.26 -52.09
C ALA C 311 -15.69 17.14 -52.04
N VAL C 312 -16.06 16.06 -51.35
CA VAL C 312 -15.21 14.88 -51.22
C VAL C 312 -15.99 13.67 -51.70
N GLN C 313 -15.37 12.88 -52.58
CA GLN C 313 -16.01 11.70 -53.16
C GLN C 313 -15.81 10.53 -52.21
N ARG C 314 -16.74 10.35 -51.28
CA ARG C 314 -16.68 9.27 -50.31
C ARG C 314 -18.07 8.70 -50.09
N ALA C 315 -18.11 7.44 -49.70
CA ALA C 315 -19.40 6.79 -49.40
C ALA C 315 -19.95 7.33 -48.09
N PRO C 316 -21.22 7.70 -48.03
CA PRO C 316 -21.77 8.22 -46.78
C PRO C 316 -21.85 7.15 -45.70
N GLU C 317 -21.69 7.59 -44.45
CA GLU C 317 -21.86 6.73 -43.28
C GLU C 317 -23.14 7.01 -42.50
N ALA C 318 -23.51 8.27 -42.34
CA ALA C 318 -24.76 8.61 -41.66
C ALA C 318 -25.30 9.92 -42.22
N LEU C 319 -26.60 10.13 -42.01
CA LEU C 319 -27.29 11.32 -42.48
C LEU C 319 -27.79 12.13 -41.30
N ARG C 320 -27.51 13.43 -41.31
CA ARG C 320 -27.98 14.35 -40.30
C ARG C 320 -28.98 15.32 -40.93
N PHE C 321 -30.07 15.56 -40.21
CA PHE C 321 -31.17 16.38 -40.70
C PHE C 321 -31.36 17.54 -39.73
N ASN C 322 -31.30 18.77 -40.26
CA ASN C 322 -31.61 19.97 -39.49
C ASN C 322 -33.06 20.34 -39.79
N ILE C 323 -33.93 20.14 -38.81
CA ILE C 323 -35.37 20.32 -38.99
C ILE C 323 -35.74 21.75 -38.63
N ASN C 324 -36.35 22.45 -39.60
CA ASN C 324 -36.87 23.79 -39.34
C ASN C 324 -38.31 23.74 -38.85
N ASP C 325 -39.20 23.16 -39.64
CA ASP C 325 -40.62 23.07 -39.31
C ASP C 325 -41.05 21.61 -39.28
N THR C 326 -41.67 21.21 -38.17
CA THR C 326 -42.20 19.86 -38.08
C THR C 326 -43.49 19.72 -38.89
N SER C 327 -44.29 20.79 -38.96
CA SER C 327 -45.58 20.72 -39.61
C SER C 327 -45.47 20.38 -41.09
N VAL C 328 -44.37 20.78 -41.73
CA VAL C 328 -44.18 20.45 -43.14
C VAL C 328 -44.09 18.94 -43.32
N ILE C 329 -43.31 18.28 -42.46
CA ILE C 329 -43.20 16.83 -42.53
C ILE C 329 -44.51 16.17 -42.13
N LEU C 330 -45.19 16.73 -41.12
CA LEU C 330 -46.43 16.13 -40.64
C LEU C 330 -47.52 16.18 -41.70
N ALA C 331 -47.64 17.29 -42.42
CA ALA C 331 -48.75 17.48 -43.34
C ALA C 331 -48.58 16.64 -44.61
N GLU C 332 -47.52 16.91 -45.38
CA GLU C 332 -47.30 16.23 -46.65
C GLU C 332 -45.96 15.52 -46.74
N GLY C 333 -45.08 15.69 -45.77
CA GLY C 333 -43.81 14.98 -45.77
C GLY C 333 -44.00 13.48 -45.66
N SER C 334 -43.49 12.75 -46.66
CA SER C 334 -43.62 11.30 -46.70
C SER C 334 -42.22 10.71 -46.90
N ILE C 335 -41.75 9.95 -45.92
CA ILE C 335 -40.43 9.32 -45.97
C ILE C 335 -40.58 7.83 -45.72
N VAL C 336 -39.84 7.04 -46.49
CA VAL C 336 -39.84 5.59 -46.38
C VAL C 336 -38.40 5.12 -46.24
N LEU C 337 -38.17 4.21 -45.29
CA LEU C 337 -36.86 3.64 -45.01
C LEU C 337 -36.76 2.30 -45.74
N HIS C 338 -35.74 2.17 -46.58
CA HIS C 338 -35.48 0.95 -47.34
C HIS C 338 -34.29 0.24 -46.70
N THR C 339 -34.54 -0.95 -46.14
CA THR C 339 -33.50 -1.72 -45.49
C THR C 339 -32.65 -2.46 -46.52
N ALA C 340 -31.52 -3.01 -46.06
CA ALA C 340 -30.69 -3.82 -46.94
C ALA C 340 -31.42 -5.09 -47.35
N LEU C 341 -32.19 -5.68 -46.44
CA LEU C 341 -33.02 -6.83 -46.80
C LEU C 341 -34.07 -6.45 -47.83
N GLY C 342 -34.65 -5.26 -47.70
CA GLY C 342 -35.66 -4.80 -48.63
C GLY C 342 -36.93 -4.35 -47.94
N THR C 343 -36.92 -4.41 -46.61
CA THR C 343 -38.10 -4.03 -45.84
C THR C 343 -38.36 -2.54 -45.95
N ASN C 344 -39.64 -2.17 -45.98
CA ASN C 344 -40.08 -0.80 -46.13
C ASN C 344 -40.66 -0.31 -44.81
N PHE C 345 -40.21 0.85 -44.36
CA PHE C 345 -40.68 1.44 -43.10
C PHE C 345 -41.15 2.86 -43.38
N SER C 346 -42.47 3.04 -43.43
CA SER C 346 -43.05 4.32 -43.80
C SER C 346 -43.34 5.14 -42.54
N PHE C 347 -42.93 6.40 -42.55
CA PHE C 347 -43.20 7.31 -41.43
C PHE C 347 -44.50 8.07 -41.71
N VAL C 348 -45.59 7.65 -41.08
CA VAL C 348 -46.89 8.27 -41.31
C VAL C 348 -47.39 8.84 -39.98
N CYS C 349 -47.54 10.16 -39.92
CA CYS C 349 -47.99 10.81 -38.70
C CYS C 349 -49.26 11.61 -39.00
N SER C 350 -50.22 11.55 -38.09
CA SER C 350 -51.50 12.22 -38.28
C SER C 350 -51.96 12.85 -36.97
N ASN C 351 -52.67 13.96 -37.09
CA ASN C 351 -53.19 14.69 -35.93
C ASN C 351 -54.66 14.31 -35.69
N SER C 352 -54.82 13.12 -35.11
CA SER C 352 -56.13 12.56 -34.79
C SER C 352 -57.00 12.37 -36.04
N SER C 353 -56.35 12.19 -37.19
CA SER C 353 -57.02 11.95 -38.46
C SER C 353 -56.50 10.62 -38.99
N ASN C 354 -57.14 9.52 -38.57
CA ASN C 354 -56.68 8.16 -38.85
C ASN C 354 -57.83 7.36 -39.43
N PRO C 355 -58.05 7.46 -40.75
CA PRO C 355 -59.08 6.62 -41.38
C PRO C 355 -58.82 5.13 -41.22
N HIS C 356 -57.56 4.72 -41.21
CA HIS C 356 -57.19 3.32 -41.02
C HIS C 356 -56.39 3.05 -39.77
N LEU C 357 -55.57 4.00 -39.31
CA LEU C 357 -54.78 3.80 -38.10
C LEU C 357 -55.64 3.73 -36.85
N ALA C 358 -56.85 4.31 -36.89
CA ALA C 358 -57.75 4.17 -35.76
C ALA C 358 -58.15 2.72 -35.54
N THR C 359 -58.27 1.94 -36.63
CA THR C 359 -58.49 0.50 -36.48
C THR C 359 -57.30 -0.17 -35.80
N PHE C 360 -56.08 0.25 -36.18
CA PHE C 360 -54.89 -0.30 -35.54
C PHE C 360 -54.82 0.06 -34.06
N ALA C 361 -55.18 1.30 -33.72
CA ALA C 361 -55.16 1.79 -32.34
C ALA C 361 -56.50 2.46 -32.05
N ILE C 362 -57.47 1.67 -31.55
CA ILE C 362 -58.77 2.23 -31.21
C ILE C 362 -58.67 3.28 -30.10
N PRO C 363 -58.01 3.02 -28.96
CA PRO C 363 -57.93 4.07 -27.93
C PRO C 363 -56.72 5.00 -28.12
N LEU C 364 -56.85 5.92 -29.08
CA LEU C 364 -55.76 6.84 -29.37
C LEU C 364 -55.49 7.76 -28.19
N GLY C 365 -56.54 8.26 -27.54
CA GLY C 365 -56.37 9.08 -26.36
C GLY C 365 -55.88 10.50 -26.68
N ALA C 366 -55.57 11.21 -25.62
CA ALA C 366 -55.06 12.58 -25.68
C ALA C 366 -56.09 13.44 -26.44
N THR C 367 -55.61 14.43 -27.20
CA THR C 367 -56.49 15.28 -27.99
C THR C 367 -55.94 15.47 -29.40
N GLN C 368 -56.60 16.33 -30.18
CA GLN C 368 -56.25 16.49 -31.59
C GLN C 368 -54.97 17.29 -31.80
N VAL C 369 -54.63 18.17 -30.86
CA VAL C 369 -53.48 19.05 -31.05
C VAL C 369 -52.17 18.27 -31.18
N PRO C 370 -51.84 17.32 -30.31
CA PRO C 370 -50.62 16.53 -30.52
C PRO C 370 -50.76 15.64 -31.75
N TYR C 371 -49.63 15.36 -32.39
CA TYR C 371 -49.57 14.50 -33.57
C TYR C 371 -49.18 13.10 -33.14
N TYR C 372 -49.92 12.11 -33.64
CA TYR C 372 -49.68 10.71 -33.35
C TYR C 372 -48.99 10.10 -34.57
N CYS C 373 -47.73 9.72 -34.42
CA CYS C 373 -46.95 9.16 -35.51
C CYS C 373 -46.96 7.64 -35.44
N PHE C 374 -46.77 7.01 -36.60
CA PHE C 374 -46.81 5.56 -36.74
C PHE C 374 -45.74 5.15 -37.75
N PHE C 375 -45.27 3.92 -37.58
CA PHE C 375 -44.36 3.29 -38.53
C PHE C 375 -45.11 2.17 -39.24
N LYS C 376 -45.24 2.31 -40.55
CA LYS C 376 -45.84 1.26 -41.36
C LYS C 376 -44.75 0.28 -41.75
N VAL C 377 -44.88 -0.96 -41.29
CA VAL C 377 -44.04 -2.06 -41.72
C VAL C 377 -44.65 -2.58 -43.02
N ASP C 378 -44.20 -2.02 -44.14
CA ASP C 378 -44.60 -2.45 -45.47
C ASP C 378 -43.56 -3.43 -46.01
N THR C 379 -44.03 -4.55 -46.54
CA THR C 379 -43.13 -5.51 -47.16
C THR C 379 -43.92 -6.23 -48.26
N TYR C 380 -43.33 -7.29 -48.79
CA TYR C 380 -43.96 -8.06 -49.85
C TYR C 380 -44.91 -9.12 -49.32
N ASN C 381 -45.08 -9.20 -48.00
CA ASN C 381 -46.01 -10.15 -47.39
C ASN C 381 -47.10 -9.49 -46.56
N SER C 382 -46.82 -8.35 -45.92
CA SER C 382 -47.82 -7.67 -45.11
C SER C 382 -47.54 -6.17 -45.13
N THR C 383 -48.57 -5.40 -44.78
CA THR C 383 -48.52 -3.94 -44.76
C THR C 383 -49.00 -3.43 -43.42
N VAL C 384 -48.42 -3.93 -42.33
CA VAL C 384 -48.96 -3.66 -41.01
C VAL C 384 -48.57 -2.25 -40.57
N TYR C 385 -49.32 -1.70 -39.63
CA TYR C 385 -49.04 -0.38 -39.06
C TYR C 385 -48.81 -0.51 -37.56
N LYS C 386 -47.70 0.04 -37.08
CA LYS C 386 -47.32 -0.03 -35.69
C LYS C 386 -47.28 1.38 -35.10
N PHE C 387 -47.66 1.48 -33.83
CA PHE C 387 -47.55 2.73 -33.07
C PHE C 387 -46.41 2.61 -32.08
N LEU C 388 -45.58 3.65 -32.01
CA LEU C 388 -44.47 3.68 -31.05
C LEU C 388 -44.60 4.80 -30.05
N ALA C 389 -44.78 6.04 -30.49
CA ALA C 389 -44.81 7.17 -29.58
C ALA C 389 -45.56 8.33 -30.21
N VAL C 390 -45.86 9.34 -29.39
CA VAL C 390 -46.53 10.55 -29.82
C VAL C 390 -45.47 11.58 -30.19
N LEU C 391 -45.80 12.47 -31.12
CA LEU C 391 -44.86 13.48 -31.56
C LEU C 391 -44.46 14.39 -30.39
N PRO C 392 -43.18 14.56 -30.11
CA PRO C 392 -42.77 15.57 -29.14
C PRO C 392 -43.07 16.95 -29.64
N PRO C 393 -43.31 17.92 -28.75
CA PRO C 393 -43.65 19.28 -29.21
C PRO C 393 -42.58 19.91 -30.08
N THR C 394 -41.31 19.64 -29.84
CA THR C 394 -40.22 20.25 -30.58
C THR C 394 -39.23 19.19 -31.04
N VAL C 395 -38.90 19.21 -32.33
CA VAL C 395 -37.87 18.37 -32.92
C VAL C 395 -36.92 19.25 -33.71
N ARG C 396 -35.63 19.10 -33.46
CA ARG C 396 -34.61 19.95 -34.09
C ARG C 396 -33.66 19.18 -34.99
N GLU C 397 -33.05 18.11 -34.48
CA GLU C 397 -32.04 17.37 -35.23
C GLU C 397 -32.42 15.90 -35.27
N ILE C 398 -32.33 15.29 -36.45
CA ILE C 398 -32.62 13.87 -36.61
C ILE C 398 -31.46 13.19 -37.32
N VAL C 399 -30.92 12.13 -36.73
CA VAL C 399 -29.75 11.46 -37.27
C VAL C 399 -30.10 10.01 -37.57
N ILE C 400 -29.68 9.51 -38.73
CA ILE C 400 -29.87 8.12 -39.10
C ILE C 400 -28.51 7.53 -39.49
N THR C 401 -28.21 6.35 -38.95
CA THR C 401 -26.96 5.67 -39.22
C THR C 401 -27.15 4.59 -40.28
N LYS C 402 -26.02 4.10 -40.81
CA LYS C 402 -26.06 3.04 -41.80
C LYS C 402 -26.41 1.69 -41.19
N TYR C 403 -26.27 1.54 -39.88
CA TYR C 403 -26.52 0.28 -39.20
C TYR C 403 -27.93 0.16 -38.65
N GLY C 404 -28.80 1.13 -38.92
CA GLY C 404 -30.18 1.07 -38.49
C GLY C 404 -30.51 1.82 -37.22
N ASP C 405 -29.59 2.64 -36.71
CA ASP C 405 -29.82 3.39 -35.49
C ASP C 405 -30.36 4.77 -35.84
N VAL C 406 -31.47 5.14 -35.21
CA VAL C 406 -32.07 6.46 -35.39
C VAL C 406 -31.95 7.23 -34.08
N TYR C 407 -31.54 8.49 -34.16
CA TYR C 407 -31.30 9.33 -33.00
C TYR C 407 -32.13 10.60 -33.14
N VAL C 408 -32.92 10.89 -32.11
CA VAL C 408 -33.75 12.08 -32.05
C VAL C 408 -33.36 12.86 -30.79
N ASN C 409 -32.92 14.10 -30.98
CA ASN C 409 -32.50 14.97 -29.87
C ASN C 409 -31.43 14.29 -29.01
N GLY C 410 -30.52 13.58 -29.66
CA GLY C 410 -29.42 12.93 -28.98
C GLY C 410 -29.85 11.85 -28.00
N PHE C 411 -30.75 10.98 -28.42
CA PHE C 411 -31.25 9.90 -27.57
C PHE C 411 -31.02 8.51 -28.14
N GLY C 412 -31.13 8.33 -29.45
CA GLY C 412 -31.10 7.00 -30.01
C GLY C 412 -32.36 6.24 -29.66
N TYR C 413 -33.50 6.70 -30.17
CA TYR C 413 -34.78 6.15 -29.77
C TYR C 413 -34.93 4.69 -30.19
N LEU C 414 -34.54 4.36 -31.42
CA LEU C 414 -34.78 3.04 -31.96
C LEU C 414 -33.56 2.57 -32.75
N HIS C 415 -33.42 1.25 -32.85
CA HIS C 415 -32.33 0.62 -33.58
C HIS C 415 -32.91 -0.45 -34.50
N LEU C 416 -32.38 -0.52 -35.72
CA LEU C 416 -32.86 -1.50 -36.70
C LEU C 416 -31.70 -2.25 -37.33
N GLY C 417 -31.97 -3.03 -38.37
CA GLY C 417 -30.97 -3.82 -39.04
C GLY C 417 -30.17 -3.02 -40.06
N LEU C 418 -29.66 -3.72 -41.07
CA LEU C 418 -28.84 -3.08 -42.09
C LEU C 418 -29.70 -2.24 -43.03
N LEU C 419 -29.16 -1.09 -43.42
CA LEU C 419 -29.85 -0.14 -44.28
C LEU C 419 -29.02 0.09 -45.53
N ASP C 420 -29.70 0.36 -46.65
CA ASP C 420 -28.98 0.59 -47.90
C ASP C 420 -29.37 1.89 -48.58
N ALA C 421 -30.65 2.30 -48.49
CA ALA C 421 -31.10 3.49 -49.20
C ALA C 421 -32.33 4.05 -48.51
N VAL C 422 -32.79 5.21 -48.99
CA VAL C 422 -33.92 5.90 -48.41
C VAL C 422 -34.51 6.82 -49.47
N THR C 423 -35.80 7.13 -49.32
CA THR C 423 -36.49 8.05 -50.22
C THR C 423 -37.18 9.12 -49.38
N ILE C 424 -37.09 10.37 -49.84
CA ILE C 424 -37.63 11.51 -49.11
C ILE C 424 -38.56 12.29 -50.04
N ASN C 425 -39.75 12.63 -49.53
CA ASN C 425 -40.71 13.41 -50.29
C ASN C 425 -41.45 14.35 -49.36
N PHE C 426 -41.64 15.58 -49.81
CA PHE C 426 -42.51 16.55 -49.17
C PHE C 426 -42.96 17.55 -50.23
N THR C 427 -43.55 18.67 -49.80
CA THR C 427 -44.01 19.69 -50.73
C THR C 427 -42.85 20.65 -51.04
N GLY C 428 -41.87 20.12 -51.77
CA GLY C 428 -40.78 20.93 -52.25
C GLY C 428 -41.01 21.41 -53.67
N HIS C 429 -42.03 22.22 -53.87
CA HIS C 429 -42.42 22.66 -55.21
C HIS C 429 -41.72 23.95 -55.62
N GLY C 430 -40.39 23.97 -55.49
CA GLY C 430 -39.61 25.10 -55.94
C GLY C 430 -39.74 26.33 -55.07
N THR C 431 -40.96 26.83 -54.94
CA THR C 431 -41.23 28.06 -54.20
C THR C 431 -41.44 27.82 -52.70
N ASP C 432 -41.39 26.58 -52.24
CA ASP C 432 -41.62 26.26 -50.84
C ASP C 432 -40.32 26.23 -50.03
N ASP C 433 -39.17 26.45 -50.67
CA ASP C 433 -37.91 26.45 -49.93
C ASP C 433 -37.83 27.58 -48.91
N ASP C 434 -38.63 28.64 -49.08
CA ASP C 434 -38.63 29.72 -48.11
C ASP C 434 -39.13 29.27 -46.74
N VAL C 435 -40.09 28.36 -46.70
CA VAL C 435 -40.64 27.88 -45.44
C VAL C 435 -40.32 26.38 -45.40
N SER C 436 -39.19 26.01 -46.00
CA SER C 436 -38.79 24.61 -46.02
C SER C 436 -38.47 24.12 -44.61
N GLY C 437 -38.93 22.91 -44.30
CA GLY C 437 -38.69 22.34 -42.99
C GLY C 437 -37.31 21.78 -42.77
N PHE C 438 -36.49 21.73 -43.81
CA PHE C 438 -35.12 21.22 -43.71
C PHE C 438 -34.16 22.39 -43.88
N TRP C 439 -33.32 22.63 -42.88
CA TRP C 439 -32.28 23.64 -42.99
C TRP C 439 -31.06 23.10 -43.73
N THR C 440 -30.46 22.02 -43.20
CA THR C 440 -29.26 21.46 -43.79
C THR C 440 -29.30 19.94 -43.72
N ILE C 441 -28.72 19.33 -44.77
CA ILE C 441 -28.53 17.87 -44.84
C ILE C 441 -27.10 17.62 -45.24
N ALA C 442 -26.41 16.77 -44.47
CA ALA C 442 -24.99 16.51 -44.65
C ALA C 442 -24.72 15.01 -44.63
N SER C 443 -23.58 14.62 -45.18
CA SER C 443 -23.11 13.24 -45.18
C SER C 443 -22.10 13.09 -44.05
N THR C 444 -22.59 12.79 -42.85
CA THR C 444 -21.73 12.70 -41.68
C THR C 444 -20.94 11.40 -41.67
N ASN C 445 -19.72 11.48 -41.15
CA ASN C 445 -18.80 10.36 -41.08
C ASN C 445 -18.21 10.27 -39.67
N PHE C 446 -17.99 9.04 -39.21
CA PHE C 446 -17.43 8.82 -37.88
C PHE C 446 -15.94 9.17 -37.85
N VAL C 447 -15.57 10.14 -37.02
CA VAL C 447 -14.18 10.47 -36.72
C VAL C 447 -14.06 10.68 -35.21
N ASP C 448 -12.83 10.65 -34.72
CA ASP C 448 -12.56 10.79 -33.30
C ASP C 448 -12.09 12.20 -33.01
N ALA C 449 -12.68 12.84 -32.00
CA ALA C 449 -12.39 14.23 -31.70
C ALA C 449 -12.74 14.52 -30.25
N LEU C 450 -12.20 15.64 -29.75
CA LEU C 450 -12.41 16.08 -28.38
C LEU C 450 -13.60 17.03 -28.33
N ILE C 451 -14.58 16.72 -27.48
CA ILE C 451 -15.79 17.51 -27.35
C ILE C 451 -15.88 18.02 -25.92
N GLU C 452 -16.12 19.33 -25.78
CA GLU C 452 -16.34 19.97 -24.50
C GLU C 452 -17.77 20.46 -24.44
N VAL C 453 -18.50 20.06 -23.41
CA VAL C 453 -19.91 20.36 -23.25
C VAL C 453 -20.10 21.25 -22.03
N GLN C 454 -20.90 22.30 -22.20
CA GLN C 454 -21.25 23.24 -21.13
C GLN C 454 -22.73 23.57 -21.30
N GLY C 455 -23.57 23.01 -20.44
CA GLY C 455 -25.00 23.20 -20.57
C GLY C 455 -25.57 22.59 -21.83
N THR C 456 -25.13 21.38 -22.17
CA THR C 456 -25.60 20.66 -23.37
C THR C 456 -25.42 21.48 -24.64
N ALA C 457 -24.29 22.18 -24.72
CA ALA C 457 -23.95 23.00 -25.89
C ALA C 457 -22.65 22.49 -26.50
N ILE C 458 -22.66 22.26 -27.80
CA ILE C 458 -21.48 21.77 -28.51
C ILE C 458 -20.65 22.97 -28.94
N GLN C 459 -19.40 22.99 -28.52
CA GLN C 459 -18.49 24.08 -28.88
C GLN C 459 -17.05 23.60 -28.74
N ARG C 460 -16.15 24.30 -29.42
CA ARG C 460 -14.70 24.05 -29.35
C ARG C 460 -14.38 22.63 -29.82
N ILE C 461 -14.71 22.36 -31.08
CA ILE C 461 -14.37 21.08 -31.68
C ILE C 461 -12.86 21.02 -31.94
N LEU C 462 -12.31 19.82 -31.93
CA LEU C 462 -10.86 19.65 -32.10
C LEU C 462 -10.60 18.24 -32.62
N TYR C 463 -10.14 18.15 -33.87
CA TYR C 463 -9.86 16.85 -34.48
C TYR C 463 -8.56 16.27 -33.92
N CYS C 464 -8.34 14.98 -34.21
CA CYS C 464 -7.13 14.29 -33.77
C CYS C 464 -6.44 13.58 -34.93
N ASP C 465 -6.54 14.13 -36.13
CA ASP C 465 -5.84 13.58 -37.30
C ASP C 465 -4.49 14.25 -37.51
N ASP C 466 -3.68 14.31 -36.46
CA ASP C 466 -2.37 14.95 -36.49
C ASP C 466 -1.59 14.61 -35.23
N PRO C 467 -0.29 14.36 -35.32
CA PRO C 467 0.48 14.07 -34.09
C PRO C 467 0.38 15.17 -33.05
N VAL C 468 0.43 16.43 -33.48
CA VAL C 468 0.21 17.53 -32.54
C VAL C 468 -1.21 17.48 -31.99
N SER C 469 -2.19 17.27 -32.87
CA SER C 469 -3.57 17.13 -32.42
C SER C 469 -3.75 15.88 -31.57
N GLN C 470 -3.06 14.79 -31.92
CA GLN C 470 -3.13 13.58 -31.12
C GLN C 470 -2.62 13.82 -29.71
N LEU C 471 -1.51 14.53 -29.57
CA LEU C 471 -1.00 14.88 -28.25
C LEU C 471 -1.96 15.81 -27.52
N LYS C 472 -2.55 16.77 -28.24
CA LYS C 472 -3.46 17.71 -27.62
C LYS C 472 -4.68 17.02 -27.04
N CYS C 473 -5.28 16.09 -27.79
CA CYS C 473 -6.45 15.38 -27.32
C CYS C 473 -6.11 14.11 -26.56
N SER C 474 -4.82 13.82 -26.36
CA SER C 474 -4.40 12.80 -25.42
C SER C 474 -4.38 13.29 -23.98
N GLN C 475 -4.49 14.61 -23.77
CA GLN C 475 -4.47 15.20 -22.44
C GLN C 475 -5.72 16.02 -22.16
N VAL C 476 -6.77 15.83 -22.96
CA VAL C 476 -8.06 16.53 -22.90
C VAL C 476 -7.91 17.99 -22.52
N ALA C 477 -6.85 18.63 -23.01
CA ALA C 477 -6.59 20.04 -22.73
C ALA C 477 -6.38 20.79 -24.03
N PHE C 478 -7.13 21.90 -24.20
CA PHE C 478 -6.93 22.75 -25.37
C PHE C 478 -5.53 23.35 -25.38
N ASP C 479 -5.05 23.79 -24.22
CA ASP C 479 -3.71 24.34 -24.07
C ASP C 479 -2.86 23.42 -23.20
N LEU C 480 -1.63 23.17 -23.65
CA LEU C 480 -0.72 22.28 -22.95
C LEU C 480 0.55 23.05 -22.58
N ASP C 481 1.03 22.83 -21.35
CA ASP C 481 2.25 23.49 -20.89
C ASP C 481 3.46 22.89 -21.58
N ASP C 482 4.52 23.70 -21.68
CA ASP C 482 5.76 23.25 -22.30
C ASP C 482 6.40 22.15 -21.46
N GLY C 483 6.93 21.14 -22.13
CA GLY C 483 7.57 20.05 -21.40
C GLY C 483 7.80 18.85 -22.30
N PHE C 484 8.08 17.72 -21.64
CA PHE C 484 8.43 16.47 -22.32
C PHE C 484 7.25 15.52 -22.30
N TYR C 485 6.95 14.93 -23.44
CA TYR C 485 5.83 13.99 -23.54
C TYR C 485 6.17 12.85 -24.47
N PRO C 486 5.58 11.67 -24.24
CA PRO C 486 5.86 10.51 -25.09
C PRO C 486 4.97 10.44 -26.31
N PHE C 487 5.54 9.88 -27.38
CA PHE C 487 4.86 9.71 -28.65
C PHE C 487 5.20 8.34 -29.22
N SER C 488 4.25 7.79 -29.97
CA SER C 488 4.38 6.48 -30.58
C SER C 488 4.61 6.61 -32.09
N SER C 489 5.55 5.83 -32.61
CA SER C 489 5.88 5.92 -34.02
C SER C 489 4.69 5.51 -34.89
N ARG C 490 4.51 6.24 -35.99
CA ARG C 490 3.41 5.97 -36.90
C ARG C 490 3.59 4.62 -37.59
N ASN C 491 2.50 3.86 -37.69
CA ASN C 491 2.52 2.59 -38.42
C ASN C 491 1.26 2.36 -39.24
N LEU C 492 0.45 3.40 -39.46
CA LEU C 492 -0.80 3.26 -40.21
C LEU C 492 -0.63 3.57 -41.69
N LEU C 493 0.57 3.96 -42.13
CA LEU C 493 0.76 4.33 -43.52
C LEU C 493 0.57 3.14 -44.45
N SER C 494 1.08 1.98 -44.07
CA SER C 494 1.04 0.78 -44.91
C SER C 494 0.09 -0.24 -44.30
N HIS C 495 -0.85 -0.72 -45.11
CA HIS C 495 -1.76 -1.78 -44.70
C HIS C 495 -1.60 -3.06 -45.52
N GLU C 496 -0.94 -3.00 -46.67
CA GLU C 496 -0.70 -4.19 -47.49
C GLU C 496 0.42 -5.01 -46.86
N GLN C 497 0.12 -5.54 -45.69
CA GLN C 497 1.13 -6.25 -44.90
C GLN C 497 1.46 -7.58 -45.52
N PRO C 498 2.73 -7.86 -45.85
CA PRO C 498 3.10 -9.19 -46.31
C PRO C 498 2.86 -10.22 -45.21
N ILE C 499 2.56 -11.44 -45.62
CA ILE C 499 2.20 -12.52 -44.70
C ILE C 499 3.32 -13.57 -44.74
N SER C 500 3.84 -13.91 -43.56
CA SER C 500 4.89 -14.91 -43.42
C SER C 500 4.34 -16.11 -42.66
N PHE C 501 4.58 -17.31 -43.18
CA PHE C 501 4.08 -18.55 -42.59
C PHE C 501 5.21 -19.57 -42.58
N VAL C 502 5.67 -19.94 -41.39
CA VAL C 502 6.75 -20.92 -41.23
C VAL C 502 6.32 -21.93 -40.18
N THR C 503 6.47 -23.21 -40.50
CA THR C 503 6.20 -24.31 -39.57
C THR C 503 7.29 -25.36 -39.76
N LEU C 504 7.05 -26.54 -39.19
CA LEU C 504 8.01 -27.63 -39.32
C LEU C 504 8.10 -28.08 -40.78
N PRO C 505 9.30 -28.37 -41.28
CA PRO C 505 9.46 -28.74 -42.70
C PRO C 505 8.76 -30.04 -43.02
N SER C 506 7.86 -30.00 -44.01
CA SER C 506 7.14 -31.18 -44.48
C SER C 506 6.71 -30.92 -45.91
N PHE C 507 6.36 -31.99 -46.61
CA PHE C 507 5.95 -31.87 -48.01
C PHE C 507 4.47 -31.52 -48.09
N ASN C 508 3.91 -31.60 -49.29
CA ASN C 508 2.52 -31.22 -49.54
C ASN C 508 1.63 -32.43 -49.32
N ALA C 509 1.02 -32.52 -48.13
CA ALA C 509 0.07 -33.57 -47.79
C ALA C 509 -1.25 -32.89 -47.47
N HIS C 510 -2.07 -32.68 -48.49
CA HIS C 510 -3.31 -31.92 -48.37
C HIS C 510 -4.52 -32.83 -48.45
N SER C 511 -5.54 -32.51 -47.65
CA SER C 511 -6.81 -33.23 -47.67
C SER C 511 -7.94 -32.23 -47.58
N PHE C 512 -9.11 -32.65 -48.06
CA PHE C 512 -10.31 -31.83 -48.05
C PHE C 512 -11.35 -32.49 -47.16
N VAL C 513 -11.72 -31.82 -46.07
CA VAL C 513 -12.81 -32.26 -45.20
C VAL C 513 -14.03 -31.43 -45.52
N ASN C 514 -15.16 -32.10 -45.73
CA ASN C 514 -16.37 -31.46 -46.23
C ASN C 514 -17.54 -31.81 -45.35
N ILE C 515 -18.29 -30.79 -44.94
CA ILE C 515 -19.57 -30.95 -44.26
C ILE C 515 -20.66 -30.44 -45.18
N THR C 516 -21.69 -31.27 -45.38
CA THR C 516 -22.76 -30.98 -46.31
C THR C 516 -24.08 -31.09 -45.57
N VAL C 517 -24.92 -30.06 -45.68
CA VAL C 517 -26.23 -30.06 -45.05
C VAL C 517 -27.29 -29.93 -46.15
N SER C 518 -28.31 -30.79 -46.08
CA SER C 518 -29.40 -30.77 -47.04
C SER C 518 -30.73 -30.85 -46.29
N ALA C 519 -31.64 -29.93 -46.62
CA ALA C 519 -32.94 -29.88 -45.97
C ALA C 519 -33.93 -29.14 -46.86
N SER C 520 -35.21 -29.35 -46.57
CA SER C 520 -36.30 -28.71 -47.28
C SER C 520 -37.25 -28.07 -46.28
N PHE C 521 -37.88 -26.97 -46.71
CA PHE C 521 -38.77 -26.22 -45.83
C PHE C 521 -40.14 -25.99 -46.45
N GLY C 522 -40.19 -25.96 -47.78
CA GLY C 522 -41.41 -25.63 -48.49
C GLY C 522 -42.45 -26.73 -48.57
N GLY C 523 -42.16 -27.90 -48.02
CA GLY C 523 -43.09 -29.01 -48.09
C GLY C 523 -43.98 -29.17 -46.87
N HIS C 524 -43.40 -29.01 -45.68
CA HIS C 524 -44.16 -29.29 -44.45
C HIS C 524 -45.12 -28.17 -44.11
N SER C 525 -44.59 -26.98 -43.83
CA SER C 525 -45.43 -25.82 -43.52
C SER C 525 -44.84 -24.51 -44.00
N GLY C 526 -43.73 -24.54 -44.72
CA GLY C 526 -43.01 -23.31 -45.04
C GLY C 526 -42.07 -22.86 -43.93
N ALA C 527 -42.58 -22.75 -42.71
CA ALA C 527 -41.78 -22.40 -41.54
C ALA C 527 -41.25 -23.62 -40.81
N ASN C 528 -41.53 -24.83 -41.30
CA ASN C 528 -41.09 -26.05 -40.65
C ASN C 528 -40.42 -26.96 -41.67
N LEU C 529 -39.47 -27.75 -41.20
CA LEU C 529 -38.69 -28.62 -42.05
C LEU C 529 -39.42 -29.95 -42.30
N ILE C 530 -38.87 -30.72 -43.23
CA ILE C 530 -39.39 -32.05 -43.54
C ILE C 530 -38.34 -33.08 -43.17
N ALA C 531 -37.18 -33.00 -43.82
CA ALA C 531 -36.05 -33.87 -43.53
C ALA C 531 -34.76 -33.06 -43.59
N SER C 532 -33.78 -33.47 -42.78
CA SER C 532 -32.50 -32.79 -42.73
C SER C 532 -31.40 -33.83 -42.58
N ASP C 533 -30.45 -33.83 -43.51
CA ASP C 533 -29.33 -34.78 -43.48
C ASP C 533 -28.02 -34.02 -43.54
N THR C 534 -27.08 -34.41 -42.68
CA THR C 534 -25.75 -33.82 -42.64
C THR C 534 -24.71 -34.91 -42.80
N THR C 535 -23.78 -34.71 -43.71
CA THR C 535 -22.77 -35.71 -44.06
C THR C 535 -21.38 -35.10 -44.01
N ILE C 536 -20.44 -35.82 -43.40
CA ILE C 536 -19.04 -35.47 -43.40
C ILE C 536 -18.36 -36.40 -44.39
N ASN C 537 -18.19 -35.93 -45.63
CA ASN C 537 -17.68 -36.76 -46.73
C ASN C 537 -18.51 -38.03 -46.89
N GLY C 538 -19.83 -37.89 -46.73
CA GLY C 538 -20.71 -39.03 -46.81
C GLY C 538 -20.70 -39.94 -45.61
N PHE C 539 -20.26 -39.45 -44.45
CA PHE C 539 -20.20 -40.26 -43.25
C PHE C 539 -20.61 -39.43 -42.04
N SER C 540 -20.99 -40.12 -40.97
CA SER C 540 -21.48 -39.47 -39.76
C SER C 540 -20.37 -38.93 -38.88
N SER C 541 -19.12 -39.35 -39.08
CA SER C 541 -18.00 -38.86 -38.28
C SER C 541 -16.72 -39.06 -39.09
N PHE C 542 -15.68 -38.32 -38.71
CA PHE C 542 -14.42 -38.40 -39.42
C PHE C 542 -13.29 -37.90 -38.54
N CYS C 543 -12.07 -38.26 -38.92
CA CYS C 543 -10.86 -37.82 -38.25
C CYS C 543 -9.79 -37.55 -39.30
N VAL C 544 -9.14 -36.40 -39.20
CA VAL C 544 -8.12 -36.02 -40.18
C VAL C 544 -6.82 -36.75 -39.89
N ASP C 545 -6.02 -36.97 -40.93
CA ASP C 545 -4.73 -37.62 -40.79
C ASP C 545 -3.59 -36.85 -41.42
N THR C 546 -3.83 -36.20 -42.56
CA THR C 546 -2.76 -35.47 -43.24
C THR C 546 -2.41 -34.19 -42.49
N ARG C 547 -1.20 -33.70 -42.76
CA ARG C 547 -0.72 -32.49 -42.09
C ARG C 547 -1.55 -31.28 -42.48
N GLN C 548 -1.91 -31.15 -43.75
CA GLN C 548 -2.67 -30.02 -44.26
C GLN C 548 -4.09 -30.46 -44.58
N PHE C 549 -5.07 -29.70 -44.09
CA PHE C 549 -6.46 -30.00 -44.35
C PHE C 549 -7.21 -28.70 -44.60
N THR C 550 -8.29 -28.80 -45.37
CA THR C 550 -9.12 -27.64 -45.68
C THR C 550 -10.59 -27.98 -45.45
N ILE C 551 -11.27 -27.13 -44.67
CA ILE C 551 -12.68 -27.33 -44.38
C ILE C 551 -13.52 -26.74 -45.50
N SER C 552 -14.67 -27.35 -45.76
CA SER C 552 -15.61 -26.82 -46.74
C SER C 552 -17.03 -27.16 -46.30
N LEU C 553 -17.87 -26.13 -46.19
CA LEU C 553 -19.24 -26.27 -45.74
C LEU C 553 -20.18 -25.94 -46.90
N SER C 554 -21.13 -26.84 -47.16
CA SER C 554 -22.07 -26.68 -48.26
C SER C 554 -23.51 -26.71 -47.76
N TYR C 555 -24.30 -25.76 -48.27
CA TYR C 555 -25.70 -25.59 -47.92
C TYR C 555 -26.57 -26.06 -49.07
N ASN C 556 -27.60 -26.83 -48.76
CA ASN C 556 -28.59 -27.27 -49.74
C ASN C 556 -29.97 -27.20 -49.08
N VAL C 557 -30.60 -26.03 -49.15
CA VAL C 557 -31.86 -25.79 -48.46
C VAL C 557 -32.92 -25.41 -49.49
N THR C 558 -34.11 -25.98 -49.35
CA THR C 558 -35.22 -25.72 -50.24
C THR C 558 -36.39 -25.14 -49.45
N ASN C 559 -36.94 -24.02 -49.93
CA ASN C 559 -38.09 -23.39 -49.29
C ASN C 559 -38.88 -22.62 -50.33
N SER C 560 -40.15 -22.37 -50.01
CA SER C 560 -41.01 -21.64 -50.95
C SER C 560 -40.52 -20.21 -51.16
N TYR C 561 -40.09 -19.54 -50.09
CA TYR C 561 -39.56 -18.18 -50.23
C TYR C 561 -38.29 -18.18 -51.06
N GLY C 562 -37.42 -19.17 -50.88
CA GLY C 562 -36.18 -19.27 -51.61
C GLY C 562 -34.97 -18.69 -50.90
N TYR C 563 -35.16 -17.97 -49.80
CA TYR C 563 -34.07 -17.38 -49.04
C TYR C 563 -34.09 -17.92 -47.62
N VAL C 564 -32.95 -18.45 -47.17
CA VAL C 564 -32.80 -18.97 -45.82
C VAL C 564 -31.58 -18.31 -45.20
N SER C 565 -31.80 -17.57 -44.11
CA SER C 565 -30.69 -16.95 -43.38
C SER C 565 -29.97 -18.02 -42.56
N ASN C 566 -28.64 -18.01 -42.64
CA ASN C 566 -27.81 -19.01 -41.96
C ASN C 566 -27.06 -18.33 -40.82
N SER C 567 -27.16 -18.90 -39.62
CA SER C 567 -26.47 -18.38 -38.46
C SER C 567 -25.75 -19.51 -37.73
N GLN C 568 -24.65 -19.16 -37.08
CA GLN C 568 -23.82 -20.13 -36.37
C GLN C 568 -23.71 -19.73 -34.90
N ASP C 569 -23.98 -20.68 -34.01
CA ASP C 569 -23.78 -20.51 -32.58
C ASP C 569 -22.47 -21.20 -32.22
N SER C 570 -21.54 -20.43 -31.67
CA SER C 570 -20.17 -20.87 -31.42
C SER C 570 -19.90 -20.96 -29.92
N ASN C 571 -19.25 -22.04 -29.51
CA ASN C 571 -18.84 -22.20 -28.11
C ASN C 571 -17.36 -22.54 -28.04
N CYS C 572 -16.82 -23.14 -29.09
CA CYS C 572 -15.40 -23.44 -29.15
C CYS C 572 -14.60 -22.18 -29.37
N PRO C 573 -13.30 -22.19 -29.04
CA PRO C 573 -12.48 -20.99 -29.25
C PRO C 573 -12.37 -20.55 -30.70
N PHE C 574 -12.62 -21.44 -31.65
CA PHE C 574 -12.52 -21.11 -33.07
C PHE C 574 -13.90 -21.19 -33.71
N THR C 575 -14.12 -20.35 -34.72
CA THR C 575 -15.36 -20.36 -35.46
C THR C 575 -15.24 -21.25 -36.69
N LEU C 576 -16.31 -21.29 -37.49
CA LEU C 576 -16.31 -22.14 -38.67
C LEU C 576 -15.28 -21.67 -39.70
N GLN C 577 -15.16 -20.36 -39.90
CA GLN C 577 -14.25 -19.82 -40.91
C GLN C 577 -12.89 -19.48 -40.36
N SER C 578 -12.76 -19.31 -39.03
CA SER C 578 -11.48 -18.95 -38.45
C SER C 578 -10.46 -20.08 -38.53
N VAL C 579 -10.91 -21.32 -38.73
CA VAL C 579 -9.99 -22.44 -38.77
C VAL C 579 -9.09 -22.41 -40.01
N ASN C 580 -9.45 -21.64 -41.02
CA ASN C 580 -8.67 -21.53 -42.25
C ASN C 580 -7.61 -20.44 -42.17
N ASP C 581 -7.18 -20.08 -40.97
CA ASP C 581 -6.25 -18.97 -40.75
C ASP C 581 -4.93 -19.47 -40.16
N TYR C 582 -4.40 -20.55 -40.71
CA TYR C 582 -3.11 -21.12 -40.29
C TYR C 582 -3.17 -21.52 -38.81
N LEU C 583 -4.03 -22.48 -38.50
CA LEU C 583 -4.19 -22.99 -37.15
C LEU C 583 -3.49 -24.33 -37.02
N SER C 584 -2.85 -24.55 -35.87
CA SER C 584 -2.03 -25.72 -35.61
C SER C 584 -2.64 -26.56 -34.50
N PHE C 585 -2.64 -27.87 -34.69
CA PHE C 585 -3.25 -28.82 -33.76
C PHE C 585 -2.44 -30.11 -33.74
N SER C 586 -2.82 -31.02 -32.84
CA SER C 586 -2.21 -32.34 -32.78
C SER C 586 -3.20 -33.46 -33.10
N LYS C 587 -4.40 -33.42 -32.52
CA LYS C 587 -5.46 -34.37 -32.81
C LYS C 587 -6.72 -33.60 -33.14
N PHE C 588 -7.45 -34.07 -34.16
CA PHE C 588 -8.62 -33.36 -34.66
C PHE C 588 -9.63 -34.37 -35.17
N CYS C 589 -10.80 -34.41 -34.54
CA CYS C 589 -11.87 -35.31 -34.96
C CYS C 589 -13.19 -34.58 -34.90
N VAL C 590 -14.07 -34.88 -35.86
CA VAL C 590 -15.37 -34.22 -35.97
C VAL C 590 -16.47 -35.26 -36.03
N SER C 591 -17.56 -35.01 -35.31
CA SER C 591 -18.66 -35.96 -35.30
C SER C 591 -19.99 -35.20 -35.15
N THR C 592 -21.07 -35.90 -35.51
CA THR C 592 -22.42 -35.39 -35.27
C THR C 592 -23.02 -35.87 -33.96
N SER C 593 -22.38 -36.83 -33.29
CA SER C 593 -22.88 -37.38 -32.04
C SER C 593 -22.06 -36.88 -30.85
N LEU C 594 -22.60 -37.09 -29.66
CA LEU C 594 -21.93 -36.64 -28.45
C LEU C 594 -20.62 -37.37 -28.24
N LEU C 595 -19.57 -36.63 -27.89
CA LEU C 595 -18.27 -37.19 -27.61
C LEU C 595 -17.69 -36.51 -26.38
N ALA C 596 -16.84 -37.24 -25.66
CA ALA C 596 -16.24 -36.72 -24.44
C ALA C 596 -15.27 -35.60 -24.76
N SER C 597 -15.30 -34.55 -23.92
CA SER C 597 -14.39 -33.40 -24.04
C SER C 597 -14.47 -32.75 -25.43
N ALA C 598 -15.70 -32.58 -25.93
CA ALA C 598 -15.93 -31.97 -27.22
C ALA C 598 -16.96 -30.85 -27.07
N CYS C 599 -16.65 -29.68 -27.62
CA CYS C 599 -17.58 -28.57 -27.60
C CYS C 599 -18.64 -28.76 -28.69
N THR C 600 -19.68 -27.93 -28.61
CA THR C 600 -20.82 -28.02 -29.52
C THR C 600 -20.94 -26.74 -30.33
N ILE C 601 -21.10 -26.88 -31.64
CA ILE C 601 -21.32 -25.76 -32.56
C ILE C 601 -22.67 -25.99 -33.22
N ASP C 602 -23.52 -24.97 -33.22
CA ASP C 602 -24.90 -25.11 -33.70
C ASP C 602 -25.11 -24.33 -34.98
N LEU C 603 -25.91 -24.89 -35.89
CA LEU C 603 -26.28 -24.23 -37.13
C LEU C 603 -27.79 -23.97 -37.15
N PHE C 604 -28.18 -22.73 -37.40
CA PHE C 604 -29.57 -22.32 -37.40
C PHE C 604 -29.95 -21.77 -38.77
N GLY C 605 -31.12 -22.17 -39.25
CA GLY C 605 -31.67 -21.70 -40.50
C GLY C 605 -33.00 -21.00 -40.31
N TYR C 606 -33.12 -19.80 -40.87
CA TYR C 606 -34.32 -18.98 -40.76
C TYR C 606 -34.85 -18.72 -42.17
N PRO C 607 -35.84 -19.49 -42.63
CA PRO C 607 -36.31 -19.33 -44.02
C PRO C 607 -37.17 -18.10 -44.26
N GLU C 608 -37.16 -17.14 -43.34
CA GLU C 608 -37.95 -15.90 -43.40
C GLU C 608 -39.44 -16.15 -43.34
N PHE C 609 -39.87 -17.37 -43.04
CA PHE C 609 -41.28 -17.68 -42.91
C PHE C 609 -41.84 -17.29 -41.54
N GLY C 610 -40.98 -16.91 -40.59
CA GLY C 610 -41.38 -16.51 -39.26
C GLY C 610 -40.72 -17.31 -38.16
N SER C 611 -40.32 -18.55 -38.45
CA SER C 611 -39.71 -19.43 -37.47
C SER C 611 -38.41 -19.99 -38.02
N GLY C 612 -37.39 -20.05 -37.16
CA GLY C 612 -36.10 -20.63 -37.52
C GLY C 612 -35.82 -21.86 -36.68
N VAL C 613 -35.08 -22.80 -37.26
CA VAL C 613 -34.82 -24.08 -36.60
C VAL C 613 -33.33 -24.40 -36.66
N LYS C 614 -32.90 -25.27 -35.74
CA LYS C 614 -31.52 -25.71 -35.68
C LYS C 614 -31.39 -27.02 -36.46
N PHE C 615 -30.52 -27.01 -37.47
CA PHE C 615 -30.38 -28.19 -38.32
C PHE C 615 -29.77 -29.36 -37.55
N THR C 616 -28.65 -29.13 -36.87
CA THR C 616 -27.93 -30.19 -36.17
C THR C 616 -26.91 -29.54 -35.25
N SER C 617 -26.11 -30.39 -34.60
CA SER C 617 -25.03 -29.95 -33.74
C SER C 617 -23.74 -30.66 -34.17
N LEU C 618 -22.64 -29.93 -34.13
CA LEU C 618 -21.32 -30.45 -34.50
C LEU C 618 -20.44 -30.55 -33.26
N TYR C 619 -19.66 -31.62 -33.18
CA TYR C 619 -18.79 -31.86 -32.03
C TYR C 619 -17.36 -32.00 -32.52
N PHE C 620 -16.46 -31.23 -31.92
CA PHE C 620 -15.05 -31.22 -32.27
C PHE C 620 -14.23 -31.70 -31.09
N GLN C 621 -13.41 -32.72 -31.31
CA GLN C 621 -12.45 -33.20 -30.32
C GLN C 621 -11.07 -32.81 -30.84
N PHE C 622 -10.48 -31.79 -30.23
CA PHE C 622 -9.25 -31.17 -30.71
C PHE C 622 -8.24 -31.07 -29.59
N THR C 623 -6.97 -31.23 -29.94
CA THR C 623 -5.85 -31.09 -29.02
C THR C 623 -4.80 -30.17 -29.63
N LYS C 624 -4.20 -29.32 -28.80
CA LYS C 624 -3.16 -28.43 -29.28
C LYS C 624 -1.94 -29.21 -29.74
N GLY C 625 -1.28 -28.72 -30.78
CA GLY C 625 -0.11 -29.39 -31.28
C GLY C 625 0.38 -28.77 -32.58
N GLU C 626 1.21 -29.54 -33.30
CA GLU C 626 1.86 -29.07 -34.51
C GLU C 626 1.59 -29.93 -35.74
N LEU C 627 1.15 -31.18 -35.57
CA LEU C 627 1.08 -32.12 -36.69
C LEU C 627 -0.07 -31.83 -37.65
N ILE C 628 -1.01 -30.95 -37.29
CA ILE C 628 -2.16 -30.66 -38.12
C ILE C 628 -2.16 -29.16 -38.40
N THR C 629 -2.29 -28.78 -39.67
CA THR C 629 -2.27 -27.39 -40.07
C THR C 629 -3.48 -27.09 -40.95
N GLY C 630 -4.13 -25.95 -40.69
CA GLY C 630 -5.28 -25.56 -41.47
C GLY C 630 -5.01 -24.39 -42.39
N THR C 631 -5.01 -24.64 -43.71
CA THR C 631 -4.70 -23.62 -44.68
C THR C 631 -5.93 -23.25 -45.52
N PRO C 632 -6.08 -21.98 -45.90
CA PRO C 632 -7.22 -21.60 -46.74
C PRO C 632 -7.26 -22.30 -48.09
N LYS C 633 -6.10 -22.54 -48.69
CA LYS C 633 -6.01 -23.17 -50.00
C LYS C 633 -4.83 -24.12 -50.04
N PRO C 634 -4.88 -25.15 -50.88
CA PRO C 634 -3.72 -26.03 -51.04
C PRO C 634 -2.57 -25.30 -51.73
N LEU C 635 -1.36 -25.79 -51.45
CA LEU C 635 -0.15 -25.25 -52.05
C LEU C 635 0.29 -26.17 -53.19
N GLU C 636 0.45 -25.59 -54.37
CA GLU C 636 0.76 -26.36 -55.59
C GLU C 636 2.23 -26.22 -55.93
N GLY C 637 2.88 -27.35 -56.21
CA GLY C 637 4.30 -27.33 -56.55
C GLY C 637 5.18 -26.80 -55.44
N VAL C 638 4.89 -27.18 -54.20
CA VAL C 638 5.59 -26.69 -53.03
C VAL C 638 6.19 -27.88 -52.29
N THR C 639 7.51 -27.85 -52.09
CA THR C 639 8.19 -28.91 -51.35
C THR C 639 8.19 -28.63 -49.85
N ASP C 640 8.41 -27.38 -49.45
CA ASP C 640 8.34 -26.97 -48.04
C ASP C 640 7.31 -25.86 -47.91
N VAL C 641 6.30 -26.09 -47.07
CA VAL C 641 5.21 -25.14 -46.92
C VAL C 641 5.70 -23.82 -46.35
N SER C 642 6.82 -23.81 -45.63
CA SER C 642 7.31 -22.59 -45.00
C SER C 642 7.76 -21.59 -46.05
N PHE C 643 7.30 -20.34 -45.89
CA PHE C 643 7.70 -19.24 -46.77
C PHE C 643 7.65 -17.95 -45.97
N MET C 644 8.60 -17.06 -46.22
CA MET C 644 8.73 -15.85 -45.44
C MET C 644 9.53 -14.81 -46.23
N THR C 645 9.48 -13.57 -45.74
CA THR C 645 10.25 -12.48 -46.31
C THR C 645 11.04 -11.81 -45.18
N LEU C 646 12.29 -11.46 -45.46
CA LEU C 646 13.22 -10.98 -44.46
C LEU C 646 13.42 -9.48 -44.56
N ASP C 647 13.80 -8.87 -43.43
CA ASP C 647 14.22 -7.47 -43.32
C ASP C 647 13.11 -6.49 -43.69
N VAL C 648 11.85 -6.90 -43.57
CA VAL C 648 10.71 -6.02 -43.79
C VAL C 648 9.69 -6.26 -42.70
N CYS C 649 8.87 -5.24 -42.44
CA CYS C 649 7.75 -5.40 -41.53
C CYS C 649 6.74 -6.35 -42.15
N THR C 650 6.26 -7.32 -41.36
CA THR C 650 5.38 -8.33 -41.92
C THR C 650 4.55 -8.96 -40.80
N LYS C 651 3.39 -9.50 -41.20
CA LYS C 651 2.52 -10.24 -40.29
C LYS C 651 2.92 -11.70 -40.35
N TYR C 652 3.54 -12.20 -39.28
CA TYR C 652 4.11 -13.53 -39.27
C TYR C 652 3.31 -14.46 -38.38
N THR C 653 3.30 -15.74 -38.74
CA THR C 653 2.65 -16.80 -37.97
C THR C 653 3.66 -17.95 -37.86
N ILE C 654 4.38 -17.99 -36.75
CA ILE C 654 5.44 -18.96 -36.54
C ILE C 654 5.05 -19.86 -35.38
N TYR C 655 5.00 -21.17 -35.64
CA TYR C 655 4.80 -22.21 -34.62
C TYR C 655 3.58 -21.90 -33.74
N GLY C 656 2.49 -21.50 -34.39
CA GLY C 656 1.24 -21.24 -33.69
C GLY C 656 1.13 -19.90 -33.01
N PHE C 657 2.15 -19.05 -33.11
CA PHE C 657 2.12 -17.71 -32.55
C PHE C 657 2.15 -16.69 -33.67
N LYS C 658 1.21 -15.75 -33.64
CA LYS C 658 1.09 -14.74 -34.69
C LYS C 658 1.44 -13.38 -34.13
N GLY C 659 2.23 -12.63 -34.89
CA GLY C 659 2.67 -11.32 -34.45
C GLY C 659 3.03 -10.43 -35.62
N GLU C 660 3.46 -9.22 -35.29
CA GLU C 660 3.84 -8.19 -36.25
C GLU C 660 5.23 -7.69 -35.92
N GLY C 661 6.11 -7.63 -36.92
CA GLY C 661 7.46 -7.17 -36.67
C GLY C 661 8.33 -7.30 -37.90
N ILE C 662 9.58 -6.88 -37.72
CA ILE C 662 10.65 -7.13 -38.67
C ILE C 662 11.46 -8.31 -38.19
N ILE C 663 11.71 -9.26 -39.09
CA ILE C 663 12.48 -10.46 -38.80
C ILE C 663 13.87 -10.30 -39.41
N THR C 664 14.90 -10.71 -38.67
CA THR C 664 16.28 -10.59 -39.13
C THR C 664 17.04 -11.85 -38.73
N LEU C 665 18.19 -12.05 -39.38
CA LEU C 665 19.04 -13.20 -39.17
C LEU C 665 20.17 -12.85 -38.20
N THR C 666 20.45 -13.75 -37.26
CA THR C 666 21.47 -13.53 -36.25
C THR C 666 22.55 -14.60 -36.37
N ASN C 667 23.78 -14.23 -36.03
CA ASN C 667 24.93 -15.12 -36.14
C ASN C 667 25.20 -15.81 -34.80
N SER C 668 24.20 -16.52 -34.31
CA SER C 668 24.30 -17.24 -33.04
C SER C 668 24.16 -18.74 -33.27
N SER C 669 24.84 -19.51 -32.43
CA SER C 669 24.82 -20.97 -32.51
C SER C 669 24.22 -21.54 -31.23
N PHE C 670 23.20 -22.39 -31.40
CA PHE C 670 22.56 -23.05 -30.27
C PHE C 670 22.06 -24.42 -30.73
N LEU C 671 22.26 -25.42 -29.88
CA LEU C 671 21.92 -26.81 -30.21
C LEU C 671 20.70 -27.31 -29.46
N ALA C 672 19.98 -26.44 -28.75
CA ALA C 672 18.84 -26.84 -27.95
C ALA C 672 17.64 -25.96 -28.25
N GLY C 673 16.46 -26.56 -28.27
CA GLY C 673 15.21 -25.83 -28.45
C GLY C 673 14.92 -25.53 -29.90
N VAL C 674 13.71 -25.00 -30.13
CA VAL C 674 13.28 -24.61 -31.46
C VAL C 674 12.93 -23.12 -31.46
N TYR C 675 12.56 -22.59 -30.30
CA TYR C 675 12.34 -21.16 -30.14
C TYR C 675 12.74 -20.74 -28.74
N TYR C 676 13.01 -19.46 -28.59
CA TYR C 676 13.43 -18.89 -27.31
C TYR C 676 12.52 -17.73 -26.95
N THR C 677 12.04 -17.72 -25.71
CA THR C 677 11.11 -16.71 -25.24
C THR C 677 11.67 -16.00 -24.02
N SER C 678 11.20 -14.78 -23.82
CA SER C 678 11.55 -13.98 -22.66
C SER C 678 10.43 -14.05 -21.63
N ASP C 679 10.54 -13.25 -20.58
CA ASP C 679 9.53 -13.19 -19.53
C ASP C 679 8.33 -12.32 -19.92
N SER C 680 8.24 -11.90 -21.18
CA SER C 680 7.12 -11.10 -21.66
C SER C 680 6.21 -11.88 -22.60
N GLY C 681 6.46 -13.16 -22.79
CA GLY C 681 5.65 -13.95 -23.71
C GLY C 681 5.95 -13.70 -25.17
N GLN C 682 7.05 -13.05 -25.49
CA GLN C 682 7.41 -12.76 -26.87
C GLN C 682 8.43 -13.78 -27.35
N LEU C 683 8.13 -14.44 -28.47
CA LEU C 683 9.02 -15.43 -29.07
C LEU C 683 9.97 -14.72 -30.02
N LEU C 684 11.01 -14.12 -29.43
CA LEU C 684 11.92 -13.28 -30.21
C LEU C 684 12.86 -14.09 -31.09
N ALA C 685 13.36 -15.22 -30.58
CA ALA C 685 14.41 -15.98 -31.26
C ALA C 685 13.87 -17.36 -31.64
N PHE C 686 13.98 -17.71 -32.93
CA PHE C 686 13.63 -19.05 -33.38
C PHE C 686 14.69 -19.56 -34.35
N LYS C 687 14.82 -20.88 -34.42
CA LYS C 687 15.91 -21.51 -35.16
C LYS C 687 15.37 -22.22 -36.39
N ASN C 688 16.12 -22.09 -37.49
CA ASN C 688 15.82 -22.80 -38.74
C ASN C 688 16.34 -24.23 -38.58
N VAL C 689 15.43 -25.17 -38.33
CA VAL C 689 15.83 -26.53 -37.95
C VAL C 689 16.63 -27.20 -39.07
N THR C 690 16.27 -26.94 -40.33
CA THR C 690 16.97 -27.57 -41.44
C THR C 690 18.43 -27.09 -41.53
N SER C 691 18.65 -25.80 -41.30
CA SER C 691 19.98 -25.21 -41.45
C SER C 691 20.68 -24.88 -40.14
N GLY C 692 19.93 -24.68 -39.05
CA GLY C 692 20.52 -24.27 -37.80
C GLY C 692 20.64 -22.77 -37.62
N ALA C 693 20.29 -21.97 -38.62
CA ALA C 693 20.36 -20.53 -38.49
C ALA C 693 19.30 -20.03 -37.52
N VAL C 694 19.62 -18.95 -36.82
CA VAL C 694 18.74 -18.36 -35.81
C VAL C 694 18.27 -17.00 -36.29
N TYR C 695 17.02 -16.66 -35.98
CA TYR C 695 16.43 -15.41 -36.39
C TYR C 695 15.76 -14.74 -35.19
N SER C 696 15.79 -13.40 -35.20
CA SER C 696 15.23 -12.58 -34.14
C SER C 696 14.28 -11.55 -34.74
N VAL C 697 13.23 -11.23 -33.98
CA VAL C 697 12.16 -10.35 -34.44
C VAL C 697 12.09 -9.14 -33.51
N THR C 698 11.84 -7.97 -34.10
CA THR C 698 11.66 -6.74 -33.35
C THR C 698 10.43 -5.99 -33.87
N PRO C 699 9.69 -5.33 -32.99
CA PRO C 699 8.43 -4.70 -33.42
C PRO C 699 8.66 -3.56 -34.41
N CYS C 700 7.65 -3.34 -35.24
CA CYS C 700 7.67 -2.25 -36.23
C CYS C 700 7.31 -0.90 -35.64
N SER C 701 7.23 -0.79 -34.31
CA SER C 701 6.86 0.45 -33.66
C SER C 701 7.84 0.73 -32.54
N PHE C 702 7.84 1.99 -32.08
CA PHE C 702 8.75 2.42 -31.04
C PHE C 702 8.09 3.51 -30.22
N SER C 703 8.61 3.72 -29.01
CA SER C 703 8.20 4.81 -28.14
C SER C 703 9.35 5.80 -28.01
N GLU C 704 9.04 7.10 -28.14
CA GLU C 704 10.07 8.12 -28.15
C GLU C 704 9.55 9.33 -27.40
N GLN C 705 10.47 10.21 -27.01
CA GLN C 705 10.08 11.42 -26.29
C GLN C 705 10.24 12.66 -27.17
N ALA C 706 9.43 13.67 -26.85
CA ALA C 706 9.45 14.93 -27.57
C ALA C 706 9.40 16.08 -26.57
N ALA C 707 10.02 17.18 -26.97
CA ALA C 707 10.09 18.41 -26.20
C ALA C 707 9.20 19.43 -26.90
N TYR C 708 8.09 19.75 -26.26
CA TYR C 708 7.07 20.66 -26.77
C TYR C 708 7.26 22.03 -26.12
N VAL C 709 7.45 23.05 -26.96
CA VAL C 709 7.64 24.42 -26.52
C VAL C 709 6.67 25.30 -27.29
N ASP C 710 6.06 26.26 -26.60
CA ASP C 710 5.12 27.20 -27.19
C ASP C 710 3.92 26.49 -27.80
N ASP C 711 3.90 26.33 -29.13
CA ASP C 711 2.74 25.76 -29.81
C ASP C 711 3.16 24.81 -30.92
N ASP C 712 4.35 24.23 -30.84
CA ASP C 712 4.83 23.34 -31.88
C ASP C 712 5.81 22.33 -31.29
N ILE C 713 5.99 21.23 -32.00
CA ILE C 713 6.94 20.20 -31.60
C ILE C 713 8.33 20.63 -32.04
N VAL C 714 9.19 20.91 -31.09
CA VAL C 714 10.53 21.42 -31.37
C VAL C 714 11.59 20.34 -31.25
N GLY C 715 11.60 19.59 -30.15
CA GLY C 715 12.62 18.58 -29.91
C GLY C 715 12.07 17.19 -30.09
N VAL C 716 12.84 16.34 -30.77
CA VAL C 716 12.55 14.92 -30.89
C VAL C 716 13.81 14.14 -30.50
N ILE C 717 13.66 13.21 -29.56
CA ILE C 717 14.76 12.36 -29.13
C ILE C 717 14.36 10.91 -29.35
N SER C 718 15.27 10.12 -29.92
CA SER C 718 14.92 8.75 -30.31
C SER C 718 16.19 7.92 -30.40
N SER C 719 16.05 6.70 -30.91
CA SER C 719 17.18 5.83 -31.19
C SER C 719 17.29 5.45 -32.66
N LEU C 720 16.55 6.14 -33.54
CA LEU C 720 16.56 5.86 -34.96
C LEU C 720 17.15 7.05 -35.71
N SER C 721 17.91 6.76 -36.77
CA SER C 721 18.59 7.79 -37.53
C SER C 721 17.71 8.47 -38.56
N SER C 722 16.47 8.01 -38.76
CA SER C 722 15.55 8.59 -39.72
C SER C 722 14.49 9.39 -38.98
N SER C 723 14.26 10.62 -39.42
CA SER C 723 13.29 11.49 -38.78
C SER C 723 12.84 12.56 -39.75
N THR C 724 11.73 13.21 -39.40
CA THR C 724 11.20 14.30 -40.24
C THR C 724 12.15 15.50 -40.27
N PHE C 725 12.76 15.82 -39.13
CA PHE C 725 13.65 16.97 -39.05
C PHE C 725 14.88 16.75 -39.93
N ASN C 726 15.41 17.86 -40.47
CA ASN C 726 16.50 17.74 -41.43
C ASN C 726 17.79 17.27 -40.76
N SER C 727 18.08 17.79 -39.56
CA SER C 727 19.34 17.52 -38.88
C SER C 727 19.18 16.40 -37.88
N THR C 728 20.07 15.42 -37.97
CA THR C 728 20.13 14.28 -37.06
C THR C 728 21.52 14.26 -36.43
N ARG C 729 21.58 14.59 -35.15
CA ARG C 729 22.84 14.64 -34.41
C ARG C 729 22.94 13.44 -33.49
N GLU C 730 24.04 12.70 -33.62
CA GLU C 730 24.31 11.56 -32.76
C GLU C 730 24.90 12.02 -31.44
N LEU C 731 24.29 11.61 -30.34
CA LEU C 731 24.75 11.96 -29.00
C LEU C 731 24.98 10.66 -28.24
N PRO C 732 25.85 10.67 -27.24
CA PRO C 732 26.18 9.42 -26.55
C PRO C 732 24.94 8.75 -25.99
N GLY C 733 24.53 7.66 -26.63
CA GLY C 733 23.41 6.87 -26.21
C GLY C 733 22.16 6.98 -27.06
N PHE C 734 22.05 7.99 -27.91
CA PHE C 734 20.78 8.19 -28.63
C PHE C 734 21.00 9.16 -29.79
N PHE C 735 19.89 9.48 -30.47
CA PHE C 735 19.87 10.41 -31.59
C PHE C 735 18.93 11.56 -31.25
N TYR C 736 19.33 12.76 -31.67
CA TYR C 736 18.52 13.96 -31.52
C TYR C 736 18.19 14.48 -32.90
N HIS C 737 16.96 14.97 -33.08
CA HIS C 737 16.56 15.50 -34.38
C HIS C 737 16.04 16.91 -34.23
N SER C 738 16.46 17.78 -35.14
CA SER C 738 16.09 19.18 -35.08
C SER C 738 16.26 19.79 -36.46
N ASN C 739 15.76 21.02 -36.62
CA ASN C 739 15.89 21.77 -37.86
C ASN C 739 17.01 22.80 -37.80
N ASP C 740 17.74 22.87 -36.69
CA ASP C 740 18.83 23.83 -36.53
C ASP C 740 20.04 23.11 -35.93
N GLY C 741 21.20 23.34 -36.52
CA GLY C 741 22.43 22.74 -36.01
C GLY C 741 23.34 23.76 -35.35
N SER C 742 22.78 24.90 -34.96
CA SER C 742 23.55 25.99 -34.39
C SER C 742 23.84 25.74 -32.92
N ASN C 743 24.38 26.75 -32.23
CA ASN C 743 24.71 26.64 -30.83
C ASN C 743 23.49 26.88 -29.95
N CYS C 744 23.49 26.25 -28.77
CA CYS C 744 22.45 26.43 -27.75
C CYS C 744 23.12 27.04 -26.52
N THR C 745 22.93 28.35 -26.34
CA THR C 745 23.51 29.07 -25.22
C THR C 745 22.51 29.45 -24.15
N GLU C 746 21.23 29.60 -24.50
CA GLU C 746 20.18 29.98 -23.57
C GLU C 746 19.06 28.96 -23.66
N PRO C 747 19.25 27.75 -23.13
CA PRO C 747 18.23 26.73 -23.23
C PRO C 747 16.97 27.11 -22.46
N VAL C 748 15.83 26.64 -22.96
CA VAL C 748 14.55 26.82 -22.30
C VAL C 748 14.20 25.61 -21.46
N LEU C 749 14.36 24.41 -22.01
CA LEU C 749 14.08 23.19 -21.26
C LEU C 749 15.39 22.53 -20.87
N VAL C 750 15.64 22.40 -19.57
CA VAL C 750 16.91 21.89 -19.06
C VAL C 750 16.65 20.70 -18.15
N TYR C 751 17.47 19.67 -18.29
CA TYR C 751 17.42 18.50 -17.42
C TYR C 751 18.82 17.94 -17.30
N SER C 752 19.26 17.72 -16.05
CA SER C 752 20.61 17.23 -15.75
C SER C 752 21.61 18.20 -16.37
N ASN C 753 22.51 17.76 -17.25
CA ASN C 753 23.45 18.65 -17.90
C ASN C 753 23.07 18.95 -19.34
N ILE C 754 21.87 18.58 -19.77
CA ILE C 754 21.44 18.71 -21.16
C ILE C 754 20.35 19.77 -21.24
N GLY C 755 20.53 20.72 -22.15
CA GLY C 755 19.56 21.79 -22.30
C GLY C 755 19.22 22.01 -23.77
N VAL C 756 17.95 22.33 -24.00
CA VAL C 756 17.44 22.63 -25.34
C VAL C 756 16.89 24.06 -25.35
N CYS C 757 17.28 24.80 -26.39
CA CYS C 757 16.88 26.17 -26.65
C CYS C 757 15.58 26.20 -27.43
N LYS C 758 15.00 27.40 -27.53
CA LYS C 758 13.76 27.56 -28.29
C LYS C 758 13.98 27.30 -29.77
N SER C 759 15.12 27.74 -30.31
CA SER C 759 15.39 27.60 -31.73
C SER C 759 15.58 26.16 -32.17
N GLY C 760 15.75 25.22 -31.23
CA GLY C 760 15.92 23.82 -31.55
C GLY C 760 17.31 23.29 -31.33
N SER C 761 18.30 24.14 -31.10
CA SER C 761 19.65 23.69 -30.82
C SER C 761 19.70 23.00 -29.45
N ILE C 762 20.67 22.08 -29.30
CA ILE C 762 20.86 21.33 -28.07
C ILE C 762 22.27 21.59 -27.58
N GLY C 763 22.47 21.44 -26.27
CA GLY C 763 23.79 21.65 -25.73
C GLY C 763 23.93 21.11 -24.33
N TYR C 764 25.16 21.25 -23.80
CA TYR C 764 25.50 20.80 -22.46
C TYR C 764 25.41 21.97 -21.49
N VAL C 765 24.64 21.80 -20.42
CA VAL C 765 24.46 22.89 -19.46
C VAL C 765 25.74 23.04 -18.64
N PRO C 766 26.33 24.24 -18.57
CA PRO C 766 27.51 24.42 -17.74
C PRO C 766 27.19 24.24 -16.26
N SER C 767 28.17 23.73 -15.52
CA SER C 767 27.97 23.44 -14.11
C SER C 767 27.75 24.73 -13.33
N GLN C 768 26.77 24.69 -12.43
CA GLN C 768 26.47 25.86 -11.60
C GLN C 768 27.55 26.05 -10.54
N SER C 769 27.97 27.30 -10.37
CA SER C 769 28.98 27.65 -9.38
C SER C 769 28.28 28.23 -8.16
N GLY C 770 28.59 27.67 -6.99
CA GLY C 770 27.97 28.07 -5.74
C GLY C 770 28.67 29.23 -5.07
N GLN C 771 28.27 29.49 -3.83
CA GLN C 771 28.83 30.57 -3.04
C GLN C 771 30.20 30.17 -2.51
N VAL C 772 30.86 31.11 -1.81
CA VAL C 772 32.19 30.89 -1.26
C VAL C 772 32.19 31.35 0.19
N LYS C 773 32.79 30.53 1.06
CA LYS C 773 33.02 30.90 2.45
C LYS C 773 34.48 30.68 2.78
N ILE C 774 35.05 31.60 3.56
CA ILE C 774 36.48 31.56 3.85
C ILE C 774 36.73 30.59 5.00
N ALA C 775 37.69 29.68 4.79
CA ALA C 775 38.03 28.71 5.83
C ALA C 775 38.78 29.40 6.98
N PRO C 776 38.65 28.87 8.19
CA PRO C 776 39.35 29.48 9.34
C PRO C 776 40.86 29.41 9.19
N THR C 777 41.52 30.52 9.54
CA THR C 777 42.97 30.61 9.53
C THR C 777 43.41 31.36 10.79
N VAL C 778 44.64 31.09 11.23
CA VAL C 778 45.22 31.77 12.37
C VAL C 778 46.42 32.63 12.01
N THR C 779 46.91 32.56 10.78
CA THR C 779 48.04 33.38 10.36
C THR C 779 47.97 33.58 8.86
N GLY C 780 48.68 34.58 8.38
CA GLY C 780 48.81 34.79 6.94
C GLY C 780 47.83 35.84 6.42
N ASN C 781 46.82 35.39 5.68
CA ASN C 781 46.07 36.26 4.78
C ASN C 781 44.60 35.92 4.84
N ILE C 782 43.78 36.92 5.16
CA ILE C 782 42.35 36.74 5.39
C ILE C 782 41.57 37.74 4.55
N SER C 783 40.49 37.28 3.94
CA SER C 783 39.58 38.13 3.18
C SER C 783 38.36 38.40 4.06
N ILE C 784 38.43 39.48 4.83
CA ILE C 784 37.33 39.85 5.72
C ILE C 784 36.17 40.40 4.90
N PRO C 785 34.97 39.86 5.04
CA PRO C 785 33.84 40.37 4.25
C PRO C 785 33.39 41.76 4.69
N THR C 786 32.78 42.47 3.74
CA THR C 786 32.26 43.80 3.97
C THR C 786 31.31 44.16 2.85
N ASN C 787 30.62 45.30 3.01
CA ASN C 787 29.67 45.83 2.04
C ASN C 787 28.54 44.82 1.77
N PHE C 788 27.77 44.58 2.82
CA PHE C 788 26.74 43.56 2.81
C PHE C 788 25.47 44.06 2.13
N SER C 789 24.56 43.13 1.85
CA SER C 789 23.28 43.43 1.24
C SER C 789 22.27 42.38 1.67
N MET C 790 21.06 42.50 1.14
CA MET C 790 19.93 41.66 1.50
C MET C 790 19.72 40.57 0.46
N SER C 791 19.38 39.38 0.94
CA SER C 791 19.00 38.26 0.09
C SER C 791 17.85 37.56 0.83
N ILE C 792 16.64 37.77 0.33
CA ILE C 792 15.46 37.25 1.00
C ILE C 792 15.07 35.92 0.36
N ARG C 793 14.95 34.89 1.19
CA ARG C 793 14.62 33.55 0.72
C ARG C 793 13.19 33.19 1.11
N THR C 794 12.65 32.19 0.43
CA THR C 794 11.28 31.74 0.63
C THR C 794 11.29 30.31 1.14
N GLU C 795 10.25 29.97 1.91
CA GLU C 795 10.11 28.60 2.40
C GLU C 795 8.62 28.35 2.64
N TYR C 796 8.16 27.14 2.35
CA TYR C 796 6.76 26.80 2.58
C TYR C 796 6.65 25.46 3.29
N LEU C 797 5.75 25.38 4.27
CA LEU C 797 5.57 24.14 5.01
C LEU C 797 4.10 23.92 5.32
N GLN C 798 3.76 22.65 5.52
CA GLN C 798 2.43 22.18 5.86
C GLN C 798 2.42 21.66 7.29
N LEU C 799 1.25 21.73 7.94
CA LEU C 799 1.16 21.27 9.31
C LEU C 799 -0.05 20.37 9.55
N TYR C 800 -1.10 20.51 8.73
CA TYR C 800 -2.33 19.79 8.95
C TYR C 800 -2.94 19.38 7.62
N ASN C 801 -3.87 18.42 7.70
CA ASN C 801 -4.56 17.88 6.54
C ASN C 801 -6.06 17.82 6.83
N THR C 802 -6.85 17.84 5.76
CA THR C 802 -8.30 17.84 5.88
C THR C 802 -8.79 16.46 6.28
N PRO C 803 -9.54 16.31 7.37
CA PRO C 803 -10.09 15.01 7.76
C PRO C 803 -11.44 14.74 7.11
N VAL C 804 -11.76 13.46 7.00
CA VAL C 804 -13.00 13.01 6.37
C VAL C 804 -13.55 11.84 7.19
N SER C 805 -14.88 11.75 7.27
CA SER C 805 -15.55 10.67 7.98
C SER C 805 -16.54 10.01 7.05
N VAL C 806 -16.94 8.78 7.38
CA VAL C 806 -17.93 8.07 6.59
C VAL C 806 -18.57 7.00 7.47
N ASP C 807 -19.86 6.74 7.21
CA ASP C 807 -20.57 5.62 7.83
C ASP C 807 -20.59 4.46 6.85
N CYS C 808 -20.03 3.33 7.27
CA CYS C 808 -19.98 2.15 6.40
C CYS C 808 -21.38 1.61 6.12
N ALA C 809 -22.25 1.61 7.13
CA ALA C 809 -23.56 0.99 7.00
C ALA C 809 -24.37 1.65 5.89
N THR C 810 -24.42 2.98 5.88
CA THR C 810 -25.17 3.69 4.85
C THR C 810 -24.47 3.63 3.50
N TYR C 811 -23.13 3.57 3.50
CA TYR C 811 -22.41 3.52 2.23
C TYR C 811 -22.63 2.20 1.51
N VAL C 812 -22.68 1.09 2.27
CA VAL C 812 -22.84 -0.22 1.63
C VAL C 812 -24.28 -0.59 1.38
N CYS C 813 -25.23 0.03 2.08
CA CYS C 813 -26.65 -0.27 1.91
C CYS C 813 -27.45 1.02 1.97
N ASN C 814 -28.37 1.19 1.02
CA ASN C 814 -29.17 2.41 0.95
C ASN C 814 -30.50 2.24 1.69
N GLY C 815 -30.38 1.97 2.99
CA GLY C 815 -31.53 1.95 3.88
C GLY C 815 -32.30 0.65 3.94
N ASN C 816 -31.89 -0.38 3.21
CA ASN C 816 -32.61 -1.65 3.25
C ASN C 816 -32.35 -2.37 4.57
N SER C 817 -33.36 -3.13 5.02
CA SER C 817 -33.29 -3.80 6.31
C SER C 817 -32.64 -5.18 6.21
N ARG C 818 -33.04 -5.97 5.21
CA ARG C 818 -32.47 -7.29 5.04
C ARG C 818 -30.97 -7.23 4.77
N CYS C 819 -30.55 -6.24 3.98
CA CYS C 819 -29.14 -6.10 3.66
C CYS C 819 -28.31 -5.83 4.91
N LYS C 820 -28.79 -4.93 5.77
CA LYS C 820 -28.06 -4.65 7.01
C LYS C 820 -28.12 -5.85 7.96
N GLN C 821 -29.22 -6.60 7.95
CA GLN C 821 -29.28 -7.82 8.75
C GLN C 821 -28.22 -8.82 8.31
N LEU C 822 -28.01 -8.95 7.00
CA LEU C 822 -26.92 -9.77 6.50
C LEU C 822 -25.56 -9.19 6.88
N LEU C 823 -25.42 -7.86 6.79
CA LEU C 823 -24.15 -7.23 7.10
C LEU C 823 -23.76 -7.39 8.57
N THR C 824 -24.75 -7.59 9.44
CA THR C 824 -24.46 -7.71 10.87
C THR C 824 -23.51 -8.87 11.17
N GLN C 825 -23.40 -9.85 10.27
CA GLN C 825 -22.46 -10.95 10.49
C GLN C 825 -21.02 -10.47 10.56
N TYR C 826 -20.64 -9.54 9.67
CA TYR C 826 -19.28 -9.04 9.58
C TYR C 826 -19.31 -7.53 9.78
N THR C 827 -18.88 -7.08 10.95
CA THR C 827 -18.92 -5.66 11.29
C THR C 827 -17.64 -5.14 11.92
N ALA C 828 -16.73 -6.01 12.37
CA ALA C 828 -15.53 -5.56 13.07
C ALA C 828 -14.68 -4.63 12.22
N ALA C 829 -14.70 -4.80 10.89
CA ALA C 829 -13.95 -3.90 10.02
C ALA C 829 -14.49 -2.48 10.11
N CYS C 830 -15.83 -2.33 10.15
CA CYS C 830 -16.43 -1.02 10.31
C CYS C 830 -16.00 -0.36 11.62
N LYS C 831 -16.01 -1.14 12.70
CA LYS C 831 -15.57 -0.61 13.99
C LYS C 831 -14.11 -0.19 13.94
N THR C 832 -13.26 -1.00 13.30
CA THR C 832 -11.85 -0.67 13.20
C THR C 832 -11.65 0.64 12.44
N ILE C 833 -12.26 0.76 11.26
CA ILE C 833 -12.03 1.93 10.42
C ILE C 833 -12.54 3.18 11.12
N GLU C 834 -13.73 3.13 11.73
CA GLU C 834 -14.24 4.32 12.37
C GLU C 834 -13.46 4.67 13.63
N SER C 835 -13.07 3.69 14.43
CA SER C 835 -12.25 3.97 15.59
C SER C 835 -10.97 4.69 15.17
N ALA C 836 -10.30 4.16 14.16
CA ALA C 836 -9.10 4.81 13.65
C ALA C 836 -9.39 6.23 13.18
N LEU C 837 -10.49 6.43 12.45
CA LEU C 837 -10.78 7.74 11.88
C LEU C 837 -11.01 8.79 12.97
N GLN C 838 -12.01 8.56 13.84
CA GLN C 838 -12.29 9.57 14.85
C GLN C 838 -11.14 9.73 15.86
N LEU C 839 -10.45 8.63 16.22
CA LEU C 839 -9.32 8.78 17.13
C LEU C 839 -8.24 9.67 16.52
N SER C 840 -7.89 9.42 15.25
CA SER C 840 -6.86 10.21 14.60
C SER C 840 -7.30 11.67 14.47
N ALA C 841 -8.56 11.91 14.13
CA ALA C 841 -9.05 13.28 14.02
C ALA C 841 -8.96 14.00 15.36
N ARG C 842 -9.43 13.36 16.43
CA ARG C 842 -9.46 14.03 17.73
C ARG C 842 -8.06 14.36 18.22
N LEU C 843 -7.12 13.41 18.09
CA LEU C 843 -5.79 13.67 18.61
C LEU C 843 -5.11 14.83 17.88
N GLU C 844 -5.21 14.87 16.55
CA GLU C 844 -4.55 15.94 15.81
C GLU C 844 -5.23 17.28 16.06
N SER C 845 -6.55 17.28 16.20
CA SER C 845 -7.24 18.52 16.52
C SER C 845 -6.80 19.06 17.88
N VAL C 846 -6.70 18.18 18.87
CA VAL C 846 -6.28 18.62 20.20
C VAL C 846 -4.87 19.19 20.14
N GLU C 847 -3.95 18.49 19.49
CA GLU C 847 -2.56 18.96 19.48
C GLU C 847 -2.42 20.25 18.68
N VAL C 848 -3.14 20.39 17.57
CA VAL C 848 -3.02 21.62 16.78
C VAL C 848 -3.63 22.80 17.54
N ASN C 849 -4.72 22.57 18.28
CA ASN C 849 -5.26 23.65 19.09
C ASN C 849 -4.33 24.00 20.24
N SER C 850 -3.59 23.03 20.75
CA SER C 850 -2.61 23.33 21.80
C SER C 850 -1.37 24.03 21.25
N MET C 851 -1.09 23.85 19.96
CA MET C 851 0.12 24.43 19.37
C MET C 851 0.08 25.96 19.42
N LEU C 852 -1.07 26.55 19.11
CA LEU C 852 -1.15 28.00 18.99
C LEU C 852 -0.88 28.69 20.32
N THR C 853 -0.17 29.82 20.25
CA THR C 853 0.07 30.68 21.40
C THR C 853 -0.19 32.12 20.97
N ILE C 854 -0.98 32.85 21.76
CA ILE C 854 -1.52 34.13 21.36
C ILE C 854 -1.18 35.19 22.39
N SER C 855 -0.74 36.35 21.93
CA SER C 855 -0.45 37.50 22.79
C SER C 855 -1.31 38.68 22.37
N GLU C 856 -1.93 39.33 23.35
CA GLU C 856 -2.78 40.48 23.08
C GLU C 856 -1.96 41.75 22.80
N GLU C 857 -0.77 41.85 23.36
CA GLU C 857 0.09 43.00 23.07
C GLU C 857 0.45 43.07 21.60
N ALA C 858 0.78 41.93 21.01
CA ALA C 858 1.05 41.88 19.57
C ALA C 858 -0.20 42.25 18.77
N LEU C 859 -1.38 41.86 19.27
CA LEU C 859 -2.62 42.29 18.64
C LEU C 859 -2.75 43.80 18.64
N GLN C 860 -2.39 44.43 19.77
CA GLN C 860 -2.45 45.89 19.84
C GLN C 860 -1.44 46.54 18.89
N LEU C 861 -0.23 45.98 18.81
CA LEU C 861 0.85 46.59 18.04
C LEU C 861 0.85 46.18 16.57
N ALA C 862 -0.04 45.29 16.15
CA ALA C 862 -0.03 44.83 14.77
C ALA C 862 -0.57 45.87 13.79
N THR C 863 -1.24 46.91 14.27
CA THR C 863 -1.84 47.90 13.39
C THR C 863 -0.78 48.78 12.74
N ILE C 864 -1.15 49.40 11.63
CA ILE C 864 -0.24 50.31 10.93
C ILE C 864 0.08 51.51 11.81
N SER C 865 -0.92 52.06 12.48
CA SER C 865 -0.70 53.22 13.35
C SER C 865 0.24 52.87 14.50
N SER C 866 0.07 51.69 15.09
CA SER C 866 0.93 51.28 16.19
C SER C 866 2.35 50.94 15.74
N PHE C 867 2.61 50.85 14.45
CA PHE C 867 3.93 50.56 13.92
C PHE C 867 4.55 51.83 13.36
N ASN C 868 5.78 52.12 13.78
CA ASN C 868 6.50 53.31 13.35
C ASN C 868 7.60 52.87 12.39
N GLY C 869 7.25 52.78 11.10
CA GLY C 869 8.24 52.45 10.10
C GLY C 869 9.28 53.55 9.97
N ASP C 870 10.55 53.14 9.84
CA ASP C 870 11.68 54.06 9.72
C ASP C 870 12.61 53.51 8.64
N GLY C 871 12.38 53.94 7.40
CA GLY C 871 13.15 53.46 6.27
C GLY C 871 12.72 52.10 5.76
N TYR C 872 11.66 51.52 6.31
CA TYR C 872 11.16 50.21 5.91
C TYR C 872 9.67 50.31 5.66
N ASN C 873 9.17 49.48 4.75
CA ASN C 873 7.78 49.63 4.33
C ASN C 873 6.82 48.85 5.22
N PHE C 874 6.95 47.52 5.24
CA PHE C 874 6.10 46.65 6.06
C PHE C 874 4.62 46.96 5.85
N THR C 875 4.25 47.29 4.62
CA THR C 875 2.86 47.61 4.27
C THR C 875 2.12 46.43 3.66
N ASN C 876 2.72 45.77 2.68
CA ASN C 876 2.11 44.59 2.09
C ASN C 876 2.08 43.42 3.06
N VAL C 877 2.87 43.46 4.12
CA VAL C 877 2.91 42.40 5.11
C VAL C 877 1.91 42.67 6.24
N LEU C 878 1.95 43.87 6.81
CA LEU C 878 1.04 44.20 7.90
C LEU C 878 -0.40 44.29 7.40
N GLY C 879 -1.33 43.82 8.22
CA GLY C 879 -2.72 43.80 7.83
C GLY C 879 -3.37 45.17 7.87
N VAL C 880 -4.59 45.23 7.34
CA VAL C 880 -5.35 46.46 7.25
C VAL C 880 -6.36 46.49 8.40
N SER C 881 -6.27 47.52 9.23
CA SER C 881 -7.09 47.64 10.43
C SER C 881 -8.38 48.40 10.12
N VAL C 882 -9.07 48.84 11.17
CA VAL C 882 -10.33 49.60 11.15
C VAL C 882 -11.28 49.11 10.06
N TYR C 883 -11.75 47.89 10.20
CA TYR C 883 -12.78 47.33 9.33
C TYR C 883 -14.06 47.13 10.14
N ASP C 884 -15.17 47.67 9.65
CA ASP C 884 -16.46 47.60 10.34
C ASP C 884 -17.46 46.82 9.51
N PRO C 885 -17.62 45.52 9.77
CA PRO C 885 -18.64 44.75 9.05
C PRO C 885 -20.01 44.89 9.68
N ALA C 886 -20.97 44.10 9.22
CA ALA C 886 -22.32 44.13 9.81
C ALA C 886 -22.30 43.78 11.29
N ARG C 887 -21.25 43.11 11.77
CA ARG C 887 -21.12 42.84 13.20
C ARG C 887 -20.99 44.15 13.98
N GLY C 888 -20.25 45.10 13.45
CA GLY C 888 -20.07 46.39 14.11
C GLY C 888 -18.83 46.52 14.95
N ARG C 889 -17.87 45.60 14.83
CA ARG C 889 -16.65 45.63 15.60
C ARG C 889 -15.44 45.63 14.66
N VAL C 890 -14.36 46.27 15.10
CA VAL C 890 -13.16 46.38 14.29
C VAL C 890 -12.53 45.01 14.12
N VAL C 891 -12.25 44.63 12.87
CA VAL C 891 -11.70 43.33 12.54
C VAL C 891 -10.49 43.50 11.64
N GLN C 892 -9.68 42.45 11.56
CA GLN C 892 -8.47 42.44 10.76
C GLN C 892 -8.68 41.59 9.52
N LYS C 893 -8.32 42.14 8.36
CA LYS C 893 -8.46 41.46 7.07
C LYS C 893 -7.10 41.13 6.50
N ARG C 894 -7.11 40.53 5.31
CA ARG C 894 -5.88 40.15 4.65
C ARG C 894 -5.13 41.38 4.14
N SER C 895 -3.80 41.27 4.13
CA SER C 895 -2.94 42.29 3.56
C SER C 895 -2.77 42.00 2.06
N PHE C 896 -1.79 42.65 1.43
CA PHE C 896 -1.66 42.58 -0.02
C PHE C 896 -1.23 41.19 -0.48
N ILE C 897 -0.05 40.74 -0.03
CA ILE C 897 0.59 39.57 -0.63
C ILE C 897 -0.26 38.31 -0.43
N GLU C 898 -0.79 38.12 0.77
CA GLU C 898 -1.54 36.90 1.02
C GLU C 898 -2.88 36.92 0.30
N ASP C 899 -3.55 38.08 0.26
CA ASP C 899 -4.79 38.16 -0.49
C ASP C 899 -4.55 37.90 -1.97
N LEU C 900 -3.39 38.32 -2.48
CA LEU C 900 -3.01 37.97 -3.85
C LEU C 900 -2.88 36.47 -4.01
N LEU C 901 -2.17 35.82 -3.08
CA LEU C 901 -1.87 34.40 -3.28
C LEU C 901 -3.10 33.52 -3.13
N PHE C 902 -4.02 33.84 -2.20
CA PHE C 902 -5.25 33.06 -2.12
C PHE C 902 -6.03 33.12 -3.42
N ASN C 903 -6.27 34.32 -3.95
CA ASN C 903 -7.03 34.42 -5.19
C ASN C 903 -6.25 33.91 -6.40
N LYS C 904 -4.93 33.74 -6.27
CA LYS C 904 -4.17 33.14 -7.36
C LYS C 904 -4.32 31.62 -7.36
N VAL C 905 -4.05 30.98 -6.23
CA VAL C 905 -4.04 29.52 -6.21
C VAL C 905 -5.42 28.93 -5.96
N VAL C 906 -6.28 29.65 -5.24
CA VAL C 906 -7.59 29.13 -4.86
C VAL C 906 -8.66 29.84 -5.68
N THR C 907 -9.40 29.07 -6.46
CA THR C 907 -10.52 29.62 -7.22
C THR C 907 -11.74 29.79 -6.30
N ASN C 908 -12.47 30.88 -6.50
CA ASN C 908 -13.65 31.14 -5.68
C ASN C 908 -14.67 30.03 -5.83
N GLY C 909 -15.23 29.59 -4.71
CA GLY C 909 -16.18 28.50 -4.71
C GLY C 909 -15.57 27.12 -4.66
N LEU C 910 -14.27 27.00 -4.43
CA LEU C 910 -13.61 25.70 -4.35
C LEU C 910 -13.91 25.05 -3.00
N GLY C 911 -13.26 23.92 -2.74
CA GLY C 911 -13.45 23.19 -1.51
C GLY C 911 -12.72 23.73 -0.30
N THR C 912 -11.87 24.75 -0.48
CA THR C 912 -11.16 25.34 0.65
C THR C 912 -12.13 25.99 1.63
N VAL C 913 -13.12 26.72 1.12
CA VAL C 913 -14.10 27.37 1.98
C VAL C 913 -15.05 26.33 2.57
N ASP C 914 -15.56 26.62 3.76
CA ASP C 914 -16.51 25.73 4.41
C ASP C 914 -17.77 25.59 3.55
N GLU C 915 -18.31 24.38 3.50
CA GLU C 915 -19.45 24.06 2.65
C GLU C 915 -20.71 23.96 3.51
N ASP C 916 -21.74 24.70 3.11
CA ASP C 916 -23.03 24.64 3.78
C ASP C 916 -23.79 23.42 3.30
N TYR C 917 -24.08 22.49 4.20
CA TYR C 917 -24.77 21.26 3.86
C TYR C 917 -26.28 21.39 3.91
N LYS C 918 -26.79 22.55 4.37
CA LYS C 918 -28.24 22.75 4.41
C LYS C 918 -28.83 22.75 3.01
N ARG C 919 -28.13 23.35 2.05
CA ARG C 919 -28.63 23.40 0.67
C ARG C 919 -28.79 22.01 0.07
N CYS C 920 -27.98 21.04 0.51
CA CYS C 920 -28.11 19.69 0.00
C CYS C 920 -29.48 19.10 0.35
N SER C 921 -29.95 19.33 1.57
CA SER C 921 -31.26 18.86 1.98
C SER C 921 -32.38 19.82 1.60
N ASN C 922 -32.05 21.05 1.20
CA ASN C 922 -33.09 22.01 0.82
C ASN C 922 -33.86 21.53 -0.41
N GLY C 923 -33.16 21.07 -1.43
CA GLY C 923 -33.80 20.51 -2.60
C GLY C 923 -34.10 21.53 -3.69
N ARG C 924 -35.07 21.16 -4.53
CA ARG C 924 -35.54 21.91 -5.70
C ARG C 924 -34.40 22.60 -6.46
N SER C 925 -33.26 21.93 -6.57
CA SER C 925 -32.16 22.42 -7.38
C SER C 925 -31.35 21.22 -7.86
N VAL C 926 -30.64 21.42 -8.97
CA VAL C 926 -29.81 20.36 -9.51
C VAL C 926 -28.63 20.15 -8.56
N ALA C 927 -28.55 18.96 -7.97
CA ALA C 927 -27.54 18.68 -6.96
C ALA C 927 -26.15 18.74 -7.56
N ASP C 928 -25.23 19.38 -6.83
CA ASP C 928 -23.84 19.47 -7.25
C ASP C 928 -23.11 18.19 -6.85
N LEU C 929 -21.79 18.18 -7.01
CA LEU C 929 -21.01 16.99 -6.66
C LEU C 929 -21.00 16.76 -5.15
N VAL C 930 -21.00 17.83 -4.35
CA VAL C 930 -20.87 17.68 -2.90
C VAL C 930 -22.05 16.87 -2.34
N CYS C 931 -23.26 17.18 -2.80
CA CYS C 931 -24.44 16.44 -2.34
C CYS C 931 -24.37 14.97 -2.76
N ALA C 932 -23.64 14.65 -3.83
CA ALA C 932 -23.55 13.27 -4.26
C ALA C 932 -22.88 12.40 -3.20
N GLN C 933 -21.69 12.80 -2.75
CA GLN C 933 -21.06 12.05 -1.67
C GLN C 933 -21.70 12.32 -0.32
N TYR C 934 -22.47 13.40 -0.17
CA TYR C 934 -23.26 13.54 1.04
C TYR C 934 -24.30 12.44 1.13
N TYR C 935 -25.00 12.18 0.01
CA TYR C 935 -25.94 11.06 -0.04
C TYR C 935 -25.21 9.73 0.08
N SER C 936 -24.03 9.63 -0.51
CA SER C 936 -23.25 8.40 -0.42
C SER C 936 -22.85 8.10 1.02
N GLY C 937 -22.50 9.14 1.78
CA GLY C 937 -22.15 8.95 3.17
C GLY C 937 -20.83 9.59 3.56
N VAL C 938 -20.13 10.17 2.59
CA VAL C 938 -18.83 10.80 2.84
C VAL C 938 -19.07 12.19 3.41
N MET C 939 -18.64 12.40 4.66
CA MET C 939 -18.79 13.65 5.36
C MET C 939 -17.44 14.37 5.37
N VAL C 940 -17.40 15.57 4.81
CA VAL C 940 -16.21 16.39 4.80
C VAL C 940 -16.25 17.28 6.04
N LEU C 941 -15.39 16.98 7.01
CA LEU C 941 -15.40 17.70 8.27
C LEU C 941 -14.98 19.15 8.05
N PRO C 942 -15.52 20.08 8.85
CA PRO C 942 -15.08 21.48 8.75
C PRO C 942 -13.61 21.61 9.13
N GLY C 943 -12.96 22.62 8.56
CA GLY C 943 -11.56 22.83 8.85
C GLY C 943 -11.31 23.03 10.33
N VAL C 944 -10.27 22.37 10.83
CA VAL C 944 -9.96 22.43 12.27
C VAL C 944 -9.60 23.85 12.67
N VAL C 945 -8.91 24.59 11.78
CA VAL C 945 -8.49 25.95 12.04
C VAL C 945 -9.02 26.84 10.91
N ASP C 946 -9.56 27.99 11.30
CA ASP C 946 -10.04 28.95 10.32
C ASP C 946 -8.90 29.79 9.77
N ALA C 947 -9.07 30.27 8.54
CA ALA C 947 -8.05 31.10 7.91
C ALA C 947 -7.84 32.40 8.68
N GLU C 948 -8.92 32.96 9.23
CA GLU C 948 -8.79 34.16 10.04
C GLU C 948 -7.93 33.92 11.27
N LYS C 949 -8.05 32.73 11.88
CA LYS C 949 -7.19 32.38 13.00
C LYS C 949 -5.73 32.36 12.58
N LEU C 950 -5.44 31.78 11.41
CA LEU C 950 -4.06 31.77 10.91
C LEU C 950 -3.55 33.18 10.66
N HIS C 951 -4.40 34.05 10.10
CA HIS C 951 -3.97 35.40 9.80
C HIS C 951 -3.68 36.19 11.08
N MET C 952 -4.57 36.07 12.08
CA MET C 952 -4.32 36.79 13.33
C MET C 952 -3.13 36.20 14.07
N TYR C 953 -2.92 34.88 13.94
CA TYR C 953 -1.73 34.25 14.51
C TYR C 953 -0.47 34.82 13.88
N SER C 954 -0.47 34.97 12.55
CA SER C 954 0.67 35.55 11.86
C SER C 954 0.90 36.99 12.31
N ALA C 955 -0.18 37.75 12.44
CA ALA C 955 -0.05 39.13 12.91
C ALA C 955 0.54 39.19 14.31
N SER C 956 0.12 38.27 15.18
CA SER C 956 0.69 38.22 16.53
C SER C 956 2.16 37.83 16.48
N LEU C 957 2.52 36.85 15.64
CA LEU C 957 3.90 36.39 15.58
C LEU C 957 4.83 37.48 15.08
N ILE C 958 4.43 38.21 14.05
CA ILE C 958 5.30 39.23 13.47
C ILE C 958 5.48 40.42 14.39
N GLY C 959 4.55 40.64 15.33
CA GLY C 959 4.65 41.74 16.26
C GLY C 959 5.54 41.51 17.46
N GLY C 960 6.12 40.32 17.59
CA GLY C 960 6.95 40.03 18.74
C GLY C 960 8.23 40.86 18.80
N MET C 961 8.83 41.11 17.64
CA MET C 961 10.10 41.83 17.61
C MET C 961 9.95 43.26 18.14
N VAL C 962 8.89 43.95 17.72
CA VAL C 962 8.67 45.33 18.15
C VAL C 962 8.21 45.43 19.60
N LEU C 963 7.90 44.31 20.23
CA LEU C 963 7.41 44.30 21.61
C LEU C 963 8.57 44.61 22.55
N GLY C 964 8.61 45.84 23.05
CA GLY C 964 9.63 46.23 24.00
C GLY C 964 9.22 45.96 25.44
N GLY C 965 9.23 47.00 26.26
CA GLY C 965 8.81 46.84 27.64
C GLY C 965 7.29 46.74 27.76
N PHE C 966 6.86 46.23 28.91
CA PHE C 966 5.43 46.10 29.17
C PHE C 966 4.77 47.46 29.29
N THR C 967 3.59 47.59 28.70
CA THR C 967 2.82 48.84 28.67
C THR C 967 3.69 49.97 28.12
N ALA C 968 4.30 49.70 26.97
CA ALA C 968 5.16 50.69 26.32
C ALA C 968 4.32 51.84 25.78
N ALA C 969 4.78 53.06 26.04
CA ALA C 969 4.09 54.24 25.51
C ALA C 969 4.15 54.28 23.99
N ALA C 970 5.31 53.97 23.41
CA ALA C 970 5.48 53.95 21.97
C ALA C 970 6.32 52.74 21.58
N ALA C 971 6.03 52.19 20.40
CA ALA C 971 6.77 51.05 19.91
C ALA C 971 8.21 51.44 19.58
N LEU C 972 9.14 50.56 19.90
CA LEU C 972 10.55 50.83 19.62
C LEU C 972 10.81 50.78 18.11
N PRO C 973 11.63 51.69 17.59
CA PRO C 973 11.91 51.67 16.15
C PRO C 973 12.61 50.39 15.71
N PHE C 974 12.30 49.98 14.48
CA PHE C 974 12.89 48.76 13.95
C PHE C 974 14.40 48.90 13.74
N SER C 975 14.87 50.11 13.45
CA SER C 975 16.30 50.34 13.28
C SER C 975 17.07 50.02 14.56
N TYR C 976 16.48 50.33 15.71
CA TYR C 976 17.11 49.99 16.98
C TYR C 976 17.24 48.48 17.14
N ALA C 977 16.21 47.73 16.75
CA ALA C 977 16.28 46.28 16.80
C ALA C 977 17.35 45.74 15.85
N VAL C 978 17.46 46.33 14.66
CA VAL C 978 18.50 45.92 13.72
C VAL C 978 19.88 46.17 14.31
N GLN C 979 20.07 47.34 14.93
CA GLN C 979 21.33 47.63 15.60
C GLN C 979 21.59 46.64 16.73
N ALA C 980 20.54 46.27 17.47
CA ALA C 980 20.70 45.31 18.55
C ALA C 980 21.18 43.96 18.03
N ARG C 981 20.57 43.49 16.94
CA ARG C 981 20.98 42.21 16.36
C ARG C 981 22.41 42.27 15.84
N LEU C 982 22.75 43.38 15.16
CA LEU C 982 24.12 43.54 14.66
C LEU C 982 25.13 43.52 15.79
N ASN C 983 24.82 44.22 16.89
CA ASN C 983 25.72 44.20 18.04
C ASN C 983 25.78 42.81 18.68
N TYR C 984 24.66 42.09 18.69
CA TYR C 984 24.66 40.75 19.30
C TYR C 984 25.55 39.79 18.53
N LEU C 985 25.49 39.82 17.19
CA LEU C 985 26.34 38.91 16.43
C LEU C 985 27.82 39.25 16.60
N ALA C 986 28.15 40.54 16.64
CA ALA C 986 29.52 40.98 16.85
C ALA C 986 29.50 42.46 17.23
N LEU C 987 30.55 42.89 17.93
CA LEU C 987 30.67 44.29 18.29
C LEU C 987 30.95 45.15 17.05
N GLN C 988 30.42 46.37 17.07
CA GLN C 988 30.61 47.31 15.98
C GLN C 988 31.01 48.67 16.53
N THR C 989 31.80 49.40 15.73
CA THR C 989 32.20 50.76 16.07
C THR C 989 31.72 51.79 15.08
N ASP C 990 30.97 51.39 14.05
CA ASP C 990 30.46 52.30 13.03
C ASP C 990 29.01 52.64 13.35
N VAL C 991 28.77 53.88 13.74
CA VAL C 991 27.43 54.34 14.10
C VAL C 991 27.14 55.61 13.30
N LEU C 992 27.83 55.77 12.16
CA LEU C 992 27.74 56.97 11.34
C LEU C 992 26.50 57.01 10.47
N GLN C 993 25.65 55.99 10.53
CA GLN C 993 24.27 56.02 10.02
C GLN C 993 24.17 55.93 8.50
N ARG C 994 25.29 56.02 7.78
CA ARG C 994 25.20 55.73 6.35
C ARG C 994 24.98 54.24 6.09
N ASN C 995 25.56 53.37 6.92
CA ASN C 995 25.28 51.94 6.78
C ASN C 995 23.80 51.65 7.00
N GLN C 996 23.18 52.31 7.99
CA GLN C 996 21.78 52.06 8.29
C GLN C 996 20.89 52.41 7.11
N GLN C 997 21.10 53.60 6.52
CA GLN C 997 20.26 54.01 5.40
C GLN C 997 20.53 53.17 4.16
N LEU C 998 21.80 52.82 3.91
CA LEU C 998 22.09 51.95 2.77
C LEU C 998 21.40 50.61 2.91
N LEU C 999 21.47 50.02 4.10
CA LEU C 999 20.83 48.72 4.32
C LEU C 999 19.32 48.83 4.20
N ALA C 1000 18.73 49.91 4.73
CA ALA C 1000 17.27 50.07 4.65
C ALA C 1000 16.81 50.23 3.21
N GLU C 1001 17.51 51.04 2.42
CA GLU C 1001 17.10 51.21 1.02
C GLU C 1001 17.31 49.93 0.23
N SER C 1002 18.38 49.18 0.52
CA SER C 1002 18.57 47.88 -0.13
C SER C 1002 17.43 46.94 0.22
N PHE C 1003 17.00 46.92 1.49
CA PHE C 1003 15.90 46.07 1.90
C PHE C 1003 14.60 46.46 1.19
N ASN C 1004 14.34 47.77 1.08
CA ASN C 1004 13.13 48.21 0.40
C ASN C 1004 13.15 47.80 -1.08
N SER C 1005 14.30 47.99 -1.74
CA SER C 1005 14.40 47.57 -3.14
C SER C 1005 14.21 46.07 -3.28
N ALA C 1006 14.80 45.29 -2.37
CA ALA C 1006 14.69 43.84 -2.45
C ALA C 1006 13.26 43.37 -2.24
N ILE C 1007 12.56 43.94 -1.26
CA ILE C 1007 11.17 43.54 -1.06
C ILE C 1007 10.32 43.96 -2.25
N GLY C 1008 10.63 45.11 -2.86
CA GLY C 1008 9.91 45.53 -4.04
C GLY C 1008 10.07 44.56 -5.20
N ASN C 1009 11.31 44.15 -5.47
CA ASN C 1009 11.51 43.27 -6.62
C ASN C 1009 11.05 41.84 -6.33
N ILE C 1010 11.07 41.39 -5.07
CA ILE C 1010 10.51 40.07 -4.80
C ILE C 1010 9.00 40.10 -4.94
N THR C 1011 8.35 41.18 -4.50
CA THR C 1011 6.92 41.30 -4.70
C THR C 1011 6.58 41.34 -6.18
N SER C 1012 7.40 42.04 -6.98
CA SER C 1012 7.21 42.02 -8.43
C SER C 1012 7.40 40.61 -8.99
N ALA C 1013 8.40 39.89 -8.50
CA ALA C 1013 8.66 38.53 -8.95
C ALA C 1013 7.54 37.58 -8.59
N PHE C 1014 6.73 37.91 -7.57
CA PHE C 1014 5.57 37.08 -7.28
C PHE C 1014 4.58 37.05 -8.45
N GLU C 1015 4.57 38.09 -9.27
CA GLU C 1015 3.65 38.20 -10.40
C GLU C 1015 4.44 38.06 -11.70
N SER C 1016 3.97 37.15 -12.57
CA SER C 1016 4.58 36.90 -13.87
C SER C 1016 6.06 36.54 -13.73
N VAL C 1017 6.32 35.53 -12.90
CA VAL C 1017 7.70 35.12 -12.65
C VAL C 1017 8.34 34.52 -13.90
N LYS C 1018 7.55 33.80 -14.70
CA LYS C 1018 8.08 33.11 -15.87
C LYS C 1018 8.45 34.07 -17.00
N GLU C 1019 8.12 35.36 -16.90
CA GLU C 1019 8.43 36.29 -17.97
C GLU C 1019 9.93 36.42 -18.19
N ALA C 1020 10.70 36.50 -17.10
CA ALA C 1020 12.15 36.66 -17.18
C ALA C 1020 12.84 35.73 -16.20
N SER C 1021 12.31 34.52 -16.03
CA SER C 1021 12.89 33.57 -15.10
C SER C 1021 14.09 32.86 -15.72
N SER C 1022 15.15 32.71 -14.95
CA SER C 1022 16.36 32.03 -15.37
C SER C 1022 16.52 30.74 -14.59
N GLN C 1023 17.54 29.96 -14.97
CA GLN C 1023 17.82 28.72 -14.24
C GLN C 1023 18.23 29.00 -12.81
N THR C 1024 18.87 30.15 -12.55
CA THR C 1024 19.20 30.53 -11.19
C THR C 1024 17.95 30.98 -10.44
N SER C 1025 17.04 31.68 -11.13
CA SER C 1025 15.83 32.18 -10.48
C SER C 1025 14.91 31.06 -10.03
N ARG C 1026 15.04 29.86 -10.61
CA ARG C 1026 14.21 28.72 -10.23
C ARG C 1026 14.97 27.73 -9.36
N GLY C 1027 16.01 28.17 -8.67
CA GLY C 1027 16.82 27.29 -7.85
C GLY C 1027 16.20 27.03 -6.49
N LEU C 1028 17.02 26.46 -5.61
CA LEU C 1028 16.57 26.15 -4.26
C LEU C 1028 16.32 27.43 -3.47
N ASN C 1029 15.31 27.37 -2.59
CA ASN C 1029 14.95 28.49 -1.73
C ASN C 1029 14.60 29.73 -2.54
N THR C 1030 13.91 29.53 -3.66
CA THR C 1030 13.48 30.62 -4.53
C THR C 1030 11.97 30.68 -4.56
N VAL C 1031 11.46 31.84 -5.00
CA VAL C 1031 10.01 32.05 -5.03
C VAL C 1031 9.34 31.08 -5.99
N ALA C 1032 9.99 30.80 -7.13
CA ALA C 1032 9.41 29.90 -8.12
C ALA C 1032 9.23 28.50 -7.56
N HIS C 1033 10.25 28.00 -6.85
CA HIS C 1033 10.17 26.67 -6.25
C HIS C 1033 9.03 26.58 -5.25
N ALA C 1034 8.91 27.61 -4.39
CA ALA C 1034 7.84 27.60 -3.39
C ALA C 1034 6.47 27.63 -4.05
N LEU C 1035 6.29 28.50 -5.05
CA LEU C 1035 4.98 28.60 -5.67
C LEU C 1035 4.60 27.32 -6.41
N THR C 1036 5.55 26.72 -7.14
CA THR C 1036 5.21 25.47 -7.82
C THR C 1036 4.94 24.34 -6.82
N LYS C 1037 5.70 24.30 -5.72
CA LYS C 1037 5.47 23.27 -4.71
C LYS C 1037 4.07 23.41 -4.11
N VAL C 1038 3.69 24.62 -3.71
CA VAL C 1038 2.38 24.80 -3.10
C VAL C 1038 1.27 24.58 -4.12
N GLN C 1039 1.49 25.00 -5.37
CA GLN C 1039 0.48 24.84 -6.40
C GLN C 1039 0.21 23.36 -6.66
N GLU C 1040 1.26 22.54 -6.68
CA GLU C 1040 1.03 21.11 -6.89
C GLU C 1040 0.44 20.45 -5.64
N VAL C 1041 0.92 20.85 -4.45
CA VAL C 1041 0.48 20.15 -3.25
C VAL C 1041 -0.98 20.46 -2.92
N VAL C 1042 -1.46 21.66 -3.29
CA VAL C 1042 -2.86 21.97 -2.97
C VAL C 1042 -3.81 21.09 -3.80
N ASN C 1043 -3.48 20.84 -5.06
CA ASN C 1043 -4.30 19.93 -5.86
C ASN C 1043 -4.09 18.48 -5.42
N SER C 1044 -2.87 18.14 -4.98
CA SER C 1044 -2.61 16.80 -4.48
C SER C 1044 -3.45 16.49 -3.25
N GLN C 1045 -3.56 17.45 -2.33
CA GLN C 1045 -4.37 17.23 -1.13
C GLN C 1045 -5.85 17.31 -1.45
N GLY C 1046 -6.23 18.15 -2.42
CA GLY C 1046 -7.63 18.20 -2.80
C GLY C 1046 -8.11 17.00 -3.60
N ALA C 1047 -7.19 16.17 -4.09
CA ALA C 1047 -7.54 14.99 -4.85
C ALA C 1047 -7.67 13.78 -3.91
N ALA C 1048 -7.68 12.58 -4.50
CA ALA C 1048 -7.73 11.31 -3.75
C ALA C 1048 -9.04 11.13 -3.00
N LEU C 1049 -10.10 11.80 -3.45
CA LEU C 1049 -11.42 11.62 -2.88
C LEU C 1049 -12.43 11.28 -3.98
N THR C 1050 -12.22 11.84 -5.17
CA THR C 1050 -13.17 11.65 -6.26
C THR C 1050 -13.23 10.18 -6.70
N GLN C 1051 -12.07 9.52 -6.75
CA GLN C 1051 -12.04 8.12 -7.19
C GLN C 1051 -12.73 7.18 -6.21
N LEU C 1052 -12.94 7.61 -4.96
CA LEU C 1052 -13.61 6.76 -3.98
C LEU C 1052 -15.04 6.46 -4.40
N THR C 1053 -15.69 7.40 -5.09
CA THR C 1053 -17.04 7.16 -5.58
C THR C 1053 -17.04 6.23 -6.78
N VAL C 1054 -15.94 6.19 -7.52
CA VAL C 1054 -15.92 5.50 -8.82
C VAL C 1054 -16.19 4.01 -8.65
N GLN C 1055 -15.51 3.37 -7.71
CA GLN C 1055 -15.63 1.91 -7.60
C GLN C 1055 -17.02 1.46 -7.16
N LEU C 1056 -17.86 2.37 -6.67
CA LEU C 1056 -19.24 2.02 -6.36
C LEU C 1056 -19.98 1.59 -7.62
N GLN C 1057 -19.76 2.29 -8.73
CA GLN C 1057 -20.40 1.91 -9.99
C GLN C 1057 -19.89 0.58 -10.51
N HIS C 1058 -18.65 0.21 -10.15
CA HIS C 1058 -18.08 -1.03 -10.63
C HIS C 1058 -18.88 -2.23 -10.13
N ASN C 1059 -19.15 -3.17 -11.04
CA ASN C 1059 -19.90 -4.37 -10.71
C ASN C 1059 -18.92 -5.52 -10.45
N PHE C 1060 -19.07 -6.18 -9.31
CA PHE C 1060 -18.21 -7.29 -8.92
C PHE C 1060 -18.94 -8.59 -9.26
N GLN C 1061 -18.70 -9.07 -10.48
CA GLN C 1061 -19.26 -10.31 -11.02
C GLN C 1061 -20.71 -10.53 -10.62
N ALA C 1062 -21.52 -9.46 -10.72
CA ALA C 1062 -22.94 -9.52 -10.38
C ALA C 1062 -23.75 -8.97 -11.55
N ILE C 1063 -25.07 -9.17 -11.47
CA ILE C 1063 -25.96 -8.76 -12.55
C ILE C 1063 -25.94 -7.25 -12.71
N SER C 1064 -26.01 -6.52 -11.60
CA SER C 1064 -26.00 -5.07 -11.63
C SER C 1064 -25.40 -4.53 -10.34
N SER C 1065 -24.96 -3.28 -10.39
CA SER C 1065 -24.35 -2.63 -9.24
C SER C 1065 -25.37 -2.10 -8.24
N SER C 1066 -26.65 -2.04 -8.60
CA SER C 1066 -27.69 -1.58 -7.71
C SER C 1066 -28.23 -2.75 -6.91
N ILE C 1067 -28.06 -2.70 -5.59
CA ILE C 1067 -28.51 -3.80 -4.74
C ILE C 1067 -30.03 -3.89 -4.71
N ASP C 1068 -30.70 -2.74 -4.72
CA ASP C 1068 -32.16 -2.73 -4.77
C ASP C 1068 -32.67 -3.36 -6.07
N ASP C 1069 -31.99 -3.10 -7.19
CA ASP C 1069 -32.38 -3.71 -8.45
C ASP C 1069 -32.27 -5.23 -8.38
N ILE C 1070 -31.17 -5.73 -7.81
CA ILE C 1070 -30.94 -7.18 -7.77
C ILE C 1070 -31.91 -7.85 -6.81
N TYR C 1071 -32.17 -7.23 -5.67
CA TYR C 1071 -32.93 -7.91 -4.61
C TYR C 1071 -34.37 -8.18 -5.03
N SER C 1072 -34.97 -7.30 -5.82
CA SER C 1072 -36.37 -7.41 -6.17
C SER C 1072 -36.61 -8.11 -7.51
N ARG C 1073 -35.56 -8.64 -8.15
CA ARG C 1073 -35.70 -9.31 -9.44
C ARG C 1073 -35.25 -10.76 -9.45
N LEU C 1074 -34.48 -11.20 -8.46
CA LEU C 1074 -33.95 -12.55 -8.43
C LEU C 1074 -34.17 -13.14 -7.04
N ASP C 1075 -34.05 -14.46 -6.95
CA ASP C 1075 -34.24 -15.17 -5.70
C ASP C 1075 -33.29 -14.65 -4.62
N ILE C 1076 -33.68 -14.87 -3.36
CA ILE C 1076 -32.92 -14.36 -2.23
C ILE C 1076 -31.52 -14.96 -2.17
N LEU C 1077 -31.34 -16.18 -2.67
CA LEU C 1077 -30.10 -16.92 -2.42
C LEU C 1077 -28.94 -16.34 -3.22
N SER C 1078 -29.03 -16.37 -4.54
CA SER C 1078 -27.94 -15.84 -5.35
C SER C 1078 -27.80 -14.34 -5.19
N ALA C 1079 -28.91 -13.65 -4.95
CA ALA C 1079 -28.83 -12.22 -4.65
C ALA C 1079 -28.03 -11.96 -3.38
N ASP C 1080 -28.26 -12.78 -2.34
CA ASP C 1080 -27.47 -12.65 -1.12
C ASP C 1080 -26.00 -12.94 -1.39
N VAL C 1081 -25.70 -13.97 -2.18
CA VAL C 1081 -24.31 -14.28 -2.49
C VAL C 1081 -23.65 -13.10 -3.22
N GLN C 1082 -24.35 -12.54 -4.21
CA GLN C 1082 -23.80 -11.44 -4.98
C GLN C 1082 -23.61 -10.19 -4.13
N VAL C 1083 -24.56 -9.88 -3.25
CA VAL C 1083 -24.39 -8.71 -2.39
C VAL C 1083 -23.29 -8.95 -1.36
N ASP C 1084 -23.08 -10.20 -0.95
CA ASP C 1084 -21.92 -10.50 -0.11
C ASP C 1084 -20.62 -10.20 -0.84
N ARG C 1085 -20.55 -10.61 -2.11
CA ARG C 1085 -19.36 -10.27 -2.91
C ARG C 1085 -19.20 -8.76 -3.02
N LEU C 1086 -20.31 -8.05 -3.26
CA LEU C 1086 -20.26 -6.60 -3.39
C LEU C 1086 -19.74 -5.94 -2.12
N ILE C 1087 -20.29 -6.33 -0.97
CA ILE C 1087 -19.89 -5.70 0.28
C ILE C 1087 -18.45 -6.05 0.62
N THR C 1088 -18.02 -7.29 0.33
CA THR C 1088 -16.64 -7.64 0.60
C THR C 1088 -15.67 -6.81 -0.24
N GLY C 1089 -15.97 -6.66 -1.53
CA GLY C 1089 -15.11 -5.83 -2.38
C GLY C 1089 -15.10 -4.38 -1.94
N ARG C 1090 -16.27 -3.84 -1.61
CA ARG C 1090 -16.35 -2.45 -1.18
C ARG C 1090 -15.60 -2.23 0.13
N LEU C 1091 -15.73 -3.16 1.08
CA LEU C 1091 -15.04 -3.00 2.35
C LEU C 1091 -13.53 -3.14 2.18
N SER C 1092 -13.08 -4.01 1.26
CA SER C 1092 -11.65 -4.08 0.97
C SER C 1092 -11.14 -2.77 0.37
N ALA C 1093 -11.92 -2.18 -0.54
CA ALA C 1093 -11.51 -0.92 -1.14
C ALA C 1093 -11.39 0.18 -0.09
N LEU C 1094 -12.38 0.27 0.80
CA LEU C 1094 -12.29 1.29 1.83
C LEU C 1094 -11.22 0.96 2.86
N ASN C 1095 -10.89 -0.32 3.05
CA ASN C 1095 -9.75 -0.68 3.88
C ASN C 1095 -8.46 -0.13 3.29
N ALA C 1096 -8.29 -0.27 1.98
CA ALA C 1096 -7.12 0.33 1.32
C ALA C 1096 -7.13 1.84 1.48
N PHE C 1097 -8.31 2.46 1.33
CA PHE C 1097 -8.43 3.90 1.48
C PHE C 1097 -8.02 4.36 2.88
N VAL C 1098 -8.56 3.71 3.91
CA VAL C 1098 -8.24 4.13 5.27
C VAL C 1098 -6.78 3.83 5.59
N ALA C 1099 -6.22 2.76 5.03
CA ALA C 1099 -4.79 2.52 5.18
C ALA C 1099 -3.98 3.66 4.60
N GLN C 1100 -4.40 4.19 3.45
CA GLN C 1100 -3.73 5.35 2.87
C GLN C 1100 -3.89 6.59 3.75
N THR C 1101 -5.01 6.70 4.49
CA THR C 1101 -5.28 7.91 5.26
C THR C 1101 -4.24 8.12 6.36
N LEU C 1102 -4.13 7.19 7.32
CA LEU C 1102 -3.15 7.37 8.39
C LEU C 1102 -1.73 7.35 7.85
N THR C 1103 -1.50 6.68 6.73
CA THR C 1103 -0.21 6.76 6.06
C THR C 1103 0.11 8.21 5.71
N LYS C 1104 -0.87 8.94 5.16
CA LYS C 1104 -0.69 10.36 4.92
C LYS C 1104 -0.51 11.13 6.23
N TYR C 1105 -1.25 10.74 7.27
CA TYR C 1105 -1.12 11.43 8.56
C TYR C 1105 0.28 11.35 9.13
N THR C 1106 1.02 10.27 8.84
CA THR C 1106 2.34 10.11 9.44
C THR C 1106 3.32 11.20 9.01
N GLU C 1107 3.46 11.42 7.69
CA GLU C 1107 4.48 12.38 7.26
C GLU C 1107 4.08 13.81 7.60
N VAL C 1108 2.79 14.12 7.64
CA VAL C 1108 2.40 15.46 8.06
C VAL C 1108 2.68 15.64 9.55
N GLN C 1109 2.52 14.56 10.34
CA GLN C 1109 2.97 14.61 11.73
C GLN C 1109 4.45 14.98 11.82
N ALA C 1110 5.29 14.26 11.08
CA ALA C 1110 6.74 14.51 11.14
C ALA C 1110 7.08 15.92 10.66
N SER C 1111 6.47 16.33 9.54
CA SER C 1111 6.76 17.63 8.97
C SER C 1111 6.29 18.76 9.89
N ARG C 1112 5.14 18.59 10.54
CA ARG C 1112 4.68 19.59 11.49
C ARG C 1112 5.59 19.67 12.71
N LYS C 1113 6.13 18.53 13.15
CA LYS C 1113 7.13 18.57 14.20
C LYS C 1113 8.33 19.42 13.77
N LEU C 1114 8.84 19.17 12.57
CA LEU C 1114 9.97 19.94 12.08
C LEU C 1114 9.62 21.42 11.95
N ALA C 1115 8.40 21.72 11.49
CA ALA C 1115 7.99 23.10 11.29
C ALA C 1115 7.86 23.85 12.60
N GLN C 1116 7.26 23.22 13.62
CA GLN C 1116 7.18 23.87 14.92
C GLN C 1116 8.56 24.07 15.51
N GLN C 1117 9.47 23.12 15.30
CA GLN C 1117 10.85 23.31 15.73
C GLN C 1117 11.46 24.53 15.07
N LYS C 1118 11.31 24.63 13.75
CA LYS C 1118 11.93 25.71 12.99
C LYS C 1118 11.35 27.06 13.40
N VAL C 1119 10.04 27.13 13.60
CA VAL C 1119 9.43 28.40 14.00
C VAL C 1119 9.83 28.76 15.43
N ASN C 1120 10.09 27.76 16.27
CA ASN C 1120 10.55 28.04 17.63
C ASN C 1120 11.97 28.59 17.67
N GLU C 1121 12.83 28.11 16.77
CA GLU C 1121 14.27 28.38 16.85
C GLU C 1121 14.78 29.44 15.86
N CYS C 1122 14.25 29.52 14.64
CA CYS C 1122 14.77 30.48 13.66
C CYS C 1122 14.14 31.87 13.74
N VAL C 1123 13.04 32.04 14.47
CA VAL C 1123 12.27 33.28 14.46
C VAL C 1123 12.35 34.01 15.80
N LYS C 1124 11.87 33.38 16.87
CA LYS C 1124 11.83 34.04 18.16
C LYS C 1124 13.21 34.34 18.72
N SER C 1125 14.23 33.59 18.30
CA SER C 1125 15.59 33.81 18.76
C SER C 1125 16.57 33.79 17.59
N GLN C 1126 17.86 33.81 17.88
CA GLN C 1126 18.90 33.80 16.86
C GLN C 1126 19.68 32.50 16.95
N SER C 1127 19.76 31.78 15.84
CA SER C 1127 20.47 30.51 15.79
C SER C 1127 21.93 30.72 15.46
N GLN C 1128 22.80 29.94 16.11
CA GLN C 1128 24.23 30.04 15.91
C GLN C 1128 24.77 29.07 14.87
N ARG C 1129 23.90 28.31 14.21
CA ARG C 1129 24.31 27.35 13.21
C ARG C 1129 24.31 28.00 11.83
N TYR C 1130 25.45 27.95 11.16
CA TYR C 1130 25.59 28.59 9.86
C TYR C 1130 24.72 27.91 8.82
N GLY C 1131 23.95 28.71 8.09
CA GLY C 1131 23.15 28.19 7.00
C GLY C 1131 21.91 27.44 7.42
N PHE C 1132 21.67 27.28 8.72
CA PHE C 1132 20.51 26.52 9.16
C PHE C 1132 19.21 27.24 8.84
N CYS C 1133 19.16 28.54 9.12
CA CYS C 1133 17.97 29.35 8.83
C CYS C 1133 18.17 29.99 7.45
N GLY C 1134 17.38 29.57 6.48
CA GLY C 1134 17.51 30.09 5.13
C GLY C 1134 18.54 29.35 4.29
N GLY C 1135 19.81 29.49 4.64
CA GLY C 1135 20.89 28.81 3.96
C GLY C 1135 22.09 29.71 3.74
N ASP C 1136 23.28 29.08 3.72
CA ASP C 1136 24.59 29.65 3.38
C ASP C 1136 24.76 31.11 3.80
N GLY C 1137 24.39 31.42 5.04
CA GLY C 1137 24.56 32.77 5.54
C GLY C 1137 23.97 32.89 6.93
N GLU C 1138 24.42 33.92 7.64
CA GLU C 1138 23.93 34.18 8.99
C GLU C 1138 22.51 34.71 8.95
N HIS C 1139 21.73 34.34 9.96
CA HIS C 1139 20.32 34.68 10.05
C HIS C 1139 20.14 35.94 10.87
N ILE C 1140 19.32 36.87 10.37
CA ILE C 1140 19.01 38.11 11.06
C ILE C 1140 17.58 38.08 11.61
N PHE C 1141 16.59 37.94 10.73
CA PHE C 1141 15.21 37.81 11.15
C PHE C 1141 14.38 37.22 10.02
N SER C 1142 13.14 36.87 10.35
CA SER C 1142 12.24 36.24 9.41
C SER C 1142 10.83 36.78 9.63
N LEU C 1143 10.02 36.66 8.59
CA LEU C 1143 8.60 37.00 8.63
C LEU C 1143 7.78 35.76 8.33
N VAL C 1144 6.60 35.66 8.95
CA VAL C 1144 5.75 34.49 8.80
C VAL C 1144 4.41 34.93 8.20
N GLN C 1145 3.99 34.27 7.13
CA GLN C 1145 2.74 34.55 6.48
C GLN C 1145 1.88 33.29 6.42
N ALA C 1146 0.57 33.46 6.58
CA ALA C 1146 -0.35 32.34 6.43
C ALA C 1146 -0.44 31.95 4.96
N ALA C 1147 -0.46 30.65 4.70
CA ALA C 1147 -0.55 30.11 3.35
C ALA C 1147 -1.60 29.01 3.34
N PRO C 1148 -2.19 28.72 2.18
CA PRO C 1148 -3.23 27.69 2.13
C PRO C 1148 -2.67 26.36 2.62
N GLN C 1149 -3.30 25.84 3.68
CA GLN C 1149 -2.90 24.58 4.30
C GLN C 1149 -1.47 24.62 4.82
N GLY C 1150 -1.06 25.76 5.38
CA GLY C 1150 0.25 25.81 5.99
C GLY C 1150 0.75 27.24 6.20
N LEU C 1151 2.07 27.34 6.36
CA LEU C 1151 2.72 28.63 6.59
C LEU C 1151 3.84 28.83 5.58
N LEU C 1152 4.17 30.11 5.37
CA LEU C 1152 5.28 30.52 4.53
C LEU C 1152 6.26 31.33 5.38
N PHE C 1153 7.54 31.00 5.23
CA PHE C 1153 8.63 31.65 5.93
C PHE C 1153 9.38 32.54 4.95
N LEU C 1154 9.72 33.74 5.41
CA LEU C 1154 10.32 34.79 4.61
C LEU C 1154 11.58 35.21 5.36
N HIS C 1155 12.68 34.49 5.14
CA HIS C 1155 13.91 34.69 5.90
C HIS C 1155 14.78 35.74 5.21
N THR C 1156 15.26 36.71 5.98
CA THR C 1156 16.19 37.71 5.46
C THR C 1156 17.61 37.29 5.76
N VAL C 1157 18.44 37.13 4.72
CA VAL C 1157 19.81 36.68 4.86
C VAL C 1157 20.73 37.83 4.48
N LEU C 1158 21.70 38.12 5.35
CA LEU C 1158 22.73 39.09 5.03
C LEU C 1158 23.80 38.43 4.17
N VAL C 1159 24.18 39.09 3.09
CA VAL C 1159 25.16 38.51 2.17
C VAL C 1159 26.32 39.48 1.97
N PRO C 1160 27.57 39.02 2.06
CA PRO C 1160 28.70 39.89 1.77
C PRO C 1160 28.87 40.09 0.27
N SER C 1161 29.56 41.18 -0.08
CA SER C 1161 29.85 41.50 -1.47
C SER C 1161 31.30 41.88 -1.73
N ASP C 1162 32.07 42.30 -0.73
CA ASP C 1162 33.44 42.71 -0.93
C ASP C 1162 34.32 42.09 0.13
N PHE C 1163 35.62 41.96 -0.18
CA PHE C 1163 36.59 41.38 0.73
C PHE C 1163 37.76 42.34 0.93
N VAL C 1164 38.26 42.39 2.16
CA VAL C 1164 39.44 43.17 2.51
C VAL C 1164 40.55 42.19 2.85
N ASP C 1165 41.70 42.35 2.19
CA ASP C 1165 42.82 41.42 2.30
C ASP C 1165 43.95 42.11 3.05
N VAL C 1166 44.24 41.64 4.26
CA VAL C 1166 45.26 42.23 5.12
C VAL C 1166 46.13 41.12 5.69
N ILE C 1167 47.39 41.46 6.01
CA ILE C 1167 48.29 40.53 6.67
C ILE C 1167 47.81 40.27 8.09
N ALA C 1168 48.26 39.14 8.65
CA ALA C 1168 47.91 38.74 10.00
C ALA C 1168 49.17 38.43 10.79
N ILE C 1169 49.08 38.59 12.11
CA ILE C 1169 50.19 38.34 13.03
C ILE C 1169 49.75 37.31 14.05
N ALA C 1170 50.62 36.32 14.30
CA ALA C 1170 50.26 35.22 15.19
C ALA C 1170 50.18 35.67 16.64
N GLY C 1171 51.20 36.40 17.11
CA GLY C 1171 51.23 36.80 18.50
C GLY C 1171 52.46 37.63 18.79
N LEU C 1172 52.69 37.89 20.08
CA LEU C 1172 53.81 38.73 20.47
C LEU C 1172 54.63 38.03 21.54
N CYS C 1173 55.94 38.26 21.53
CA CYS C 1173 56.81 37.88 22.65
C CYS C 1173 57.66 39.09 23.01
N VAL C 1174 57.47 39.61 24.22
CA VAL C 1174 58.36 40.63 24.76
C VAL C 1174 59.48 39.92 25.52
N ASN C 1175 60.71 40.38 25.29
CA ASN C 1175 61.95 39.86 25.85
C ASN C 1175 62.21 38.41 25.47
N ASP C 1176 61.44 37.88 24.51
CA ASP C 1176 61.43 36.46 24.13
C ASP C 1176 61.41 35.53 25.35
N GLU C 1177 60.70 35.94 26.40
CA GLU C 1177 60.15 34.97 27.34
C GLU C 1177 58.69 35.23 27.70
N ILE C 1178 58.16 36.43 27.53
CA ILE C 1178 56.79 36.72 27.92
C ILE C 1178 55.95 36.79 26.65
N ALA C 1179 55.16 35.75 26.39
CA ALA C 1179 54.33 35.68 25.20
C ALA C 1179 53.00 36.38 25.48
N LEU C 1180 52.80 37.54 24.85
CA LEU C 1180 51.53 38.24 24.89
C LEU C 1180 50.67 37.69 23.75
N THR C 1181 49.62 36.94 24.10
CA THR C 1181 48.79 36.28 23.11
C THR C 1181 47.31 36.63 23.33
N LEU C 1182 46.60 36.86 22.24
CA LEU C 1182 45.17 37.10 22.34
C LEU C 1182 44.45 35.86 22.85
N ARG C 1183 43.36 36.07 23.58
CA ARG C 1183 42.68 35.00 24.30
C ARG C 1183 41.54 34.38 23.49
N GLU C 1184 40.55 35.17 23.11
CA GLU C 1184 39.37 34.64 22.44
C GLU C 1184 39.68 34.35 20.99
N PRO C 1185 39.49 33.12 20.51
CA PRO C 1185 39.76 32.82 19.09
C PRO C 1185 38.91 33.63 18.12
N GLY C 1186 37.69 33.99 18.50
CA GLY C 1186 36.83 34.74 17.59
C GLY C 1186 37.39 36.10 17.22
N LEU C 1187 38.12 36.73 18.14
CA LEU C 1187 38.85 37.94 17.80
C LEU C 1187 40.20 37.59 17.17
N VAL C 1188 40.70 38.50 16.34
CA VAL C 1188 42.00 38.34 15.70
C VAL C 1188 42.69 39.69 15.63
N LEU C 1189 44.01 39.66 15.80
CA LEU C 1189 44.85 40.85 15.76
C LEU C 1189 45.61 40.88 14.44
N PHE C 1190 45.58 42.03 13.77
CA PHE C 1190 46.27 42.21 12.50
C PHE C 1190 47.01 43.53 12.52
N THR C 1191 47.94 43.68 11.58
CA THR C 1191 48.66 44.92 11.36
C THR C 1191 48.32 45.44 9.96
N HIS C 1192 47.84 46.67 9.89
CA HIS C 1192 47.49 47.26 8.60
C HIS C 1192 48.77 47.61 7.85
N GLU C 1193 49.02 46.91 6.76
CA GLU C 1193 50.24 47.05 5.95
C GLU C 1193 51.44 46.70 6.83
N LEU C 1194 52.61 47.25 6.53
CA LEU C 1194 53.84 46.90 7.23
C LEU C 1194 54.58 48.18 7.58
N GLN C 1195 55.84 48.02 7.99
CA GLN C 1195 56.72 49.12 8.39
C GLN C 1195 57.37 49.81 7.19
N ASN C 1196 56.97 49.44 5.97
CA ASN C 1196 57.60 49.98 4.77
C ASN C 1196 57.60 51.50 4.75
N HIS C 1197 56.55 52.12 5.30
CA HIS C 1197 56.50 53.58 5.45
C HIS C 1197 56.13 53.93 6.89
N THR C 1198 56.62 53.14 7.84
CA THR C 1198 56.39 53.33 9.28
C THR C 1198 54.88 53.34 9.57
N ALA C 1199 54.25 52.19 9.33
CA ALA C 1199 52.81 52.00 9.54
C ALA C 1199 52.57 50.73 10.34
N THR C 1200 53.33 50.55 11.41
CA THR C 1200 53.20 49.35 12.24
C THR C 1200 52.05 49.50 13.25
N GLU C 1201 50.87 49.87 12.77
CA GLU C 1201 49.70 50.03 13.62
C GLU C 1201 48.97 48.70 13.75
N TYR C 1202 48.59 48.35 14.97
CA TYR C 1202 47.96 47.08 15.27
C TYR C 1202 46.50 47.30 15.62
N PHE C 1203 45.61 46.47 15.07
CA PHE C 1203 44.18 46.56 15.32
C PHE C 1203 43.63 45.16 15.56
N VAL C 1204 42.48 45.11 16.23
CA VAL C 1204 41.83 43.84 16.56
C VAL C 1204 40.40 43.89 16.07
N SER C 1205 39.93 42.77 15.52
CA SER C 1205 38.57 42.72 14.99
C SER C 1205 38.10 41.27 14.94
N SER C 1206 36.79 41.10 14.78
CA SER C 1206 36.22 39.78 14.61
C SER C 1206 36.61 39.20 13.25
N ARG C 1207 36.33 37.91 13.07
CA ARG C 1207 36.70 37.23 11.85
C ARG C 1207 35.69 37.40 10.73
N ARG C 1208 34.55 38.04 11.01
CA ARG C 1208 33.55 38.33 9.98
C ARG C 1208 33.30 39.82 9.78
N MET C 1209 33.41 40.63 10.83
CA MET C 1209 33.17 42.06 10.74
C MET C 1209 34.51 42.79 10.70
N PHE C 1210 34.59 43.82 9.86
CA PHE C 1210 35.80 44.64 9.73
C PHE C 1210 35.63 45.89 10.58
N GLU C 1211 36.00 45.80 11.85
CA GLU C 1211 35.93 46.90 12.80
C GLU C 1211 37.29 47.09 13.44
N PRO C 1212 38.20 47.76 12.75
CA PRO C 1212 39.54 48.00 13.33
C PRO C 1212 39.45 48.88 14.57
N ARG C 1213 39.83 48.33 15.70
CA ARG C 1213 39.77 49.04 16.97
C ARG C 1213 41.02 48.76 17.78
N LYS C 1214 41.33 49.68 18.69
CA LYS C 1214 42.51 49.54 19.52
C LYS C 1214 42.35 48.35 20.48
N PRO C 1215 43.38 47.52 20.63
CA PRO C 1215 43.28 46.39 21.56
C PRO C 1215 43.25 46.86 23.01
N THR C 1216 42.88 45.92 23.89
CA THR C 1216 42.78 46.19 25.32
C THR C 1216 43.56 45.13 26.09
N VAL C 1217 44.16 45.55 27.21
CA VAL C 1217 45.05 44.68 27.97
C VAL C 1217 44.30 43.45 28.47
N SER C 1218 43.06 43.63 28.92
CA SER C 1218 42.28 42.52 29.45
C SER C 1218 42.01 41.45 28.40
N ASP C 1219 42.16 41.78 27.11
CA ASP C 1219 41.87 40.83 26.04
C ASP C 1219 43.00 39.86 25.77
N PHE C 1220 44.17 40.03 26.38
CA PHE C 1220 45.30 39.15 26.17
C PHE C 1220 45.61 38.33 27.41
N VAL C 1221 46.46 37.31 27.21
CA VAL C 1221 46.97 36.46 28.27
C VAL C 1221 48.48 36.32 28.09
N GLN C 1222 49.12 35.89 29.18
CA GLN C 1222 50.57 35.74 29.24
C GLN C 1222 50.92 34.26 29.19
N ILE C 1223 51.91 33.92 28.35
CA ILE C 1223 52.37 32.55 28.18
C ILE C 1223 53.87 32.52 28.45
N GLU C 1224 54.33 31.45 29.10
CA GLU C 1224 55.74 31.28 29.40
C GLU C 1224 56.55 30.73 28.23
N SER C 1225 55.90 30.22 27.19
CA SER C 1225 56.59 29.63 26.04
C SER C 1225 56.39 30.51 24.81
N CYS C 1226 57.40 30.56 23.96
CA CYS C 1226 57.38 31.38 22.76
C CYS C 1226 57.76 30.55 21.55
N VAL C 1227 57.34 31.02 20.37
CA VAL C 1227 57.58 30.34 19.11
C VAL C 1227 58.37 31.27 18.20
N VAL C 1228 58.82 30.71 17.07
CA VAL C 1228 59.57 31.50 16.09
C VAL C 1228 58.69 32.57 15.46
N THR C 1229 57.40 32.28 15.27
CA THR C 1229 56.51 33.17 14.53
C THR C 1229 56.16 34.45 15.28
N TYR C 1230 56.45 34.53 16.58
CA TYR C 1230 56.06 35.69 17.37
C TYR C 1230 57.13 36.76 17.30
N VAL C 1231 56.69 38.01 17.15
CA VAL C 1231 57.63 39.13 17.03
C VAL C 1231 58.27 39.41 18.38
N ASN C 1232 59.58 39.66 18.38
CA ASN C 1232 60.38 39.80 19.59
C ASN C 1232 60.51 41.28 19.96
N LEU C 1233 59.47 41.81 20.59
CA LEU C 1233 59.46 43.23 20.89
C LEU C 1233 60.13 43.50 22.25
N THR C 1234 60.16 44.78 22.62
CA THR C 1234 60.83 45.24 23.83
C THR C 1234 59.88 46.10 24.66
N ARG C 1235 60.34 46.46 25.85
CA ARG C 1235 59.50 47.23 26.78
C ARG C 1235 59.25 48.65 26.29
N ASP C 1236 60.24 49.26 25.64
CA ASP C 1236 60.07 50.64 25.17
C ASP C 1236 58.97 50.72 24.12
N GLN C 1237 58.89 49.74 23.23
CA GLN C 1237 57.88 49.73 22.18
C GLN C 1237 56.54 49.17 22.64
N LEU C 1238 56.44 48.70 23.89
CA LEU C 1238 55.16 48.21 24.40
C LEU C 1238 54.08 49.29 24.42
N PRO C 1239 54.33 50.51 24.94
CA PRO C 1239 53.28 51.54 24.84
C PRO C 1239 52.88 51.88 23.42
N ASP C 1240 53.80 51.78 22.47
CA ASP C 1240 53.48 52.11 21.08
C ASP C 1240 52.44 51.16 20.51
N VAL C 1241 52.68 49.85 20.65
CA VAL C 1241 51.72 48.87 20.14
C VAL C 1241 50.45 48.87 20.98
N ILE C 1242 50.60 48.94 22.30
CA ILE C 1242 49.44 48.96 23.20
C ILE C 1242 49.60 50.07 24.23
N PRO C 1243 49.05 51.26 23.96
CA PRO C 1243 49.10 52.33 24.96
C PRO C 1243 48.35 52.01 26.25
N ASP C 1244 47.38 51.09 26.20
CA ASP C 1244 46.63 50.75 27.40
C ASP C 1244 47.50 50.04 28.43
N TYR C 1245 48.55 49.36 27.99
CA TYR C 1245 49.46 48.71 28.92
C TYR C 1245 50.20 49.75 29.75
N ILE C 1246 50.42 49.43 31.02
CA ILE C 1246 51.09 50.33 31.95
C ILE C 1246 52.11 49.55 32.76
N ASP C 1247 53.29 50.13 32.95
CA ASP C 1247 54.36 49.53 33.73
C ASP C 1247 54.44 50.26 35.07
N VAL C 1248 54.34 49.51 36.17
CA VAL C 1248 54.27 50.13 37.49
C VAL C 1248 55.61 50.76 37.87
N ASN C 1249 56.71 50.04 37.67
CA ASN C 1249 58.01 50.56 38.11
C ASN C 1249 58.47 51.73 37.26
N LYS C 1250 58.17 51.73 35.96
CA LYS C 1250 58.54 52.85 35.11
C LYS C 1250 57.90 54.14 35.58
N THR C 1251 56.63 54.07 36.01
CA THR C 1251 55.95 55.25 36.51
C THR C 1251 56.40 55.62 37.92
N ARG C 1252 56.62 54.64 38.79
CA ARG C 1252 56.97 54.95 40.17
C ARG C 1252 58.38 55.53 40.27
N ASP C 1253 59.33 54.94 39.55
CA ASP C 1253 60.70 55.44 39.58
C ASP C 1253 60.78 56.85 39.02
N GLU C 1254 60.12 57.10 37.89
CA GLU C 1254 60.11 58.42 37.28
C GLU C 1254 58.71 58.81 36.82
#